data_2M0K
#
_entry.id   2M0K
#
loop_
_entity.id
_entity.type
_entity.pdbx_description
1 polymer Calmodulin
2 polymer 'Peptide from Cyclic nucleotide-gated olfactory channel'
3 non-polymer 'CALCIUM ION'
#
loop_
_entity_poly.entity_id
_entity_poly.type
_entity_poly.pdbx_seq_one_letter_code
_entity_poly.pdbx_strand_id
1 'polypeptide(L)'
;ADQLTEEQIAEFKEAFSLFDKDGDGTITTKELGTVMRSLGQNPTEAELQDMINEVDADGNGTIDFPEFLTMMARKMKDTD
SEEEIREAFRVFDKDGNGYISAAELRHVMTNLGEKLTDEEVDEMIREADIDGDGQVNYEEFVQMMTAK
;
A
2 'polypeptide(L)' TPRRGRGGFQRIVRLVGVIRDWANKNFR B
#
loop_
_chem_comp.id
_chem_comp.type
_chem_comp.name
_chem_comp.formula
CA non-polymer 'CALCIUM ION' 'Ca 2'
#
# COMPACT_ATOMS: atom_id res chain seq x y z
N ALA A 1 13.45 -5.66 -20.07
CA ALA A 1 12.61 -4.51 -19.65
C ALA A 1 12.53 -4.42 -18.13
N ASP A 2 12.16 -3.24 -17.63
CA ASP A 2 12.05 -3.02 -16.19
C ASP A 2 11.12 -1.86 -15.89
N GLN A 3 9.82 -2.13 -15.83
CA GLN A 3 8.83 -1.10 -15.55
C GLN A 3 7.43 -1.70 -15.48
N LEU A 4 6.43 -0.85 -15.24
CA LEU A 4 5.05 -1.30 -15.15
C LEU A 4 4.14 -0.39 -15.95
N THR A 5 2.91 -0.86 -16.20
CA THR A 5 1.93 -0.09 -16.96
C THR A 5 1.44 1.12 -16.16
N GLU A 6 0.72 2.00 -16.83
CA GLU A 6 0.19 3.21 -16.19
C GLU A 6 -0.65 2.87 -14.96
N GLU A 7 -1.27 1.70 -14.98
CA GLU A 7 -2.11 1.27 -13.85
C GLU A 7 -1.24 0.73 -12.72
N GLN A 8 -0.42 -0.27 -13.02
CA GLN A 8 0.45 -0.86 -12.02
C GLN A 8 1.39 0.19 -11.44
N ILE A 9 1.97 1.00 -12.32
CA ILE A 9 2.88 2.05 -11.92
C ILE A 9 2.15 3.12 -11.10
N ALA A 10 0.85 3.24 -11.33
CA ALA A 10 0.03 4.23 -10.63
C ALA A 10 0.21 4.13 -9.12
N GLU A 11 0.21 2.91 -8.63
CA GLU A 11 0.37 2.67 -7.20
C GLU A 11 1.78 3.02 -6.73
N PHE A 12 2.76 2.81 -7.61
CA PHE A 12 4.15 3.09 -7.29
C PHE A 12 4.40 4.59 -7.12
N LYS A 13 3.95 5.38 -8.09
CA LYS A 13 4.12 6.83 -8.01
C LYS A 13 3.45 7.37 -6.76
N GLU A 14 2.24 6.90 -6.51
CA GLU A 14 1.48 7.32 -5.35
C GLU A 14 2.16 6.85 -4.07
N ALA A 15 2.55 5.59 -4.05
CA ALA A 15 3.22 5.00 -2.90
C ALA A 15 4.42 5.83 -2.47
N PHE A 16 5.18 6.29 -3.46
CA PHE A 16 6.36 7.10 -3.20
C PHE A 16 6.01 8.33 -2.37
N SER A 17 4.84 8.88 -2.61
CA SER A 17 4.39 10.06 -1.88
C SER A 17 3.89 9.69 -0.49
N LEU A 18 3.65 8.40 -0.27
CA LEU A 18 3.18 7.92 1.02
C LEU A 18 4.36 7.62 1.93
N PHE A 19 5.42 7.08 1.35
CA PHE A 19 6.63 6.75 2.11
C PHE A 19 7.32 8.03 2.57
N ASP A 20 7.82 8.81 1.61
CA ASP A 20 8.50 10.06 1.93
C ASP A 20 7.52 11.07 2.53
N LYS A 21 7.92 11.68 3.63
CA LYS A 21 7.08 12.67 4.31
C LYS A 21 6.94 13.94 3.47
N ASP A 22 8.02 14.34 2.81
CA ASP A 22 8.02 15.53 1.98
C ASP A 22 7.71 15.18 0.53
N GLY A 23 7.76 13.89 0.21
CA GLY A 23 7.47 13.43 -1.14
C GLY A 23 8.37 14.07 -2.16
N ASP A 24 9.63 14.28 -1.80
CA ASP A 24 10.60 14.88 -2.71
C ASP A 24 11.04 13.90 -3.80
N GLY A 25 10.58 12.65 -3.69
CA GLY A 25 10.94 11.65 -4.68
C GLY A 25 11.99 10.67 -4.18
N THR A 26 12.39 10.81 -2.92
CA THR A 26 13.38 9.92 -2.35
C THR A 26 13.16 9.75 -0.84
N ILE A 27 13.18 8.50 -0.38
CA ILE A 27 12.98 8.21 1.03
C ILE A 27 14.26 7.75 1.69
N THR A 28 14.64 8.40 2.78
CA THR A 28 15.85 8.06 3.51
C THR A 28 15.54 7.23 4.74
N THR A 29 16.58 6.65 5.34
CA THR A 29 16.41 5.82 6.53
C THR A 29 15.66 6.58 7.63
N LYS A 30 15.82 7.89 7.67
CA LYS A 30 15.15 8.72 8.67
C LYS A 30 13.64 8.63 8.54
N GLU A 31 13.14 8.83 7.33
CA GLU A 31 11.71 8.78 7.07
C GLU A 31 11.22 7.34 6.99
N LEU A 32 12.07 6.49 6.43
CA LEU A 32 11.75 5.07 6.29
C LEU A 32 11.36 4.46 7.62
N GLY A 33 12.28 4.55 8.57
CA GLY A 33 12.04 4.01 9.89
C GLY A 33 10.87 4.68 10.60
N THR A 34 10.62 5.94 10.24
CA THR A 34 9.53 6.70 10.84
C THR A 34 8.17 6.18 10.38
N VAL A 35 7.94 6.24 9.08
CA VAL A 35 6.68 5.77 8.50
C VAL A 35 6.51 4.28 8.70
N MET A 36 7.62 3.56 8.72
CA MET A 36 7.60 2.11 8.91
C MET A 36 6.95 1.75 10.24
N ARG A 37 7.49 2.31 11.32
CA ARG A 37 6.96 2.05 12.65
C ARG A 37 5.58 2.67 12.84
N SER A 38 5.31 3.72 12.06
CA SER A 38 4.02 4.41 12.13
C SER A 38 2.87 3.43 11.90
N LEU A 39 3.07 2.50 10.98
CA LEU A 39 2.04 1.51 10.66
C LEU A 39 1.65 0.72 11.89
N GLY A 40 2.61 -0.01 12.45
CA GLY A 40 2.35 -0.80 13.65
C GLY A 40 3.46 -1.77 13.95
N GLN A 41 4.70 -1.31 13.80
CA GLN A 41 5.86 -2.14 14.06
C GLN A 41 6.99 -1.33 14.71
N ASN A 42 7.99 -2.03 15.22
CA ASN A 42 9.13 -1.38 15.86
C ASN A 42 10.45 -1.99 15.40
N PRO A 43 10.72 -1.94 14.09
CA PRO A 43 11.95 -2.49 13.52
C PRO A 43 13.19 -1.70 13.92
N THR A 44 14.31 -2.01 13.30
CA THR A 44 15.57 -1.32 13.59
C THR A 44 16.07 -0.54 12.38
N GLU A 45 17.05 0.31 12.60
CA GLU A 45 17.63 1.11 11.53
C GLU A 45 18.41 0.22 10.57
N ALA A 46 18.98 -0.85 11.12
CA ALA A 46 19.75 -1.80 10.36
C ALA A 46 18.98 -2.29 9.13
N GLU A 47 17.71 -2.63 9.35
CA GLU A 47 16.85 -3.10 8.26
C GLU A 47 16.66 -2.00 7.22
N LEU A 48 16.43 -0.79 7.71
CA LEU A 48 16.22 0.37 6.83
C LEU A 48 17.39 0.54 5.88
N GLN A 49 18.60 0.54 6.42
CA GLN A 49 19.81 0.70 5.63
C GLN A 49 20.01 -0.46 4.66
N ASP A 50 20.06 -1.68 5.20
CA ASP A 50 20.25 -2.87 4.38
C ASP A 50 19.19 -2.97 3.29
N MET A 51 17.93 -2.85 3.69
CA MET A 51 16.82 -2.93 2.75
C MET A 51 16.97 -1.86 1.66
N ILE A 52 17.26 -0.64 2.08
CA ILE A 52 17.42 0.48 1.16
C ILE A 52 18.57 0.24 0.20
N ASN A 53 19.69 -0.22 0.74
CA ASN A 53 20.87 -0.49 -0.09
C ASN A 53 20.52 -1.47 -1.19
N GLU A 54 19.51 -2.27 -0.93
CA GLU A 54 19.02 -3.27 -1.87
C GLU A 54 18.09 -2.65 -2.89
N VAL A 55 17.84 -1.36 -2.76
CA VAL A 55 16.91 -0.68 -3.66
C VAL A 55 17.55 0.56 -4.29
N ASP A 56 18.41 1.22 -3.55
CA ASP A 56 19.07 2.43 -4.02
C ASP A 56 20.13 2.09 -5.07
N ALA A 57 20.32 3.01 -6.01
CA ALA A 57 21.30 2.84 -7.07
C ALA A 57 22.69 3.13 -6.56
N ASP A 58 22.85 4.30 -5.97
CA ASP A 58 24.14 4.73 -5.42
C ASP A 58 24.34 4.21 -4.00
N GLY A 59 23.29 3.62 -3.43
CA GLY A 59 23.38 3.09 -2.07
C GLY A 59 23.80 4.13 -1.06
N ASN A 60 23.15 5.29 -1.09
CA ASN A 60 23.46 6.36 -0.14
C ASN A 60 22.52 6.35 1.05
N GLY A 61 21.58 5.41 1.07
CA GLY A 61 20.63 5.33 2.17
C GLY A 61 19.25 5.85 1.81
N THR A 62 19.00 6.02 0.52
CA THR A 62 17.71 6.50 0.06
C THR A 62 17.39 5.93 -1.33
N ILE A 63 16.14 5.55 -1.56
CA ILE A 63 15.74 5.01 -2.85
C ILE A 63 15.17 6.09 -3.75
N ASP A 64 15.39 5.93 -5.05
CA ASP A 64 14.89 6.87 -6.04
C ASP A 64 13.63 6.35 -6.72
N PHE A 65 13.07 7.14 -7.63
CA PHE A 65 11.85 6.77 -8.34
C PHE A 65 12.05 5.49 -9.15
N PRO A 66 12.99 5.52 -10.13
CA PRO A 66 13.26 4.35 -10.98
C PRO A 66 13.89 3.20 -10.20
N GLU A 67 14.65 3.55 -9.17
CA GLU A 67 15.32 2.56 -8.33
C GLU A 67 14.30 1.74 -7.55
N PHE A 68 13.25 2.39 -7.07
CA PHE A 68 12.21 1.69 -6.32
C PHE A 68 11.32 0.91 -7.28
N LEU A 69 10.98 1.53 -8.40
CA LEU A 69 10.13 0.91 -9.40
C LEU A 69 10.84 -0.23 -10.14
N THR A 70 12.02 0.07 -10.67
CA THR A 70 12.80 -0.92 -11.40
C THR A 70 12.98 -2.20 -10.59
N MET A 71 13.33 -2.05 -9.33
CA MET A 71 13.52 -3.19 -8.45
C MET A 71 12.27 -4.05 -8.38
N MET A 72 11.13 -3.40 -8.17
CA MET A 72 9.85 -4.10 -8.09
C MET A 72 9.24 -4.32 -9.47
N ALA A 73 9.92 -3.84 -10.52
CA ALA A 73 9.43 -3.99 -11.89
C ALA A 73 9.99 -5.24 -12.54
N ARG A 74 11.26 -5.53 -12.27
CA ARG A 74 11.92 -6.70 -12.84
C ARG A 74 11.15 -7.98 -12.52
N LYS A 75 10.46 -7.98 -11.38
CA LYS A 75 9.68 -9.14 -10.97
C LYS A 75 8.45 -8.72 -10.17
N MET A 76 7.39 -9.50 -10.28
CA MET A 76 6.14 -9.21 -9.58
C MET A 76 5.56 -7.87 -10.03
N LYS A 77 4.72 -7.91 -11.05
CA LYS A 77 4.09 -6.71 -11.58
C LYS A 77 2.64 -6.62 -11.13
N ASP A 78 1.90 -7.70 -11.32
CA ASP A 78 0.48 -7.75 -10.93
C ASP A 78 0.15 -9.06 -10.22
N THR A 79 -0.18 -8.96 -8.94
CA THR A 79 -0.52 -10.13 -8.14
C THR A 79 -0.95 -9.74 -6.74
N ASP A 80 -1.47 -10.71 -5.99
CA ASP A 80 -1.93 -10.45 -4.63
C ASP A 80 -1.82 -11.72 -3.78
N SER A 81 -2.10 -11.59 -2.49
CA SER A 81 -2.04 -12.72 -1.58
C SER A 81 -3.00 -12.53 -0.40
N GLU A 82 -3.41 -13.64 0.20
CA GLU A 82 -4.33 -13.59 1.34
C GLU A 82 -3.80 -12.69 2.44
N GLU A 83 -2.47 -12.52 2.47
CA GLU A 83 -1.84 -11.67 3.49
C GLU A 83 -2.06 -10.20 3.19
N GLU A 84 -1.99 -9.84 1.91
CA GLU A 84 -2.18 -8.45 1.49
C GLU A 84 -3.56 -7.95 1.88
N ILE A 85 -4.54 -8.85 1.89
CA ILE A 85 -5.92 -8.51 2.25
C ILE A 85 -6.04 -8.28 3.75
N ARG A 86 -5.34 -9.11 4.53
CA ARG A 86 -5.36 -8.99 5.98
C ARG A 86 -4.56 -7.77 6.43
N GLU A 87 -3.35 -7.63 5.90
CA GLU A 87 -2.51 -6.48 6.24
C GLU A 87 -3.20 -5.21 5.79
N ALA A 88 -3.74 -5.24 4.57
CA ALA A 88 -4.47 -4.12 4.01
C ALA A 88 -5.57 -3.70 4.96
N PHE A 89 -6.39 -4.66 5.33
CA PHE A 89 -7.50 -4.42 6.23
C PHE A 89 -7.02 -3.69 7.48
N ARG A 90 -5.84 -4.07 7.95
CA ARG A 90 -5.26 -3.45 9.14
C ARG A 90 -4.81 -2.03 8.82
N VAL A 91 -4.38 -1.81 7.57
CA VAL A 91 -3.93 -0.50 7.15
C VAL A 91 -5.12 0.44 6.92
N PHE A 92 -6.22 -0.11 6.40
CA PHE A 92 -7.42 0.68 6.16
C PHE A 92 -8.10 1.03 7.48
N ASP A 93 -8.54 0.00 8.20
CA ASP A 93 -9.21 0.20 9.48
C ASP A 93 -8.19 0.30 10.61
N LYS A 94 -8.33 1.33 11.43
CA LYS A 94 -7.42 1.55 12.54
C LYS A 94 -7.71 0.59 13.69
N ASP A 95 -8.97 0.55 14.13
CA ASP A 95 -9.36 -0.33 15.22
C ASP A 95 -9.50 -1.78 14.75
N GLY A 96 -9.45 -2.00 13.44
CA GLY A 96 -9.57 -3.33 12.90
C GLY A 96 -10.70 -4.13 13.53
N ASN A 97 -11.94 -3.75 13.22
CA ASN A 97 -13.11 -4.43 13.76
C ASN A 97 -13.59 -5.52 12.82
N GLY A 98 -12.76 -5.89 11.85
CA GLY A 98 -13.13 -6.92 10.90
C GLY A 98 -14.27 -6.50 10.00
N TYR A 99 -14.49 -5.18 9.90
CA TYR A 99 -15.56 -4.66 9.06
C TYR A 99 -15.40 -3.15 8.86
N ILE A 100 -15.17 -2.74 7.61
CA ILE A 100 -15.00 -1.33 7.28
C ILE A 100 -16.17 -0.81 6.45
N SER A 101 -16.72 0.31 6.89
CA SER A 101 -17.83 0.94 6.19
C SER A 101 -17.34 2.16 5.43
N ALA A 102 -18.08 2.53 4.40
CA ALA A 102 -17.73 3.70 3.59
C ALA A 102 -17.40 4.91 4.44
N ALA A 103 -18.14 5.09 5.54
CA ALA A 103 -17.90 6.19 6.44
C ALA A 103 -16.50 6.13 7.02
N GLU A 104 -16.21 5.03 7.69
CA GLU A 104 -14.89 4.83 8.29
C GLU A 104 -13.82 4.91 7.20
N LEU A 105 -14.16 4.40 6.02
CA LEU A 105 -13.24 4.43 4.89
C LEU A 105 -12.93 5.88 4.51
N ARG A 106 -13.97 6.68 4.38
CA ARG A 106 -13.82 8.09 4.05
C ARG A 106 -12.93 8.76 5.10
N HIS A 107 -13.20 8.43 6.36
CA HIS A 107 -12.40 8.99 7.46
C HIS A 107 -10.95 8.60 7.30
N VAL A 108 -10.70 7.38 6.81
CA VAL A 108 -9.34 6.89 6.60
C VAL A 108 -8.68 7.65 5.45
N MET A 109 -9.34 7.67 4.30
CA MET A 109 -8.81 8.35 3.12
C MET A 109 -8.39 9.78 3.47
N THR A 110 -9.31 10.54 4.05
CA THR A 110 -9.02 11.91 4.44
C THR A 110 -8.01 11.95 5.58
N ASN A 111 -7.95 10.85 6.35
CA ASN A 111 -7.01 10.76 7.46
C ASN A 111 -5.57 10.66 6.96
N LEU A 112 -5.40 10.08 5.78
CA LEU A 112 -4.07 9.93 5.19
C LEU A 112 -3.77 11.05 4.21
N GLY A 113 -4.82 11.59 3.59
CA GLY A 113 -4.65 12.67 2.63
C GLY A 113 -5.45 12.45 1.37
N GLU A 114 -6.70 12.02 1.52
CA GLU A 114 -7.56 11.77 0.38
C GLU A 114 -8.99 12.23 0.67
N LYS A 115 -9.53 13.08 -0.21
CA LYS A 115 -10.89 13.58 -0.04
C LYS A 115 -11.89 12.71 -0.78
N LEU A 116 -12.51 11.78 -0.05
CA LEU A 116 -13.49 10.88 -0.63
C LEU A 116 -14.91 11.38 -0.35
N THR A 117 -15.83 11.06 -1.26
CA THR A 117 -17.22 11.48 -1.10
C THR A 117 -18.06 10.35 -0.53
N ASP A 118 -19.21 10.72 0.04
CA ASP A 118 -20.11 9.73 0.63
C ASP A 118 -20.54 8.69 -0.40
N GLU A 119 -20.89 9.16 -1.58
CA GLU A 119 -21.32 8.28 -2.67
C GLU A 119 -20.15 7.45 -3.17
N GLU A 120 -18.96 8.04 -3.16
CA GLU A 120 -17.75 7.35 -3.62
C GLU A 120 -17.42 6.18 -2.70
N VAL A 121 -17.29 6.47 -1.41
CA VAL A 121 -16.98 5.43 -0.43
C VAL A 121 -18.10 4.41 -0.33
N ASP A 122 -19.34 4.89 -0.40
CA ASP A 122 -20.50 4.00 -0.33
C ASP A 122 -20.50 3.02 -1.51
N GLU A 123 -20.17 3.55 -2.68
CA GLU A 123 -20.12 2.73 -3.89
C GLU A 123 -18.89 1.83 -3.87
N MET A 124 -17.84 2.30 -3.21
CA MET A 124 -16.61 1.53 -3.10
C MET A 124 -16.79 0.33 -2.18
N ILE A 125 -17.59 0.51 -1.15
CA ILE A 125 -17.86 -0.55 -0.18
C ILE A 125 -18.89 -1.53 -0.71
N ARG A 126 -20.06 -1.02 -1.08
CA ARG A 126 -21.13 -1.87 -1.58
C ARG A 126 -20.63 -2.73 -2.73
N GLU A 127 -19.69 -2.18 -3.50
CA GLU A 127 -19.12 -2.90 -4.62
C GLU A 127 -18.16 -3.97 -4.14
N ALA A 128 -17.62 -3.81 -2.93
CA ALA A 128 -16.68 -4.77 -2.38
C ALA A 128 -17.35 -5.68 -1.35
N ASP A 129 -18.58 -5.32 -0.94
CA ASP A 129 -19.31 -6.12 0.03
C ASP A 129 -20.27 -7.07 -0.65
N ILE A 130 -19.83 -8.31 -0.79
CA ILE A 130 -20.62 -9.36 -1.40
C ILE A 130 -21.95 -9.56 -0.69
N ASP A 131 -21.95 -9.30 0.61
CA ASP A 131 -23.14 -9.49 1.42
C ASP A 131 -23.92 -8.18 1.58
N GLY A 132 -23.33 -7.07 1.16
CA GLY A 132 -24.00 -5.77 1.25
C GLY A 132 -24.64 -5.53 2.59
N ASP A 133 -23.84 -5.49 3.65
CA ASP A 133 -24.36 -5.25 4.99
C ASP A 133 -23.87 -3.91 5.54
N GLY A 134 -23.12 -3.16 4.74
CA GLY A 134 -22.62 -1.87 5.17
C GLY A 134 -21.14 -1.90 5.55
N GLN A 135 -20.49 -3.05 5.37
CA GLN A 135 -19.08 -3.17 5.69
C GLN A 135 -18.40 -4.20 4.79
N VAL A 136 -17.11 -4.45 5.03
CA VAL A 136 -16.36 -5.40 4.25
C VAL A 136 -15.59 -6.37 5.14
N ASN A 137 -15.76 -7.66 4.89
CA ASN A 137 -15.09 -8.70 5.67
C ASN A 137 -13.85 -9.21 4.93
N TYR A 138 -13.21 -10.23 5.50
CA TYR A 138 -12.01 -10.81 4.90
C TYR A 138 -12.26 -11.31 3.48
N GLU A 139 -13.00 -12.40 3.36
CA GLU A 139 -13.29 -12.98 2.05
C GLU A 139 -13.80 -11.91 1.10
N GLU A 140 -14.68 -11.07 1.59
CA GLU A 140 -15.23 -9.99 0.78
C GLU A 140 -14.10 -9.11 0.25
N PHE A 141 -13.07 -8.92 1.06
CA PHE A 141 -11.94 -8.08 0.70
C PHE A 141 -10.96 -8.81 -0.21
N VAL A 142 -10.57 -10.01 0.18
CA VAL A 142 -9.65 -10.80 -0.61
C VAL A 142 -10.13 -10.94 -2.05
N GLN A 143 -11.42 -11.18 -2.21
CA GLN A 143 -12.02 -11.32 -3.54
C GLN A 143 -12.07 -9.97 -4.27
N MET A 144 -12.58 -8.95 -3.57
CA MET A 144 -12.69 -7.61 -4.16
C MET A 144 -11.32 -7.04 -4.52
N MET A 145 -10.26 -7.65 -3.98
CA MET A 145 -8.91 -7.18 -4.24
C MET A 145 -8.30 -7.87 -5.46
N THR A 146 -8.50 -9.18 -5.58
CA THR A 146 -7.96 -9.92 -6.71
C THR A 146 -8.98 -10.89 -7.30
N ALA A 147 -9.59 -11.71 -6.44
CA ALA A 147 -10.58 -12.68 -6.89
C ALA A 147 -11.96 -12.05 -7.00
N LYS A 148 -12.06 -10.95 -7.75
CA LYS A 148 -13.34 -10.27 -7.93
C LYS A 148 -14.35 -11.18 -8.63
N THR B 1 5.79 -9.83 5.07
CA THR B 1 7.13 -10.37 5.42
C THR B 1 7.77 -11.09 4.23
N PRO B 2 8.51 -10.36 3.38
CA PRO B 2 9.18 -10.94 2.21
C PRO B 2 10.03 -12.14 2.56
N ARG B 3 10.72 -12.69 1.56
CA ARG B 3 11.56 -13.86 1.77
C ARG B 3 13.04 -13.45 1.83
N ARG B 4 13.46 -12.63 0.87
CA ARG B 4 14.83 -12.16 0.81
C ARG B 4 14.92 -10.78 0.18
N GLY B 5 13.87 -9.98 0.37
CA GLY B 5 13.85 -8.65 -0.18
C GLY B 5 13.84 -7.57 0.88
N ARG B 6 12.98 -6.57 0.70
CA ARG B 6 12.88 -5.48 1.67
C ARG B 6 11.56 -5.53 2.42
N GLY B 7 11.65 -5.78 3.72
CA GLY B 7 10.45 -5.86 4.54
C GLY B 7 9.62 -4.59 4.49
N GLY B 8 10.12 -3.52 5.12
CA GLY B 8 9.41 -2.25 5.12
C GLY B 8 9.01 -1.81 3.73
N PHE B 9 9.98 -1.81 2.82
CA PHE B 9 9.75 -1.41 1.44
C PHE B 9 8.66 -2.28 0.80
N GLN B 10 8.97 -3.57 0.60
CA GLN B 10 8.01 -4.49 0.00
C GLN B 10 6.68 -4.41 0.76
N ARG B 11 6.75 -4.23 2.08
CA ARG B 11 5.55 -4.12 2.89
C ARG B 11 4.69 -2.99 2.35
N ILE B 12 5.34 -1.84 2.15
CA ILE B 12 4.66 -0.67 1.61
C ILE B 12 4.15 -0.97 0.20
N VAL B 13 4.97 -1.66 -0.59
CA VAL B 13 4.62 -2.03 -1.94
C VAL B 13 3.26 -2.73 -2.00
N ARG B 14 3.08 -3.72 -1.14
CA ARG B 14 1.84 -4.48 -1.10
C ARG B 14 0.70 -3.65 -0.53
N LEU B 15 0.96 -2.95 0.57
CA LEU B 15 -0.06 -2.12 1.21
C LEU B 15 -0.61 -1.11 0.21
N VAL B 16 0.28 -0.38 -0.46
CA VAL B 16 -0.12 0.61 -1.44
C VAL B 16 -0.85 -0.07 -2.59
N GLY B 17 -0.27 -1.14 -3.11
CA GLY B 17 -0.88 -1.85 -4.21
C GLY B 17 -2.30 -2.31 -3.88
N VAL B 18 -2.53 -2.58 -2.60
CA VAL B 18 -3.84 -3.03 -2.15
C VAL B 18 -4.84 -1.87 -2.08
N ILE B 19 -4.49 -0.84 -1.32
CA ILE B 19 -5.38 0.31 -1.17
C ILE B 19 -5.68 0.98 -2.50
N ARG B 20 -4.64 1.16 -3.32
CA ARG B 20 -4.80 1.78 -4.63
C ARG B 20 -5.81 1.00 -5.45
N ASP B 21 -5.79 -0.31 -5.26
CA ASP B 21 -6.70 -1.19 -5.97
C ASP B 21 -8.15 -0.86 -5.60
N TRP B 22 -8.34 -0.50 -4.34
CA TRP B 22 -9.66 -0.15 -3.83
C TRP B 22 -9.87 1.36 -3.89
N ALA B 23 -8.80 2.10 -4.16
CA ALA B 23 -8.84 3.54 -4.25
C ALA B 23 -9.46 4.00 -5.56
N ASN B 24 -9.14 3.28 -6.63
CA ASN B 24 -9.65 3.62 -7.96
C ASN B 24 -9.85 2.36 -8.80
N LYS B 25 -8.75 1.68 -9.10
CA LYS B 25 -8.81 0.46 -9.91
C LYS B 25 -9.45 -0.68 -9.12
N ASN B 26 -10.74 -0.54 -8.84
CA ASN B 26 -11.48 -1.55 -8.10
C ASN B 26 -12.56 -2.19 -8.97
N PHE B 27 -13.56 -1.39 -9.33
CA PHE B 27 -14.65 -1.87 -10.16
C PHE B 27 -14.53 -1.33 -11.58
N ARG B 28 -13.30 -1.16 -12.05
CA ARG B 28 -13.05 -0.64 -13.38
C ARG B 28 -13.67 -1.55 -14.44
CA CA C . 12.60 13.28 1.47
CA CA D . 20.43 7.36 -3.67
CA CA E . -13.49 0.00 12.47
CA CA F . -20.20 -7.22 4.62
N ALA A 1 9.76 -4.59 -20.40
CA ALA A 1 10.78 -3.60 -19.97
C ALA A 1 10.71 -3.38 -18.46
N ASP A 2 11.81 -2.91 -17.89
CA ASP A 2 11.87 -2.65 -16.45
C ASP A 2 10.94 -1.51 -16.06
N GLN A 3 9.65 -1.82 -15.98
CA GLN A 3 8.65 -0.82 -15.60
C GLN A 3 7.26 -1.45 -15.53
N LEU A 4 6.25 -0.61 -15.29
CA LEU A 4 4.88 -1.09 -15.18
C LEU A 4 3.93 -0.16 -15.92
N THR A 5 2.71 -0.64 -16.15
CA THR A 5 1.70 0.14 -16.87
C THR A 5 1.21 1.31 -15.99
N GLU A 6 0.43 2.19 -16.59
CA GLU A 6 -0.10 3.36 -15.89
C GLU A 6 -0.84 2.95 -14.62
N GLU A 7 -1.54 1.82 -14.68
CA GLU A 7 -2.31 1.32 -13.54
C GLU A 7 -1.39 0.75 -12.48
N GLN A 8 -0.57 -0.23 -12.87
CA GLN A 8 0.36 -0.87 -11.94
C GLN A 8 1.30 0.16 -11.34
N ILE A 9 1.78 1.08 -12.17
CA ILE A 9 2.68 2.12 -11.74
C ILE A 9 1.95 3.16 -10.87
N ALA A 10 0.64 3.27 -11.08
CA ALA A 10 -0.17 4.23 -10.34
C ALA A 10 0.04 4.09 -8.83
N GLU A 11 0.07 2.85 -8.36
CA GLU A 11 0.26 2.59 -6.94
C GLU A 11 1.68 2.95 -6.50
N PHE A 12 2.65 2.78 -7.39
CA PHE A 12 4.05 3.08 -7.09
C PHE A 12 4.25 4.57 -6.86
N LYS A 13 3.76 5.41 -7.78
CA LYS A 13 3.91 6.85 -7.65
C LYS A 13 3.27 7.33 -6.35
N GLU A 14 2.08 6.81 -6.08
CA GLU A 14 1.35 7.17 -4.87
C GLU A 14 2.09 6.69 -3.64
N ALA A 15 2.49 5.42 -3.67
CA ALA A 15 3.20 4.81 -2.57
C ALA A 15 4.41 5.64 -2.16
N PHE A 16 5.13 6.15 -3.16
CA PHE A 16 6.31 6.95 -2.91
C PHE A 16 5.98 8.16 -2.04
N SER A 17 4.76 8.67 -2.17
CA SER A 17 4.31 9.81 -1.40
C SER A 17 3.90 9.38 0.01
N LEU A 18 3.71 8.08 0.20
CA LEU A 18 3.32 7.55 1.50
C LEU A 18 4.56 7.25 2.33
N PHE A 19 5.59 6.74 1.67
CA PHE A 19 6.84 6.43 2.36
C PHE A 19 7.52 7.71 2.83
N ASP A 20 7.96 8.54 1.89
CA ASP A 20 8.61 9.80 2.22
C ASP A 20 7.62 10.75 2.90
N LYS A 21 8.06 11.34 4.02
CA LYS A 21 7.22 12.27 4.76
C LYS A 21 7.04 13.58 3.99
N ASP A 22 8.09 14.02 3.31
CA ASP A 22 8.04 15.26 2.55
C ASP A 22 7.68 14.97 1.09
N GLY A 23 7.74 13.70 0.71
CA GLY A 23 7.41 13.31 -0.64
C GLY A 23 8.27 14.00 -1.67
N ASP A 24 9.55 14.20 -1.35
CA ASP A 24 10.47 14.87 -2.26
C ASP A 24 10.88 13.94 -3.40
N GLY A 25 10.43 12.68 -3.36
CA GLY A 25 10.78 11.74 -4.40
C GLY A 25 11.84 10.74 -3.97
N THR A 26 12.31 10.85 -2.74
CA THR A 26 13.33 9.94 -2.22
C THR A 26 13.18 9.75 -0.72
N ILE A 27 13.21 8.49 -0.28
CA ILE A 27 13.07 8.17 1.13
C ILE A 27 14.40 7.72 1.72
N THR A 28 14.77 8.34 2.84
CA THR A 28 16.02 8.00 3.51
C THR A 28 15.76 7.14 4.75
N THR A 29 16.80 6.52 5.28
CA THR A 29 16.68 5.67 6.46
C THR A 29 15.99 6.39 7.61
N LYS A 30 16.09 7.72 7.63
CA LYS A 30 15.47 8.52 8.69
C LYS A 30 13.95 8.47 8.60
N GLU A 31 13.43 8.72 7.40
CA GLU A 31 11.98 8.71 7.18
C GLU A 31 11.47 7.29 7.07
N LEU A 32 12.29 6.43 6.48
CA LEU A 32 11.94 5.02 6.29
C LEU A 32 11.56 4.38 7.63
N GLY A 33 12.49 4.43 8.56
CA GLY A 33 12.26 3.85 9.88
C GLY A 33 11.09 4.49 10.61
N THR A 34 10.81 5.75 10.29
CA THR A 34 9.73 6.49 10.92
C THR A 34 8.36 5.95 10.48
N VAL A 35 8.13 5.95 9.18
CA VAL A 35 6.86 5.47 8.64
C VAL A 35 6.68 3.97 8.85
N MET A 36 7.79 3.23 8.80
CA MET A 36 7.74 1.78 8.98
C MET A 36 7.16 1.43 10.35
N ARG A 37 7.73 2.01 11.40
CA ARG A 37 7.27 1.77 12.76
C ARG A 37 5.89 2.38 12.98
N SER A 38 5.57 3.42 12.21
CA SER A 38 4.28 4.08 12.34
C SER A 38 3.14 3.12 12.05
N LEU A 39 3.34 2.22 11.10
CA LEU A 39 2.33 1.24 10.73
C LEU A 39 1.93 0.40 11.94
N GLY A 40 2.87 0.19 12.85
CA GLY A 40 2.59 -0.60 14.04
C GLY A 40 3.64 -1.68 14.28
N GLN A 41 4.90 -1.32 14.10
CA GLN A 41 6.00 -2.26 14.30
C GLN A 41 7.21 -1.57 14.93
N ASN A 42 8.10 -2.35 15.51
CA ASN A 42 9.30 -1.82 16.14
C ASN A 42 10.56 -2.37 15.49
N PRO A 43 10.77 -2.07 14.19
CA PRO A 43 11.93 -2.53 13.45
C PRO A 43 13.22 -1.82 13.87
N THR A 44 14.30 -2.10 13.16
CA THR A 44 15.59 -1.49 13.47
C THR A 44 16.14 -0.73 12.26
N GLU A 45 17.16 0.08 12.49
CA GLU A 45 17.77 0.86 11.42
C GLU A 45 18.51 -0.07 10.46
N ALA A 46 19.03 -1.16 11.00
CA ALA A 46 19.75 -2.14 10.23
C ALA A 46 18.95 -2.59 9.01
N GLU A 47 17.68 -2.87 9.22
CA GLU A 47 16.80 -3.31 8.13
C GLU A 47 16.64 -2.19 7.11
N LEU A 48 16.47 -0.96 7.60
CA LEU A 48 16.31 0.20 6.74
C LEU A 48 17.47 0.33 5.76
N GLN A 49 18.69 0.28 6.29
CA GLN A 49 19.90 0.40 5.48
C GLN A 49 20.04 -0.77 4.52
N ASP A 50 19.93 -1.98 5.04
CA ASP A 50 20.06 -3.18 4.23
C ASP A 50 19.02 -3.21 3.11
N MET A 51 17.76 -3.02 3.49
CA MET A 51 16.67 -3.01 2.52
C MET A 51 16.90 -1.94 1.45
N ILE A 52 17.20 -0.72 1.90
CA ILE A 52 17.44 0.39 1.01
C ILE A 52 18.60 0.11 0.07
N ASN A 53 19.66 -0.48 0.61
CA ASN A 53 20.83 -0.79 -0.21
C ASN A 53 20.44 -1.73 -1.35
N GLU A 54 19.38 -2.47 -1.11
CA GLU A 54 18.85 -3.43 -2.07
C GLU A 54 17.92 -2.75 -3.08
N VAL A 55 17.71 -1.45 -2.92
CA VAL A 55 16.79 -0.73 -3.81
C VAL A 55 17.44 0.49 -4.43
N ASP A 56 18.34 1.11 -3.67
CA ASP A 56 19.03 2.31 -4.13
C ASP A 56 20.04 1.97 -5.23
N ALA A 57 20.22 2.92 -6.14
CA ALA A 57 21.16 2.76 -7.23
C ALA A 57 22.58 3.02 -6.77
N ASP A 58 22.76 4.18 -6.16
CA ASP A 58 24.07 4.59 -5.66
C ASP A 58 24.32 4.04 -4.26
N GLY A 59 23.28 3.46 -3.65
CA GLY A 59 23.41 2.90 -2.32
C GLY A 59 23.88 3.92 -1.30
N ASN A 60 23.23 5.08 -1.28
CA ASN A 60 23.59 6.13 -0.33
C ASN A 60 22.68 6.12 0.91
N GLY A 61 21.71 5.20 0.91
CA GLY A 61 20.80 5.09 2.04
C GLY A 61 19.42 5.67 1.75
N THR A 62 19.14 5.87 0.47
CA THR A 62 17.85 6.41 0.04
C THR A 62 17.49 5.89 -1.34
N ILE A 63 16.22 5.54 -1.54
CA ILE A 63 15.77 5.04 -2.83
C ILE A 63 15.19 6.15 -3.70
N ASP A 64 15.37 6.01 -5.01
CA ASP A 64 14.87 7.00 -5.96
C ASP A 64 13.58 6.49 -6.63
N PHE A 65 13.00 7.33 -7.48
CA PHE A 65 11.78 6.99 -8.18
C PHE A 65 11.98 5.75 -9.06
N PRO A 66 12.88 5.83 -10.06
CA PRO A 66 13.17 4.71 -10.96
C PRO A 66 13.77 3.53 -10.22
N GLU A 67 14.51 3.83 -9.16
CA GLU A 67 15.15 2.80 -8.34
C GLU A 67 14.10 2.01 -7.58
N PHE A 68 13.07 2.72 -7.13
CA PHE A 68 11.99 2.10 -6.38
C PHE A 68 11.08 1.31 -7.32
N LEU A 69 10.83 1.88 -8.49
CA LEU A 69 9.97 1.25 -9.50
C LEU A 69 10.69 0.11 -10.22
N THR A 70 11.86 0.43 -10.79
CA THR A 70 12.64 -0.57 -11.53
C THR A 70 12.85 -1.84 -10.71
N MET A 71 13.18 -1.69 -9.44
CA MET A 71 13.42 -2.84 -8.57
C MET A 71 12.21 -3.77 -8.56
N MET A 72 11.04 -3.20 -8.26
CA MET A 72 9.81 -3.98 -8.21
C MET A 72 9.22 -4.20 -9.60
N ALA A 73 9.81 -3.54 -10.60
CA ALA A 73 9.33 -3.69 -11.98
C ALA A 73 10.02 -4.86 -12.67
N ARG A 74 11.32 -4.98 -12.45
CA ARG A 74 12.09 -6.07 -13.06
C ARG A 74 11.56 -7.42 -12.62
N LYS A 75 11.00 -7.48 -11.42
CA LYS A 75 10.44 -8.72 -10.88
C LYS A 75 9.19 -8.45 -10.06
N MET A 76 8.18 -9.29 -10.23
CA MET A 76 6.93 -9.14 -9.48
C MET A 76 6.27 -7.81 -9.80
N LYS A 77 5.37 -7.82 -10.78
CA LYS A 77 4.66 -6.61 -11.17
C LYS A 77 3.33 -6.48 -10.44
N ASP A 78 2.46 -7.47 -10.63
CA ASP A 78 1.16 -7.48 -9.99
C ASP A 78 0.88 -8.82 -9.31
N THR A 79 0.43 -8.77 -8.06
CA THR A 79 0.14 -9.98 -7.31
C THR A 79 -0.60 -9.65 -6.01
N ASP A 80 -1.12 -10.68 -5.35
CA ASP A 80 -1.85 -10.50 -4.10
C ASP A 80 -1.66 -11.71 -3.19
N SER A 81 -1.98 -11.53 -1.91
CA SER A 81 -1.86 -12.60 -0.94
C SER A 81 -2.88 -12.44 0.19
N GLU A 82 -3.19 -13.55 0.87
CA GLU A 82 -4.15 -13.52 1.96
C GLU A 82 -3.74 -12.53 3.04
N GLU A 83 -2.43 -12.30 3.16
CA GLU A 83 -1.90 -11.38 4.15
C GLU A 83 -2.15 -9.93 3.74
N GLU A 84 -2.08 -9.68 2.44
CA GLU A 84 -2.29 -8.34 1.92
C GLU A 84 -3.69 -7.83 2.25
N ILE A 85 -4.65 -8.74 2.27
CA ILE A 85 -6.04 -8.40 2.58
C ILE A 85 -6.20 -8.13 4.07
N ARG A 86 -5.51 -8.92 4.89
CA ARG A 86 -5.56 -8.75 6.34
C ARG A 86 -4.79 -7.51 6.75
N GLU A 87 -3.56 -7.37 6.24
CA GLU A 87 -2.74 -6.21 6.56
C GLU A 87 -3.44 -4.96 6.05
N ALA A 88 -3.95 -5.04 4.84
CA ALA A 88 -4.69 -3.95 4.21
C ALA A 88 -5.81 -3.51 5.14
N PHE A 89 -6.61 -4.47 5.54
CA PHE A 89 -7.73 -4.20 6.43
C PHE A 89 -7.28 -3.41 7.65
N ARG A 90 -6.10 -3.76 8.15
CA ARG A 90 -5.55 -3.09 9.31
C ARG A 90 -5.09 -1.67 8.92
N VAL A 91 -4.67 -1.50 7.67
CA VAL A 91 -4.21 -0.21 7.21
C VAL A 91 -5.41 0.71 6.93
N PHE A 92 -6.49 0.13 6.42
CA PHE A 92 -7.70 0.91 6.14
C PHE A 92 -8.42 1.26 7.43
N ASP A 93 -8.87 0.25 8.16
CA ASP A 93 -9.57 0.46 9.42
C ASP A 93 -8.57 0.61 10.57
N LYS A 94 -8.59 1.77 11.21
CA LYS A 94 -7.70 2.05 12.32
C LYS A 94 -7.98 1.12 13.51
N ASP A 95 -9.24 1.08 13.93
CA ASP A 95 -9.64 0.25 15.06
C ASP A 95 -9.78 -1.21 14.65
N GLY A 96 -9.73 -1.48 13.35
CA GLY A 96 -9.84 -2.85 12.85
C GLY A 96 -10.99 -3.61 13.51
N ASN A 97 -12.21 -3.24 13.17
CA ASN A 97 -13.39 -3.90 13.73
C ASN A 97 -13.87 -5.04 12.84
N GLY A 98 -13.01 -5.45 11.90
CA GLY A 98 -13.37 -6.54 11.00
C GLY A 98 -14.51 -6.16 10.06
N TYR A 99 -14.75 -4.86 9.93
CA TYR A 99 -15.81 -4.38 9.05
C TYR A 99 -15.67 -2.87 8.79
N ILE A 100 -15.43 -2.51 7.54
CA ILE A 100 -15.28 -1.11 7.16
C ILE A 100 -16.42 -0.63 6.28
N SER A 101 -17.01 0.49 6.67
CA SER A 101 -18.10 1.08 5.91
C SER A 101 -17.60 2.29 5.14
N ALA A 102 -18.30 2.62 4.06
CA ALA A 102 -17.92 3.76 3.24
C ALA A 102 -17.64 5.00 4.08
N ALA A 103 -18.41 5.17 5.15
CA ALA A 103 -18.23 6.31 6.04
C ALA A 103 -16.85 6.30 6.66
N GLU A 104 -16.55 5.23 7.38
CA GLU A 104 -15.24 5.07 8.02
C GLU A 104 -14.14 5.12 6.96
N LEU A 105 -14.42 4.52 5.81
CA LEU A 105 -13.47 4.51 4.70
C LEU A 105 -13.17 5.93 4.27
N ARG A 106 -14.23 6.71 4.08
CA ARG A 106 -14.11 8.10 3.69
C ARG A 106 -13.25 8.83 4.71
N HIS A 107 -13.55 8.59 5.98
CA HIS A 107 -12.80 9.19 7.07
C HIS A 107 -11.32 8.85 6.95
N VAL A 108 -11.05 7.61 6.52
CA VAL A 108 -9.67 7.15 6.35
C VAL A 108 -8.98 7.90 5.22
N MET A 109 -9.60 7.89 4.04
CA MET A 109 -9.05 8.57 2.87
C MET A 109 -8.68 10.01 3.22
N THR A 110 -9.66 10.75 3.76
CA THR A 110 -9.43 12.13 4.14
C THR A 110 -8.46 12.21 5.32
N ASN A 111 -8.41 11.14 6.11
CA ASN A 111 -7.52 11.09 7.27
C ASN A 111 -6.06 11.06 6.84
N LEU A 112 -5.80 10.47 5.68
CA LEU A 112 -4.45 10.37 5.15
C LEU A 112 -4.13 11.56 4.24
N GLY A 113 -5.16 12.11 3.61
CA GLY A 113 -4.97 13.24 2.72
C GLY A 113 -5.68 13.07 1.39
N GLU A 114 -6.91 12.57 1.44
CA GLU A 114 -7.70 12.36 0.24
C GLU A 114 -9.18 12.58 0.52
N LYS A 115 -9.74 13.66 -0.03
CA LYS A 115 -11.14 13.99 0.16
C LYS A 115 -12.01 13.31 -0.89
N LEU A 116 -12.40 12.06 -0.62
CA LEU A 116 -13.24 11.30 -1.53
C LEU A 116 -14.70 11.71 -1.40
N THR A 117 -15.54 11.15 -2.26
CA THR A 117 -16.97 11.45 -2.24
C THR A 117 -17.74 10.37 -1.48
N ASP A 118 -18.93 10.72 -1.00
CA ASP A 118 -19.77 9.77 -0.27
C ASP A 118 -20.21 8.64 -1.20
N GLU A 119 -20.45 8.99 -2.46
CA GLU A 119 -20.86 8.00 -3.45
C GLU A 119 -19.70 7.09 -3.80
N GLU A 120 -18.48 7.64 -3.78
CA GLU A 120 -17.29 6.88 -4.09
C GLU A 120 -17.08 5.78 -3.06
N VAL A 121 -17.07 6.15 -1.78
CA VAL A 121 -16.88 5.19 -0.71
C VAL A 121 -18.06 4.23 -0.62
N ASP A 122 -19.27 4.76 -0.82
CA ASP A 122 -20.48 3.94 -0.76
C ASP A 122 -20.47 2.92 -1.89
N GLU A 123 -20.12 3.37 -3.09
CA GLU A 123 -20.05 2.50 -4.26
C GLU A 123 -18.85 1.58 -4.17
N MET A 124 -17.79 2.05 -3.52
CA MET A 124 -16.57 1.28 -3.37
C MET A 124 -16.78 0.13 -2.38
N ILE A 125 -17.60 0.37 -1.36
CA ILE A 125 -17.89 -0.63 -0.36
C ILE A 125 -18.93 -1.64 -0.85
N ARG A 126 -20.07 -1.13 -1.27
CA ARG A 126 -21.15 -1.99 -1.75
C ARG A 126 -20.63 -2.91 -2.84
N GLU A 127 -19.67 -2.41 -3.61
CA GLU A 127 -19.08 -3.19 -4.68
C GLU A 127 -18.12 -4.25 -4.13
N ALA A 128 -17.61 -4.01 -2.92
CA ALA A 128 -16.70 -4.95 -2.29
C ALA A 128 -17.40 -5.80 -1.23
N ASP A 129 -18.67 -5.49 -0.97
CA ASP A 129 -19.44 -6.23 0.02
C ASP A 129 -20.38 -7.23 -0.63
N ILE A 130 -19.90 -8.46 -0.71
CA ILE A 130 -20.67 -9.55 -1.29
C ILE A 130 -22.00 -9.74 -0.60
N ASP A 131 -22.03 -9.43 0.70
CA ASP A 131 -23.23 -9.61 1.48
C ASP A 131 -24.04 -8.31 1.58
N GLY A 132 -23.45 -7.21 1.12
CA GLY A 132 -24.13 -5.92 1.14
C GLY A 132 -24.79 -5.61 2.47
N ASP A 133 -24.00 -5.51 3.53
CA ASP A 133 -24.53 -5.20 4.85
C ASP A 133 -24.06 -3.83 5.34
N GLY A 134 -23.30 -3.13 4.51
CA GLY A 134 -22.81 -1.81 4.88
C GLY A 134 -21.34 -1.82 5.29
N GLN A 135 -20.68 -2.96 5.17
CA GLN A 135 -19.27 -3.07 5.53
C GLN A 135 -18.56 -4.13 4.68
N VAL A 136 -17.28 -4.34 4.96
CA VAL A 136 -16.50 -5.32 4.23
C VAL A 136 -15.75 -6.24 5.19
N ASN A 137 -15.89 -7.54 4.98
CA ASN A 137 -15.22 -8.53 5.82
C ASN A 137 -13.98 -9.09 5.12
N TYR A 138 -13.36 -10.09 5.73
CA TYR A 138 -12.15 -10.71 5.19
C TYR A 138 -12.38 -11.25 3.79
N GLU A 139 -13.10 -12.36 3.69
CA GLU A 139 -13.37 -12.98 2.39
C GLU A 139 -13.88 -11.94 1.39
N GLU A 140 -14.77 -11.09 1.86
CA GLU A 140 -15.32 -10.04 1.02
C GLU A 140 -14.20 -9.17 0.46
N PHE A 141 -13.17 -8.92 1.29
CA PHE A 141 -12.05 -8.09 0.90
C PHE A 141 -11.05 -8.84 0.02
N VAL A 142 -10.65 -10.03 0.47
CA VAL A 142 -9.69 -10.84 -0.27
C VAL A 142 -10.15 -11.04 -1.72
N GLN A 143 -11.45 -11.31 -1.88
CA GLN A 143 -12.02 -11.50 -3.21
C GLN A 143 -12.08 -10.19 -3.99
N MET A 144 -12.60 -9.14 -3.35
CA MET A 144 -12.72 -7.84 -3.98
C MET A 144 -11.35 -7.27 -4.37
N MET A 145 -10.30 -7.84 -3.79
CA MET A 145 -8.93 -7.37 -4.07
C MET A 145 -8.31 -8.11 -5.25
N THR A 146 -8.51 -9.42 -5.32
CA THR A 146 -7.95 -10.22 -6.40
C THR A 146 -8.96 -11.22 -6.96
N ALA A 147 -9.58 -11.99 -6.08
CA ALA A 147 -10.55 -12.99 -6.50
C ALA A 147 -11.95 -12.38 -6.65
N LYS A 148 -12.04 -11.31 -7.43
CA LYS A 148 -13.31 -10.63 -7.67
C LYS A 148 -14.31 -11.58 -8.30
N THR B 1 7.54 -10.01 4.28
CA THR B 1 8.97 -10.39 4.30
C THR B 1 9.33 -11.27 3.10
N PRO B 2 9.73 -10.64 1.97
CA PRO B 2 10.10 -11.36 0.76
C PRO B 2 11.14 -12.45 1.02
N ARG B 3 11.44 -13.24 0.00
CA ARG B 3 12.42 -14.31 0.12
C ARG B 3 13.79 -13.76 0.51
N ARG B 4 14.19 -12.67 -0.12
CA ARG B 4 15.47 -12.04 0.16
C ARG B 4 15.64 -10.76 -0.65
N GLY B 5 15.01 -9.68 -0.18
CA GLY B 5 15.11 -8.40 -0.86
C GLY B 5 14.89 -7.23 0.06
N ARG B 6 13.62 -6.90 0.30
CA ARG B 6 13.28 -5.78 1.17
C ARG B 6 11.99 -6.07 1.94
N GLY B 7 12.10 -6.07 3.27
CA GLY B 7 10.95 -6.34 4.10
C GLY B 7 10.00 -5.16 4.18
N GLY B 8 10.42 -4.10 4.86
CA GLY B 8 9.59 -2.91 5.00
C GLY B 8 9.20 -2.32 3.66
N PHE B 9 10.18 -2.18 2.77
CA PHE B 9 9.92 -1.62 1.45
C PHE B 9 8.78 -2.37 0.77
N GLN B 10 8.98 -3.66 0.50
CA GLN B 10 7.94 -4.45 -0.12
C GLN B 10 6.66 -4.38 0.71
N ARG B 11 6.82 -4.23 2.03
CA ARG B 11 5.67 -4.14 2.92
C ARG B 11 4.74 -3.03 2.47
N ILE B 12 5.28 -1.82 2.29
CA ILE B 12 4.48 -0.70 1.84
C ILE B 12 4.00 -0.97 0.42
N VAL B 13 4.88 -1.56 -0.39
CA VAL B 13 4.54 -1.89 -1.77
C VAL B 13 3.22 -2.66 -1.84
N ARG B 14 3.07 -3.60 -0.92
CA ARG B 14 1.86 -4.43 -0.86
C ARG B 14 0.68 -3.64 -0.29
N LEU B 15 0.91 -2.96 0.83
CA LEU B 15 -0.15 -2.17 1.45
C LEU B 15 -0.72 -1.16 0.46
N VAL B 16 0.17 -0.46 -0.23
CA VAL B 16 -0.23 0.53 -1.22
C VAL B 16 -0.92 -0.14 -2.39
N GLY B 17 -0.32 -1.22 -2.89
CA GLY B 17 -0.90 -1.92 -4.01
C GLY B 17 -2.31 -2.40 -3.72
N VAL B 18 -2.57 -2.71 -2.46
CA VAL B 18 -3.88 -3.18 -2.03
C VAL B 18 -4.88 -2.03 -1.95
N ILE B 19 -4.54 -1.01 -1.17
CA ILE B 19 -5.42 0.14 -1.00
C ILE B 19 -5.68 0.85 -2.33
N ARG B 20 -4.63 1.03 -3.14
CA ARG B 20 -4.75 1.67 -4.44
C ARG B 20 -5.77 0.93 -5.28
N ASP B 21 -5.76 -0.40 -5.13
CA ASP B 21 -6.69 -1.24 -5.87
C ASP B 21 -8.12 -0.91 -5.50
N TRP B 22 -8.33 -0.58 -4.22
CA TRP B 22 -9.65 -0.24 -3.73
C TRP B 22 -9.86 1.28 -3.75
N ALA B 23 -8.77 2.01 -4.01
CA ALA B 23 -8.81 3.46 -4.05
C ALA B 23 -9.41 3.95 -5.37
N ASN B 24 -9.11 3.25 -6.45
CA ASN B 24 -9.60 3.62 -7.77
C ASN B 24 -9.88 2.38 -8.62
N LYS B 25 -8.81 1.65 -8.96
CA LYS B 25 -8.93 0.45 -9.77
C LYS B 25 -9.62 -0.67 -8.97
N ASN B 26 -10.88 -0.46 -8.65
CA ASN B 26 -11.66 -1.43 -7.88
C ASN B 26 -12.26 -2.49 -8.81
N PHE B 27 -13.18 -2.04 -9.67
CA PHE B 27 -13.83 -2.94 -10.62
C PHE B 27 -13.94 -2.31 -12.00
N ARG B 28 -12.92 -1.53 -12.36
CA ARG B 28 -12.90 -0.86 -13.66
C ARG B 28 -12.94 -1.87 -14.79
CA CA C . 12.63 13.10 1.76
CA CA D . 20.45 7.21 -3.72
CA CA E . -13.82 0.57 12.33
CA CA F . -20.38 -7.12 4.59
N ALA A 1 11.27 -3.34 -20.43
CA ALA A 1 11.33 -4.68 -19.80
C ALA A 1 11.27 -4.57 -18.28
N ASP A 2 11.95 -3.58 -17.73
CA ASP A 2 11.96 -3.37 -16.29
C ASP A 2 11.11 -2.16 -15.91
N GLN A 3 9.79 -2.37 -15.87
CA GLN A 3 8.86 -1.30 -15.52
C GLN A 3 7.43 -1.82 -15.48
N LEU A 4 6.49 -0.93 -15.21
CA LEU A 4 5.08 -1.30 -15.14
C LEU A 4 4.22 -0.33 -15.94
N THR A 5 2.98 -0.73 -16.21
CA THR A 5 2.06 0.10 -16.98
C THR A 5 1.62 1.32 -16.18
N GLU A 6 0.82 2.18 -16.81
CA GLU A 6 0.33 3.39 -16.17
C GLU A 6 -0.47 3.06 -14.90
N GLU A 7 -1.24 1.98 -14.96
CA GLU A 7 -2.06 1.57 -13.83
C GLU A 7 -1.20 0.96 -12.73
N GLN A 8 -0.44 -0.08 -13.07
CA GLN A 8 0.43 -0.75 -12.12
C GLN A 8 1.43 0.24 -11.51
N ILE A 9 1.95 1.13 -12.35
CA ILE A 9 2.91 2.13 -11.91
C ILE A 9 2.22 3.21 -11.07
N ALA A 10 0.93 3.41 -11.33
CA ALA A 10 0.14 4.41 -10.61
C ALA A 10 0.29 4.28 -9.11
N GLU A 11 0.23 3.04 -8.62
CA GLU A 11 0.36 2.78 -7.19
C GLU A 11 1.77 3.09 -6.71
N PHE A 12 2.76 2.87 -7.56
CA PHE A 12 4.16 3.10 -7.20
C PHE A 12 4.43 4.61 -7.00
N LYS A 13 4.01 5.43 -7.97
CA LYS A 13 4.21 6.86 -7.86
C LYS A 13 3.51 7.40 -6.62
N GLU A 14 2.28 6.94 -6.42
CA GLU A 14 1.49 7.35 -5.27
C GLU A 14 2.15 6.88 -3.98
N ALA A 15 2.53 5.61 -3.97
CA ALA A 15 3.18 5.00 -2.81
C ALA A 15 4.38 5.83 -2.37
N PHE A 16 5.15 6.30 -3.34
CA PHE A 16 6.33 7.10 -3.05
C PHE A 16 5.99 8.32 -2.19
N SER A 17 4.83 8.91 -2.47
CA SER A 17 4.39 10.08 -1.72
C SER A 17 3.89 9.68 -0.33
N LEU A 18 3.64 8.39 -0.14
CA LEU A 18 3.17 7.88 1.14
C LEU A 18 4.37 7.57 2.04
N PHE A 19 5.42 7.03 1.45
CA PHE A 19 6.63 6.68 2.19
C PHE A 19 7.32 7.96 2.67
N ASP A 20 7.82 8.75 1.73
CA ASP A 20 8.50 9.99 2.07
C ASP A 20 7.52 10.98 2.69
N LYS A 21 7.95 11.61 3.79
CA LYS A 21 7.11 12.58 4.48
C LYS A 21 6.96 13.86 3.66
N ASP A 22 8.02 14.27 2.99
CA ASP A 22 8.00 15.47 2.17
C ASP A 22 7.69 15.13 0.72
N GLY A 23 7.74 13.84 0.39
CA GLY A 23 7.44 13.40 -0.96
C GLY A 23 8.33 14.05 -1.99
N ASP A 24 9.60 14.25 -1.63
CA ASP A 24 10.55 14.87 -2.55
C ASP A 24 10.98 13.90 -3.64
N GLY A 25 10.54 12.64 -3.55
CA GLY A 25 10.90 11.65 -4.54
C GLY A 25 11.97 10.68 -4.05
N THR A 26 12.36 10.80 -2.80
CA THR A 26 13.37 9.92 -2.22
C THR A 26 13.14 9.72 -0.73
N ILE A 27 13.18 8.46 -0.29
CA ILE A 27 12.98 8.14 1.11
C ILE A 27 14.26 7.64 1.76
N THR A 28 14.64 8.27 2.87
CA THR A 28 15.85 7.90 3.59
C THR A 28 15.52 7.02 4.80
N THR A 29 16.55 6.42 5.38
CA THR A 29 16.37 5.55 6.54
C THR A 29 15.61 6.25 7.66
N LYS A 30 15.77 7.57 7.74
CA LYS A 30 15.09 8.36 8.78
C LYS A 30 13.58 8.30 8.62
N GLU A 31 13.11 8.58 7.40
CA GLU A 31 11.69 8.57 7.11
C GLU A 31 11.17 7.15 6.97
N LEU A 32 12.01 6.28 6.42
CA LEU A 32 11.66 4.88 6.23
C LEU A 32 11.21 4.24 7.53
N GLY A 33 12.09 4.29 8.51
CA GLY A 33 11.78 3.71 9.81
C GLY A 33 10.64 4.42 10.52
N THR A 34 10.45 5.70 10.20
CA THR A 34 9.39 6.49 10.80
C THR A 34 8.01 5.99 10.38
N VAL A 35 7.76 6.02 9.07
CA VAL A 35 6.48 5.57 8.53
C VAL A 35 6.34 4.06 8.66
N MET A 36 7.46 3.36 8.60
CA MET A 36 7.46 1.91 8.70
C MET A 36 6.92 1.46 10.06
N ARG A 37 7.41 2.10 11.13
CA ARG A 37 6.98 1.78 12.48
C ARG A 37 5.63 2.42 12.78
N SER A 38 5.33 3.52 12.10
CA SER A 38 4.06 4.23 12.29
C SER A 38 2.88 3.31 12.04
N LEU A 39 3.01 2.42 11.06
CA LEU A 39 1.95 1.48 10.72
C LEU A 39 1.57 0.63 11.92
N GLY A 40 2.53 -0.15 12.42
CA GLY A 40 2.28 -1.00 13.57
C GLY A 40 3.40 -1.99 13.81
N GLN A 41 4.64 -1.52 13.66
CA GLN A 41 5.80 -2.37 13.86
C GLN A 41 6.94 -1.59 14.53
N ASN A 42 7.89 -2.32 15.10
CA ASN A 42 9.03 -1.69 15.76
C ASN A 42 10.35 -2.30 15.28
N PRO A 43 10.62 -2.21 13.96
CA PRO A 43 11.85 -2.74 13.37
C PRO A 43 13.09 -1.97 13.80
N THR A 44 14.22 -2.26 13.15
CA THR A 44 15.47 -1.58 13.46
C THR A 44 15.98 -0.80 12.26
N GLU A 45 16.97 0.06 12.48
CA GLU A 45 17.55 0.86 11.41
C GLU A 45 18.32 -0.03 10.46
N ALA A 46 18.90 -1.09 11.01
CA ALA A 46 19.67 -2.05 10.25
C ALA A 46 18.90 -2.53 9.02
N GLU A 47 17.63 -2.86 9.23
CA GLU A 47 16.77 -3.33 8.14
C GLU A 47 16.59 -2.22 7.10
N LEU A 48 16.34 -1.02 7.58
CA LEU A 48 16.14 0.13 6.72
C LEU A 48 17.30 0.31 5.76
N GLN A 49 18.51 0.30 6.30
CA GLN A 49 19.73 0.46 5.50
C GLN A 49 19.92 -0.69 4.53
N ASP A 50 19.89 -1.92 5.06
CA ASP A 50 20.08 -3.10 4.23
C ASP A 50 19.05 -3.16 3.10
N MET A 51 17.78 -3.01 3.46
CA MET A 51 16.70 -3.05 2.47
C MET A 51 16.89 -1.96 1.43
N ILE A 52 17.15 -0.74 1.89
CA ILE A 52 17.37 0.41 1.03
C ILE A 52 18.55 0.17 0.09
N ASN A 53 19.62 -0.37 0.62
CA ASN A 53 20.81 -0.64 -0.17
C ASN A 53 20.46 -1.59 -1.32
N GLU A 54 19.43 -2.38 -1.09
CA GLU A 54 18.94 -3.35 -2.05
C GLU A 54 18.02 -2.70 -3.08
N VAL A 55 17.77 -1.40 -2.92
CA VAL A 55 16.85 -0.72 -3.82
C VAL A 55 17.48 0.52 -4.43
N ASP A 56 18.34 1.18 -3.68
CA ASP A 56 19.00 2.38 -4.14
C ASP A 56 20.03 2.06 -5.22
N ALA A 57 20.30 3.04 -6.06
CA ALA A 57 21.25 2.89 -7.15
C ALA A 57 22.67 3.06 -6.64
N ASP A 58 22.90 4.19 -5.98
CA ASP A 58 24.21 4.52 -5.43
C ASP A 58 24.36 3.97 -4.01
N GLY A 59 23.27 3.48 -3.44
CA GLY A 59 23.32 2.95 -2.09
C GLY A 59 23.77 3.96 -1.06
N ASN A 60 23.12 5.13 -1.06
CA ASN A 60 23.45 6.19 -0.11
C ASN A 60 22.51 6.18 1.09
N GLY A 61 21.55 5.25 1.10
CA GLY A 61 20.61 5.17 2.20
C GLY A 61 19.24 5.72 1.84
N THR A 62 18.99 5.91 0.55
CA THR A 62 17.71 6.43 0.08
C THR A 62 17.40 5.89 -1.32
N ILE A 63 16.14 5.53 -1.55
CA ILE A 63 15.72 5.01 -2.85
C ILE A 63 15.15 6.11 -3.74
N ASP A 64 15.33 5.96 -5.04
CA ASP A 64 14.82 6.93 -6.00
C ASP A 64 13.54 6.41 -6.66
N PHE A 65 12.97 7.22 -7.55
CA PHE A 65 11.74 6.86 -8.25
C PHE A 65 11.93 5.60 -9.10
N PRO A 66 12.84 5.65 -10.09
CA PRO A 66 13.11 4.50 -10.97
C PRO A 66 13.76 3.34 -10.23
N GLU A 67 14.57 3.65 -9.23
CA GLU A 67 15.26 2.64 -8.45
C GLU A 67 14.27 1.79 -7.66
N PHE A 68 13.22 2.43 -7.14
CA PHE A 68 12.20 1.71 -6.38
C PHE A 68 11.29 0.94 -7.34
N LEU A 69 10.95 1.57 -8.46
CA LEU A 69 10.08 0.97 -9.47
C LEU A 69 10.77 -0.20 -10.16
N THR A 70 11.93 0.07 -10.74
CA THR A 70 12.69 -0.95 -11.46
C THR A 70 12.89 -2.20 -10.62
N MET A 71 13.28 -2.02 -9.36
CA MET A 71 13.50 -3.14 -8.46
C MET A 71 12.26 -4.02 -8.36
N MET A 72 11.11 -3.39 -8.11
CA MET A 72 9.85 -4.11 -7.98
C MET A 72 9.26 -4.44 -9.36
N ALA A 73 9.78 -3.80 -10.41
CA ALA A 73 9.30 -4.04 -11.75
C ALA A 73 9.99 -5.24 -12.39
N ARG A 74 11.27 -5.41 -12.07
CA ARG A 74 12.06 -6.51 -12.60
C ARG A 74 11.52 -7.85 -12.10
N LYS A 75 11.11 -7.89 -10.83
CA LYS A 75 10.59 -9.11 -10.24
C LYS A 75 9.28 -8.82 -9.49
N MET A 76 8.29 -9.68 -9.69
CA MET A 76 7.00 -9.53 -9.03
C MET A 76 6.38 -8.17 -9.35
N LYS A 77 5.84 -8.04 -10.56
CA LYS A 77 5.21 -6.80 -10.99
C LYS A 77 3.86 -6.61 -10.31
N ASP A 78 2.94 -7.52 -10.56
CA ASP A 78 1.61 -7.45 -9.97
C ASP A 78 1.19 -8.81 -9.40
N THR A 79 0.63 -8.79 -8.19
CA THR A 79 0.19 -10.01 -7.54
C THR A 79 -0.47 -9.70 -6.20
N ASP A 80 -1.32 -10.62 -5.73
CA ASP A 80 -2.02 -10.44 -4.47
C ASP A 80 -1.86 -11.68 -3.59
N SER A 81 -2.07 -11.51 -2.28
CA SER A 81 -1.95 -12.61 -1.34
C SER A 81 -2.88 -12.39 -0.15
N GLU A 82 -3.28 -13.49 0.49
CA GLU A 82 -4.17 -13.42 1.64
C GLU A 82 -3.60 -12.51 2.73
N GLU A 83 -2.27 -12.39 2.75
CA GLU A 83 -1.61 -11.54 3.74
C GLU A 83 -1.81 -10.07 3.43
N GLU A 84 -1.88 -9.75 2.14
CA GLU A 84 -2.08 -8.36 1.71
C GLU A 84 -3.46 -7.87 2.11
N ILE A 85 -4.43 -8.77 2.12
CA ILE A 85 -5.80 -8.44 2.49
C ILE A 85 -5.91 -8.23 4.00
N ARG A 86 -5.20 -9.06 4.75
CA ARG A 86 -5.20 -8.95 6.21
C ARG A 86 -4.44 -7.71 6.65
N GLU A 87 -3.23 -7.54 6.11
CA GLU A 87 -2.42 -6.37 6.45
C GLU A 87 -3.14 -5.11 6.02
N ALA A 88 -3.68 -5.14 4.80
CA ALA A 88 -4.44 -4.02 4.26
C ALA A 88 -5.54 -3.63 5.21
N PHE A 89 -6.29 -4.64 5.64
CA PHE A 89 -7.40 -4.44 6.56
C PHE A 89 -6.95 -3.63 7.77
N ARG A 90 -5.74 -3.90 8.23
CA ARG A 90 -5.19 -3.20 9.38
C ARG A 90 -4.72 -1.81 8.99
N VAL A 91 -4.29 -1.64 7.73
CA VAL A 91 -3.82 -0.35 7.25
C VAL A 91 -4.98 0.59 6.97
N PHE A 92 -6.08 0.03 6.46
CA PHE A 92 -7.28 0.83 6.17
C PHE A 92 -7.99 1.21 7.46
N ASP A 93 -8.47 0.21 8.18
CA ASP A 93 -9.18 0.43 9.44
C ASP A 93 -8.19 0.57 10.59
N LYS A 94 -8.34 1.64 11.37
CA LYS A 94 -7.46 1.89 12.50
C LYS A 94 -7.77 0.94 13.66
N ASP A 95 -9.03 0.89 14.06
CA ASP A 95 -9.44 0.02 15.16
C ASP A 95 -9.58 -1.43 14.70
N GLY A 96 -9.51 -1.66 13.39
CA GLY A 96 -9.62 -3.01 12.86
C GLY A 96 -10.74 -3.80 13.50
N ASN A 97 -11.99 -3.43 13.18
CA ASN A 97 -13.15 -4.12 13.72
C ASN A 97 -13.63 -5.22 12.78
N GLY A 98 -12.79 -5.58 11.82
CA GLY A 98 -13.15 -6.62 10.87
C GLY A 98 -14.31 -6.21 9.97
N TYR A 99 -14.54 -4.90 9.88
CA TYR A 99 -15.62 -4.39 9.03
C TYR A 99 -15.43 -2.90 8.76
N ILE A 100 -15.24 -2.55 7.50
CA ILE A 100 -15.05 -1.14 7.11
C ILE A 100 -16.23 -0.63 6.31
N SER A 101 -16.78 0.49 6.75
CA SER A 101 -17.90 1.11 6.06
C SER A 101 -17.42 2.33 5.29
N ALA A 102 -18.18 2.71 4.28
CA ALA A 102 -17.85 3.86 3.44
C ALA A 102 -17.48 5.07 4.30
N ALA A 103 -18.23 5.29 5.38
CA ALA A 103 -17.96 6.40 6.27
C ALA A 103 -16.55 6.32 6.83
N GLU A 104 -16.26 5.21 7.51
CA GLU A 104 -14.95 4.99 8.08
C GLU A 104 -13.89 5.09 6.99
N LEU A 105 -14.23 4.57 5.82
CA LEU A 105 -13.31 4.63 4.68
C LEU A 105 -12.98 6.07 4.34
N ARG A 106 -14.03 6.88 4.20
CA ARG A 106 -13.87 8.30 3.92
C ARG A 106 -12.98 8.93 4.98
N HIS A 107 -13.24 8.58 6.23
CA HIS A 107 -12.46 9.08 7.35
C HIS A 107 -10.98 8.72 7.16
N VAL A 108 -10.73 7.52 6.64
CA VAL A 108 -9.37 7.07 6.40
C VAL A 108 -8.71 7.85 5.27
N MET A 109 -9.37 7.88 4.12
CA MET A 109 -8.86 8.60 2.95
C MET A 109 -8.45 10.02 3.34
N THR A 110 -9.36 10.76 3.94
CA THR A 110 -9.09 12.12 4.37
C THR A 110 -8.05 12.13 5.49
N ASN A 111 -7.97 11.03 6.23
CA ASN A 111 -7.02 10.90 7.33
C ASN A 111 -5.59 10.85 6.79
N LEU A 112 -5.42 10.31 5.58
CA LEU A 112 -4.11 10.21 4.97
C LEU A 112 -3.86 11.36 4.00
N GLY A 113 -4.93 11.89 3.43
CA GLY A 113 -4.81 13.00 2.49
C GLY A 113 -5.64 12.80 1.24
N GLU A 114 -6.88 12.35 1.42
CA GLU A 114 -7.77 12.11 0.29
C GLU A 114 -9.22 12.33 0.70
N LYS A 115 -9.84 13.35 0.12
CA LYS A 115 -11.24 13.67 0.43
C LYS A 115 -12.19 12.96 -0.52
N LEU A 116 -12.81 11.89 -0.04
CA LEU A 116 -13.75 11.11 -0.86
C LEU A 116 -15.19 11.57 -0.60
N THR A 117 -16.08 11.19 -1.51
CA THR A 117 -17.49 11.57 -1.38
C THR A 117 -18.30 10.43 -0.77
N ASP A 118 -19.46 10.77 -0.21
CA ASP A 118 -20.33 9.78 0.40
C ASP A 118 -20.75 8.73 -0.62
N GLU A 119 -21.08 9.18 -1.82
CA GLU A 119 -21.49 8.28 -2.90
C GLU A 119 -20.31 7.44 -3.38
N GLU A 120 -19.13 8.05 -3.39
CA GLU A 120 -17.92 7.36 -3.83
C GLU A 120 -17.58 6.22 -2.88
N VAL A 121 -17.45 6.54 -1.60
CA VAL A 121 -17.13 5.53 -0.59
C VAL A 121 -18.24 4.48 -0.48
N ASP A 122 -19.49 4.94 -0.56
CA ASP A 122 -20.64 4.04 -0.48
C ASP A 122 -20.61 3.05 -1.64
N GLU A 123 -20.28 3.56 -2.82
CA GLU A 123 -20.20 2.73 -4.01
C GLU A 123 -18.97 1.83 -3.95
N MET A 124 -17.93 2.31 -3.28
CA MET A 124 -16.70 1.56 -3.14
C MET A 124 -16.89 0.37 -2.21
N ILE A 125 -17.73 0.55 -1.19
CA ILE A 125 -17.99 -0.51 -0.23
C ILE A 125 -19.01 -1.50 -0.76
N ARG A 126 -20.17 -1.00 -1.17
CA ARG A 126 -21.22 -1.86 -1.68
C ARG A 126 -20.70 -2.73 -2.82
N GLU A 127 -19.74 -2.18 -3.56
CA GLU A 127 -19.14 -2.89 -4.68
C GLU A 127 -18.16 -3.95 -4.18
N ALA A 128 -17.65 -3.76 -2.96
CA ALA A 128 -16.71 -4.71 -2.38
C ALA A 128 -17.37 -5.61 -1.34
N ASP A 129 -18.56 -5.24 -0.89
CA ASP A 129 -19.27 -6.04 0.10
C ASP A 129 -20.05 -7.17 -0.56
N ILE A 130 -19.38 -8.31 -0.68
CA ILE A 130 -19.96 -9.50 -1.28
C ILE A 130 -21.13 -10.02 -0.47
N ASP A 131 -21.07 -9.80 0.84
CA ASP A 131 -22.11 -10.24 1.74
C ASP A 131 -23.26 -9.22 1.83
N GLY A 132 -23.02 -8.04 1.25
CA GLY A 132 -24.02 -6.98 1.22
C GLY A 132 -24.63 -6.65 2.58
N ASP A 133 -23.80 -6.36 3.56
CA ASP A 133 -24.29 -6.01 4.90
C ASP A 133 -23.97 -4.54 5.24
N GLY A 134 -23.22 -3.87 4.37
CA GLY A 134 -22.87 -2.48 4.61
C GLY A 134 -21.43 -2.31 5.08
N GLN A 135 -20.66 -3.39 5.08
CA GLN A 135 -19.26 -3.34 5.51
C GLN A 135 -18.42 -4.31 4.70
N VAL A 136 -17.15 -4.45 5.06
CA VAL A 136 -16.25 -5.34 4.34
C VAL A 136 -15.52 -6.28 5.30
N ASN A 137 -15.66 -7.58 5.06
CA ASN A 137 -15.02 -8.58 5.89
C ASN A 137 -13.77 -9.15 5.20
N TYR A 138 -13.28 -10.28 5.70
CA TYR A 138 -12.09 -10.92 5.14
C TYR A 138 -12.28 -11.37 3.69
N GLU A 139 -13.02 -12.44 3.51
CA GLU A 139 -13.27 -12.96 2.16
C GLU A 139 -13.71 -11.85 1.24
N GLU A 140 -14.62 -11.03 1.73
CA GLU A 140 -15.12 -9.91 0.95
C GLU A 140 -13.97 -9.00 0.49
N PHE A 141 -12.95 -8.84 1.35
CA PHE A 141 -11.81 -8.00 1.02
C PHE A 141 -10.84 -8.70 0.10
N VAL A 142 -10.48 -9.92 0.43
CA VAL A 142 -9.55 -10.70 -0.36
C VAL A 142 -10.08 -10.85 -1.79
N GLN A 143 -11.39 -11.10 -1.90
CA GLN A 143 -12.03 -11.25 -3.20
C GLN A 143 -12.13 -9.92 -3.95
N MET A 144 -12.33 -8.83 -3.20
CA MET A 144 -12.44 -7.51 -3.81
C MET A 144 -11.06 -6.91 -4.10
N MET A 145 -10.01 -7.71 -3.89
CA MET A 145 -8.65 -7.25 -4.12
C MET A 145 -7.99 -8.05 -5.24
N THR A 146 -8.36 -9.32 -5.38
CA THR A 146 -7.78 -10.17 -6.43
C THR A 146 -8.82 -11.10 -7.03
N ALA A 147 -9.58 -11.78 -6.19
CA ALA A 147 -10.60 -12.71 -6.66
C ALA A 147 -11.93 -11.99 -6.89
N LYS A 148 -12.04 -11.32 -8.03
CA LYS A 148 -13.25 -10.59 -8.39
C LYS A 148 -13.54 -9.48 -7.39
N THR B 1 6.41 -8.48 4.49
CA THR B 1 7.55 -9.39 4.80
C THR B 1 7.77 -10.38 3.66
N PRO B 2 8.57 -10.00 2.66
CA PRO B 2 8.87 -10.87 1.51
C PRO B 2 9.76 -12.05 1.89
N ARG B 3 10.16 -12.82 0.89
CA ARG B 3 11.01 -13.98 1.12
C ARG B 3 12.48 -13.64 0.88
N ARG B 4 12.73 -12.70 -0.04
CA ARG B 4 14.08 -12.28 -0.35
C ARG B 4 14.10 -10.86 -0.92
N GLY B 5 13.26 -10.00 -0.36
CA GLY B 5 13.19 -8.63 -0.83
C GLY B 5 13.43 -7.63 0.28
N ARG B 6 12.61 -6.58 0.33
CA ARG B 6 12.74 -5.55 1.35
C ARG B 6 11.56 -5.58 2.32
N GLY B 7 11.86 -5.73 3.60
CA GLY B 7 10.81 -5.77 4.61
C GLY B 7 9.91 -4.56 4.57
N GLY B 8 10.45 -3.41 4.93
CA GLY B 8 9.66 -2.18 4.94
C GLY B 8 9.18 -1.79 3.55
N PHE B 9 10.10 -1.79 2.59
CA PHE B 9 9.77 -1.43 1.21
C PHE B 9 8.67 -2.33 0.67
N GLN B 10 8.96 -3.62 0.51
CA GLN B 10 7.97 -4.55 -0.01
C GLN B 10 6.66 -4.44 0.77
N ARG B 11 6.77 -4.21 2.08
CA ARG B 11 5.59 -4.06 2.90
C ARG B 11 4.73 -2.94 2.34
N ILE B 12 5.37 -1.80 2.09
CA ILE B 12 4.70 -0.65 1.53
C ILE B 12 4.17 -0.98 0.13
N VAL B 13 4.98 -1.70 -0.64
CA VAL B 13 4.62 -2.11 -1.99
C VAL B 13 3.24 -2.77 -2.02
N ARG B 14 3.06 -3.78 -1.17
CA ARG B 14 1.81 -4.51 -1.11
C ARG B 14 0.70 -3.66 -0.51
N LEU B 15 1.00 -2.95 0.57
CA LEU B 15 0.00 -2.10 1.22
C LEU B 15 -0.58 -1.09 0.23
N VAL B 16 0.30 -0.37 -0.46
CA VAL B 16 -0.12 0.61 -1.44
C VAL B 16 -0.86 -0.07 -2.59
N GLY B 17 -0.28 -1.14 -3.11
CA GLY B 17 -0.91 -1.85 -4.21
C GLY B 17 -2.30 -2.32 -3.86
N VAL B 18 -2.52 -2.58 -2.57
CA VAL B 18 -3.82 -3.04 -2.09
C VAL B 18 -4.82 -1.90 -2.01
N ILE B 19 -4.46 -0.83 -1.29
CA ILE B 19 -5.35 0.30 -1.14
C ILE B 19 -5.67 0.97 -2.47
N ARG B 20 -4.65 1.16 -3.31
CA ARG B 20 -4.84 1.77 -4.62
C ARG B 20 -5.84 0.97 -5.43
N ASP B 21 -5.79 -0.34 -5.24
CA ASP B 21 -6.70 -1.25 -5.94
C ASP B 21 -8.14 -0.91 -5.59
N TRP B 22 -8.35 -0.55 -4.33
CA TRP B 22 -9.68 -0.19 -3.85
C TRP B 22 -9.90 1.32 -3.91
N ALA B 23 -8.82 2.06 -4.15
CA ALA B 23 -8.87 3.50 -4.22
C ALA B 23 -9.45 3.96 -5.55
N ASN B 24 -9.14 3.23 -6.62
CA ASN B 24 -9.63 3.56 -7.94
C ASN B 24 -9.83 2.31 -8.80
N LYS B 25 -8.73 1.62 -9.09
CA LYS B 25 -8.79 0.40 -9.89
C LYS B 25 -9.45 -0.74 -9.11
N ASN B 26 -10.74 -0.58 -8.83
CA ASN B 26 -11.49 -1.59 -8.10
C ASN B 26 -12.56 -2.23 -8.99
N PHE B 27 -13.55 -1.43 -9.37
CA PHE B 27 -14.63 -1.90 -10.22
C PHE B 27 -14.54 -1.30 -11.62
N ARG B 28 -13.31 -1.11 -12.09
CA ARG B 28 -13.08 -0.54 -13.42
C ARG B 28 -13.11 -1.62 -14.48
CA CA C . 12.59 13.25 1.61
CA CA D . 20.65 7.29 -3.81
CA CA E . -13.51 0.30 12.35
CA CA F . -20.09 -7.13 4.59
N ALA A 1 10.69 -3.29 -20.33
CA ALA A 1 10.82 -4.56 -19.58
C ALA A 1 10.84 -4.31 -18.08
N ASP A 2 11.86 -3.58 -17.61
CA ASP A 2 11.98 -3.28 -16.19
C ASP A 2 11.10 -2.09 -15.81
N GLN A 3 9.79 -2.30 -15.84
CA GLN A 3 8.85 -1.24 -15.50
C GLN A 3 7.42 -1.79 -15.46
N LEU A 4 6.47 -0.90 -15.19
CA LEU A 4 5.06 -1.30 -15.12
C LEU A 4 4.19 -0.33 -15.91
N THR A 5 2.95 -0.74 -16.18
CA THR A 5 2.02 0.08 -16.94
C THR A 5 1.57 1.29 -16.13
N GLU A 6 0.76 2.15 -16.74
CA GLU A 6 0.26 3.36 -16.09
C GLU A 6 -0.53 3.01 -14.84
N GLU A 7 -1.30 1.92 -14.90
CA GLU A 7 -2.11 1.50 -13.76
C GLU A 7 -1.23 0.88 -12.66
N GLN A 8 -0.47 -0.14 -13.03
CA GLN A 8 0.41 -0.81 -12.08
C GLN A 8 1.40 0.18 -11.46
N ILE A 9 1.92 1.07 -12.29
CA ILE A 9 2.86 2.08 -11.85
C ILE A 9 2.17 3.16 -11.01
N ALA A 10 0.87 3.34 -11.26
CA ALA A 10 0.08 4.34 -10.54
C ALA A 10 0.23 4.19 -9.03
N GLU A 11 0.18 2.95 -8.55
CA GLU A 11 0.32 2.68 -7.13
C GLU A 11 1.72 3.00 -6.63
N PHE A 12 2.72 2.78 -7.49
CA PHE A 12 4.11 3.04 -7.13
C PHE A 12 4.36 4.54 -6.92
N LYS A 13 3.94 5.36 -7.88
CA LYS A 13 4.12 6.80 -7.77
C LYS A 13 3.42 7.32 -6.53
N GLU A 14 2.20 6.85 -6.34
CA GLU A 14 1.40 7.24 -5.18
C GLU A 14 2.08 6.79 -3.90
N ALA A 15 2.46 5.52 -3.87
CA ALA A 15 3.12 4.94 -2.72
C ALA A 15 4.32 5.77 -2.29
N PHE A 16 5.07 6.25 -3.26
CA PHE A 16 6.25 7.06 -2.99
C PHE A 16 5.89 8.27 -2.14
N SER A 17 4.73 8.86 -2.41
CA SER A 17 4.29 10.02 -1.65
C SER A 17 3.80 9.62 -0.26
N LEU A 18 3.55 8.33 -0.06
CA LEU A 18 3.09 7.82 1.21
C LEU A 18 4.28 7.51 2.12
N PHE A 19 5.35 6.98 1.52
CA PHE A 19 6.55 6.65 2.27
C PHE A 19 7.25 7.93 2.74
N ASP A 20 7.73 8.73 1.80
CA ASP A 20 8.41 9.98 2.13
C ASP A 20 7.44 10.96 2.76
N LYS A 21 7.85 11.58 3.86
CA LYS A 21 7.01 12.55 4.57
C LYS A 21 6.85 13.83 3.75
N ASP A 22 7.92 14.24 3.07
CA ASP A 22 7.89 15.44 2.25
C ASP A 22 7.57 15.10 0.80
N GLY A 23 7.63 13.82 0.47
CA GLY A 23 7.34 13.39 -0.88
C GLY A 23 8.22 14.04 -1.91
N ASP A 24 9.48 14.25 -1.55
CA ASP A 24 10.43 14.87 -2.47
C ASP A 24 10.88 13.90 -3.57
N GLY A 25 10.44 12.65 -3.47
CA GLY A 25 10.80 11.66 -4.47
C GLY A 25 11.85 10.69 -3.99
N THR A 26 12.26 10.81 -2.73
CA THR A 26 13.27 9.93 -2.17
C THR A 26 13.04 9.73 -0.67
N ILE A 27 13.08 8.47 -0.23
CA ILE A 27 12.88 8.15 1.18
C ILE A 27 14.17 7.69 1.82
N THR A 28 14.54 8.32 2.93
CA THR A 28 15.76 7.98 3.65
C THR A 28 15.45 7.09 4.85
N THR A 29 16.48 6.51 5.44
CA THR A 29 16.32 5.62 6.59
C THR A 29 15.54 6.30 7.71
N LYS A 30 15.70 7.62 7.83
CA LYS A 30 15.02 8.39 8.87
C LYS A 30 13.49 8.31 8.70
N GLU A 31 13.03 8.59 7.50
CA GLU A 31 11.60 8.56 7.19
C GLU A 31 11.11 7.12 7.07
N LEU A 32 11.96 6.28 6.51
CA LEU A 32 11.63 4.86 6.31
C LEU A 32 11.23 4.22 7.63
N GLY A 33 12.12 4.29 8.59
CA GLY A 33 11.86 3.72 9.91
C GLY A 33 10.68 4.37 10.60
N THR A 34 10.48 5.65 10.33
CA THR A 34 9.38 6.40 10.93
C THR A 34 8.03 5.84 10.51
N VAL A 35 7.76 5.87 9.21
CA VAL A 35 6.51 5.37 8.68
C VAL A 35 6.39 3.85 8.89
N MET A 36 7.54 3.18 8.89
CA MET A 36 7.57 1.73 9.08
C MET A 36 6.96 1.37 10.43
N ARG A 37 7.45 2.00 11.49
CA ARG A 37 6.96 1.74 12.84
C ARG A 37 5.56 2.35 13.04
N SER A 38 5.26 3.40 12.27
CA SER A 38 3.98 4.06 12.36
C SER A 38 2.83 3.08 12.15
N LEU A 39 3.02 2.15 11.22
CA LEU A 39 2.00 1.15 10.93
C LEU A 39 1.65 0.34 12.17
N GLY A 40 2.63 -0.39 12.68
CA GLY A 40 2.40 -1.20 13.87
C GLY A 40 3.55 -2.16 14.14
N GLN A 41 4.77 -1.69 13.95
CA GLN A 41 5.95 -2.51 14.17
C GLN A 41 7.06 -1.70 14.82
N ASN A 42 8.10 -2.39 15.29
CA ASN A 42 9.23 -1.73 15.93
C ASN A 42 10.56 -2.31 15.42
N PRO A 43 10.80 -2.22 14.10
CA PRO A 43 12.03 -2.75 13.48
C PRO A 43 13.26 -1.95 13.89
N THR A 44 14.38 -2.21 13.23
CA THR A 44 15.62 -1.51 13.52
C THR A 44 16.10 -0.72 12.30
N GLU A 45 17.08 0.14 12.52
CA GLU A 45 17.64 0.95 11.45
C GLU A 45 18.42 0.07 10.48
N ALA A 46 19.02 -0.98 11.03
CA ALA A 46 19.79 -1.93 10.25
C ALA A 46 19.01 -2.41 9.03
N GLU A 47 17.75 -2.76 9.25
CA GLU A 47 16.90 -3.24 8.17
C GLU A 47 16.68 -2.14 7.14
N LEU A 48 16.42 -0.93 7.63
CA LEU A 48 16.20 0.21 6.76
C LEU A 48 17.35 0.41 5.79
N GLN A 49 18.57 0.42 6.32
CA GLN A 49 19.77 0.60 5.51
C GLN A 49 19.97 -0.56 4.53
N ASP A 50 19.96 -1.79 5.06
CA ASP A 50 20.15 -2.97 4.23
C ASP A 50 19.11 -3.04 3.11
N MET A 51 17.85 -2.91 3.48
CA MET A 51 16.76 -2.95 2.51
C MET A 51 16.93 -1.86 1.47
N ILE A 52 17.18 -0.65 1.93
CA ILE A 52 17.37 0.50 1.06
C ILE A 52 18.53 0.29 0.11
N ASN A 53 19.62 -0.23 0.63
CA ASN A 53 20.80 -0.49 -0.17
C ASN A 53 20.47 -1.45 -1.31
N GLU A 54 19.44 -2.24 -1.07
CA GLU A 54 18.95 -3.21 -2.04
C GLU A 54 18.02 -2.57 -3.06
N VAL A 55 17.75 -1.29 -2.90
CA VAL A 55 16.83 -0.60 -3.78
C VAL A 55 17.44 0.66 -4.40
N ASP A 56 18.31 1.32 -3.64
CA ASP A 56 18.96 2.52 -4.10
C ASP A 56 19.99 2.21 -5.18
N ALA A 57 20.23 3.19 -6.05
CA ALA A 57 21.19 3.04 -7.13
C ALA A 57 22.61 3.25 -6.63
N ASP A 58 22.82 4.38 -5.97
CA ASP A 58 24.13 4.72 -5.42
C ASP A 58 24.30 4.18 -4.00
N GLY A 59 23.21 3.67 -3.43
CA GLY A 59 23.27 3.13 -2.08
C GLY A 59 23.71 4.16 -1.06
N ASN A 60 23.05 5.31 -1.05
CA ASN A 60 23.38 6.37 -0.10
C ASN A 60 22.44 6.36 1.10
N GLY A 61 21.49 5.42 1.11
CA GLY A 61 20.55 5.33 2.21
C GLY A 61 19.17 5.85 1.86
N THR A 62 18.93 6.05 0.57
CA THR A 62 17.63 6.54 0.11
C THR A 62 17.31 5.99 -1.29
N ILE A 63 16.06 5.62 -1.52
CA ILE A 63 15.66 5.09 -2.81
C ILE A 63 15.07 6.19 -3.70
N ASP A 64 15.25 6.03 -5.00
CA ASP A 64 14.73 6.99 -5.98
C ASP A 64 13.46 6.46 -6.64
N PHE A 65 12.87 7.27 -7.52
CA PHE A 65 11.65 6.89 -8.22
C PHE A 65 11.87 5.64 -9.07
N PRO A 66 12.77 5.70 -10.07
CA PRO A 66 13.06 4.57 -10.96
C PRO A 66 13.72 3.41 -10.22
N GLU A 67 14.50 3.73 -9.20
CA GLU A 67 15.20 2.73 -8.41
C GLU A 67 14.21 1.87 -7.62
N PHE A 68 13.16 2.49 -7.11
CA PHE A 68 12.14 1.77 -6.36
C PHE A 68 11.25 0.98 -7.31
N LEU A 69 10.91 1.60 -8.43
CA LEU A 69 10.05 0.99 -9.44
C LEU A 69 10.77 -0.16 -10.14
N THR A 70 11.92 0.12 -10.72
CA THR A 70 12.70 -0.88 -11.44
C THR A 70 12.91 -2.14 -10.60
N MET A 71 13.26 -1.95 -9.33
CA MET A 71 13.50 -3.08 -8.44
C MET A 71 12.27 -3.97 -8.34
N MET A 72 11.11 -3.36 -8.10
CA MET A 72 9.85 -4.09 -7.98
C MET A 72 9.29 -4.45 -9.36
N ALA A 73 9.77 -3.76 -10.39
CA ALA A 73 9.31 -4.02 -11.76
C ALA A 73 10.05 -5.19 -12.37
N ARG A 74 11.32 -5.35 -11.99
CA ARG A 74 12.15 -6.44 -12.51
C ARG A 74 11.52 -7.79 -12.21
N LYS A 75 11.05 -7.97 -10.97
CA LYS A 75 10.44 -9.22 -10.56
C LYS A 75 9.19 -8.96 -9.73
N MET A 76 8.17 -9.81 -9.93
CA MET A 76 6.91 -9.67 -9.20
C MET A 76 6.27 -8.32 -9.48
N LYS A 77 5.71 -8.17 -10.68
CA LYS A 77 5.05 -6.93 -11.07
C LYS A 77 3.68 -6.81 -10.43
N ASP A 78 2.79 -7.74 -10.77
CA ASP A 78 1.44 -7.75 -10.22
C ASP A 78 1.11 -9.10 -9.58
N THR A 79 0.68 -9.06 -8.32
CA THR A 79 0.33 -10.27 -7.60
C THR A 79 -0.20 -9.94 -6.20
N ASP A 80 -1.13 -10.76 -5.73
CA ASP A 80 -1.72 -10.55 -4.40
C ASP A 80 -1.63 -11.82 -3.57
N SER A 81 -2.10 -11.72 -2.32
CA SER A 81 -2.08 -12.87 -1.41
C SER A 81 -3.05 -12.66 -0.26
N GLU A 82 -3.53 -13.77 0.31
CA GLU A 82 -4.47 -13.71 1.42
C GLU A 82 -3.93 -12.83 2.56
N GLU A 83 -2.62 -12.73 2.65
CA GLU A 83 -1.98 -11.94 3.69
C GLU A 83 -2.14 -10.45 3.40
N GLU A 84 -2.07 -10.08 2.13
CA GLU A 84 -2.21 -8.69 1.73
C GLU A 84 -3.59 -8.15 2.10
N ILE A 85 -4.57 -9.02 2.12
CA ILE A 85 -5.94 -8.65 2.47
C ILE A 85 -6.05 -8.41 3.98
N ARG A 86 -5.37 -9.24 4.75
CA ARG A 86 -5.36 -9.11 6.20
C ARG A 86 -4.58 -7.88 6.63
N GLU A 87 -3.37 -7.75 6.10
CA GLU A 87 -2.53 -6.60 6.42
C GLU A 87 -3.22 -5.32 5.97
N ALA A 88 -3.75 -5.36 4.75
CA ALA A 88 -4.47 -4.24 4.18
C ALA A 88 -5.57 -3.80 5.13
N PHE A 89 -6.35 -4.78 5.56
CA PHE A 89 -7.45 -4.54 6.47
C PHE A 89 -6.99 -3.72 7.67
N ARG A 90 -5.79 -4.02 8.15
CA ARG A 90 -5.23 -3.32 9.28
C ARG A 90 -4.73 -1.94 8.87
N VAL A 91 -4.29 -1.81 7.62
CA VAL A 91 -3.79 -0.53 7.12
C VAL A 91 -4.94 0.43 6.83
N PHE A 92 -6.04 -0.11 6.32
CA PHE A 92 -7.21 0.71 6.01
C PHE A 92 -7.90 1.15 7.30
N ASP A 93 -8.41 0.18 8.04
CA ASP A 93 -9.10 0.46 9.30
C ASP A 93 -8.10 0.64 10.44
N LYS A 94 -8.03 1.85 10.97
CA LYS A 94 -7.11 2.16 12.06
C LYS A 94 -7.37 1.26 13.27
N ASP A 95 -8.62 1.23 13.72
CA ASP A 95 -8.99 0.42 14.88
C ASP A 95 -9.14 -1.05 14.50
N GLY A 96 -9.12 -1.34 13.19
CA GLY A 96 -9.25 -2.72 12.73
C GLY A 96 -10.38 -3.46 13.42
N ASN A 97 -11.61 -3.10 13.07
CA ASN A 97 -12.78 -3.75 13.66
C ASN A 97 -13.29 -4.89 12.78
N GLY A 98 -12.47 -5.29 11.81
CA GLY A 98 -12.87 -6.38 10.92
C GLY A 98 -14.04 -5.99 10.03
N TYR A 99 -14.28 -4.70 9.88
CA TYR A 99 -15.37 -4.22 9.05
C TYR A 99 -15.19 -2.75 8.70
N ILE A 100 -15.04 -2.46 7.41
CA ILE A 100 -14.86 -1.09 6.94
C ILE A 100 -16.04 -0.62 6.10
N SER A 101 -16.65 0.47 6.53
CA SER A 101 -17.78 1.04 5.82
C SER A 101 -17.34 2.28 5.05
N ALA A 102 -18.14 2.68 4.07
CA ALA A 102 -17.84 3.84 3.26
C ALA A 102 -17.43 5.03 4.12
N ALA A 103 -18.17 5.25 5.20
CA ALA A 103 -17.87 6.35 6.11
C ALA A 103 -16.46 6.24 6.65
N GLU A 104 -16.18 5.12 7.31
CA GLU A 104 -14.85 4.87 7.85
C GLU A 104 -13.80 5.01 6.75
N LEU A 105 -14.17 4.54 5.56
CA LEU A 105 -13.27 4.62 4.41
C LEU A 105 -12.94 6.07 4.11
N ARG A 106 -13.99 6.89 4.01
CA ARG A 106 -13.82 8.31 3.75
C ARG A 106 -12.92 8.91 4.83
N HIS A 107 -13.15 8.50 6.07
CA HIS A 107 -12.36 8.97 7.19
C HIS A 107 -10.89 8.61 6.98
N VAL A 108 -10.65 7.43 6.42
CA VAL A 108 -9.30 6.96 6.16
C VAL A 108 -8.64 7.80 5.05
N MET A 109 -9.31 7.86 3.90
CA MET A 109 -8.81 8.63 2.77
C MET A 109 -8.39 10.02 3.21
N THR A 110 -9.31 10.73 3.85
CA THR A 110 -9.03 12.09 4.33
C THR A 110 -7.99 12.05 5.45
N ASN A 111 -7.92 10.91 6.14
CA ASN A 111 -6.97 10.75 7.24
C ASN A 111 -5.54 10.73 6.70
N LEU A 112 -5.37 10.23 5.48
CA LEU A 112 -4.04 10.14 4.86
C LEU A 112 -3.79 11.35 3.96
N GLY A 113 -4.86 11.90 3.40
CA GLY A 113 -4.73 13.06 2.53
C GLY A 113 -5.55 12.92 1.25
N GLU A 114 -6.79 12.45 1.40
CA GLU A 114 -7.66 12.26 0.25
C GLU A 114 -9.12 12.47 0.66
N LYS A 115 -9.75 13.49 0.08
CA LYS A 115 -11.15 13.79 0.38
C LYS A 115 -12.08 13.04 -0.57
N LEU A 116 -12.76 12.02 -0.04
CA LEU A 116 -13.69 11.23 -0.83
C LEU A 116 -15.13 11.67 -0.58
N THR A 117 -16.02 11.30 -1.50
CA THR A 117 -17.43 11.66 -1.39
C THR A 117 -18.24 10.52 -0.80
N ASP A 118 -19.40 10.84 -0.24
CA ASP A 118 -20.28 9.83 0.35
C ASP A 118 -20.69 8.80 -0.71
N GLU A 119 -20.99 9.27 -1.90
CA GLU A 119 -21.40 8.40 -3.00
C GLU A 119 -20.21 7.57 -3.48
N GLU A 120 -19.03 8.16 -3.47
CA GLU A 120 -17.82 7.47 -3.90
C GLU A 120 -17.50 6.31 -2.97
N VAL A 121 -17.40 6.60 -1.67
CA VAL A 121 -17.10 5.58 -0.68
C VAL A 121 -18.21 4.53 -0.62
N ASP A 122 -19.46 4.99 -0.69
CA ASP A 122 -20.60 4.09 -0.68
C ASP A 122 -20.55 3.14 -1.86
N GLU A 123 -20.15 3.67 -3.00
CA GLU A 123 -20.02 2.88 -4.22
C GLU A 123 -18.82 1.96 -4.14
N MET A 124 -17.80 2.40 -3.41
CA MET A 124 -16.58 1.62 -3.25
C MET A 124 -16.84 0.41 -2.35
N ILE A 125 -17.69 0.59 -1.35
CA ILE A 125 -18.01 -0.50 -0.44
C ILE A 125 -19.04 -1.45 -1.03
N ARG A 126 -20.16 -0.91 -1.46
CA ARG A 126 -21.22 -1.74 -2.04
C ARG A 126 -20.67 -2.58 -3.17
N GLU A 127 -19.68 -2.04 -3.87
CA GLU A 127 -19.05 -2.75 -4.97
C GLU A 127 -18.07 -3.82 -4.47
N ALA A 128 -17.62 -3.66 -3.22
CA ALA A 128 -16.67 -4.61 -2.64
C ALA A 128 -17.35 -5.49 -1.59
N ASP A 129 -18.59 -5.15 -1.23
CA ASP A 129 -19.32 -5.91 -0.23
C ASP A 129 -20.08 -7.07 -0.87
N ILE A 130 -19.61 -8.27 -0.58
CA ILE A 130 -20.19 -9.50 -1.11
C ILE A 130 -21.36 -9.98 -0.26
N ASP A 131 -21.30 -9.70 1.03
CA ASP A 131 -22.33 -10.13 1.96
C ASP A 131 -23.41 -9.05 2.14
N GLY A 132 -23.15 -7.86 1.59
CA GLY A 132 -24.09 -6.76 1.65
C GLY A 132 -24.64 -6.47 3.04
N ASP A 133 -23.75 -6.18 3.99
CA ASP A 133 -24.17 -5.86 5.34
C ASP A 133 -23.84 -4.41 5.71
N GLY A 134 -23.17 -3.70 4.81
CA GLY A 134 -22.80 -2.32 5.07
C GLY A 134 -21.34 -2.15 5.44
N GLN A 135 -20.57 -3.22 5.32
CA GLN A 135 -19.14 -3.18 5.66
C GLN A 135 -18.37 -4.20 4.82
N VAL A 136 -17.08 -4.34 5.10
CA VAL A 136 -16.24 -5.27 4.37
C VAL A 136 -15.48 -6.20 5.32
N ASN A 137 -15.62 -7.51 5.11
CA ASN A 137 -14.94 -8.48 5.95
C ASN A 137 -13.77 -9.13 5.20
N TYR A 138 -13.25 -10.23 5.74
CA TYR A 138 -12.12 -10.94 5.15
C TYR A 138 -12.41 -11.40 3.73
N GLU A 139 -13.21 -12.44 3.61
CA GLU A 139 -13.55 -12.98 2.28
C GLU A 139 -13.98 -11.86 1.36
N GLU A 140 -14.84 -10.99 1.87
CA GLU A 140 -15.31 -9.87 1.09
C GLU A 140 -14.16 -9.00 0.58
N PHE A 141 -13.11 -8.86 1.40
CA PHE A 141 -11.96 -8.05 1.03
C PHE A 141 -11.02 -8.78 0.09
N VAL A 142 -10.68 -10.01 0.45
CA VAL A 142 -9.78 -10.82 -0.35
C VAL A 142 -10.32 -10.96 -1.78
N GLN A 143 -11.64 -11.10 -1.90
CA GLN A 143 -12.28 -11.24 -3.20
C GLN A 143 -12.27 -9.93 -3.98
N MET A 144 -12.37 -8.80 -3.27
CA MET A 144 -12.37 -7.50 -3.91
C MET A 144 -10.94 -6.98 -4.11
N MET A 145 -9.96 -7.86 -3.92
CA MET A 145 -8.57 -7.51 -4.08
C MET A 145 -7.89 -8.37 -5.14
N THR A 146 -8.24 -9.65 -5.18
CA THR A 146 -7.66 -10.57 -6.15
C THR A 146 -8.66 -11.65 -6.55
N ALA A 147 -9.24 -12.31 -5.55
CA ALA A 147 -10.22 -13.37 -5.81
C ALA A 147 -11.51 -12.81 -6.38
N LYS A 148 -11.47 -12.44 -7.67
CA LYS A 148 -12.63 -11.89 -8.34
C LYS A 148 -13.09 -10.59 -7.68
N THR B 1 6.28 -8.54 4.47
CA THR B 1 7.36 -9.53 4.75
C THR B 1 7.63 -10.41 3.55
N PRO B 2 8.53 -9.99 2.65
CA PRO B 2 8.88 -10.74 1.45
C PRO B 2 9.66 -12.01 1.77
N ARG B 3 10.23 -12.64 0.74
CA ARG B 3 11.00 -13.86 0.91
C ARG B 3 12.50 -13.58 0.76
N ARG B 4 12.84 -12.63 -0.11
CA ARG B 4 14.23 -12.28 -0.35
C ARG B 4 14.34 -10.85 -0.89
N GLY B 5 13.51 -9.97 -0.37
CA GLY B 5 13.53 -8.58 -0.80
C GLY B 5 13.64 -7.61 0.36
N ARG B 6 12.84 -6.55 0.31
CA ARG B 6 12.85 -5.53 1.37
C ARG B 6 11.61 -5.66 2.25
N GLY B 7 11.83 -5.72 3.56
CA GLY B 7 10.72 -5.84 4.49
C GLY B 7 9.81 -4.63 4.46
N GLY B 8 10.33 -3.49 4.89
CA GLY B 8 9.54 -2.27 4.90
C GLY B 8 9.09 -1.86 3.52
N PHE B 9 10.01 -1.83 2.58
CA PHE B 9 9.72 -1.45 1.21
C PHE B 9 8.64 -2.36 0.62
N GLN B 10 8.95 -3.63 0.43
CA GLN B 10 7.99 -4.57 -0.12
C GLN B 10 6.68 -4.50 0.65
N ARG B 11 6.77 -4.31 1.96
CA ARG B 11 5.57 -4.21 2.78
C ARG B 11 4.71 -3.08 2.24
N ILE B 12 5.33 -1.92 2.05
CA ILE B 12 4.64 -0.76 1.51
C ILE B 12 4.13 -1.06 0.11
N VAL B 13 4.95 -1.75 -0.68
CA VAL B 13 4.59 -2.12 -2.05
C VAL B 13 3.22 -2.80 -2.11
N ARG B 14 3.05 -3.84 -1.31
CA ARG B 14 1.81 -4.59 -1.27
C ARG B 14 0.68 -3.78 -0.64
N LEU B 15 0.98 -3.10 0.47
CA LEU B 15 -0.03 -2.29 1.15
C LEU B 15 -0.62 -1.26 0.20
N VAL B 16 0.26 -0.47 -0.45
CA VAL B 16 -0.18 0.54 -1.39
C VAL B 16 -0.92 -0.10 -2.56
N GLY B 17 -0.34 -1.16 -3.10
CA GLY B 17 -0.95 -1.83 -4.23
C GLY B 17 -2.34 -2.36 -3.88
N VAL B 18 -2.54 -2.68 -2.61
CA VAL B 18 -3.82 -3.20 -2.15
C VAL B 18 -4.86 -2.08 -2.03
N ILE B 19 -4.51 -1.03 -1.32
CA ILE B 19 -5.42 0.10 -1.13
C ILE B 19 -5.68 0.82 -2.46
N ARG B 20 -4.61 1.00 -3.25
CA ARG B 20 -4.72 1.66 -4.55
C ARG B 20 -5.72 0.92 -5.41
N ASP B 21 -5.72 -0.39 -5.28
CA ASP B 21 -6.63 -1.24 -6.04
C ASP B 21 -8.07 -0.91 -5.69
N TRP B 22 -8.31 -0.59 -4.43
CA TRP B 22 -9.64 -0.23 -3.96
C TRP B 22 -9.83 1.29 -3.97
N ALA B 23 -8.74 2.01 -4.18
CA ALA B 23 -8.77 3.46 -4.21
C ALA B 23 -9.35 3.98 -5.51
N ASN B 24 -9.05 3.28 -6.60
CA ASN B 24 -9.54 3.67 -7.92
C ASN B 24 -9.75 2.45 -8.80
N LYS B 25 -8.67 1.74 -9.11
CA LYS B 25 -8.73 0.55 -9.96
C LYS B 25 -9.42 -0.60 -9.22
N ASN B 26 -10.70 -0.42 -8.92
CA ASN B 26 -11.48 -1.45 -8.24
C ASN B 26 -12.54 -2.04 -9.15
N PHE B 27 -13.52 -1.22 -9.52
CA PHE B 27 -14.60 -1.66 -10.39
C PHE B 27 -14.83 -0.67 -11.53
N ARG B 28 -13.74 -0.07 -12.00
CA ARG B 28 -13.82 0.90 -13.09
C ARG B 28 -14.41 0.27 -14.34
CA CA C . 12.49 13.24 1.67
CA CA D . 20.53 7.44 -3.77
CA CA E . -13.30 0.76 12.28
CA CA F . -20.46 -6.90 4.35
N ALA A 1 13.39 -4.26 -20.41
CA ALA A 1 12.79 -2.98 -19.94
C ALA A 1 12.20 -3.13 -18.55
N ASP A 2 12.76 -2.38 -17.60
CA ASP A 2 12.29 -2.43 -16.21
C ASP A 2 11.32 -1.29 -15.93
N GLN A 3 10.03 -1.62 -15.88
CA GLN A 3 9.00 -0.63 -15.63
C GLN A 3 7.62 -1.28 -15.57
N LEU A 4 6.59 -0.46 -15.35
CA LEU A 4 5.23 -0.96 -15.28
C LEU A 4 4.27 -0.06 -16.05
N THR A 5 3.07 -0.56 -16.32
CA THR A 5 2.06 0.20 -17.06
C THR A 5 1.54 1.36 -16.22
N GLU A 6 0.66 2.16 -16.84
CA GLU A 6 0.08 3.32 -16.17
C GLU A 6 -0.66 2.90 -14.91
N GLU A 7 -1.35 1.76 -14.96
CA GLU A 7 -2.10 1.26 -13.82
C GLU A 7 -1.17 0.73 -12.74
N GLN A 8 -0.33 -0.24 -13.11
CA GLN A 8 0.60 -0.83 -12.15
C GLN A 8 1.52 0.25 -11.57
N ILE A 9 1.98 1.15 -12.41
CA ILE A 9 2.85 2.22 -11.98
C ILE A 9 2.10 3.24 -11.13
N ALA A 10 0.78 3.33 -11.36
CA ALA A 10 -0.06 4.27 -10.63
C ALA A 10 0.12 4.13 -9.12
N GLU A 11 0.16 2.89 -8.65
CA GLU A 11 0.33 2.63 -7.22
C GLU A 11 1.74 2.99 -6.77
N PHE A 12 2.72 2.81 -7.65
CA PHE A 12 4.11 3.10 -7.32
C PHE A 12 4.33 4.59 -7.10
N LYS A 13 3.86 5.41 -8.03
CA LYS A 13 4.00 6.86 -7.91
C LYS A 13 3.34 7.35 -6.63
N GLU A 14 2.14 6.85 -6.38
CA GLU A 14 1.38 7.21 -5.20
C GLU A 14 2.08 6.72 -3.94
N ALA A 15 2.49 5.46 -3.98
CA ALA A 15 3.18 4.84 -2.86
C ALA A 15 4.36 5.67 -2.40
N PHE A 16 5.11 6.19 -3.37
CA PHE A 16 6.28 7.01 -3.08
C PHE A 16 5.91 8.20 -2.22
N SER A 17 4.71 8.74 -2.44
CA SER A 17 4.24 9.88 -1.67
C SER A 17 3.76 9.46 -0.28
N LEU A 18 3.53 8.15 -0.12
CA LEU A 18 3.08 7.63 1.16
C LEU A 18 4.27 7.32 2.06
N PHE A 19 5.34 6.81 1.45
CA PHE A 19 6.55 6.49 2.21
C PHE A 19 7.21 7.76 2.71
N ASP A 20 7.70 8.59 1.79
CA ASP A 20 8.35 9.84 2.16
C ASP A 20 7.35 10.80 2.79
N LYS A 21 7.74 11.39 3.91
CA LYS A 21 6.87 12.33 4.62
C LYS A 21 6.71 13.63 3.83
N ASP A 22 7.78 14.07 3.19
CA ASP A 22 7.76 15.30 2.40
C ASP A 22 7.46 14.99 0.93
N GLY A 23 7.53 13.71 0.57
CA GLY A 23 7.26 13.31 -0.79
C GLY A 23 8.16 13.99 -1.79
N ASP A 24 9.41 14.20 -1.42
CA ASP A 24 10.37 14.86 -2.31
C ASP A 24 10.83 13.92 -3.42
N GLY A 25 10.39 12.66 -3.37
CA GLY A 25 10.78 11.71 -4.39
C GLY A 25 11.85 10.73 -3.92
N THR A 26 12.24 10.83 -2.66
CA THR A 26 13.25 9.94 -2.10
C THR A 26 13.02 9.71 -0.61
N ILE A 27 13.07 8.45 -0.20
CA ILE A 27 12.87 8.09 1.20
C ILE A 27 14.17 7.63 1.85
N THR A 28 14.51 8.24 2.97
CA THR A 28 15.74 7.89 3.68
C THR A 28 15.43 6.99 4.87
N THR A 29 16.48 6.41 5.45
CA THR A 29 16.33 5.51 6.60
C THR A 29 15.56 6.19 7.73
N LYS A 30 15.67 7.51 7.81
CA LYS A 30 14.99 8.27 8.85
C LYS A 30 13.47 8.17 8.72
N GLU A 31 12.98 8.43 7.51
CA GLU A 31 11.55 8.37 7.24
C GLU A 31 11.09 6.93 7.09
N LEU A 32 11.95 6.11 6.50
CA LEU A 32 11.65 4.70 6.29
C LEU A 32 11.27 4.03 7.60
N GLY A 33 12.17 4.10 8.56
CA GLY A 33 11.93 3.51 9.86
C GLY A 33 10.77 4.13 10.60
N THR A 34 10.50 5.40 10.29
CA THR A 34 9.41 6.12 10.94
C THR A 34 8.05 5.55 10.53
N VAL A 35 7.82 5.45 9.23
CA VAL A 35 6.56 4.92 8.71
C VAL A 35 6.46 3.41 8.92
N MET A 36 7.61 2.73 8.89
CA MET A 36 7.64 1.28 9.09
C MET A 36 7.15 0.92 10.49
N ARG A 37 7.64 1.65 11.48
CA ARG A 37 7.25 1.41 12.87
C ARG A 37 5.87 2.01 13.16
N SER A 38 5.53 3.08 12.45
CA SER A 38 4.25 3.75 12.64
C SER A 38 3.10 2.79 12.30
N LEU A 39 3.31 1.95 11.30
CA LEU A 39 2.29 0.99 10.87
C LEU A 39 1.88 0.09 12.03
N GLY A 40 2.81 -0.18 12.93
CA GLY A 40 2.52 -1.02 14.08
C GLY A 40 3.57 -2.10 14.29
N GLN A 41 4.84 -1.71 14.15
CA GLN A 41 5.94 -2.66 14.33
C GLN A 41 7.11 -2.00 15.04
N ASN A 42 8.12 -2.79 15.39
CA ASN A 42 9.30 -2.27 16.07
C ASN A 42 10.58 -2.83 15.44
N PRO A 43 10.80 -2.56 14.14
CA PRO A 43 11.98 -3.03 13.43
C PRO A 43 13.25 -2.28 13.84
N THR A 44 14.33 -2.50 13.11
CA THR A 44 15.60 -1.86 13.39
C THR A 44 16.08 -1.05 12.20
N GLU A 45 17.06 -0.18 12.43
CA GLU A 45 17.62 0.65 11.38
C GLU A 45 18.41 -0.21 10.40
N ALA A 46 18.99 -1.28 10.93
CA ALA A 46 19.77 -2.21 10.14
C ALA A 46 19.01 -2.67 8.91
N GLU A 47 17.75 -3.03 9.10
CA GLU A 47 16.90 -3.47 8.00
C GLU A 47 16.70 -2.34 7.00
N LEU A 48 16.41 -1.16 7.51
CA LEU A 48 16.19 0.01 6.67
C LEU A 48 17.36 0.24 5.72
N GLN A 49 18.57 0.24 6.26
CA GLN A 49 19.78 0.45 5.47
C GLN A 49 20.00 -0.69 4.48
N ASP A 50 20.01 -1.91 4.97
CA ASP A 50 20.23 -3.08 4.12
C ASP A 50 19.20 -3.13 3.00
N MET A 51 17.93 -3.03 3.35
CA MET A 51 16.86 -3.07 2.36
C MET A 51 17.02 -1.95 1.34
N ILE A 52 17.27 -0.73 1.84
CA ILE A 52 17.44 0.43 1.00
C ILE A 52 18.62 0.25 0.05
N ASN A 53 19.72 -0.26 0.58
CA ASN A 53 20.91 -0.49 -0.22
C ASN A 53 20.59 -1.41 -1.39
N GLU A 54 19.57 -2.23 -1.19
CA GLU A 54 19.10 -3.18 -2.17
C GLU A 54 18.17 -2.52 -3.19
N VAL A 55 17.89 -1.24 -3.00
CA VAL A 55 16.97 -0.54 -3.86
C VAL A 55 17.57 0.73 -4.44
N ASP A 56 18.43 1.37 -3.66
CA ASP A 56 19.08 2.60 -4.08
C ASP A 56 20.13 2.34 -5.14
N ALA A 57 20.31 3.31 -6.03
CA ALA A 57 21.29 3.20 -7.10
C ALA A 57 22.69 3.48 -6.57
N ASP A 58 22.83 4.62 -5.92
CA ASP A 58 24.11 5.04 -5.35
C ASP A 58 24.30 4.46 -3.96
N GLY A 59 23.27 3.84 -3.42
CA GLY A 59 23.36 3.25 -2.09
C GLY A 59 23.77 4.25 -1.02
N ASN A 60 23.10 5.39 -1.00
CA ASN A 60 23.40 6.43 -0.01
C ASN A 60 22.45 6.36 1.18
N GLY A 61 21.52 5.41 1.15
CA GLY A 61 20.57 5.26 2.24
C GLY A 61 19.20 5.78 1.90
N THR A 62 18.94 6.00 0.62
CA THR A 62 17.63 6.48 0.17
C THR A 62 17.34 5.98 -1.24
N ILE A 63 16.09 5.60 -1.48
CA ILE A 63 15.70 5.10 -2.80
C ILE A 63 15.11 6.20 -3.67
N ASP A 64 15.34 6.10 -4.97
CA ASP A 64 14.82 7.09 -5.92
C ASP A 64 13.56 6.56 -6.60
N PHE A 65 12.99 7.39 -7.47
CA PHE A 65 11.77 7.03 -8.19
C PHE A 65 11.99 5.78 -9.06
N PRO A 66 12.91 5.86 -10.03
CA PRO A 66 13.20 4.72 -10.93
C PRO A 66 13.86 3.57 -10.19
N GLU A 67 14.63 3.88 -9.17
CA GLU A 67 15.31 2.88 -8.37
C GLU A 67 14.32 1.98 -7.63
N PHE A 68 13.25 2.60 -7.12
CA PHE A 68 12.23 1.85 -6.41
C PHE A 68 11.36 1.07 -7.39
N LEU A 69 10.96 1.74 -8.47
CA LEU A 69 10.12 1.13 -9.50
C LEU A 69 10.87 0.04 -10.26
N THR A 70 12.04 0.39 -10.76
CA THR A 70 12.86 -0.56 -11.54
C THR A 70 13.05 -1.86 -10.76
N MET A 71 13.46 -1.74 -9.50
CA MET A 71 13.69 -2.92 -8.66
C MET A 71 12.44 -3.81 -8.62
N MET A 72 11.30 -3.20 -8.36
CA MET A 72 10.04 -3.93 -8.29
C MET A 72 9.41 -4.10 -9.66
N ALA A 73 10.09 -3.62 -10.70
CA ALA A 73 9.59 -3.72 -12.07
C ALA A 73 10.14 -4.96 -12.76
N ARG A 74 11.43 -5.22 -12.55
CA ARG A 74 12.08 -6.38 -13.15
C ARG A 74 11.32 -7.67 -12.83
N LYS A 75 10.73 -7.72 -11.64
CA LYS A 75 9.97 -8.89 -11.22
C LYS A 75 8.79 -8.50 -10.35
N MET A 76 7.74 -9.31 -10.40
CA MET A 76 6.53 -9.03 -9.61
C MET A 76 5.90 -7.71 -10.01
N LYS A 77 4.93 -7.76 -10.91
CA LYS A 77 4.25 -6.56 -11.38
C LYS A 77 2.81 -6.51 -10.87
N ASP A 78 2.21 -7.69 -10.69
CA ASP A 78 0.85 -7.79 -10.20
C ASP A 78 0.61 -9.11 -9.48
N THR A 79 0.11 -9.03 -8.25
CA THR A 79 -0.15 -10.23 -7.45
C THR A 79 -0.77 -9.85 -6.11
N ASP A 80 -1.45 -10.81 -5.49
CA ASP A 80 -2.08 -10.59 -4.19
C ASP A 80 -1.93 -11.80 -3.29
N SER A 81 -2.17 -11.61 -2.00
CA SER A 81 -2.08 -12.69 -1.03
C SER A 81 -2.99 -12.44 0.16
N GLU A 82 -3.44 -13.52 0.79
CA GLU A 82 -4.33 -13.43 1.95
C GLU A 82 -3.75 -12.51 3.01
N GLU A 83 -2.43 -12.39 3.04
CA GLU A 83 -1.75 -11.54 4.01
C GLU A 83 -1.95 -10.06 3.67
N GLU A 84 -1.97 -9.75 2.39
CA GLU A 84 -2.14 -8.39 1.92
C GLU A 84 -3.51 -7.85 2.32
N ILE A 85 -4.50 -8.74 2.38
CA ILE A 85 -5.86 -8.38 2.76
C ILE A 85 -5.94 -8.11 4.26
N ARG A 86 -5.19 -8.89 5.04
CA ARG A 86 -5.16 -8.72 6.48
C ARG A 86 -4.39 -7.46 6.86
N GLU A 87 -3.19 -7.31 6.29
CA GLU A 87 -2.37 -6.13 6.56
C GLU A 87 -3.11 -4.88 6.08
N ALA A 88 -3.65 -4.98 4.87
CA ALA A 88 -4.42 -3.89 4.29
C ALA A 88 -5.51 -3.47 5.24
N PHE A 89 -6.24 -4.46 5.73
CA PHE A 89 -7.33 -4.22 6.66
C PHE A 89 -6.88 -3.35 7.82
N ARG A 90 -5.71 -3.63 8.33
CA ARG A 90 -5.15 -2.88 9.44
C ARG A 90 -4.73 -1.48 8.98
N VAL A 91 -4.31 -1.37 7.71
CA VAL A 91 -3.88 -0.09 7.17
C VAL A 91 -5.09 0.80 6.87
N PHE A 92 -6.18 0.20 6.40
CA PHE A 92 -7.40 0.95 6.09
C PHE A 92 -8.14 1.29 7.37
N ASP A 93 -8.59 0.27 8.09
CA ASP A 93 -9.32 0.46 9.33
C ASP A 93 -8.36 0.67 10.49
N LYS A 94 -8.50 1.80 11.17
CA LYS A 94 -7.64 2.12 12.31
C LYS A 94 -7.96 1.24 13.52
N ASP A 95 -9.24 1.22 13.89
CA ASP A 95 -9.68 0.42 15.03
C ASP A 95 -9.80 -1.05 14.67
N GLY A 96 -9.70 -1.37 13.38
CA GLY A 96 -9.81 -2.75 12.92
C GLY A 96 -10.96 -3.49 13.58
N ASN A 97 -12.19 -3.11 13.26
CA ASN A 97 -13.36 -3.75 13.82
C ASN A 97 -13.88 -4.88 12.91
N GLY A 98 -13.04 -5.30 11.96
CA GLY A 98 -13.44 -6.36 11.06
C GLY A 98 -14.57 -5.94 10.13
N TYR A 99 -14.76 -4.64 9.98
CA TYR A 99 -15.80 -4.11 9.11
C TYR A 99 -15.55 -2.65 8.76
N ILE A 100 -15.35 -2.37 7.48
CA ILE A 100 -15.10 -1.01 7.02
C ILE A 100 -16.27 -0.47 6.21
N SER A 101 -16.80 0.65 6.65
CA SER A 101 -17.91 1.29 5.96
C SER A 101 -17.43 2.49 5.16
N ALA A 102 -18.19 2.87 4.16
CA ALA A 102 -17.85 4.00 3.31
C ALA A 102 -17.45 5.21 4.15
N ALA A 103 -18.20 5.45 5.23
CA ALA A 103 -17.91 6.57 6.12
C ALA A 103 -16.49 6.47 6.66
N GLU A 104 -16.21 5.37 7.34
CA GLU A 104 -14.88 5.13 7.89
C GLU A 104 -13.85 5.24 6.80
N LEU A 105 -14.18 4.72 5.62
CA LEU A 105 -13.29 4.78 4.47
C LEU A 105 -12.96 6.22 4.14
N ARG A 106 -14.00 7.03 4.01
CA ARG A 106 -13.84 8.45 3.72
C ARG A 106 -12.95 9.08 4.79
N HIS A 107 -13.21 8.71 6.04
CA HIS A 107 -12.42 9.22 7.15
C HIS A 107 -10.95 8.86 6.98
N VAL A 108 -10.71 7.66 6.45
CA VAL A 108 -9.34 7.18 6.22
C VAL A 108 -8.69 7.92 5.06
N MET A 109 -9.35 7.91 3.90
CA MET A 109 -8.84 8.58 2.72
C MET A 109 -8.42 10.01 3.05
N THR A 110 -9.35 10.77 3.62
CA THR A 110 -9.07 12.15 4.01
C THR A 110 -8.03 12.20 5.13
N ASN A 111 -7.96 11.12 5.90
CA ASN A 111 -7.01 11.04 7.01
C ASN A 111 -5.57 10.95 6.49
N LEU A 112 -5.41 10.37 5.31
CA LEU A 112 -4.09 10.23 4.70
C LEU A 112 -3.82 11.36 3.71
N GLY A 113 -4.89 11.87 3.11
CA GLY A 113 -4.74 12.96 2.14
C GLY A 113 -5.57 12.73 0.89
N GLU A 114 -6.82 12.29 1.07
CA GLU A 114 -7.71 12.03 -0.04
C GLU A 114 -9.17 12.28 0.36
N LYS A 115 -9.77 13.31 -0.23
CA LYS A 115 -11.17 13.64 0.08
C LYS A 115 -12.12 12.93 -0.87
N LEU A 116 -12.74 11.87 -0.39
CA LEU A 116 -13.69 11.10 -1.19
C LEU A 116 -15.12 11.57 -0.96
N THR A 117 -16.02 11.18 -1.85
CA THR A 117 -17.41 11.57 -1.74
C THR A 117 -18.25 10.46 -1.10
N ASP A 118 -19.40 10.82 -0.54
CA ASP A 118 -20.28 9.84 0.09
C ASP A 118 -20.70 8.77 -0.90
N GLU A 119 -21.03 9.20 -2.12
CA GLU A 119 -21.44 8.27 -3.17
C GLU A 119 -20.28 7.41 -3.62
N GLU A 120 -19.09 8.00 -3.65
CA GLU A 120 -17.88 7.29 -4.07
C GLU A 120 -17.55 6.18 -3.09
N VAL A 121 -17.42 6.53 -1.81
CA VAL A 121 -17.11 5.55 -0.78
C VAL A 121 -18.23 4.51 -0.65
N ASP A 122 -19.48 4.98 -0.73
CA ASP A 122 -20.63 4.09 -0.63
C ASP A 122 -20.60 3.07 -1.77
N GLU A 123 -20.26 3.55 -2.96
CA GLU A 123 -20.17 2.69 -4.13
C GLU A 123 -18.96 1.78 -4.05
N MET A 124 -17.92 2.26 -3.39
CA MET A 124 -16.70 1.49 -3.22
C MET A 124 -16.91 0.34 -2.25
N ILE A 125 -17.76 0.55 -1.25
CA ILE A 125 -18.06 -0.47 -0.26
C ILE A 125 -19.08 -1.48 -0.79
N ARG A 126 -20.23 -0.98 -1.23
CA ARG A 126 -21.28 -1.84 -1.73
C ARG A 126 -20.75 -2.74 -2.85
N GLU A 127 -19.78 -2.22 -3.59
CA GLU A 127 -19.18 -2.96 -4.68
C GLU A 127 -18.20 -4.00 -4.14
N ALA A 128 -17.71 -3.79 -2.92
CA ALA A 128 -16.77 -4.73 -2.32
C ALA A 128 -17.45 -5.61 -1.26
N ASP A 129 -18.63 -5.21 -0.83
CA ASP A 129 -19.36 -5.99 0.18
C ASP A 129 -20.12 -7.14 -0.46
N ILE A 130 -19.44 -8.27 -0.54
CA ILE A 130 -20.01 -9.48 -1.11
C ILE A 130 -21.20 -9.99 -0.31
N ASP A 131 -21.15 -9.72 0.99
CA ASP A 131 -22.21 -10.16 1.89
C ASP A 131 -23.36 -9.14 1.92
N GLY A 132 -23.12 -7.98 1.30
CA GLY A 132 -24.13 -6.93 1.22
C GLY A 132 -24.78 -6.56 2.54
N ASP A 133 -23.96 -6.22 3.55
CA ASP A 133 -24.48 -5.83 4.85
C ASP A 133 -24.17 -4.35 5.14
N GLY A 134 -23.40 -3.71 4.26
CA GLY A 134 -23.05 -2.32 4.46
C GLY A 134 -21.62 -2.12 4.96
N GLN A 135 -20.85 -3.21 5.02
CA GLN A 135 -19.47 -3.14 5.47
C GLN A 135 -18.60 -4.13 4.70
N VAL A 136 -17.34 -4.25 5.10
CA VAL A 136 -16.42 -5.15 4.43
C VAL A 136 -15.74 -6.09 5.42
N ASN A 137 -15.94 -7.39 5.22
CA ASN A 137 -15.34 -8.40 6.09
C ASN A 137 -14.07 -8.96 5.46
N TYR A 138 -13.55 -10.03 6.05
CA TYR A 138 -12.32 -10.66 5.56
C TYR A 138 -12.46 -11.15 4.13
N GLU A 139 -13.19 -12.24 3.94
CA GLU A 139 -13.38 -12.81 2.60
C GLU A 139 -13.80 -11.73 1.63
N GLU A 140 -14.72 -10.90 2.06
CA GLU A 140 -15.20 -9.81 1.24
C GLU A 140 -14.04 -8.92 0.77
N PHE A 141 -13.03 -8.76 1.64
CA PHE A 141 -11.89 -7.92 1.30
C PHE A 141 -10.91 -8.66 0.40
N VAL A 142 -10.58 -9.88 0.79
CA VAL A 142 -9.65 -10.69 0.02
C VAL A 142 -10.18 -10.89 -1.39
N GLN A 143 -11.49 -11.12 -1.50
CA GLN A 143 -12.13 -11.32 -2.79
C GLN A 143 -12.21 -10.03 -3.60
N MET A 144 -12.40 -8.90 -2.92
CA MET A 144 -12.48 -7.60 -3.59
C MET A 144 -11.08 -7.04 -3.87
N MET A 145 -10.06 -7.83 -3.57
CA MET A 145 -8.69 -7.40 -3.79
C MET A 145 -8.03 -8.23 -4.90
N THR A 146 -8.44 -9.49 -5.04
CA THR A 146 -7.88 -10.37 -6.05
C THR A 146 -8.92 -11.35 -6.58
N ALA A 147 -9.60 -12.03 -5.66
CA ALA A 147 -10.62 -13.01 -6.06
C ALA A 147 -11.95 -12.33 -6.35
N LYS A 148 -12.07 -11.77 -7.54
CA LYS A 148 -13.30 -11.10 -7.96
C LYS A 148 -13.57 -9.87 -7.08
N THR B 1 7.32 -8.83 5.19
CA THR B 1 8.33 -9.92 5.28
C THR B 1 8.37 -10.74 3.99
N PRO B 2 9.07 -10.25 2.95
CA PRO B 2 9.18 -10.94 1.68
C PRO B 2 10.03 -12.21 1.77
N ARG B 3 10.39 -12.77 0.61
CA ARG B 3 11.19 -13.98 0.57
C ARG B 3 12.66 -13.65 0.32
N ARG B 4 12.90 -12.68 -0.56
CA ARG B 4 14.26 -12.28 -0.88
C ARG B 4 14.29 -10.83 -1.38
N GLY B 5 13.46 -9.99 -0.79
CA GLY B 5 13.40 -8.59 -1.19
C GLY B 5 13.65 -7.65 -0.03
N ARG B 6 12.84 -6.61 0.06
CA ARG B 6 12.98 -5.62 1.13
C ARG B 6 11.81 -5.71 2.11
N GLY B 7 12.14 -5.92 3.38
CA GLY B 7 11.10 -6.03 4.40
C GLY B 7 10.16 -4.85 4.41
N GLY B 8 10.67 -3.69 4.80
CA GLY B 8 9.85 -2.48 4.86
C GLY B 8 9.32 -2.08 3.50
N PHE B 9 10.23 -1.95 2.54
CA PHE B 9 9.85 -1.57 1.18
C PHE B 9 8.74 -2.47 0.65
N GLN B 10 9.02 -3.76 0.51
CA GLN B 10 8.02 -4.70 0.01
C GLN B 10 6.72 -4.56 0.79
N ARG B 11 6.84 -4.28 2.09
CA ARG B 11 5.66 -4.09 2.91
C ARG B 11 4.81 -2.99 2.31
N ILE B 12 5.44 -1.83 2.08
CA ILE B 12 4.78 -0.70 1.48
C ILE B 12 4.23 -1.08 0.11
N VAL B 13 5.04 -1.82 -0.66
CA VAL B 13 4.65 -2.27 -1.99
C VAL B 13 3.28 -2.93 -1.99
N ARG B 14 3.10 -3.91 -1.11
CA ARG B 14 1.85 -4.64 -1.01
C ARG B 14 0.74 -3.77 -0.44
N LEU B 15 1.03 -3.04 0.63
CA LEU B 15 0.05 -2.18 1.26
C LEU B 15 -0.53 -1.19 0.24
N VAL B 16 0.35 -0.47 -0.45
CA VAL B 16 -0.07 0.49 -1.46
C VAL B 16 -0.82 -0.22 -2.57
N GLY B 17 -0.25 -1.31 -3.06
CA GLY B 17 -0.87 -2.05 -4.13
C GLY B 17 -2.28 -2.50 -3.77
N VAL B 18 -2.50 -2.72 -2.48
CA VAL B 18 -3.81 -3.16 -2.00
C VAL B 18 -4.81 -2.00 -1.96
N ILE B 19 -4.45 -0.94 -1.24
CA ILE B 19 -5.34 0.21 -1.12
C ILE B 19 -5.65 0.84 -2.48
N ARG B 20 -4.62 1.00 -3.31
CA ARG B 20 -4.80 1.57 -4.64
C ARG B 20 -5.80 0.76 -5.44
N ASP B 21 -5.79 -0.55 -5.19
CA ASP B 21 -6.70 -1.45 -5.87
C ASP B 21 -8.14 -1.10 -5.54
N TRP B 22 -8.37 -0.69 -4.30
CA TRP B 22 -9.70 -0.31 -3.84
C TRP B 22 -9.88 1.21 -3.95
N ALA B 23 -8.79 1.92 -4.19
CA ALA B 23 -8.81 3.36 -4.31
C ALA B 23 -9.39 3.80 -5.66
N ASN B 24 -9.07 3.02 -6.70
CA ASN B 24 -9.55 3.33 -8.04
C ASN B 24 -9.74 2.04 -8.85
N LYS B 25 -8.64 1.35 -9.13
CA LYS B 25 -8.68 0.11 -9.89
C LYS B 25 -9.35 -1.01 -9.09
N ASN B 26 -10.64 -0.86 -8.84
CA ASN B 26 -11.41 -1.85 -8.10
C ASN B 26 -12.46 -2.51 -8.98
N PHE B 27 -13.46 -1.71 -9.38
CA PHE B 27 -14.53 -2.21 -10.22
C PHE B 27 -14.32 -1.80 -11.67
N ARG B 28 -13.06 -1.68 -12.08
CA ARG B 28 -12.73 -1.29 -13.45
C ARG B 28 -13.22 -2.32 -14.45
CA CA C . 12.39 13.16 1.83
CA CA D . 20.35 7.54 -3.50
CA CA E . -13.62 0.59 12.08
CA CA F . -20.27 -6.95 4.68
N ALA A 1 13.32 -5.52 -20.22
CA ALA A 1 12.74 -4.22 -19.78
C ALA A 1 12.79 -4.09 -18.26
N ASP A 2 12.14 -3.05 -17.74
CA ASP A 2 12.11 -2.81 -16.30
C ASP A 2 11.21 -1.63 -15.97
N GLN A 3 9.91 -1.87 -15.95
CA GLN A 3 8.93 -0.83 -15.64
C GLN A 3 7.51 -1.40 -15.62
N LEU A 4 6.54 -0.53 -15.37
CA LEU A 4 5.15 -0.95 -15.32
C LEU A 4 4.26 0.02 -16.09
N THR A 5 3.04 -0.40 -16.39
CA THR A 5 2.09 0.42 -17.12
C THR A 5 1.59 1.58 -16.27
N GLU A 6 0.76 2.44 -16.86
CA GLU A 6 0.21 3.60 -16.16
C GLU A 6 -0.57 3.17 -14.92
N GLU A 7 -1.31 2.07 -15.04
CA GLU A 7 -2.10 1.55 -13.93
C GLU A 7 -1.21 0.95 -12.85
N GLN A 8 -0.41 -0.03 -13.24
CA GLN A 8 0.50 -0.69 -12.30
C GLN A 8 1.45 0.33 -11.66
N ILE A 9 1.98 1.23 -12.46
CA ILE A 9 2.88 2.25 -11.99
C ILE A 9 2.16 3.27 -11.11
N ALA A 10 0.85 3.42 -11.35
CA ALA A 10 0.03 4.37 -10.59
C ALA A 10 0.21 4.18 -9.09
N GLU A 11 0.22 2.93 -8.65
CA GLU A 11 0.38 2.63 -7.24
C GLU A 11 1.78 2.98 -6.74
N PHE A 12 2.76 2.83 -7.63
CA PHE A 12 4.15 3.12 -7.27
C PHE A 12 4.36 4.61 -7.01
N LYS A 13 3.89 5.46 -7.94
CA LYS A 13 4.04 6.91 -7.77
C LYS A 13 3.35 7.36 -6.49
N GLU A 14 2.15 6.84 -6.28
CA GLU A 14 1.38 7.17 -5.10
C GLU A 14 2.08 6.67 -3.84
N ALA A 15 2.49 5.41 -3.89
CA ALA A 15 3.18 4.78 -2.78
C ALA A 15 4.37 5.62 -2.32
N PHE A 16 5.10 6.15 -3.28
CA PHE A 16 6.27 6.96 -2.99
C PHE A 16 5.91 8.14 -2.09
N SER A 17 4.73 8.71 -2.32
CA SER A 17 4.26 9.84 -1.53
C SER A 17 3.81 9.38 -0.15
N LEU A 18 3.60 8.07 0.00
CA LEU A 18 3.18 7.52 1.28
C LEU A 18 4.39 7.22 2.15
N PHE A 19 5.45 6.73 1.52
CA PHE A 19 6.68 6.41 2.24
C PHE A 19 7.35 7.69 2.73
N ASP A 20 7.81 8.52 1.81
CA ASP A 20 8.46 9.78 2.18
C ASP A 20 7.48 10.72 2.85
N LYS A 21 7.89 11.29 3.97
CA LYS A 21 7.04 12.22 4.72
C LYS A 21 6.86 13.54 3.96
N ASP A 22 7.92 13.98 3.30
CA ASP A 22 7.88 15.22 2.54
C ASP A 22 7.54 14.95 1.08
N GLY A 23 7.60 13.67 0.69
CA GLY A 23 7.29 13.30 -0.68
C GLY A 23 8.15 14.01 -1.69
N ASP A 24 9.42 14.22 -1.34
CA ASP A 24 10.35 14.90 -2.24
C ASP A 24 10.80 13.99 -3.39
N GLY A 25 10.36 12.72 -3.35
CA GLY A 25 10.74 11.79 -4.40
C GLY A 25 11.80 10.81 -3.97
N THR A 26 12.22 10.90 -2.71
CA THR A 26 13.24 9.98 -2.19
C THR A 26 13.03 9.75 -0.69
N ILE A 27 13.07 8.48 -0.29
CA ILE A 27 12.88 8.12 1.10
C ILE A 27 14.20 7.67 1.74
N THR A 28 14.60 8.35 2.80
CA THR A 28 15.84 8.02 3.50
C THR A 28 15.54 7.17 4.73
N THR A 29 16.59 6.58 5.30
CA THR A 29 16.45 5.73 6.48
C THR A 29 15.72 6.45 7.61
N LYS A 30 15.95 7.75 7.73
CA LYS A 30 15.31 8.55 8.78
C LYS A 30 13.80 8.45 8.69
N GLU A 31 13.26 8.68 7.49
CA GLU A 31 11.82 8.60 7.28
C GLU A 31 11.35 7.15 7.18
N LEU A 32 12.17 6.33 6.56
CA LEU A 32 11.87 4.92 6.38
C LEU A 32 11.56 4.26 7.72
N GLY A 33 12.37 4.57 8.72
CA GLY A 33 12.16 4.01 10.05
C GLY A 33 10.92 4.56 10.72
N THR A 34 10.55 5.78 10.36
CA THR A 34 9.37 6.43 10.92
C THR A 34 8.09 5.79 10.39
N VAL A 35 8.01 5.64 9.07
CA VAL A 35 6.84 5.05 8.44
C VAL A 35 6.78 3.54 8.69
N MET A 36 7.95 2.92 8.76
CA MET A 36 8.03 1.48 9.00
C MET A 36 7.40 1.12 10.34
N ARG A 37 7.72 1.88 11.37
CA ARG A 37 7.18 1.65 12.69
C ARG A 37 5.75 2.20 12.81
N SER A 38 5.43 3.19 11.99
CA SER A 38 4.11 3.80 12.00
C SER A 38 3.03 2.75 11.73
N LEU A 39 3.34 1.81 10.84
CA LEU A 39 2.40 0.75 10.49
C LEU A 39 1.97 -0.03 11.73
N GLY A 40 2.87 -0.12 12.69
CA GLY A 40 2.57 -0.84 13.92
C GLY A 40 3.64 -1.87 14.27
N GLN A 41 4.90 -1.48 14.09
CA GLN A 41 6.01 -2.37 14.39
C GLN A 41 7.18 -1.59 14.99
N ASN A 42 8.10 -2.31 15.62
CA ASN A 42 9.27 -1.69 16.24
C ASN A 42 10.57 -2.25 15.65
N PRO A 43 10.77 -2.05 14.33
CA PRO A 43 11.97 -2.52 13.64
C PRO A 43 13.22 -1.75 14.04
N THR A 44 14.32 -1.99 13.33
CA THR A 44 15.58 -1.31 13.62
C THR A 44 16.07 -0.56 12.39
N GLU A 45 17.06 0.31 12.59
CA GLU A 45 17.63 1.09 11.50
C GLU A 45 18.41 0.18 10.56
N ALA A 46 18.99 -0.88 11.13
CA ALA A 46 19.76 -1.84 10.38
C ALA A 46 18.97 -2.35 9.17
N GLU A 47 17.71 -2.69 9.39
CA GLU A 47 16.86 -3.18 8.32
C GLU A 47 16.65 -2.09 7.27
N LEU A 48 16.41 -0.87 7.74
CA LEU A 48 16.20 0.27 6.86
C LEU A 48 17.35 0.44 5.89
N GLN A 49 18.56 0.45 6.42
CA GLN A 49 19.76 0.61 5.61
C GLN A 49 19.96 -0.56 4.65
N ASP A 50 19.93 -1.78 5.19
CA ASP A 50 20.11 -2.98 4.38
C ASP A 50 19.06 -3.05 3.26
N MET A 51 17.79 -2.90 3.62
CA MET A 51 16.72 -2.95 2.65
C MET A 51 16.90 -1.88 1.58
N ILE A 52 17.17 -0.67 2.03
CA ILE A 52 17.38 0.47 1.14
C ILE A 52 18.56 0.23 0.21
N ASN A 53 19.65 -0.26 0.76
CA ASN A 53 20.85 -0.52 -0.03
C ASN A 53 20.53 -1.47 -1.18
N GLU A 54 19.50 -2.27 -0.96
CA GLU A 54 19.02 -3.23 -1.93
C GLU A 54 18.11 -2.58 -2.96
N VAL A 55 17.84 -1.30 -2.80
CA VAL A 55 16.94 -0.59 -3.70
C VAL A 55 17.58 0.65 -4.30
N ASP A 56 18.44 1.28 -3.52
CA ASP A 56 19.11 2.50 -3.98
C ASP A 56 20.16 2.19 -5.02
N ALA A 57 20.37 3.14 -5.93
CA ALA A 57 21.35 2.99 -6.99
C ALA A 57 22.74 3.28 -6.47
N ASP A 58 22.89 4.45 -5.85
CA ASP A 58 24.17 4.88 -5.29
C ASP A 58 24.37 4.32 -3.89
N GLY A 59 23.32 3.71 -3.33
CA GLY A 59 23.41 3.15 -1.99
C GLY A 59 23.82 4.17 -0.94
N ASN A 60 23.15 5.33 -0.95
CA ASN A 60 23.44 6.38 0.02
C ASN A 60 22.48 6.33 1.21
N GLY A 61 21.53 5.40 1.18
CA GLY A 61 20.57 5.28 2.26
C GLY A 61 19.20 5.82 1.89
N THR A 62 18.97 6.01 0.59
CA THR A 62 17.68 6.52 0.12
C THR A 62 17.39 5.98 -1.28
N ILE A 63 16.14 5.60 -1.53
CA ILE A 63 15.76 5.08 -2.84
C ILE A 63 15.20 6.18 -3.73
N ASP A 64 15.40 6.03 -5.03
CA ASP A 64 14.91 7.01 -6.00
C ASP A 64 13.66 6.50 -6.72
N PHE A 65 13.08 7.35 -7.56
CA PHE A 65 11.87 6.98 -8.30
C PHE A 65 12.12 5.75 -9.18
N PRO A 66 13.06 5.83 -10.13
CA PRO A 66 13.38 4.71 -11.02
C PRO A 66 13.95 3.52 -10.25
N GLU A 67 14.71 3.83 -9.20
CA GLU A 67 15.31 2.81 -8.37
C GLU A 67 14.25 2.05 -7.58
N PHE A 68 13.22 2.78 -7.16
CA PHE A 68 12.11 2.21 -6.42
C PHE A 68 11.21 1.41 -7.35
N LEU A 69 10.98 1.95 -8.53
CA LEU A 69 10.12 1.33 -9.53
C LEU A 69 10.82 0.16 -10.23
N THR A 70 12.01 0.43 -10.76
CA THR A 70 12.77 -0.58 -11.48
C THR A 70 12.94 -1.85 -10.65
N MET A 71 13.36 -1.70 -9.40
CA MET A 71 13.54 -2.85 -8.51
C MET A 71 12.26 -3.70 -8.45
N MET A 72 11.14 -3.03 -8.25
CA MET A 72 9.85 -3.72 -8.16
C MET A 72 9.20 -3.86 -9.55
N ALA A 73 9.96 -3.57 -10.60
CA ALA A 73 9.45 -3.67 -11.95
C ALA A 73 10.01 -4.90 -12.67
N ARG A 74 11.28 -5.20 -12.38
CA ARG A 74 11.94 -6.35 -12.98
C ARG A 74 11.17 -7.64 -12.71
N LYS A 75 10.67 -7.76 -11.48
CA LYS A 75 9.92 -8.95 -11.09
C LYS A 75 8.68 -8.56 -10.28
N MET A 76 7.63 -9.37 -10.38
CA MET A 76 6.40 -9.12 -9.66
C MET A 76 5.79 -7.79 -10.07
N LYS A 77 4.91 -7.82 -11.07
CA LYS A 77 4.26 -6.61 -11.56
C LYS A 77 2.82 -6.53 -11.08
N ASP A 78 2.19 -7.70 -10.92
CA ASP A 78 0.80 -7.77 -10.47
C ASP A 78 0.52 -9.10 -9.79
N THR A 79 0.03 -9.05 -8.56
CA THR A 79 -0.29 -10.25 -7.80
C THR A 79 -0.91 -9.90 -6.46
N ASP A 80 -1.52 -10.89 -5.82
CA ASP A 80 -2.16 -10.69 -4.52
C ASP A 80 -2.02 -11.92 -3.64
N SER A 81 -2.32 -11.78 -2.35
CA SER A 81 -2.23 -12.88 -1.41
C SER A 81 -3.20 -12.68 -0.25
N GLU A 82 -3.64 -13.79 0.35
CA GLU A 82 -4.56 -13.73 1.48
C GLU A 82 -4.02 -12.83 2.59
N GLU A 83 -2.70 -12.69 2.65
CA GLU A 83 -2.07 -11.87 3.67
C GLU A 83 -2.25 -10.38 3.35
N GLU A 84 -2.18 -10.04 2.07
CA GLU A 84 -2.34 -8.66 1.64
C GLU A 84 -3.71 -8.11 2.03
N ILE A 85 -4.70 -9.00 2.06
CA ILE A 85 -6.06 -8.62 2.43
C ILE A 85 -6.15 -8.38 3.94
N ARG A 86 -5.48 -9.22 4.71
CA ARG A 86 -5.47 -9.09 6.16
C ARG A 86 -4.67 -7.86 6.58
N GLU A 87 -3.46 -7.73 6.03
CA GLU A 87 -2.61 -6.59 6.34
C GLU A 87 -3.30 -5.30 5.89
N ALA A 88 -3.84 -5.34 4.68
CA ALA A 88 -4.56 -4.21 4.12
C ALA A 88 -5.66 -3.77 5.07
N PHE A 89 -6.44 -4.75 5.52
CA PHE A 89 -7.53 -4.49 6.44
C PHE A 89 -7.06 -3.68 7.63
N ARG A 90 -5.86 -3.98 8.09
CA ARG A 90 -5.27 -3.29 9.23
C ARG A 90 -4.75 -1.92 8.81
N VAL A 91 -4.32 -1.80 7.56
CA VAL A 91 -3.80 -0.53 7.06
C VAL A 91 -4.94 0.45 6.77
N PHE A 92 -6.06 -0.07 6.27
CA PHE A 92 -7.21 0.76 5.97
C PHE A 92 -7.88 1.22 7.26
N ASP A 93 -8.40 0.26 8.02
CA ASP A 93 -9.07 0.56 9.27
C ASP A 93 -8.06 0.72 10.41
N LYS A 94 -8.04 1.91 11.01
CA LYS A 94 -7.11 2.20 12.11
C LYS A 94 -7.37 1.28 13.30
N ASP A 95 -8.62 1.25 13.75
CA ASP A 95 -8.99 0.42 14.90
C ASP A 95 -9.17 -1.04 14.50
N GLY A 96 -9.17 -1.31 13.19
CA GLY A 96 -9.33 -2.68 12.71
C GLY A 96 -10.45 -3.42 13.41
N ASN A 97 -11.68 -3.05 13.11
CA ASN A 97 -12.85 -3.69 13.72
C ASN A 97 -13.35 -4.84 12.85
N GLY A 98 -12.54 -5.27 11.88
CA GLY A 98 -12.94 -6.35 11.00
C GLY A 98 -14.10 -5.98 10.11
N TYR A 99 -14.37 -4.68 9.99
CA TYR A 99 -15.47 -4.20 9.15
C TYR A 99 -15.30 -2.72 8.81
N ILE A 100 -15.14 -2.43 7.52
CA ILE A 100 -14.96 -1.06 7.07
C ILE A 100 -16.13 -0.58 6.21
N SER A 101 -16.73 0.52 6.62
CA SER A 101 -17.85 1.10 5.90
C SER A 101 -17.39 2.32 5.12
N ALA A 102 -18.19 2.71 4.14
CA ALA A 102 -17.88 3.86 3.30
C ALA A 102 -17.48 5.06 4.14
N ALA A 103 -18.22 5.32 5.22
CA ALA A 103 -17.93 6.43 6.11
C ALA A 103 -16.51 6.32 6.65
N GLU A 104 -16.23 5.22 7.33
CA GLU A 104 -14.89 4.99 7.88
C GLU A 104 -13.86 5.09 6.78
N LEU A 105 -14.22 4.59 5.60
CA LEU A 105 -13.33 4.64 4.44
C LEU A 105 -12.99 6.09 4.11
N ARG A 106 -14.04 6.90 3.99
CA ARG A 106 -13.87 8.33 3.71
C ARG A 106 -12.95 8.95 4.76
N HIS A 107 -13.19 8.58 6.01
CA HIS A 107 -12.39 9.07 7.12
C HIS A 107 -10.92 8.71 6.90
N VAL A 108 -10.67 7.50 6.39
CA VAL A 108 -9.32 7.04 6.13
C VAL A 108 -8.68 7.84 4.99
N MET A 109 -9.36 7.87 3.85
CA MET A 109 -8.84 8.60 2.69
C MET A 109 -8.44 10.01 3.07
N THR A 110 -9.36 10.74 3.68
CA THR A 110 -9.08 12.11 4.11
C THR A 110 -8.05 12.13 5.23
N ASN A 111 -7.97 11.02 5.98
CA ASN A 111 -7.03 10.90 7.08
C ASN A 111 -5.59 10.85 6.56
N LEU A 112 -5.42 10.30 5.35
CA LEU A 112 -4.09 10.20 4.75
C LEU A 112 -3.82 11.38 3.84
N GLY A 113 -4.87 11.96 3.26
CA GLY A 113 -4.71 13.09 2.38
C GLY A 113 -5.52 12.95 1.10
N GLU A 114 -6.75 12.49 1.24
CA GLU A 114 -7.63 12.31 0.08
C GLU A 114 -9.10 12.45 0.48
N LYS A 115 -9.73 13.52 0.02
CA LYS A 115 -11.14 13.77 0.34
C LYS A 115 -12.05 13.01 -0.62
N LEU A 116 -12.81 12.07 -0.08
CA LEU A 116 -13.74 11.28 -0.89
C LEU A 116 -15.17 11.71 -0.66
N THR A 117 -16.07 11.32 -1.57
CA THR A 117 -17.48 11.68 -1.45
C THR A 117 -18.28 10.53 -0.85
N ASP A 118 -19.45 10.86 -0.29
CA ASP A 118 -20.30 9.85 0.31
C ASP A 118 -20.73 8.82 -0.72
N GLU A 119 -21.03 9.28 -1.93
CA GLU A 119 -21.45 8.39 -3.00
C GLU A 119 -20.27 7.54 -3.48
N GLU A 120 -19.08 8.14 -3.47
CA GLU A 120 -17.87 7.45 -3.90
C GLU A 120 -17.56 6.28 -2.95
N VAL A 121 -17.45 6.59 -1.67
CA VAL A 121 -17.16 5.58 -0.66
C VAL A 121 -18.27 4.54 -0.60
N ASP A 122 -19.52 5.01 -0.68
CA ASP A 122 -20.67 4.11 -0.63
C ASP A 122 -20.63 3.14 -1.81
N GLU A 123 -20.23 3.66 -2.97
CA GLU A 123 -20.12 2.85 -4.18
C GLU A 123 -18.92 1.93 -4.09
N MET A 124 -17.89 2.38 -3.38
CA MET A 124 -16.67 1.61 -3.20
C MET A 124 -16.91 0.41 -2.30
N ILE A 125 -17.77 0.59 -1.29
CA ILE A 125 -18.08 -0.48 -0.36
C ILE A 125 -19.10 -1.44 -0.95
N ARG A 126 -20.25 -0.91 -1.36
CA ARG A 126 -21.30 -1.73 -1.92
C ARG A 126 -20.77 -2.59 -3.05
N GLU A 127 -19.79 -2.07 -3.76
CA GLU A 127 -19.18 -2.79 -4.86
C GLU A 127 -18.20 -3.85 -4.35
N ALA A 128 -17.72 -3.67 -3.12
CA ALA A 128 -16.78 -4.62 -2.53
C ALA A 128 -17.46 -5.49 -1.47
N ASP A 129 -18.69 -5.14 -1.11
CA ASP A 129 -19.43 -5.90 -0.11
C ASP A 129 -20.20 -7.06 -0.73
N ILE A 130 -19.73 -8.27 -0.44
CA ILE A 130 -20.34 -9.49 -0.96
C ILE A 130 -21.50 -9.95 -0.09
N ASP A 131 -21.42 -9.67 1.20
CA ASP A 131 -22.45 -10.07 2.14
C ASP A 131 -23.52 -8.98 2.32
N GLY A 132 -23.25 -7.80 1.76
CA GLY A 132 -24.19 -6.69 1.82
C GLY A 132 -24.72 -6.39 3.21
N ASP A 133 -23.82 -6.10 4.14
CA ASP A 133 -24.23 -5.77 5.51
C ASP A 133 -23.90 -4.31 5.86
N GLY A 134 -23.22 -3.61 4.94
CA GLY A 134 -22.85 -2.22 5.19
C GLY A 134 -21.39 -2.06 5.54
N GLN A 135 -20.61 -3.13 5.43
CA GLN A 135 -19.19 -3.11 5.74
C GLN A 135 -18.44 -4.14 4.91
N VAL A 136 -17.15 -4.28 5.17
CA VAL A 136 -16.33 -5.23 4.44
C VAL A 136 -15.56 -6.15 5.39
N ASN A 137 -15.69 -7.46 5.19
CA ASN A 137 -15.01 -8.44 6.02
C ASN A 137 -13.85 -9.08 5.26
N TYR A 138 -13.31 -10.17 5.82
CA TYR A 138 -12.18 -10.88 5.22
C TYR A 138 -12.49 -11.36 3.81
N GLU A 139 -13.29 -12.41 3.71
CA GLU A 139 -13.64 -12.97 2.40
C GLU A 139 -14.10 -11.87 1.47
N GLU A 140 -14.95 -11.00 1.97
CA GLU A 140 -15.45 -9.89 1.19
C GLU A 140 -14.30 -9.03 0.65
N PHE A 141 -13.24 -8.87 1.45
CA PHE A 141 -12.10 -8.06 1.05
C PHE A 141 -11.17 -8.81 0.10
N VAL A 142 -10.81 -10.03 0.48
CA VAL A 142 -9.93 -10.85 -0.32
C VAL A 142 -10.48 -11.01 -1.75
N GLN A 143 -11.79 -11.19 -1.84
CA GLN A 143 -12.45 -11.35 -3.13
C GLN A 143 -12.49 -10.04 -3.92
N MET A 144 -12.62 -8.92 -3.21
CA MET A 144 -12.67 -7.60 -3.84
C MET A 144 -11.27 -7.06 -4.12
N MET A 145 -10.25 -7.91 -3.92
CA MET A 145 -8.87 -7.52 -4.15
C MET A 145 -8.23 -8.36 -5.25
N THR A 146 -8.55 -9.65 -5.25
CA THR A 146 -8.01 -10.56 -6.25
C THR A 146 -9.06 -11.54 -6.74
N ALA A 147 -9.73 -12.22 -5.80
CA ALA A 147 -10.76 -13.19 -6.14
C ALA A 147 -12.09 -12.50 -6.42
N LYS A 148 -12.10 -11.59 -7.39
CA LYS A 148 -13.32 -10.87 -7.75
C LYS A 148 -14.28 -11.77 -8.52
N THR B 1 6.22 -10.25 4.90
CA THR B 1 7.52 -10.87 5.27
C THR B 1 8.23 -11.46 4.05
N PRO B 2 8.89 -10.62 3.24
CA PRO B 2 9.60 -11.07 2.04
C PRO B 2 10.56 -12.21 2.33
N ARG B 3 11.13 -12.78 1.28
CA ARG B 3 12.07 -13.89 1.41
C ARG B 3 13.50 -13.41 1.20
N ARG B 4 13.70 -12.56 0.20
CA ARG B 4 15.02 -12.03 -0.10
C ARG B 4 14.92 -10.61 -0.68
N GLY B 5 13.91 -9.88 -0.24
CA GLY B 5 13.72 -8.53 -0.73
C GLY B 5 13.84 -7.49 0.38
N ARG B 6 12.91 -6.54 0.41
CA ARG B 6 12.91 -5.49 1.41
C ARG B 6 11.66 -5.59 2.29
N GLY B 7 11.88 -5.71 3.60
CA GLY B 7 10.77 -5.82 4.53
C GLY B 7 9.84 -4.62 4.46
N GLY B 8 10.32 -3.47 4.91
CA GLY B 8 9.52 -2.26 4.90
C GLY B 8 9.06 -1.89 3.50
N PHE B 9 10.00 -1.86 2.57
CA PHE B 9 9.69 -1.53 1.18
C PHE B 9 8.62 -2.45 0.61
N GLN B 10 8.95 -3.73 0.47
CA GLN B 10 8.00 -4.70 -0.06
C GLN B 10 6.68 -4.62 0.70
N ARG B 11 6.77 -4.43 2.02
CA ARG B 11 5.58 -4.30 2.84
C ARG B 11 4.71 -3.19 2.26
N ILE B 12 5.34 -2.05 2.02
CA ILE B 12 4.67 -0.91 1.45
C ILE B 12 4.13 -1.25 0.06
N VAL B 13 4.94 -1.97 -0.72
CA VAL B 13 4.57 -2.37 -2.06
C VAL B 13 3.20 -3.06 -2.08
N ARG B 14 3.04 -4.06 -1.23
CA ARG B 14 1.79 -4.81 -1.16
C ARG B 14 0.67 -3.95 -0.58
N LEU B 15 0.95 -3.25 0.52
CA LEU B 15 -0.05 -2.40 1.15
C LEU B 15 -0.61 -1.39 0.16
N VAL B 16 0.29 -0.63 -0.48
CA VAL B 16 -0.13 0.36 -1.47
C VAL B 16 -0.88 -0.31 -2.61
N GLY B 17 -0.31 -1.40 -3.12
CA GLY B 17 -0.95 -2.09 -4.22
C GLY B 17 -2.36 -2.53 -3.87
N VAL B 18 -2.59 -2.81 -2.59
CA VAL B 18 -3.90 -3.24 -2.13
C VAL B 18 -4.89 -2.08 -2.06
N ILE B 19 -4.52 -1.03 -1.33
CA ILE B 19 -5.39 0.13 -1.19
C ILE B 19 -5.69 0.80 -2.54
N ARG B 20 -4.65 0.95 -3.37
CA ARG B 20 -4.82 1.57 -4.68
C ARG B 20 -5.82 0.77 -5.49
N ASP B 21 -5.80 -0.54 -5.29
CA ASP B 21 -6.71 -1.42 -5.99
C ASP B 21 -8.16 -1.08 -5.65
N TRP B 22 -8.37 -0.70 -4.39
CA TRP B 22 -9.70 -0.33 -3.93
C TRP B 22 -9.90 1.19 -3.99
N ALA B 23 -8.80 1.91 -4.24
CA ALA B 23 -8.83 3.36 -4.33
C ALA B 23 -9.42 3.82 -5.65
N ASN B 24 -9.13 3.08 -6.71
CA ASN B 24 -9.61 3.41 -8.05
C ASN B 24 -9.83 2.16 -8.88
N LYS B 25 -8.75 1.44 -9.16
CA LYS B 25 -8.82 0.22 -9.96
C LYS B 25 -9.51 -0.90 -9.18
N ASN B 26 -10.78 -0.71 -8.89
CA ASN B 26 -11.56 -1.72 -8.14
C ASN B 26 -12.63 -2.34 -9.03
N PHE B 27 -13.65 -1.56 -9.35
CA PHE B 27 -14.74 -2.03 -10.20
C PHE B 27 -14.65 -1.44 -11.60
N ARG B 28 -13.43 -1.19 -12.05
CA ARG B 28 -13.20 -0.61 -13.38
C ARG B 28 -13.61 -1.60 -14.47
CA CA C . 12.49 13.11 1.77
CA CA D . 20.42 7.43 -3.50
CA CA E . -13.30 0.74 12.34
CA CA F . -20.52 -6.84 4.49
N ALA A 1 13.15 -5.74 -19.79
CA ALA A 1 11.87 -5.37 -19.15
C ALA A 1 12.11 -4.91 -17.71
N ASP A 2 11.80 -3.65 -17.44
CA ASP A 2 11.97 -3.09 -16.10
C ASP A 2 11.07 -1.88 -15.89
N GLN A 3 9.76 -2.12 -15.89
CA GLN A 3 8.78 -1.05 -15.70
C GLN A 3 7.37 -1.60 -15.66
N LEU A 4 6.41 -0.76 -15.28
CA LEU A 4 5.01 -1.18 -15.20
C LEU A 4 4.12 -0.22 -15.99
N THR A 5 2.89 -0.65 -16.25
CA THR A 5 1.93 0.16 -16.99
C THR A 5 1.48 1.36 -16.16
N GLU A 6 0.65 2.21 -16.77
CA GLU A 6 0.14 3.39 -16.09
C GLU A 6 -0.64 3.03 -14.83
N GLU A 7 -1.38 1.92 -14.89
CA GLU A 7 -2.18 1.46 -13.75
C GLU A 7 -1.29 0.89 -12.66
N GLN A 8 -0.49 -0.11 -13.01
CA GLN A 8 0.41 -0.75 -12.05
C GLN A 8 1.37 0.28 -11.45
N ILE A 9 1.87 1.17 -12.29
CA ILE A 9 2.80 2.20 -11.86
C ILE A 9 2.07 3.27 -11.03
N ALA A 10 0.77 3.42 -11.28
CA ALA A 10 -0.04 4.41 -10.58
C ALA A 10 0.12 4.29 -9.07
N GLU A 11 0.12 3.07 -8.57
CA GLU A 11 0.26 2.82 -7.15
C GLU A 11 1.68 3.15 -6.67
N PHE A 12 2.66 2.93 -7.54
CA PHE A 12 4.05 3.20 -7.20
C PHE A 12 4.30 4.70 -6.99
N LYS A 13 3.85 5.52 -7.94
CA LYS A 13 4.04 6.96 -7.83
C LYS A 13 3.38 7.48 -6.56
N GLU A 14 2.17 7.01 -6.32
CA GLU A 14 1.41 7.40 -5.14
C GLU A 14 2.10 6.92 -3.88
N ALA A 15 2.48 5.65 -3.88
CA ALA A 15 3.15 5.03 -2.75
C ALA A 15 4.37 5.83 -2.33
N PHE A 16 5.11 6.31 -3.31
CA PHE A 16 6.32 7.09 -3.03
C PHE A 16 6.00 8.30 -2.16
N SER A 17 4.81 8.86 -2.35
CA SER A 17 4.38 10.02 -1.58
C SER A 17 3.94 9.60 -0.18
N LEU A 18 3.71 8.30 0.01
CA LEU A 18 3.29 7.79 1.30
C LEU A 18 4.51 7.48 2.16
N PHE A 19 5.54 6.93 1.52
CA PHE A 19 6.78 6.60 2.22
C PHE A 19 7.49 7.86 2.69
N ASP A 20 7.95 8.68 1.73
CA ASP A 20 8.63 9.92 2.07
C ASP A 20 7.67 10.91 2.73
N LYS A 21 8.10 11.49 3.84
CA LYS A 21 7.28 12.45 4.57
C LYS A 21 7.14 13.75 3.79
N ASP A 22 8.21 14.16 3.12
CA ASP A 22 8.21 15.39 2.34
C ASP A 22 7.87 15.10 0.89
N GLY A 23 7.88 13.83 0.52
CA GLY A 23 7.56 13.44 -0.85
C GLY A 23 8.45 14.10 -1.86
N ASP A 24 9.73 14.26 -1.51
CA ASP A 24 10.68 14.90 -2.43
C ASP A 24 11.09 13.95 -3.56
N GLY A 25 10.61 12.71 -3.50
CA GLY A 25 10.93 11.75 -4.54
C GLY A 25 11.96 10.73 -4.09
N THR A 26 12.42 10.83 -2.85
CA THR A 26 13.41 9.90 -2.33
C THR A 26 13.23 9.71 -0.82
N ILE A 27 13.22 8.46 -0.38
CA ILE A 27 13.06 8.14 1.04
C ILE A 27 14.37 7.69 1.65
N THR A 28 14.76 8.34 2.75
CA THR A 28 16.00 8.00 3.44
C THR A 28 15.72 7.15 4.68
N THR A 29 16.77 6.58 5.25
CA THR A 29 16.64 5.73 6.44
C THR A 29 15.91 6.47 7.57
N LYS A 30 16.09 7.79 7.62
CA LYS A 30 15.45 8.61 8.65
C LYS A 30 13.93 8.54 8.55
N GLU A 31 13.42 8.77 7.35
CA GLU A 31 11.97 8.75 7.12
C GLU A 31 11.47 7.31 7.03
N LEU A 32 12.29 6.44 6.47
CA LEU A 32 11.96 5.03 6.31
C LEU A 32 11.57 4.42 7.64
N GLY A 33 12.49 4.50 8.59
CA GLY A 33 12.26 3.95 9.91
C GLY A 33 11.11 4.62 10.63
N THR A 34 10.85 5.88 10.28
CA THR A 34 9.77 6.65 10.90
C THR A 34 8.41 6.12 10.46
N VAL A 35 8.20 6.04 9.16
CA VAL A 35 6.94 5.56 8.61
C VAL A 35 6.83 4.06 8.75
N MET A 36 7.96 3.36 8.70
CA MET A 36 7.98 1.92 8.82
C MET A 36 7.42 1.49 10.18
N ARG A 37 7.85 2.18 11.23
CA ARG A 37 7.40 1.88 12.59
C ARG A 37 6.00 2.45 12.84
N SER A 38 5.67 3.51 12.10
CA SER A 38 4.36 4.16 12.24
C SER A 38 3.23 3.17 12.01
N LEU A 39 3.43 2.24 11.08
CA LEU A 39 2.42 1.23 10.76
C LEU A 39 2.05 0.43 12.00
N GLY A 40 3.01 0.26 12.91
CA GLY A 40 2.77 -0.47 14.13
C GLY A 40 3.85 -1.51 14.41
N GLN A 41 5.10 -1.12 14.20
CA GLN A 41 6.22 -2.01 14.43
C GLN A 41 7.42 -1.26 15.02
N ASN A 42 8.33 -2.00 15.64
CA ASN A 42 9.52 -1.40 16.24
C ASN A 42 10.79 -2.01 15.66
N PRO A 43 11.01 -1.85 14.34
CA PRO A 43 12.19 -2.38 13.66
C PRO A 43 13.46 -1.63 14.04
N THR A 44 14.54 -1.92 13.33
CA THR A 44 15.83 -1.27 13.59
C THR A 44 16.33 -0.53 12.35
N GLU A 45 17.34 0.30 12.54
CA GLU A 45 17.92 1.06 11.45
C GLU A 45 18.65 0.13 10.49
N ALA A 46 19.21 -0.94 11.06
CA ALA A 46 19.94 -1.92 10.30
C ALA A 46 19.13 -2.41 9.11
N GLU A 47 17.85 -2.71 9.35
CA GLU A 47 16.97 -3.18 8.29
C GLU A 47 16.77 -2.10 7.24
N LEU A 48 16.58 -0.87 7.70
CA LEU A 48 16.38 0.28 6.82
C LEU A 48 17.53 0.41 5.83
N GLN A 49 18.75 0.39 6.34
CA GLN A 49 19.94 0.52 5.52
C GLN A 49 20.09 -0.67 4.56
N ASP A 50 20.04 -1.88 5.12
CA ASP A 50 20.18 -3.09 4.31
C ASP A 50 19.12 -3.15 3.21
N MET A 51 17.86 -2.96 3.60
CA MET A 51 16.76 -2.99 2.64
C MET A 51 16.96 -1.93 1.55
N ILE A 52 17.26 -0.72 1.99
CA ILE A 52 17.48 0.40 1.08
C ILE A 52 18.64 0.13 0.13
N ASN A 53 19.73 -0.40 0.68
CA ASN A 53 20.91 -0.70 -0.13
C ASN A 53 20.54 -1.65 -1.27
N GLU A 54 19.49 -2.42 -1.02
CA GLU A 54 18.98 -3.38 -1.97
C GLU A 54 18.05 -2.73 -2.98
N VAL A 55 17.82 -1.43 -2.83
CA VAL A 55 16.92 -0.72 -3.73
C VAL A 55 17.56 0.50 -4.35
N ASP A 56 18.45 1.14 -3.60
CA ASP A 56 19.14 2.32 -4.07
C ASP A 56 20.17 1.99 -5.14
N ALA A 57 20.37 2.93 -6.05
CA ALA A 57 21.34 2.76 -7.13
C ALA A 57 22.75 3.03 -6.64
N ASP A 58 22.92 4.20 -6.04
CA ASP A 58 24.22 4.60 -5.51
C ASP A 58 24.43 4.06 -4.10
N GLY A 59 23.39 3.48 -3.51
CA GLY A 59 23.49 2.93 -2.17
C GLY A 59 23.93 3.96 -1.14
N ASN A 60 23.28 5.12 -1.14
CA ASN A 60 23.62 6.19 -0.20
C ASN A 60 22.67 6.18 1.00
N GLY A 61 21.71 5.25 1.01
CA GLY A 61 20.77 5.17 2.11
C GLY A 61 19.40 5.73 1.77
N THR A 62 19.15 5.91 0.47
CA THR A 62 17.86 6.42 0.01
C THR A 62 17.54 5.88 -1.37
N ILE A 63 16.28 5.52 -1.59
CA ILE A 63 15.86 5.00 -2.88
C ILE A 63 15.30 6.08 -3.79
N ASP A 64 15.48 5.91 -5.09
CA ASP A 64 14.98 6.88 -6.06
C ASP A 64 13.72 6.36 -6.76
N PHE A 65 13.10 7.22 -7.57
CA PHE A 65 11.89 6.87 -8.29
C PHE A 65 12.11 5.63 -9.16
N PRO A 66 13.04 5.70 -10.13
CA PRO A 66 13.33 4.57 -11.02
C PRO A 66 13.91 3.39 -10.26
N GLU A 67 14.66 3.68 -9.22
CA GLU A 67 15.28 2.65 -8.39
C GLU A 67 14.23 1.92 -7.58
N PHE A 68 13.20 2.65 -7.16
CA PHE A 68 12.10 2.09 -6.40
C PHE A 68 11.18 1.28 -7.31
N LEU A 69 10.94 1.83 -8.50
CA LEU A 69 10.07 1.20 -9.48
C LEU A 69 10.76 0.03 -10.18
N THR A 70 11.93 0.31 -10.75
CA THR A 70 12.69 -0.72 -11.47
C THR A 70 12.87 -1.98 -10.64
N MET A 71 13.22 -1.81 -9.37
CA MET A 71 13.42 -2.95 -8.48
C MET A 71 12.19 -3.83 -8.46
N MET A 72 11.04 -3.23 -8.20
CA MET A 72 9.78 -3.97 -8.14
C MET A 72 9.22 -4.24 -9.54
N ALA A 73 9.82 -3.60 -10.56
CA ALA A 73 9.38 -3.79 -11.93
C ALA A 73 10.02 -5.02 -12.56
N ARG A 74 11.25 -5.30 -12.15
CA ARG A 74 12.00 -6.44 -12.66
C ARG A 74 11.23 -7.74 -12.40
N LYS A 75 10.69 -7.87 -11.20
CA LYS A 75 9.94 -9.06 -10.82
C LYS A 75 8.68 -8.69 -10.04
N MET A 76 7.65 -9.53 -10.15
CA MET A 76 6.39 -9.28 -9.45
C MET A 76 5.77 -7.97 -9.91
N LYS A 77 4.90 -8.04 -10.90
CA LYS A 77 4.23 -6.86 -11.43
C LYS A 77 2.76 -6.82 -10.99
N ASP A 78 2.14 -8.00 -10.91
CA ASP A 78 0.75 -8.10 -10.52
C ASP A 78 0.49 -9.42 -9.78
N THR A 79 0.21 -9.33 -8.49
CA THR A 79 -0.07 -10.50 -7.68
C THR A 79 -0.44 -10.11 -6.25
N ASP A 80 -1.38 -10.85 -5.66
CA ASP A 80 -1.82 -10.58 -4.31
C ASP A 80 -1.83 -11.86 -3.48
N SER A 81 -2.26 -11.74 -2.23
CA SER A 81 -2.32 -12.88 -1.32
C SER A 81 -3.23 -12.59 -0.12
N GLU A 82 -3.67 -13.65 0.55
CA GLU A 82 -4.54 -13.51 1.71
C GLU A 82 -3.93 -12.57 2.75
N GLU A 83 -2.59 -12.50 2.76
CA GLU A 83 -1.89 -11.64 3.71
C GLU A 83 -2.11 -10.16 3.38
N GLU A 84 -2.06 -9.84 2.10
CA GLU A 84 -2.25 -8.46 1.65
C GLU A 84 -3.63 -7.94 2.06
N ILE A 85 -4.60 -8.84 2.10
CA ILE A 85 -5.96 -8.48 2.49
C ILE A 85 -6.04 -8.26 3.99
N ARG A 86 -5.32 -9.10 4.75
CA ARG A 86 -5.29 -8.98 6.20
C ARG A 86 -4.51 -7.75 6.62
N GLU A 87 -3.31 -7.57 6.08
CA GLU A 87 -2.49 -6.41 6.39
C GLU A 87 -3.21 -5.15 5.95
N ALA A 88 -3.75 -5.18 4.74
CA ALA A 88 -4.50 -4.06 4.20
C ALA A 88 -5.60 -3.68 5.16
N PHE A 89 -6.33 -4.67 5.61
CA PHE A 89 -7.43 -4.47 6.53
C PHE A 89 -6.98 -3.63 7.73
N ARG A 90 -5.80 -3.95 8.24
CA ARG A 90 -5.25 -3.24 9.38
C ARG A 90 -4.82 -1.83 8.96
N VAL A 91 -4.38 -1.68 7.72
CA VAL A 91 -3.94 -0.38 7.23
C VAL A 91 -5.13 0.54 6.95
N PHE A 92 -6.23 -0.05 6.45
CA PHE A 92 -7.43 0.72 6.16
C PHE A 92 -8.16 1.08 7.45
N ASP A 93 -8.61 0.06 8.17
CA ASP A 93 -9.33 0.26 9.43
C ASP A 93 -8.34 0.43 10.59
N LYS A 94 -8.57 1.44 11.41
CA LYS A 94 -7.71 1.71 12.55
C LYS A 94 -7.98 0.74 13.69
N ASP A 95 -9.26 0.66 14.09
CA ASP A 95 -9.66 -0.23 15.17
C ASP A 95 -9.80 -1.68 14.69
N GLY A 96 -9.74 -1.88 13.38
CA GLY A 96 -9.87 -3.21 12.82
C GLY A 96 -11.01 -4.01 13.43
N ASN A 97 -12.24 -3.62 13.13
CA ASN A 97 -13.41 -4.30 13.66
C ASN A 97 -13.92 -5.37 12.69
N GLY A 98 -13.09 -5.72 11.72
CA GLY A 98 -13.48 -6.73 10.74
C GLY A 98 -14.61 -6.27 9.85
N TYR A 99 -14.82 -4.96 9.77
CA TYR A 99 -15.88 -4.40 8.95
C TYR A 99 -15.63 -2.91 8.66
N ILE A 100 -15.45 -2.60 7.38
CA ILE A 100 -15.19 -1.22 6.97
C ILE A 100 -16.36 -0.66 6.16
N SER A 101 -16.90 0.44 6.63
CA SER A 101 -18.02 1.09 5.96
C SER A 101 -17.53 2.32 5.21
N ALA A 102 -18.30 2.74 4.22
CA ALA A 102 -17.95 3.90 3.42
C ALA A 102 -17.56 5.09 4.30
N ALA A 103 -18.30 5.28 5.39
CA ALA A 103 -18.02 6.36 6.31
C ALA A 103 -16.60 6.25 6.85
N GLU A 104 -16.31 5.12 7.49
CA GLU A 104 -14.98 4.87 8.03
C GLU A 104 -13.94 5.02 6.94
N LEU A 105 -14.29 4.55 5.74
CA LEU A 105 -13.39 4.64 4.59
C LEU A 105 -13.07 6.11 4.31
N ARG A 106 -14.12 6.92 4.22
CA ARG A 106 -13.96 8.34 3.98
C ARG A 106 -13.06 8.94 5.06
N HIS A 107 -13.31 8.51 6.29
CA HIS A 107 -12.52 8.98 7.43
C HIS A 107 -11.05 8.61 7.24
N VAL A 108 -10.81 7.45 6.65
CA VAL A 108 -9.45 6.98 6.39
C VAL A 108 -8.80 7.78 5.26
N MET A 109 -9.48 7.82 4.12
CA MET A 109 -8.97 8.56 2.96
C MET A 109 -8.55 9.96 3.35
N THR A 110 -9.47 10.69 3.98
CA THR A 110 -9.18 12.05 4.43
C THR A 110 -8.15 12.05 5.55
N ASN A 111 -8.06 10.93 6.27
CA ASN A 111 -7.10 10.79 7.35
C ASN A 111 -5.68 10.73 6.83
N LEU A 112 -5.52 10.21 5.61
CA LEU A 112 -4.21 10.10 4.99
C LEU A 112 -3.94 11.27 4.05
N GLY A 113 -5.02 11.82 3.48
CA GLY A 113 -4.88 12.94 2.57
C GLY A 113 -5.71 12.77 1.32
N GLU A 114 -6.95 12.33 1.49
CA GLU A 114 -7.86 12.13 0.36
C GLU A 114 -9.30 12.36 0.77
N LYS A 115 -9.92 13.39 0.21
CA LYS A 115 -11.31 13.71 0.52
C LYS A 115 -12.26 13.03 -0.45
N LEU A 116 -12.87 11.93 0.02
CA LEU A 116 -13.82 11.18 -0.81
C LEU A 116 -15.25 11.64 -0.55
N THR A 117 -16.15 11.28 -1.46
CA THR A 117 -17.55 11.67 -1.33
C THR A 117 -18.37 10.53 -0.74
N ASP A 118 -19.52 10.86 -0.17
CA ASP A 118 -20.40 9.86 0.43
C ASP A 118 -20.83 8.83 -0.61
N GLU A 119 -21.15 9.30 -1.80
CA GLU A 119 -21.56 8.41 -2.89
C GLU A 119 -20.40 7.58 -3.38
N GLU A 120 -19.21 8.18 -3.38
CA GLU A 120 -18.00 7.48 -3.83
C GLU A 120 -17.67 6.33 -2.89
N VAL A 121 -17.55 6.63 -1.60
CA VAL A 121 -17.23 5.61 -0.61
C VAL A 121 -18.34 4.57 -0.52
N ASP A 122 -19.60 5.03 -0.59
CA ASP A 122 -20.74 4.13 -0.53
C ASP A 122 -20.72 3.17 -1.70
N GLU A 123 -20.36 3.68 -2.87
CA GLU A 123 -20.29 2.88 -4.08
C GLU A 123 -19.07 1.96 -4.02
N MET A 124 -18.03 2.43 -3.34
CA MET A 124 -16.80 1.66 -3.19
C MET A 124 -17.02 0.47 -2.27
N ILE A 125 -17.88 0.64 -1.27
CA ILE A 125 -18.17 -0.42 -0.32
C ILE A 125 -19.17 -1.42 -0.89
N ARG A 126 -20.32 -0.91 -1.31
CA ARG A 126 -21.37 -1.77 -1.85
C ARG A 126 -20.83 -2.60 -2.99
N GLU A 127 -19.87 -2.05 -3.71
CA GLU A 127 -19.26 -2.76 -4.83
C GLU A 127 -18.29 -3.83 -4.33
N ALA A 128 -17.82 -3.69 -3.08
CA ALA A 128 -16.89 -4.66 -2.52
C ALA A 128 -17.58 -5.57 -1.51
N ASP A 129 -18.74 -5.15 -1.03
CA ASP A 129 -19.47 -5.96 -0.05
C ASP A 129 -20.23 -7.09 -0.73
N ILE A 130 -19.54 -8.22 -0.84
CA ILE A 130 -20.11 -9.41 -1.46
C ILE A 130 -21.30 -9.94 -0.68
N ASP A 131 -21.27 -9.73 0.63
CA ASP A 131 -22.33 -10.19 1.51
C ASP A 131 -23.47 -9.18 1.56
N GLY A 132 -23.24 -7.99 0.99
CA GLY A 132 -24.24 -6.95 0.94
C GLY A 132 -24.89 -6.61 2.28
N ASP A 133 -24.07 -6.31 3.28
CA ASP A 133 -24.60 -5.96 4.60
C ASP A 133 -24.29 -4.49 4.95
N GLY A 134 -23.51 -3.83 4.09
CA GLY A 134 -23.16 -2.44 4.33
C GLY A 134 -21.73 -2.27 4.84
N GLN A 135 -20.97 -3.36 4.87
CA GLN A 135 -19.58 -3.31 5.34
C GLN A 135 -18.71 -4.27 4.53
N VAL A 136 -17.45 -4.39 4.93
CA VAL A 136 -16.53 -5.28 4.24
C VAL A 136 -15.85 -6.25 5.21
N ASN A 137 -16.05 -7.54 4.97
CA ASN A 137 -15.46 -8.57 5.80
C ASN A 137 -14.20 -9.13 5.15
N TYR A 138 -13.67 -10.22 5.71
CA TYR A 138 -12.45 -10.84 5.20
C TYR A 138 -12.58 -11.28 3.75
N GLU A 139 -13.32 -12.36 3.53
CA GLU A 139 -13.50 -12.88 2.17
C GLU A 139 -13.92 -11.76 1.23
N GLU A 140 -14.84 -10.94 1.70
CA GLU A 140 -15.31 -9.82 0.90
C GLU A 140 -14.15 -8.91 0.48
N PHE A 141 -13.13 -8.79 1.34
CA PHE A 141 -11.99 -7.95 1.04
C PHE A 141 -11.01 -8.65 0.11
N VAL A 142 -10.69 -9.89 0.46
CA VAL A 142 -9.76 -10.68 -0.33
C VAL A 142 -10.28 -10.83 -1.77
N GLN A 143 -11.60 -11.03 -1.89
CA GLN A 143 -12.24 -11.18 -3.19
C GLN A 143 -12.28 -9.87 -3.96
N MET A 144 -12.44 -8.76 -3.23
CA MET A 144 -12.49 -7.43 -3.86
C MET A 144 -11.09 -6.87 -4.07
N MET A 145 -10.08 -7.72 -3.89
CA MET A 145 -8.69 -7.30 -4.05
C MET A 145 -8.00 -8.11 -5.14
N THR A 146 -8.29 -9.41 -5.20
CA THR A 146 -7.70 -10.28 -6.20
C THR A 146 -8.64 -11.42 -6.59
N ALA A 147 -9.21 -12.09 -5.59
CA ALA A 147 -10.12 -13.20 -5.84
C ALA A 147 -11.46 -12.70 -6.38
N LYS A 148 -11.47 -12.31 -7.66
CA LYS A 148 -12.68 -11.81 -8.29
C LYS A 148 -13.19 -10.55 -7.60
N THR B 1 5.72 -9.38 3.15
CA THR B 1 6.95 -9.94 3.77
C THR B 1 7.68 -10.88 2.82
N PRO B 2 8.56 -10.34 1.97
CA PRO B 2 9.32 -11.14 1.00
C PRO B 2 10.37 -12.01 1.67
N ARG B 3 10.88 -12.99 0.94
CA ARG B 3 11.89 -13.91 1.46
C ARG B 3 13.24 -13.20 1.59
N ARG B 4 13.80 -12.81 0.46
CA ARG B 4 15.10 -12.13 0.44
C ARG B 4 15.04 -10.89 -0.45
N GLY B 5 15.16 -9.72 0.18
CA GLY B 5 15.13 -8.47 -0.57
C GLY B 5 14.87 -7.27 0.33
N ARG B 6 13.62 -6.85 0.40
CA ARG B 6 13.25 -5.70 1.22
C ARG B 6 11.94 -5.95 1.95
N GLY B 7 12.00 -5.98 3.27
CA GLY B 7 10.80 -6.21 4.07
C GLY B 7 9.89 -5.00 4.13
N GLY B 8 10.33 -3.97 4.84
CA GLY B 8 9.52 -2.76 4.96
C GLY B 8 9.14 -2.18 3.61
N PHE B 9 10.13 -2.05 2.73
CA PHE B 9 9.89 -1.51 1.39
C PHE B 9 8.74 -2.26 0.73
N GLN B 10 8.93 -3.54 0.46
CA GLN B 10 7.89 -4.35 -0.15
C GLN B 10 6.61 -4.26 0.68
N ARG B 11 6.77 -4.11 1.99
CA ARG B 11 5.62 -4.00 2.89
C ARG B 11 4.68 -2.90 2.42
N ILE B 12 5.23 -1.69 2.23
CA ILE B 12 4.43 -0.58 1.77
C ILE B 12 3.96 -0.85 0.34
N VAL B 13 4.84 -1.45 -0.46
CA VAL B 13 4.52 -1.79 -1.83
C VAL B 13 3.20 -2.56 -1.90
N ARG B 14 3.03 -3.49 -0.98
CA ARG B 14 1.83 -4.31 -0.93
C ARG B 14 0.66 -3.52 -0.36
N LEU B 15 0.89 -2.81 0.74
CA LEU B 15 -0.16 -2.01 1.35
C LEU B 15 -0.74 -1.02 0.34
N VAL B 16 0.14 -0.31 -0.35
CA VAL B 16 -0.27 0.65 -1.36
C VAL B 16 -0.97 -0.05 -2.51
N GLY B 17 -0.35 -1.13 -3.01
CA GLY B 17 -0.93 -1.84 -4.12
C GLY B 17 -2.34 -2.33 -3.79
N VAL B 18 -2.58 -2.58 -2.51
CA VAL B 18 -3.89 -3.06 -2.07
C VAL B 18 -4.92 -1.92 -2.02
N ILE B 19 -4.57 -0.85 -1.29
CA ILE B 19 -5.48 0.28 -1.16
C ILE B 19 -5.78 0.95 -2.49
N ARG B 20 -4.75 1.14 -3.32
CA ARG B 20 -4.93 1.75 -4.64
C ARG B 20 -5.92 0.95 -5.45
N ASP B 21 -5.89 -0.36 -5.24
CA ASP B 21 -6.79 -1.26 -5.95
C ASP B 21 -8.25 -0.93 -5.61
N TRP B 22 -8.47 -0.57 -4.36
CA TRP B 22 -9.81 -0.20 -3.90
C TRP B 22 -10.01 1.31 -3.95
N ALA B 23 -8.93 2.04 -4.19
CA ALA B 23 -8.97 3.48 -4.26
C ALA B 23 -9.56 3.95 -5.58
N ASN B 24 -9.25 3.22 -6.65
CA ASN B 24 -9.73 3.56 -7.98
C ASN B 24 -9.94 2.30 -8.83
N LYS B 25 -8.84 1.61 -9.11
CA LYS B 25 -8.89 0.39 -9.91
C LYS B 25 -9.56 -0.75 -9.15
N ASN B 26 -10.85 -0.58 -8.87
CA ASN B 26 -11.61 -1.59 -8.14
C ASN B 26 -12.67 -2.22 -9.03
N PHE B 27 -13.66 -1.42 -9.42
CA PHE B 27 -14.73 -1.90 -10.29
C PHE B 27 -14.59 -1.34 -11.69
N ARG B 28 -13.35 -1.18 -12.14
CA ARG B 28 -13.08 -0.64 -13.47
C ARG B 28 -13.66 -1.55 -14.55
CA CA C . 12.75 13.11 1.63
CA CA D . 20.55 7.25 -3.70
CA CA E . -13.65 0.11 12.34
CA CA F . -20.40 -7.08 4.42
N ALA A 1 13.74 -5.10 -20.32
CA ALA A 1 13.14 -3.86 -19.76
C ALA A 1 12.87 -4.01 -18.27
N ASP A 2 12.23 -3.00 -17.69
CA ASP A 2 11.90 -3.02 -16.28
C ASP A 2 11.00 -1.85 -15.90
N GLN A 3 9.70 -2.09 -15.86
CA GLN A 3 8.74 -1.04 -15.52
C GLN A 3 7.32 -1.61 -15.49
N LEU A 4 6.35 -0.75 -15.18
CA LEU A 4 4.96 -1.16 -15.11
C LEU A 4 4.07 -0.21 -15.91
N THR A 5 2.83 -0.64 -16.18
CA THR A 5 1.89 0.17 -16.93
C THR A 5 1.45 1.38 -16.13
N GLU A 6 0.62 2.22 -16.74
CA GLU A 6 0.12 3.43 -16.08
C GLU A 6 -0.67 3.08 -14.82
N GLU A 7 -1.41 1.98 -14.87
CA GLU A 7 -2.22 1.55 -13.74
C GLU A 7 -1.35 0.98 -12.63
N GLN A 8 -0.56 -0.04 -12.96
CA GLN A 8 0.32 -0.66 -11.99
C GLN A 8 1.28 0.36 -11.38
N ILE A 9 1.81 1.23 -12.23
CA ILE A 9 2.73 2.26 -11.80
C ILE A 9 2.01 3.34 -11.00
N ALA A 10 0.72 3.50 -11.26
CA ALA A 10 -0.09 4.51 -10.58
C ALA A 10 0.06 4.41 -9.07
N GLU A 11 0.04 3.18 -8.55
CA GLU A 11 0.17 2.96 -7.12
C GLU A 11 1.59 3.27 -6.65
N PHE A 12 2.56 3.02 -7.51
CA PHE A 12 3.97 3.26 -7.18
C PHE A 12 4.24 4.75 -6.98
N LYS A 13 3.82 5.58 -7.92
CA LYS A 13 4.03 7.01 -7.82
C LYS A 13 3.39 7.55 -6.54
N GLU A 14 2.17 7.11 -6.29
CA GLU A 14 1.44 7.52 -5.10
C GLU A 14 2.13 7.02 -3.84
N ALA A 15 2.46 5.74 -3.85
CA ALA A 15 3.12 5.12 -2.72
C ALA A 15 4.37 5.89 -2.30
N PHE A 16 5.11 6.35 -3.30
CA PHE A 16 6.34 7.10 -3.03
C PHE A 16 6.06 8.32 -2.16
N SER A 17 4.93 8.96 -2.39
CA SER A 17 4.55 10.14 -1.61
C SER A 17 4.08 9.73 -0.22
N LEU A 18 3.82 8.44 -0.03
CA LEU A 18 3.38 7.94 1.27
C LEU A 18 4.58 7.59 2.13
N PHE A 19 5.60 7.02 1.51
CA PHE A 19 6.81 6.65 2.22
C PHE A 19 7.54 7.90 2.71
N ASP A 20 8.03 8.71 1.78
CA ASP A 20 8.74 9.93 2.15
C ASP A 20 7.79 10.92 2.84
N LYS A 21 8.23 11.47 3.95
CA LYS A 21 7.43 12.44 4.70
C LYS A 21 7.29 13.76 3.94
N ASP A 22 8.36 14.17 3.28
CA ASP A 22 8.36 15.41 2.52
C ASP A 22 8.02 15.15 1.06
N GLY A 23 8.02 13.88 0.67
CA GLY A 23 7.68 13.52 -0.69
C GLY A 23 8.57 14.19 -1.70
N ASP A 24 9.85 14.33 -1.37
CA ASP A 24 10.81 14.96 -2.27
C ASP A 24 11.18 14.03 -3.43
N GLY A 25 10.69 12.81 -3.39
CA GLY A 25 10.99 11.86 -4.45
C GLY A 25 12.01 10.81 -4.04
N THR A 26 12.49 10.88 -2.80
CA THR A 26 13.45 9.92 -2.30
C THR A 26 13.29 9.71 -0.80
N ILE A 27 13.27 8.45 -0.38
CA ILE A 27 13.12 8.11 1.03
C ILE A 27 14.44 7.64 1.63
N THR A 28 14.84 8.25 2.73
CA THR A 28 16.08 7.90 3.41
C THR A 28 15.80 7.05 4.64
N THR A 29 16.86 6.47 5.20
CA THR A 29 16.73 5.62 6.38
C THR A 29 16.02 6.34 7.52
N LYS A 30 16.25 7.65 7.62
CA LYS A 30 15.62 8.45 8.67
C LYS A 30 14.09 8.38 8.59
N GLU A 31 13.57 8.63 7.41
CA GLU A 31 12.12 8.60 7.18
C GLU A 31 11.62 7.17 7.10
N LEU A 32 12.42 6.32 6.49
CA LEU A 32 12.08 4.91 6.32
C LEU A 32 11.73 4.27 7.66
N GLY A 33 12.68 4.33 8.57
CA GLY A 33 12.49 3.77 9.90
C GLY A 33 11.31 4.38 10.64
N THR A 34 11.01 5.64 10.31
CA THR A 34 9.91 6.35 10.95
C THR A 34 8.56 5.81 10.49
N VAL A 35 8.31 5.89 9.19
CA VAL A 35 7.05 5.41 8.63
C VAL A 35 6.91 3.90 8.81
N MET A 36 8.03 3.20 8.81
CA MET A 36 8.02 1.75 8.97
C MET A 36 7.41 1.36 10.32
N ARG A 37 7.97 1.89 11.39
CA ARG A 37 7.48 1.61 12.73
C ARG A 37 6.08 2.19 12.94
N SER A 38 5.77 3.24 12.18
CA SER A 38 4.46 3.90 12.28
C SER A 38 3.34 2.90 12.01
N LEU A 39 3.55 2.01 11.06
CA LEU A 39 2.55 1.01 10.70
C LEU A 39 2.15 0.17 11.92
N GLY A 40 3.13 -0.10 12.79
CA GLY A 40 2.86 -0.88 13.98
C GLY A 40 3.92 -1.94 14.22
N GLN A 41 5.19 -1.55 14.05
CA GLN A 41 6.30 -2.47 14.25
C GLN A 41 7.49 -1.77 14.89
N ASN A 42 8.42 -2.55 15.43
CA ASN A 42 9.60 -2.00 16.08
C ASN A 42 10.88 -2.57 15.46
N PRO A 43 11.09 -2.33 14.15
CA PRO A 43 12.27 -2.83 13.43
C PRO A 43 13.54 -2.10 13.85
N THR A 44 14.62 -2.33 13.11
CA THR A 44 15.90 -1.69 13.40
C THR A 44 16.40 -0.90 12.20
N GLU A 45 17.41 -0.06 12.42
CA GLU A 45 17.98 0.74 11.36
C GLU A 45 18.72 -0.15 10.37
N ALA A 46 19.29 -1.24 10.89
CA ALA A 46 20.02 -2.19 10.10
C ALA A 46 19.22 -2.64 8.88
N GLU A 47 17.95 -2.95 9.10
CA GLU A 47 17.07 -3.39 8.01
C GLU A 47 16.86 -2.26 7.01
N LEU A 48 16.66 -1.04 7.54
CA LEU A 48 16.45 0.13 6.70
C LEU A 48 17.60 0.33 5.72
N GLN A 49 18.82 0.31 6.24
CA GLN A 49 20.02 0.48 5.42
C GLN A 49 20.20 -0.68 4.45
N ASP A 50 20.28 -1.89 4.98
CA ASP A 50 20.45 -3.08 4.15
C ASP A 50 19.37 -3.17 3.08
N MET A 51 18.12 -3.06 3.49
CA MET A 51 17.00 -3.13 2.57
C MET A 51 17.11 -2.05 1.49
N ILE A 52 17.41 -0.83 1.92
CA ILE A 52 17.56 0.30 1.02
C ILE A 52 18.69 0.06 0.02
N ASN A 53 19.81 -0.41 0.52
CA ASN A 53 20.98 -0.68 -0.32
C ASN A 53 20.60 -1.64 -1.43
N GLU A 54 19.58 -2.44 -1.15
CA GLU A 54 19.07 -3.43 -2.08
C GLU A 54 18.10 -2.80 -3.07
N VAL A 55 17.85 -1.51 -2.92
CA VAL A 55 16.90 -0.83 -3.78
C VAL A 55 17.51 0.40 -4.43
N ASP A 56 18.41 1.05 -3.72
CA ASP A 56 19.08 2.25 -4.23
C ASP A 56 20.09 1.90 -5.31
N ALA A 57 20.32 2.86 -6.20
CA ALA A 57 21.26 2.68 -7.28
C ALA A 57 22.68 2.93 -6.81
N ASP A 58 22.88 4.08 -6.20
CA ASP A 58 24.19 4.46 -5.68
C ASP A 58 24.41 3.93 -4.26
N GLY A 59 23.35 3.39 -3.67
CA GLY A 59 23.44 2.85 -2.32
C GLY A 59 23.90 3.88 -1.30
N ASN A 60 23.26 5.04 -1.30
CA ASN A 60 23.62 6.11 -0.37
C ASN A 60 22.70 6.11 0.85
N GLY A 61 21.75 5.18 0.88
CA GLY A 61 20.82 5.11 2.00
C GLY A 61 19.44 5.65 1.68
N THR A 62 19.17 5.84 0.39
CA THR A 62 17.87 6.34 -0.05
C THR A 62 17.54 5.79 -1.44
N ILE A 63 16.28 5.43 -1.65
CA ILE A 63 15.85 4.90 -2.93
C ILE A 63 15.28 5.99 -3.83
N ASP A 64 15.45 5.82 -5.13
CA ASP A 64 14.95 6.79 -6.11
C ASP A 64 13.68 6.27 -6.79
N PHE A 65 13.08 7.12 -7.62
CA PHE A 65 11.86 6.75 -8.33
C PHE A 65 12.07 5.51 -9.20
N PRO A 66 12.99 5.58 -10.18
CA PRO A 66 13.27 4.45 -11.07
C PRO A 66 13.85 3.27 -10.30
N GLU A 67 14.62 3.56 -9.27
CA GLU A 67 15.23 2.54 -8.43
C GLU A 67 14.17 1.81 -7.62
N PHE A 68 13.17 2.56 -7.18
CA PHE A 68 12.08 2.01 -6.40
C PHE A 68 11.13 1.22 -7.31
N LEU A 69 10.89 1.75 -8.50
CA LEU A 69 10.00 1.14 -9.47
C LEU A 69 10.67 -0.05 -10.17
N THR A 70 11.84 0.20 -10.76
CA THR A 70 12.58 -0.83 -11.48
C THR A 70 12.76 -2.08 -10.63
N MET A 71 13.10 -1.89 -9.35
CA MET A 71 13.31 -3.01 -8.45
C MET A 71 12.07 -3.91 -8.41
N MET A 72 10.93 -3.32 -8.10
CA MET A 72 9.67 -4.07 -8.04
C MET A 72 9.09 -4.33 -9.42
N ALA A 73 9.65 -3.68 -10.44
CA ALA A 73 9.18 -3.85 -11.81
C ALA A 73 9.85 -5.06 -12.46
N ARG A 74 11.13 -5.24 -12.16
CA ARG A 74 11.90 -6.35 -12.71
C ARG A 74 11.33 -7.68 -12.25
N LYS A 75 10.75 -7.69 -11.05
CA LYS A 75 10.16 -8.91 -10.49
C LYS A 75 8.91 -8.58 -9.68
N MET A 76 7.90 -9.44 -9.80
CA MET A 76 6.64 -9.24 -9.09
C MET A 76 5.98 -7.93 -9.49
N LYS A 77 5.34 -7.92 -10.65
CA LYS A 77 4.67 -6.71 -11.14
C LYS A 77 3.26 -6.61 -10.57
N ASP A 78 2.42 -7.59 -10.88
CA ASP A 78 1.05 -7.60 -10.40
C ASP A 78 0.72 -8.92 -9.72
N THR A 79 0.40 -8.85 -8.43
CA THR A 79 0.06 -10.05 -7.66
C THR A 79 -0.47 -9.68 -6.28
N ASP A 80 -1.16 -10.62 -5.64
CA ASP A 80 -1.72 -10.39 -4.32
C ASP A 80 -1.62 -11.65 -3.46
N SER A 81 -2.08 -11.55 -2.22
CA SER A 81 -2.04 -12.69 -1.29
C SER A 81 -3.02 -12.48 -0.14
N GLU A 82 -3.47 -13.59 0.44
CA GLU A 82 -4.41 -13.53 1.56
C GLU A 82 -3.89 -12.63 2.68
N GLU A 83 -2.57 -12.50 2.76
CA GLU A 83 -1.95 -11.68 3.79
C GLU A 83 -2.15 -10.19 3.49
N GLU A 84 -2.05 -9.82 2.22
CA GLU A 84 -2.22 -8.43 1.82
C GLU A 84 -3.61 -7.92 2.19
N ILE A 85 -4.59 -8.83 2.20
CA ILE A 85 -5.96 -8.48 2.54
C ILE A 85 -6.09 -8.25 4.04
N ARG A 86 -5.39 -9.07 4.83
CA ARG A 86 -5.41 -8.94 6.28
C ARG A 86 -4.65 -7.69 6.71
N GLU A 87 -3.43 -7.53 6.19
CA GLU A 87 -2.63 -6.36 6.52
C GLU A 87 -3.34 -5.10 6.05
N ALA A 88 -3.86 -5.15 4.83
CA ALA A 88 -4.60 -4.04 4.26
C ALA A 88 -5.72 -3.63 5.19
N PHE A 89 -6.47 -4.62 5.62
CA PHE A 89 -7.59 -4.40 6.53
C PHE A 89 -7.16 -3.56 7.72
N ARG A 90 -5.95 -3.84 8.22
CA ARG A 90 -5.42 -3.11 9.35
C ARG A 90 -4.94 -1.72 8.94
N VAL A 91 -4.48 -1.60 7.69
CA VAL A 91 -4.00 -0.32 7.19
C VAL A 91 -5.16 0.62 6.88
N PHE A 92 -6.26 0.06 6.36
CA PHE A 92 -7.43 0.86 6.03
C PHE A 92 -8.16 1.28 7.29
N ASP A 93 -8.66 0.30 8.04
CA ASP A 93 -9.38 0.57 9.27
C ASP A 93 -8.40 0.76 10.43
N LYS A 94 -8.44 1.95 11.04
CA LYS A 94 -7.55 2.26 12.16
C LYS A 94 -7.82 1.35 13.35
N ASP A 95 -9.09 1.28 13.77
CA ASP A 95 -9.46 0.45 14.90
C ASP A 95 -9.60 -1.02 14.50
N GLY A 96 -9.55 -1.29 13.20
CA GLY A 96 -9.66 -2.65 12.70
C GLY A 96 -10.78 -3.44 13.39
N ASN A 97 -12.02 -3.09 13.07
CA ASN A 97 -13.17 -3.77 13.65
C ASN A 97 -13.65 -4.92 12.77
N GLY A 98 -12.81 -5.31 11.81
CA GLY A 98 -13.17 -6.39 10.92
C GLY A 98 -14.33 -6.04 10.00
N TYR A 99 -14.61 -4.75 9.87
CA TYR A 99 -15.70 -4.28 9.02
C TYR A 99 -15.54 -2.80 8.69
N ILE A 100 -15.37 -2.50 7.41
CA ILE A 100 -15.21 -1.12 6.96
C ILE A 100 -16.39 -0.67 6.10
N SER A 101 -17.01 0.43 6.52
CA SER A 101 -18.14 0.99 5.80
C SER A 101 -17.69 2.22 5.03
N ALA A 102 -18.49 2.59 4.03
CA ALA A 102 -18.18 3.75 3.21
C ALA A 102 -17.82 4.97 4.06
N ALA A 103 -18.59 5.18 5.13
CA ALA A 103 -18.34 6.29 6.03
C ALA A 103 -16.92 6.23 6.59
N GLU A 104 -16.63 5.12 7.26
CA GLU A 104 -15.30 4.91 7.84
C GLU A 104 -14.24 5.05 6.76
N LEU A 105 -14.58 4.55 5.56
CA LEU A 105 -13.67 4.64 4.43
C LEU A 105 -13.36 6.10 4.12
N ARG A 106 -14.42 6.89 4.00
CA ARG A 106 -14.27 8.32 3.72
C ARG A 106 -13.40 8.95 4.79
N HIS A 107 -13.65 8.55 6.04
CA HIS A 107 -12.88 9.04 7.17
C HIS A 107 -11.40 8.71 6.99
N VAL A 108 -11.13 7.52 6.44
CA VAL A 108 -9.76 7.07 6.20
C VAL A 108 -9.11 7.91 5.10
N MET A 109 -9.77 8.00 3.96
CA MET A 109 -9.24 8.76 2.83
C MET A 109 -8.87 10.17 3.27
N THR A 110 -9.83 10.87 3.88
CA THR A 110 -9.58 12.23 4.35
C THR A 110 -8.57 12.22 5.49
N ASN A 111 -8.48 11.10 6.20
CA ASN A 111 -7.55 10.95 7.31
C ASN A 111 -6.11 10.95 6.80
N LEU A 112 -5.92 10.46 5.59
CA LEU A 112 -4.58 10.39 4.99
C LEU A 112 -4.34 11.59 4.08
N GLY A 113 -5.41 12.12 3.50
CA GLY A 113 -5.29 13.25 2.61
C GLY A 113 -6.08 13.08 1.32
N GLU A 114 -7.31 12.60 1.45
CA GLU A 114 -8.17 12.39 0.29
C GLU A 114 -9.64 12.50 0.67
N LYS A 115 -10.28 13.57 0.21
CA LYS A 115 -11.69 13.79 0.51
C LYS A 115 -12.58 13.08 -0.50
N LEU A 116 -13.28 12.04 -0.05
CA LEU A 116 -14.16 11.28 -0.91
C LEU A 116 -15.62 11.67 -0.68
N THR A 117 -16.50 11.27 -1.60
CA THR A 117 -17.92 11.59 -1.49
C THR A 117 -18.69 10.42 -0.91
N ASP A 118 -19.86 10.70 -0.36
CA ASP A 118 -20.71 9.67 0.23
C ASP A 118 -21.09 8.62 -0.80
N GLU A 119 -21.39 9.09 -2.02
CA GLU A 119 -21.76 8.19 -3.11
C GLU A 119 -20.56 7.38 -3.57
N GLU A 120 -19.40 8.01 -3.56
CA GLU A 120 -18.16 7.34 -3.98
C GLU A 120 -17.83 6.19 -3.03
N VAL A 121 -17.74 6.50 -1.74
CA VAL A 121 -17.43 5.48 -0.73
C VAL A 121 -18.52 4.42 -0.68
N ASP A 122 -19.77 4.85 -0.77
CA ASP A 122 -20.90 3.93 -0.75
C ASP A 122 -20.82 2.97 -1.93
N GLU A 123 -20.40 3.50 -3.07
CA GLU A 123 -20.25 2.70 -4.28
C GLU A 123 -19.03 1.81 -4.19
N MET A 124 -18.02 2.28 -3.45
CA MET A 124 -16.80 1.51 -3.26
C MET A 124 -17.04 0.31 -2.37
N ILE A 125 -17.91 0.47 -1.38
CA ILE A 125 -18.23 -0.61 -0.45
C ILE A 125 -19.23 -1.59 -1.06
N ARG A 126 -20.37 -1.08 -1.50
CA ARG A 126 -21.40 -1.91 -2.08
C ARG A 126 -20.82 -2.75 -3.21
N GLU A 127 -19.83 -2.19 -3.90
CA GLU A 127 -19.19 -2.89 -5.00
C GLU A 127 -18.17 -3.91 -4.48
N ALA A 128 -17.71 -3.71 -3.24
CA ALA A 128 -16.75 -4.62 -2.64
C ALA A 128 -17.39 -5.50 -1.57
N ASP A 129 -18.69 -5.28 -1.32
CA ASP A 129 -19.40 -6.05 -0.31
C ASP A 129 -20.13 -7.23 -0.94
N ILE A 130 -19.56 -8.41 -0.74
CA ILE A 130 -20.11 -9.66 -1.27
C ILE A 130 -21.27 -10.17 -0.45
N ASP A 131 -21.24 -9.91 0.85
CA ASP A 131 -22.28 -10.36 1.76
C ASP A 131 -23.40 -9.33 1.90
N GLY A 132 -23.17 -8.13 1.35
CA GLY A 132 -24.16 -7.07 1.39
C GLY A 132 -24.74 -6.80 2.76
N ASP A 133 -23.89 -6.49 3.73
CA ASP A 133 -24.37 -6.18 5.08
C ASP A 133 -24.08 -4.72 5.46
N GLY A 134 -23.40 -4.00 4.57
CA GLY A 134 -23.08 -2.59 4.84
C GLY A 134 -21.64 -2.39 5.25
N GLN A 135 -20.83 -3.44 5.17
CA GLN A 135 -19.42 -3.35 5.55
C GLN A 135 -18.59 -4.34 4.73
N VAL A 136 -17.30 -4.45 5.06
CA VAL A 136 -16.42 -5.35 4.34
C VAL A 136 -15.65 -6.25 5.31
N ASN A 137 -15.75 -7.57 5.10
CA ASN A 137 -15.07 -8.53 5.94
C ASN A 137 -13.86 -9.13 5.23
N TYR A 138 -13.33 -10.22 5.76
CA TYR A 138 -12.16 -10.89 5.19
C TYR A 138 -12.39 -11.36 3.76
N GLU A 139 -13.18 -12.42 3.60
CA GLU A 139 -13.45 -12.96 2.26
C GLU A 139 -13.90 -11.85 1.33
N GLU A 140 -14.78 -11.00 1.83
CA GLU A 140 -15.28 -9.88 1.05
C GLU A 140 -14.13 -8.99 0.58
N PHE A 141 -13.10 -8.84 1.42
CA PHE A 141 -11.97 -7.99 1.08
C PHE A 141 -11.00 -8.70 0.14
N VAL A 142 -10.65 -9.93 0.49
CA VAL A 142 -9.73 -10.71 -0.31
C VAL A 142 -10.25 -10.84 -1.75
N GLN A 143 -11.56 -11.02 -1.88
CA GLN A 143 -12.20 -11.16 -3.18
C GLN A 143 -12.20 -9.83 -3.95
N MET A 144 -12.35 -8.72 -3.23
CA MET A 144 -12.37 -7.40 -3.86
C MET A 144 -10.95 -6.86 -4.02
N MET A 145 -9.95 -7.72 -3.84
CA MET A 145 -8.56 -7.32 -3.97
C MET A 145 -7.86 -8.14 -5.05
N THR A 146 -8.19 -9.43 -5.13
CA THR A 146 -7.58 -10.31 -6.11
C THR A 146 -8.54 -11.42 -6.54
N ALA A 147 -9.15 -12.08 -5.56
CA ALA A 147 -10.08 -13.16 -5.84
C ALA A 147 -11.40 -12.64 -6.40
N LYS A 148 -11.38 -12.24 -7.67
CA LYS A 148 -12.57 -11.71 -8.32
C LYS A 148 -13.05 -10.43 -7.64
N THR B 1 5.96 -11.72 4.92
CA THR B 1 7.17 -10.90 4.64
C THR B 1 8.02 -11.53 3.54
N PRO B 2 8.75 -10.70 2.78
CA PRO B 2 9.60 -11.18 1.68
C PRO B 2 10.55 -12.29 2.14
N ARG B 3 11.00 -13.10 1.18
CA ARG B 3 11.91 -14.20 1.48
C ARG B 3 13.32 -13.67 1.75
N ARG B 4 13.74 -12.70 0.94
CA ARG B 4 15.07 -12.12 1.09
C ARG B 4 15.25 -10.93 0.15
N GLY B 5 14.77 -9.77 0.59
CA GLY B 5 14.88 -8.57 -0.23
C GLY B 5 14.67 -7.30 0.58
N ARG B 6 13.42 -6.85 0.64
CA ARG B 6 13.08 -5.63 1.38
C ARG B 6 11.74 -5.79 2.08
N GLY B 7 11.78 -5.97 3.40
CA GLY B 7 10.56 -6.12 4.17
C GLY B 7 9.71 -4.86 4.18
N GLY B 8 10.14 -3.86 4.94
CA GLY B 8 9.40 -2.62 5.02
C GLY B 8 9.03 -2.07 3.67
N PHE B 9 10.02 -1.97 2.79
CA PHE B 9 9.80 -1.46 1.44
C PHE B 9 8.66 -2.21 0.78
N GLN B 10 8.85 -3.50 0.53
CA GLN B 10 7.81 -4.31 -0.08
C GLN B 10 6.52 -4.20 0.74
N ARG B 11 6.68 -4.01 2.05
CA ARG B 11 5.53 -3.88 2.93
C ARG B 11 4.59 -2.78 2.44
N ILE B 12 5.15 -1.59 2.23
CA ILE B 12 4.36 -0.48 1.75
C ILE B 12 3.90 -0.76 0.32
N VAL B 13 4.78 -1.39 -0.46
CA VAL B 13 4.47 -1.74 -1.84
C VAL B 13 3.13 -2.47 -1.93
N ARG B 14 2.96 -3.43 -1.03
CA ARG B 14 1.74 -4.23 -1.00
C ARG B 14 0.58 -3.44 -0.40
N LEU B 15 0.83 -2.76 0.71
CA LEU B 15 -0.22 -1.97 1.36
C LEU B 15 -0.81 -0.96 0.37
N VAL B 16 0.09 -0.27 -0.34
CA VAL B 16 -0.33 0.72 -1.32
C VAL B 16 -1.04 0.04 -2.49
N GLY B 17 -0.43 -1.01 -3.03
CA GLY B 17 -1.02 -1.70 -4.13
C GLY B 17 -2.42 -2.20 -3.80
N VAL B 18 -2.65 -2.47 -2.52
CA VAL B 18 -3.95 -2.95 -2.05
C VAL B 18 -4.97 -1.82 -1.98
N ILE B 19 -4.63 -0.74 -1.26
CA ILE B 19 -5.53 0.38 -1.11
C ILE B 19 -5.83 1.05 -2.45
N ARG B 20 -4.81 1.27 -3.27
CA ARG B 20 -4.97 1.89 -4.58
C ARG B 20 -5.96 1.09 -5.41
N ASP B 21 -5.89 -0.22 -5.23
CA ASP B 21 -6.77 -1.13 -5.95
C ASP B 21 -8.23 -0.82 -5.63
N TRP B 22 -8.48 -0.46 -4.38
CA TRP B 22 -9.82 -0.13 -3.93
C TRP B 22 -10.05 1.39 -3.98
N ALA B 23 -8.97 2.13 -4.18
CA ALA B 23 -9.02 3.58 -4.24
C ALA B 23 -9.58 4.06 -5.57
N ASN B 24 -9.26 3.33 -6.64
CA ASN B 24 -9.72 3.67 -7.97
C ASN B 24 -9.91 2.43 -8.83
N LYS B 25 -8.82 1.73 -9.11
CA LYS B 25 -8.86 0.53 -9.93
C LYS B 25 -9.53 -0.61 -9.17
N ASN B 26 -10.82 -0.46 -8.90
CA ASN B 26 -11.58 -1.48 -8.19
C ASN B 26 -12.63 -2.11 -9.11
N PHE B 27 -13.71 -1.37 -9.36
CA PHE B 27 -14.78 -1.85 -10.22
C PHE B 27 -14.76 -1.15 -11.57
N ARG B 28 -13.57 -0.77 -12.01
CA ARG B 28 -13.41 -0.08 -13.30
C ARG B 28 -13.91 -0.95 -14.44
CA CA C . 12.87 13.09 1.77
CA CA D . 20.57 7.18 -3.93
CA CA E . -13.68 0.62 12.23
CA CA F . -20.57 -7.08 4.24
N ALA A 1 11.17 -7.27 -18.90
CA ALA A 1 11.21 -5.78 -18.80
C ALA A 1 11.68 -5.33 -17.43
N ASP A 2 11.58 -4.03 -17.16
CA ASP A 2 12.00 -3.48 -15.88
C ASP A 2 11.12 -2.31 -15.48
N GLN A 3 9.84 -2.41 -15.79
CA GLN A 3 8.87 -1.36 -15.46
C GLN A 3 7.45 -1.92 -15.42
N LEU A 4 6.49 -1.04 -15.12
CA LEU A 4 5.10 -1.45 -15.05
C LEU A 4 4.22 -0.52 -15.88
N THR A 5 2.99 -0.95 -16.14
CA THR A 5 2.05 -0.16 -16.92
C THR A 5 1.59 1.07 -16.15
N GLU A 6 0.77 1.90 -16.79
CA GLU A 6 0.25 3.11 -16.17
C GLU A 6 -0.55 2.79 -14.91
N GLU A 7 -1.29 1.69 -14.95
CA GLU A 7 -2.10 1.28 -13.81
C GLU A 7 -1.25 0.73 -12.68
N GLN A 8 -0.45 -0.30 -12.99
CA GLN A 8 0.43 -0.90 -11.99
C GLN A 8 1.38 0.13 -11.41
N ILE A 9 1.90 0.99 -12.26
CA ILE A 9 2.82 2.04 -11.85
C ILE A 9 2.09 3.14 -11.07
N ALA A 10 0.79 3.29 -11.34
CA ALA A 10 -0.03 4.31 -10.69
C ALA A 10 0.12 4.26 -9.17
N GLU A 11 0.07 3.05 -8.61
CA GLU A 11 0.20 2.90 -7.17
C GLU A 11 1.62 3.21 -6.69
N PHE A 12 2.60 2.93 -7.55
CA PHE A 12 4.00 3.18 -7.21
C PHE A 12 4.27 4.67 -7.04
N LYS A 13 3.85 5.48 -8.01
CA LYS A 13 4.06 6.92 -7.93
C LYS A 13 3.42 7.49 -6.67
N GLU A 14 2.20 7.06 -6.41
CA GLU A 14 1.46 7.49 -5.25
C GLU A 14 2.13 7.03 -3.97
N ALA A 15 2.47 5.75 -3.93
CA ALA A 15 3.13 5.14 -2.80
C ALA A 15 4.37 5.91 -2.39
N PHE A 16 5.13 6.36 -3.38
CA PHE A 16 6.35 7.11 -3.14
C PHE A 16 6.07 8.34 -2.28
N SER A 17 4.94 8.99 -2.53
CA SER A 17 4.56 10.17 -1.78
C SER A 17 4.08 9.80 -0.37
N LEU A 18 3.82 8.51 -0.16
CA LEU A 18 3.37 8.03 1.14
C LEU A 18 4.57 7.70 2.02
N PHE A 19 5.58 7.10 1.41
CA PHE A 19 6.80 6.74 2.13
C PHE A 19 7.51 8.00 2.63
N ASP A 20 8.01 8.80 1.69
CA ASP A 20 8.71 10.03 2.04
C ASP A 20 7.75 11.01 2.71
N LYS A 21 8.19 11.60 3.82
CA LYS A 21 7.37 12.57 4.55
C LYS A 21 7.25 13.88 3.78
N ASP A 22 8.33 14.28 3.12
CA ASP A 22 8.33 15.51 2.35
C ASP A 22 7.99 15.23 0.89
N GLY A 23 8.00 13.96 0.52
CA GLY A 23 7.68 13.58 -0.84
C GLY A 23 8.57 14.24 -1.87
N ASP A 24 9.85 14.39 -1.52
CA ASP A 24 10.82 15.01 -2.42
C ASP A 24 11.20 14.06 -3.56
N GLY A 25 10.70 12.84 -3.52
CA GLY A 25 11.01 11.88 -4.57
C GLY A 25 12.02 10.84 -4.14
N THR A 26 12.49 10.92 -2.90
CA THR A 26 13.45 9.97 -2.38
C THR A 26 13.28 9.77 -0.89
N ILE A 27 13.26 8.51 -0.45
CA ILE A 27 13.10 8.19 0.96
C ILE A 27 14.41 7.73 1.57
N THR A 28 14.79 8.37 2.68
CA THR A 28 16.04 8.03 3.37
C THR A 28 15.75 7.19 4.60
N THR A 29 16.80 6.62 5.18
CA THR A 29 16.67 5.78 6.37
C THR A 29 15.93 6.50 7.49
N LYS A 30 16.18 7.80 7.62
CA LYS A 30 15.53 8.60 8.66
C LYS A 30 14.01 8.53 8.56
N GLU A 31 13.49 8.77 7.36
CA GLU A 31 12.05 8.74 7.12
C GLU A 31 11.56 7.30 7.04
N LEU A 32 12.38 6.45 6.44
CA LEU A 32 12.04 5.04 6.28
C LEU A 32 11.68 4.41 7.61
N GLY A 33 12.61 4.47 8.54
CA GLY A 33 12.42 3.91 9.87
C GLY A 33 11.24 4.53 10.59
N THR A 34 10.93 5.78 10.27
CA THR A 34 9.82 6.49 10.90
C THR A 34 8.48 5.94 10.44
N VAL A 35 8.22 6.00 9.14
CA VAL A 35 6.97 5.51 8.58
C VAL A 35 6.83 4.01 8.78
N MET A 36 7.96 3.31 8.80
CA MET A 36 7.96 1.87 8.98
C MET A 36 7.34 1.50 10.33
N ARG A 37 7.90 2.05 11.40
CA ARG A 37 7.41 1.78 12.74
C ARG A 37 6.02 2.37 12.94
N SER A 38 5.69 3.40 12.17
CA SER A 38 4.39 4.05 12.26
C SER A 38 3.26 3.05 12.02
N LEU A 39 3.48 2.13 11.09
CA LEU A 39 2.47 1.12 10.77
C LEU A 39 2.08 0.33 12.01
N GLY A 40 3.03 0.17 12.93
CA GLY A 40 2.76 -0.56 14.15
C GLY A 40 3.81 -1.62 14.44
N GLN A 41 5.08 -1.26 14.24
CA GLN A 41 6.19 -2.17 14.47
C GLN A 41 7.38 -1.44 15.07
N ASN A 42 8.33 -2.21 15.58
CA ASN A 42 9.53 -1.64 16.18
C ASN A 42 10.80 -2.12 15.45
N PRO A 43 10.91 -1.83 14.15
CA PRO A 43 12.06 -2.24 13.35
C PRO A 43 13.32 -1.47 13.70
N THR A 44 14.47 -1.97 13.25
CA THR A 44 15.74 -1.33 13.52
C THR A 44 16.24 -0.57 12.29
N GLU A 45 17.22 0.30 12.50
CA GLU A 45 17.79 1.08 11.40
C GLU A 45 18.57 0.17 10.46
N ALA A 46 19.11 -0.91 11.02
CA ALA A 46 19.88 -1.87 10.27
C ALA A 46 19.14 -2.34 9.02
N GLU A 47 17.89 -2.75 9.20
CA GLU A 47 17.08 -3.21 8.08
C GLU A 47 16.85 -2.09 7.09
N LEU A 48 16.66 -0.88 7.60
CA LEU A 48 16.43 0.29 6.75
C LEU A 48 17.58 0.48 5.77
N GLN A 49 18.79 0.48 6.30
CA GLN A 49 20.00 0.67 5.48
C GLN A 49 20.20 -0.50 4.53
N ASP A 50 20.28 -1.71 5.08
CA ASP A 50 20.48 -2.91 4.27
C ASP A 50 19.41 -3.04 3.19
N MET A 51 18.15 -2.92 3.60
CA MET A 51 17.05 -3.02 2.65
C MET A 51 17.16 -1.95 1.57
N ILE A 52 17.43 -0.72 1.99
CA ILE A 52 17.58 0.40 1.07
C ILE A 52 18.72 0.16 0.09
N ASN A 53 19.84 -0.30 0.60
CA ASN A 53 21.01 -0.57 -0.23
C ASN A 53 20.64 -1.55 -1.34
N GLU A 54 19.64 -2.36 -1.05
CA GLU A 54 19.13 -3.36 -1.97
C GLU A 54 18.16 -2.74 -2.98
N VAL A 55 17.91 -1.44 -2.84
CA VAL A 55 16.96 -0.78 -3.72
C VAL A 55 17.57 0.45 -4.38
N ASP A 56 18.46 1.12 -3.66
CA ASP A 56 19.12 2.31 -4.18
C ASP A 56 20.15 1.96 -5.25
N ALA A 57 20.37 2.90 -6.15
CA ALA A 57 21.31 2.73 -7.23
C ALA A 57 22.73 2.98 -6.75
N ASP A 58 22.92 4.15 -6.15
CA ASP A 58 24.22 4.54 -5.63
C ASP A 58 24.43 4.03 -4.20
N GLY A 59 23.37 3.48 -3.61
CA GLY A 59 23.48 2.95 -2.26
C GLY A 59 23.91 4.00 -1.25
N ASN A 60 23.27 5.16 -1.27
CA ASN A 60 23.62 6.23 -0.35
C ASN A 60 22.69 6.24 0.88
N GLY A 61 21.73 5.31 0.91
CA GLY A 61 20.81 5.24 2.02
C GLY A 61 19.43 5.77 1.68
N THR A 62 19.16 5.94 0.39
CA THR A 62 17.87 6.43 -0.07
C THR A 62 17.54 5.87 -1.45
N ILE A 63 16.28 5.50 -1.66
CA ILE A 63 15.86 4.95 -2.95
C ILE A 63 15.29 6.03 -3.86
N ASP A 64 15.47 5.84 -5.16
CA ASP A 64 14.97 6.79 -6.15
C ASP A 64 13.70 6.26 -6.82
N PHE A 65 13.10 7.09 -7.67
CA PHE A 65 11.88 6.72 -8.38
C PHE A 65 12.10 5.46 -9.22
N PRO A 66 13.02 5.52 -10.20
CA PRO A 66 13.32 4.38 -11.08
C PRO A 66 13.90 3.21 -10.29
N GLU A 67 14.67 3.53 -9.26
CA GLU A 67 15.30 2.52 -8.41
C GLU A 67 14.24 1.79 -7.59
N PHE A 68 13.23 2.54 -7.17
CA PHE A 68 12.13 1.98 -6.39
C PHE A 68 11.20 1.17 -7.28
N LEU A 69 10.96 1.69 -8.49
CA LEU A 69 10.08 1.04 -9.45
C LEU A 69 10.77 -0.15 -10.12
N THR A 70 11.93 0.11 -10.72
CA THR A 70 12.69 -0.92 -11.42
C THR A 70 12.89 -2.16 -10.54
N MET A 71 13.23 -1.95 -9.28
CA MET A 71 13.44 -3.05 -8.35
C MET A 71 12.23 -3.97 -8.29
N MET A 72 11.07 -3.39 -7.99
CA MET A 72 9.83 -4.15 -7.90
C MET A 72 9.28 -4.48 -9.28
N ALA A 73 9.76 -3.77 -10.31
CA ALA A 73 9.30 -4.00 -11.68
C ALA A 73 10.03 -5.18 -12.30
N ARG A 74 11.27 -5.38 -11.90
CA ARG A 74 12.09 -6.47 -12.41
C ARG A 74 11.39 -7.81 -12.21
N LYS A 75 10.61 -7.92 -11.14
CA LYS A 75 9.88 -9.15 -10.84
C LYS A 75 8.56 -8.85 -10.14
N MET A 76 7.56 -9.66 -10.41
CA MET A 76 6.24 -9.49 -9.80
C MET A 76 5.64 -8.15 -10.18
N LYS A 77 4.97 -8.11 -11.33
CA LYS A 77 4.35 -6.89 -11.82
C LYS A 77 3.01 -6.65 -11.13
N ASP A 78 2.06 -7.56 -11.36
CA ASP A 78 0.74 -7.45 -10.76
C ASP A 78 0.34 -8.77 -10.09
N THR A 79 0.00 -8.69 -8.80
CA THR A 79 -0.39 -9.86 -8.04
C THR A 79 -0.81 -9.49 -6.62
N ASP A 80 -1.34 -10.46 -5.89
CA ASP A 80 -1.78 -10.21 -4.51
C ASP A 80 -1.72 -11.51 -3.70
N SER A 81 -2.13 -11.42 -2.43
CA SER A 81 -2.12 -12.57 -1.55
C SER A 81 -3.06 -12.36 -0.37
N GLU A 82 -3.50 -13.46 0.24
CA GLU A 82 -4.41 -13.40 1.38
C GLU A 82 -3.84 -12.51 2.49
N GLU A 83 -2.52 -12.39 2.53
CA GLU A 83 -1.86 -11.57 3.54
C GLU A 83 -2.10 -10.08 3.27
N GLU A 84 -2.01 -9.69 2.01
CA GLU A 84 -2.21 -8.30 1.62
C GLU A 84 -3.61 -7.83 2.02
N ILE A 85 -4.57 -8.74 2.00
CA ILE A 85 -5.95 -8.42 2.36
C ILE A 85 -6.07 -8.25 3.88
N ARG A 86 -5.37 -9.10 4.63
CA ARG A 86 -5.38 -9.02 6.08
C ARG A 86 -4.63 -7.78 6.56
N GLU A 87 -3.42 -7.59 6.04
CA GLU A 87 -2.62 -6.43 6.40
C GLU A 87 -3.35 -5.16 5.99
N ALA A 88 -3.86 -5.16 4.77
CA ALA A 88 -4.63 -4.04 4.25
C ALA A 88 -5.74 -3.68 5.21
N PHE A 89 -6.48 -4.70 5.60
CA PHE A 89 -7.61 -4.52 6.52
C PHE A 89 -7.18 -3.73 7.75
N ARG A 90 -5.97 -4.01 8.21
CA ARG A 90 -5.43 -3.32 9.37
C ARG A 90 -4.97 -1.92 9.02
N VAL A 91 -4.52 -1.73 7.77
CA VAL A 91 -4.05 -0.43 7.32
C VAL A 91 -5.23 0.51 7.05
N PHE A 92 -6.31 -0.04 6.51
CA PHE A 92 -7.50 0.76 6.22
C PHE A 92 -8.23 1.12 7.50
N ASP A 93 -8.72 0.10 8.20
CA ASP A 93 -9.44 0.32 9.46
C ASP A 93 -8.46 0.44 10.62
N LYS A 94 -8.64 1.50 11.42
CA LYS A 94 -7.78 1.75 12.57
C LYS A 94 -8.08 0.78 13.72
N ASP A 95 -9.35 0.71 14.10
CA ASP A 95 -9.77 -0.16 15.19
C ASP A 95 -9.90 -1.61 14.72
N GLY A 96 -9.81 -1.83 13.41
CA GLY A 96 -9.92 -3.17 12.86
C GLY A 96 -11.05 -3.97 13.47
N ASN A 97 -12.28 -3.60 13.14
CA ASN A 97 -13.46 -4.29 13.66
C ASN A 97 -13.93 -5.39 12.70
N GLY A 98 -13.08 -5.75 11.75
CA GLY A 98 -13.43 -6.77 10.79
C GLY A 98 -14.55 -6.34 9.87
N TYR A 99 -14.79 -5.04 9.78
CA TYR A 99 -15.85 -4.51 8.92
C TYR A 99 -15.65 -3.02 8.68
N ILE A 100 -15.44 -2.65 7.42
CA ILE A 100 -15.25 -1.24 7.05
C ILE A 100 -16.42 -0.71 6.24
N SER A 101 -16.98 0.40 6.70
CA SER A 101 -18.09 1.04 6.02
C SER A 101 -17.60 2.27 5.27
N ALA A 102 -18.35 2.66 4.25
CA ALA A 102 -18.01 3.83 3.45
C ALA A 102 -17.65 5.02 4.33
N ALA A 103 -18.41 5.22 5.40
CA ALA A 103 -18.16 6.31 6.32
C ALA A 103 -16.76 6.22 6.89
N GLU A 104 -16.47 5.11 7.55
CA GLU A 104 -15.15 4.88 8.14
C GLU A 104 -14.08 5.01 7.05
N LEU A 105 -14.42 4.51 5.86
CA LEU A 105 -13.50 4.59 4.73
C LEU A 105 -13.18 6.04 4.43
N ARG A 106 -14.22 6.85 4.30
CA ARG A 106 -14.07 8.27 4.02
C ARG A 106 -13.18 8.89 5.10
N HIS A 107 -13.45 8.50 6.35
CA HIS A 107 -12.67 9.00 7.48
C HIS A 107 -11.19 8.64 7.30
N VAL A 108 -10.95 7.45 6.75
CA VAL A 108 -9.58 6.99 6.53
C VAL A 108 -8.92 7.80 5.41
N MET A 109 -9.58 7.87 4.26
CA MET A 109 -9.05 8.62 3.13
C MET A 109 -8.64 10.03 3.55
N THR A 110 -9.57 10.75 4.16
CA THR A 110 -9.30 12.10 4.62
C THR A 110 -8.28 12.08 5.77
N ASN A 111 -8.22 10.96 6.48
CA ASN A 111 -7.29 10.81 7.59
C ASN A 111 -5.85 10.76 7.09
N LEU A 112 -5.67 10.25 5.87
CA LEU A 112 -4.34 10.15 5.28
C LEU A 112 -4.06 11.33 4.37
N GLY A 113 -5.11 11.89 3.78
CA GLY A 113 -4.95 13.02 2.89
C GLY A 113 -5.75 12.87 1.61
N GLU A 114 -7.00 12.41 1.73
CA GLU A 114 -7.86 12.23 0.58
C GLU A 114 -9.32 12.45 0.95
N LYS A 115 -9.94 13.46 0.35
CA LYS A 115 -11.33 13.77 0.62
C LYS A 115 -12.26 13.06 -0.35
N LEU A 116 -12.90 11.98 0.13
CA LEU A 116 -13.81 11.21 -0.70
C LEU A 116 -15.24 11.66 -0.48
N THR A 117 -16.13 11.28 -1.40
CA THR A 117 -17.54 11.64 -1.30
C THR A 117 -18.35 10.49 -0.70
N ASP A 118 -19.52 10.83 -0.16
CA ASP A 118 -20.40 9.83 0.42
C ASP A 118 -20.80 8.78 -0.61
N GLU A 119 -21.12 9.24 -1.81
CA GLU A 119 -21.52 8.35 -2.89
C GLU A 119 -20.33 7.52 -3.37
N GLU A 120 -19.14 8.12 -3.33
CA GLU A 120 -17.93 7.44 -3.75
C GLU A 120 -17.61 6.27 -2.82
N VAL A 121 -17.52 6.57 -1.52
CA VAL A 121 -17.21 5.54 -0.53
C VAL A 121 -18.34 4.51 -0.46
N ASP A 122 -19.58 4.98 -0.54
CA ASP A 122 -20.73 4.08 -0.50
C ASP A 122 -20.71 3.13 -1.67
N GLU A 123 -20.35 3.65 -2.85
CA GLU A 123 -20.27 2.84 -4.06
C GLU A 123 -19.05 1.93 -4.01
N MET A 124 -18.01 2.38 -3.32
CA MET A 124 -16.78 1.61 -3.19
C MET A 124 -17.00 0.41 -2.26
N ILE A 125 -17.84 0.60 -1.25
CA ILE A 125 -18.13 -0.47 -0.30
C ILE A 125 -19.15 -1.46 -0.87
N ARG A 126 -20.30 -0.94 -1.28
CA ARG A 126 -21.36 -1.79 -1.81
C ARG A 126 -20.83 -2.63 -2.96
N GLU A 127 -19.86 -2.08 -3.69
CA GLU A 127 -19.26 -2.78 -4.80
C GLU A 127 -18.27 -3.83 -4.32
N ALA A 128 -17.77 -3.67 -3.09
CA ALA A 128 -16.82 -4.62 -2.53
C ALA A 128 -17.49 -5.54 -1.51
N ASP A 129 -18.69 -5.17 -1.06
CA ASP A 129 -19.41 -5.99 -0.09
C ASP A 129 -20.16 -7.11 -0.78
N ILE A 130 -19.49 -8.24 -0.92
CA ILE A 130 -20.06 -9.41 -1.56
C ILE A 130 -21.24 -9.95 -0.76
N ASP A 131 -21.20 -9.76 0.55
CA ASP A 131 -22.25 -10.22 1.43
C ASP A 131 -23.39 -9.20 1.53
N GLY A 132 -23.15 -8.02 0.97
CA GLY A 132 -24.15 -6.96 0.95
C GLY A 132 -24.79 -6.66 2.31
N ASP A 133 -23.96 -6.38 3.31
CA ASP A 133 -24.47 -6.05 4.64
C ASP A 133 -24.16 -4.60 5.01
N GLY A 134 -23.40 -3.91 4.16
CA GLY A 134 -23.04 -2.53 4.43
C GLY A 134 -21.61 -2.36 4.93
N GLN A 135 -20.84 -3.44 4.93
CA GLN A 135 -19.45 -3.41 5.38
C GLN A 135 -18.59 -4.35 4.55
N VAL A 136 -17.32 -4.49 4.93
CA VAL A 136 -16.41 -5.37 4.20
C VAL A 136 -15.70 -6.33 5.15
N ASN A 137 -15.83 -7.62 4.88
CA ASN A 137 -15.21 -8.65 5.70
C ASN A 137 -13.95 -9.21 5.01
N TYR A 138 -13.47 -10.35 5.50
CA TYR A 138 -12.27 -10.98 4.94
C TYR A 138 -12.45 -11.39 3.48
N GLU A 139 -13.20 -12.46 3.25
CA GLU A 139 -13.41 -12.93 1.90
C GLU A 139 -13.84 -11.80 0.99
N GLU A 140 -14.75 -10.98 1.49
CA GLU A 140 -15.23 -9.84 0.74
C GLU A 140 -14.08 -8.92 0.32
N PHE A 141 -13.07 -8.80 1.19
CA PHE A 141 -11.92 -7.95 0.91
C PHE A 141 -10.95 -8.63 -0.03
N VAL A 142 -10.61 -9.88 0.27
CA VAL A 142 -9.68 -10.63 -0.53
C VAL A 142 -10.21 -10.77 -1.97
N GLN A 143 -11.52 -10.98 -2.09
CA GLN A 143 -12.16 -11.12 -3.39
C GLN A 143 -12.23 -9.77 -4.12
N MET A 144 -12.41 -8.69 -3.36
CA MET A 144 -12.49 -7.35 -3.96
C MET A 144 -11.11 -6.77 -4.20
N MET A 145 -10.07 -7.59 -4.03
CA MET A 145 -8.70 -7.14 -4.23
C MET A 145 -8.02 -7.94 -5.34
N THR A 146 -8.29 -9.23 -5.39
CA THR A 146 -7.69 -10.08 -6.41
C THR A 146 -8.62 -11.24 -6.81
N ALA A 147 -9.15 -11.93 -5.81
CA ALA A 147 -10.06 -13.05 -6.07
C ALA A 147 -11.41 -12.57 -6.59
N LYS A 148 -11.43 -12.16 -7.85
CA LYS A 148 -12.66 -11.68 -8.48
C LYS A 148 -13.20 -10.45 -7.75
N THR B 1 5.66 -10.67 3.69
CA THR B 1 6.94 -11.15 4.27
C THR B 1 7.86 -11.69 3.18
N PRO B 2 8.64 -10.80 2.53
CA PRO B 2 9.57 -11.20 1.46
C PRO B 2 10.50 -12.32 1.89
N ARG B 3 11.41 -12.70 1.00
CA ARG B 3 12.36 -13.76 1.29
C ARG B 3 13.70 -13.20 1.78
N ARG B 4 14.35 -12.44 0.92
CA ARG B 4 15.63 -11.83 1.26
C ARG B 4 15.81 -10.49 0.57
N GLY B 5 14.70 -9.79 0.35
CA GLY B 5 14.75 -8.50 -0.31
C GLY B 5 14.55 -7.35 0.66
N ARG B 6 13.40 -6.70 0.58
CA ARG B 6 13.08 -5.58 1.46
C ARG B 6 11.73 -5.77 2.13
N GLY B 7 11.75 -5.86 3.46
CA GLY B 7 10.53 -6.04 4.21
C GLY B 7 9.67 -4.80 4.23
N GLY B 8 10.10 -3.78 4.98
CA GLY B 8 9.35 -2.55 5.07
C GLY B 8 9.01 -1.98 3.71
N PHE B 9 10.01 -1.88 2.83
CA PHE B 9 9.81 -1.38 1.49
C PHE B 9 8.66 -2.11 0.81
N GLN B 10 8.83 -3.40 0.60
CA GLN B 10 7.78 -4.21 -0.01
C GLN B 10 6.49 -4.09 0.80
N ARG B 11 6.64 -3.91 2.12
CA ARG B 11 5.50 -3.77 3.00
C ARG B 11 4.57 -2.67 2.50
N ILE B 12 5.13 -1.48 2.27
CA ILE B 12 4.34 -0.38 1.77
C ILE B 12 3.89 -0.68 0.35
N VAL B 13 4.77 -1.31 -0.43
CA VAL B 13 4.47 -1.67 -1.81
C VAL B 13 3.15 -2.43 -1.89
N ARG B 14 2.97 -3.37 -0.96
CA ARG B 14 1.77 -4.18 -0.92
C ARG B 14 0.58 -3.40 -0.36
N LEU B 15 0.81 -2.71 0.75
CA LEU B 15 -0.26 -1.91 1.37
C LEU B 15 -0.82 -0.91 0.37
N VAL B 16 0.07 -0.22 -0.33
CA VAL B 16 -0.34 0.75 -1.33
C VAL B 16 -1.04 0.06 -2.50
N GLY B 17 -0.41 -1.00 -3.00
CA GLY B 17 -1.00 -1.72 -4.11
C GLY B 17 -2.40 -2.20 -3.79
N VAL B 18 -2.65 -2.45 -2.50
CA VAL B 18 -3.95 -2.92 -2.04
C VAL B 18 -4.97 -1.79 -2.00
N ILE B 19 -4.65 -0.72 -1.29
CA ILE B 19 -5.56 0.41 -1.15
C ILE B 19 -5.85 1.07 -2.51
N ARG B 20 -4.81 1.27 -3.31
CA ARG B 20 -4.97 1.89 -4.63
C ARG B 20 -5.94 1.07 -5.46
N ASP B 21 -5.90 -0.24 -5.27
CA ASP B 21 -6.77 -1.16 -5.98
C ASP B 21 -8.22 -0.85 -5.65
N TRP B 22 -8.47 -0.49 -4.40
CA TRP B 22 -9.81 -0.16 -3.94
C TRP B 22 -10.05 1.35 -4.00
N ALA B 23 -8.97 2.11 -4.24
CA ALA B 23 -9.05 3.54 -4.32
C ALA B 23 -9.64 4.00 -5.65
N ASN B 24 -9.30 3.27 -6.71
CA ASN B 24 -9.78 3.60 -8.04
C ASN B 24 -9.96 2.33 -8.89
N LYS B 25 -8.85 1.65 -9.17
CA LYS B 25 -8.88 0.43 -9.96
C LYS B 25 -9.53 -0.71 -9.19
N ASN B 26 -10.83 -0.57 -8.91
CA ASN B 26 -11.57 -1.59 -8.18
C ASN B 26 -12.62 -2.24 -9.08
N PHE B 27 -13.70 -1.51 -9.34
CA PHE B 27 -14.78 -2.03 -10.18
C PHE B 27 -14.77 -1.34 -11.54
N ARG B 28 -13.58 -1.01 -12.03
CA ARG B 28 -13.43 -0.35 -13.31
C ARG B 28 -14.00 -1.21 -14.44
CA CA C . 12.86 13.19 1.65
CA CA D . 20.58 7.25 -3.92
CA CA E . -13.80 0.13 12.32
CA CA F . -20.27 -7.16 4.38
N ALA A 1 11.10 -6.27 -19.82
CA ALA A 1 12.23 -6.95 -19.14
C ALA A 1 12.18 -6.73 -17.63
N ASP A 2 12.31 -5.47 -17.21
CA ASP A 2 12.27 -5.12 -15.80
C ASP A 2 11.34 -3.95 -15.54
N GLN A 3 10.04 -4.23 -15.48
CA GLN A 3 9.04 -3.21 -15.24
C GLN A 3 7.65 -3.81 -15.11
N LEU A 4 6.67 -2.99 -14.74
CA LEU A 4 5.29 -3.45 -14.58
C LEU A 4 4.37 -2.70 -15.52
N THR A 5 3.16 -3.22 -15.69
CA THR A 5 2.17 -2.59 -16.56
C THR A 5 1.63 -1.31 -15.93
N GLU A 6 0.76 -0.62 -16.67
CA GLU A 6 0.17 0.63 -16.19
C GLU A 6 -0.56 0.43 -14.87
N GLU A 7 -1.32 -0.68 -14.78
CA GLU A 7 -2.07 -0.97 -13.57
C GLU A 7 -1.16 -1.27 -12.39
N GLN A 8 -0.29 -2.27 -12.56
CA GLN A 8 0.65 -2.66 -11.52
C GLN A 8 1.53 -1.48 -11.11
N ILE A 9 2.03 -0.77 -12.11
CA ILE A 9 2.90 0.38 -11.87
C ILE A 9 2.11 1.54 -11.25
N ALA A 10 0.81 1.58 -11.53
CA ALA A 10 -0.04 2.65 -11.01
C ALA A 10 0.10 2.82 -9.51
N GLU A 11 0.14 1.70 -8.80
CA GLU A 11 0.29 1.72 -7.36
C GLU A 11 1.69 2.16 -6.95
N PHE A 12 2.68 1.81 -7.77
CA PHE A 12 4.07 2.16 -7.48
C PHE A 12 4.28 3.67 -7.54
N LYS A 13 3.82 4.30 -8.62
CA LYS A 13 3.96 5.75 -8.77
C LYS A 13 3.29 6.47 -7.61
N GLU A 14 2.08 6.02 -7.28
CA GLU A 14 1.32 6.60 -6.20
C GLU A 14 2.01 6.37 -4.86
N ALA A 15 2.42 5.13 -4.64
CA ALA A 15 3.10 4.74 -3.42
C ALA A 15 4.29 5.63 -3.14
N PHE A 16 5.03 5.94 -4.20
CA PHE A 16 6.22 6.78 -4.08
C PHE A 16 5.90 8.11 -3.39
N SER A 17 4.75 8.69 -3.73
CA SER A 17 4.34 9.95 -3.12
C SER A 17 3.83 9.74 -1.70
N LEU A 18 3.59 8.49 -1.32
CA LEU A 18 3.12 8.17 0.01
C LEU A 18 4.29 8.00 0.97
N PHE A 19 5.34 7.35 0.48
CA PHE A 19 6.54 7.13 1.29
C PHE A 19 7.18 8.47 1.65
N ASP A 20 7.69 9.17 0.64
CA ASP A 20 8.34 10.47 0.85
C ASP A 20 7.31 11.51 1.27
N LYS A 21 7.62 12.27 2.31
CA LYS A 21 6.74 13.31 2.81
C LYS A 21 6.57 14.44 1.80
N ASP A 22 7.67 14.83 1.15
CA ASP A 22 7.64 15.89 0.16
C ASP A 22 7.40 15.32 -1.23
N GLY A 23 7.50 14.01 -1.36
CA GLY A 23 7.28 13.36 -2.63
C GLY A 23 8.20 13.87 -3.71
N ASP A 24 9.45 14.12 -3.36
CA ASP A 24 10.43 14.62 -4.31
C ASP A 24 10.88 13.52 -5.29
N GLY A 25 10.41 12.29 -5.04
CA GLY A 25 10.78 11.19 -5.91
C GLY A 25 11.82 10.27 -5.31
N THR A 26 12.18 10.50 -4.04
CA THR A 26 13.17 9.67 -3.37
C THR A 26 12.87 9.61 -1.87
N ILE A 27 12.91 8.40 -1.30
CA ILE A 27 12.65 8.22 0.12
C ILE A 27 13.96 8.07 0.89
N THR A 28 14.21 9.01 1.80
CA THR A 28 15.44 8.98 2.60
C THR A 28 15.22 8.17 3.87
N THR A 29 16.31 7.70 4.48
CA THR A 29 16.23 6.91 5.70
C THR A 29 15.46 7.66 6.79
N LYS A 30 15.60 8.98 6.82
CA LYS A 30 14.92 9.80 7.81
C LYS A 30 13.40 9.62 7.72
N GLU A 31 12.86 9.76 6.51
CA GLU A 31 11.43 9.61 6.29
C GLU A 31 11.03 8.14 6.31
N LEU A 32 11.90 7.29 5.78
CA LEU A 32 11.65 5.86 5.73
C LEU A 32 11.33 5.30 7.11
N GLY A 33 12.12 5.71 8.10
CA GLY A 33 11.90 5.25 9.46
C GLY A 33 10.63 5.81 10.06
N THR A 34 10.23 6.98 9.59
CA THR A 34 9.02 7.64 10.09
C THR A 34 7.77 6.92 9.60
N VAL A 35 7.71 6.66 8.31
CA VAL A 35 6.56 5.97 7.72
C VAL A 35 6.54 4.49 8.09
N MET A 36 7.73 3.89 8.20
CA MET A 36 7.85 2.49 8.55
C MET A 36 7.21 2.21 9.91
N ARG A 37 7.50 3.09 10.87
CA ARG A 37 6.94 2.94 12.22
C ARG A 37 5.50 3.44 12.28
N SER A 38 5.15 4.35 11.37
CA SER A 38 3.81 4.89 11.31
C SER A 38 2.76 3.79 11.22
N LEU A 39 3.07 2.74 10.45
CA LEU A 39 2.15 1.63 10.27
C LEU A 39 1.79 1.00 11.61
N GLY A 40 2.72 1.06 12.57
CA GLY A 40 2.47 0.50 13.88
C GLY A 40 3.60 -0.40 14.34
N GLN A 41 4.83 0.02 14.11
CA GLN A 41 6.01 -0.75 14.50
C GLN A 41 7.13 0.16 14.99
N ASN A 42 8.08 -0.42 15.72
CA ASN A 42 9.20 0.34 16.25
C ASN A 42 10.53 -0.19 15.71
N PRO A 43 10.73 -0.13 14.38
CA PRO A 43 11.95 -0.61 13.74
C PRO A 43 13.15 0.28 14.04
N THR A 44 14.32 -0.13 13.55
CA THR A 44 15.55 0.64 13.76
C THR A 44 16.01 1.28 12.45
N GLU A 45 16.97 2.18 12.56
CA GLU A 45 17.52 2.86 11.39
C GLU A 45 18.31 1.89 10.55
N ALA A 46 18.92 0.91 11.22
CA ALA A 46 19.71 -0.11 10.56
C ALA A 46 18.94 -0.76 9.42
N GLU A 47 17.69 -1.11 9.68
CA GLU A 47 16.84 -1.74 8.68
C GLU A 47 16.60 -0.78 7.52
N LEU A 48 16.41 0.49 7.85
CA LEU A 48 16.16 1.52 6.85
C LEU A 48 17.32 1.61 5.86
N GLN A 49 18.53 1.72 6.40
CA GLN A 49 19.73 1.83 5.57
C GLN A 49 19.96 0.55 4.76
N ASP A 50 19.79 -0.60 5.41
CA ASP A 50 19.99 -1.88 4.73
C ASP A 50 18.95 -2.09 3.62
N MET A 51 17.67 -1.91 3.97
CA MET A 51 16.60 -2.07 3.00
C MET A 51 16.79 -1.14 1.80
N ILE A 52 17.00 0.14 2.09
CA ILE A 52 17.20 1.14 1.06
C ILE A 52 18.40 0.80 0.19
N ASN A 53 19.47 0.35 0.83
CA ASN A 53 20.68 -0.01 0.11
C ASN A 53 20.38 -1.12 -0.89
N GLU A 54 19.35 -1.89 -0.57
CA GLU A 54 18.91 -3.00 -1.39
C GLU A 54 18.00 -2.53 -2.51
N VAL A 55 17.72 -1.23 -2.56
CA VAL A 55 16.82 -0.71 -3.57
C VAL A 55 17.44 0.44 -4.35
N ASP A 56 18.27 1.21 -3.67
CA ASP A 56 18.93 2.34 -4.31
C ASP A 56 19.99 1.90 -5.30
N ALA A 57 20.26 2.76 -6.28
CA ALA A 57 21.25 2.48 -7.30
C ALA A 57 22.65 2.77 -6.81
N ASP A 58 22.83 3.98 -6.31
CA ASP A 58 24.12 4.42 -5.78
C ASP A 58 24.25 4.09 -4.30
N GLY A 59 23.16 3.65 -3.68
CA GLY A 59 23.19 3.31 -2.27
C GLY A 59 23.59 4.48 -1.40
N ASN A 60 22.92 5.61 -1.57
CA ASN A 60 23.22 6.80 -0.77
C ASN A 60 22.21 6.98 0.36
N GLY A 61 21.27 6.05 0.48
CA GLY A 61 20.28 6.12 1.54
C GLY A 61 18.92 6.58 1.05
N THR A 62 18.72 6.54 -0.27
CA THR A 62 17.45 6.93 -0.86
C THR A 62 17.18 6.17 -2.15
N ILE A 63 15.94 5.74 -2.36
CA ILE A 63 15.57 5.01 -3.56
C ILE A 63 14.98 5.93 -4.61
N ASP A 64 15.18 5.58 -5.88
CA ASP A 64 14.67 6.38 -6.99
C ASP A 64 13.49 5.67 -7.67
N PHE A 65 12.85 6.39 -8.60
CA PHE A 65 11.70 5.85 -9.33
C PHE A 65 12.02 4.51 -9.99
N PRO A 66 13.00 4.47 -10.91
CA PRO A 66 13.38 3.24 -11.60
C PRO A 66 14.05 2.22 -10.68
N GLU A 67 14.66 2.71 -9.62
CA GLU A 67 15.33 1.85 -8.65
C GLU A 67 14.33 1.09 -7.79
N PHE A 68 13.24 1.76 -7.42
CA PHE A 68 12.21 1.13 -6.60
C PHE A 68 11.37 0.19 -7.45
N LEU A 69 11.02 0.64 -8.65
CA LEU A 69 10.20 -0.15 -9.57
C LEU A 69 10.97 -1.34 -10.13
N THR A 70 12.10 -1.07 -10.76
CA THR A 70 12.92 -2.12 -11.37
C THR A 70 13.20 -3.25 -10.38
N MET A 71 13.75 -2.90 -9.22
CA MET A 71 14.06 -3.89 -8.20
C MET A 71 12.84 -4.74 -7.86
N MET A 72 11.68 -4.09 -7.82
CA MET A 72 10.43 -4.78 -7.52
C MET A 72 9.67 -5.13 -8.79
N ALA A 73 10.34 -5.06 -9.94
CA ALA A 73 9.72 -5.37 -11.21
C ALA A 73 10.30 -6.65 -11.80
N ARG A 74 11.60 -6.85 -11.60
CA ARG A 74 12.28 -8.03 -12.12
C ARG A 74 11.60 -9.31 -11.65
N LYS A 75 11.47 -9.46 -10.33
CA LYS A 75 10.84 -10.64 -9.76
C LYS A 75 10.01 -10.29 -8.52
N MET A 76 9.28 -9.18 -8.62
CA MET A 76 8.44 -8.73 -7.51
C MET A 76 7.10 -8.19 -8.00
N LYS A 77 6.64 -8.73 -9.13
CA LYS A 77 5.37 -8.29 -9.72
C LYS A 77 4.21 -9.02 -9.04
N ASP A 78 4.12 -10.33 -9.27
CA ASP A 78 3.06 -11.15 -8.69
C ASP A 78 1.68 -10.51 -8.93
N THR A 79 0.66 -11.14 -8.36
CA THR A 79 -0.71 -10.64 -8.50
C THR A 79 -1.42 -10.59 -7.14
N ASP A 80 -0.67 -10.21 -6.11
CA ASP A 80 -1.21 -10.12 -4.76
C ASP A 80 -1.62 -11.50 -4.25
N SER A 81 -2.23 -11.52 -3.06
CA SER A 81 -2.67 -12.78 -2.45
C SER A 81 -3.57 -12.50 -1.25
N GLU A 82 -3.82 -13.53 -0.46
CA GLU A 82 -4.67 -13.40 0.72
C GLU A 82 -4.00 -12.51 1.77
N GLU A 83 -2.68 -12.51 1.79
CA GLU A 83 -1.93 -11.71 2.75
C GLU A 83 -2.05 -10.22 2.43
N GLU A 84 -2.28 -9.90 1.15
CA GLU A 84 -2.41 -8.52 0.72
C GLU A 84 -3.72 -7.92 1.22
N ILE A 85 -4.79 -8.68 1.07
CA ILE A 85 -6.12 -8.25 1.50
C ILE A 85 -6.21 -8.32 3.01
N ARG A 86 -5.53 -9.30 3.58
CA ARG A 86 -5.50 -9.47 5.03
C ARG A 86 -4.70 -8.36 5.68
N GLU A 87 -3.49 -8.10 5.16
CA GLU A 87 -2.64 -7.03 5.69
C GLU A 87 -3.34 -5.70 5.52
N ALA A 88 -3.83 -5.46 4.31
CA ALA A 88 -4.54 -4.23 3.99
C ALA A 88 -5.66 -4.02 4.99
N PHE A 89 -6.39 -5.09 5.26
CA PHE A 89 -7.50 -5.04 6.20
C PHE A 89 -7.07 -4.40 7.51
N ARG A 90 -5.87 -4.74 7.95
CA ARG A 90 -5.33 -4.21 9.19
C ARG A 90 -4.84 -2.77 9.00
N VAL A 91 -4.35 -2.46 7.80
CA VAL A 91 -3.86 -1.12 7.52
C VAL A 91 -5.01 -0.14 7.37
N PHE A 92 -6.11 -0.59 6.77
CA PHE A 92 -7.28 0.26 6.58
C PHE A 92 -8.00 0.47 7.91
N ASP A 93 -8.50 -0.61 8.48
CA ASP A 93 -9.21 -0.55 9.74
C ASP A 93 -8.25 -0.63 10.92
N LYS A 94 -8.37 0.32 11.84
CA LYS A 94 -7.51 0.37 13.01
C LYS A 94 -7.93 -0.66 14.04
N ASP A 95 -9.21 -0.65 14.40
CA ASP A 95 -9.74 -1.59 15.39
C ASP A 95 -9.95 -2.98 14.78
N GLY A 96 -9.82 -3.08 13.45
CA GLY A 96 -9.98 -4.35 12.78
C GLY A 96 -11.18 -5.14 13.28
N ASN A 97 -12.38 -4.65 12.99
CA ASN A 97 -13.60 -5.32 13.43
C ASN A 97 -14.12 -6.28 12.35
N GLY A 98 -13.28 -6.58 11.36
CA GLY A 98 -13.68 -7.48 10.30
C GLY A 98 -14.78 -6.90 9.43
N TYR A 99 -14.96 -5.58 9.51
CA TYR A 99 -16.00 -4.92 8.73
C TYR A 99 -15.68 -3.43 8.57
N ILE A 100 -15.46 -2.99 7.34
CA ILE A 100 -15.16 -1.59 7.05
C ILE A 100 -16.31 -0.92 6.33
N SER A 101 -16.80 0.17 6.91
CA SER A 101 -17.88 0.93 6.32
C SER A 101 -17.34 2.21 5.67
N ALA A 102 -18.10 2.74 4.73
CA ALA A 102 -17.72 3.95 4.02
C ALA A 102 -17.26 5.04 4.99
N ALA A 103 -17.99 5.20 6.09
CA ALA A 103 -17.64 6.19 7.09
C ALA A 103 -16.23 5.97 7.61
N GLU A 104 -16.00 4.78 8.16
CA GLU A 104 -14.69 4.42 8.68
C GLU A 104 -13.64 4.60 7.59
N LEU A 105 -14.02 4.23 6.36
CA LEU A 105 -13.13 4.37 5.22
C LEU A 105 -12.74 5.83 5.04
N ARG A 106 -13.73 6.70 5.03
CA ARG A 106 -13.51 8.13 4.89
C ARG A 106 -12.61 8.62 6.02
N HIS A 107 -12.85 8.11 7.22
CA HIS A 107 -12.05 8.47 8.37
C HIS A 107 -10.60 8.09 8.16
N VAL A 108 -10.37 6.94 7.54
CA VAL A 108 -9.02 6.46 7.27
C VAL A 108 -8.37 7.27 6.15
N MET A 109 -9.03 7.33 5.00
CA MET A 109 -8.50 8.08 3.86
C MET A 109 -8.07 9.47 4.29
N THR A 110 -8.98 10.20 4.92
CA THR A 110 -8.69 11.55 5.39
C THR A 110 -7.63 11.50 6.49
N ASN A 111 -7.55 10.37 7.18
CA ASN A 111 -6.58 10.19 8.25
C ASN A 111 -5.16 10.11 7.70
N LEU A 112 -5.03 9.57 6.49
CA LEU A 112 -3.74 9.44 5.85
C LEU A 112 -3.43 10.62 4.94
N GLY A 113 -4.49 11.23 4.40
CA GLY A 113 -4.32 12.37 3.52
C GLY A 113 -5.23 12.31 2.30
N GLU A 114 -6.48 11.92 2.52
CA GLU A 114 -7.44 11.82 1.43
C GLU A 114 -8.83 12.23 1.91
N LYS A 115 -9.30 13.38 1.44
CA LYS A 115 -10.61 13.88 1.82
C LYS A 115 -11.69 13.35 0.88
N LEU A 116 -12.33 12.25 1.27
CA LEU A 116 -13.38 11.65 0.46
C LEU A 116 -14.76 11.94 1.05
N THR A 117 -15.75 12.07 0.19
CA THR A 117 -17.12 12.35 0.63
C THR A 117 -17.85 11.06 0.97
N ASP A 118 -18.95 11.18 1.70
CA ASP A 118 -19.75 10.02 2.09
C ASP A 118 -20.26 9.27 0.87
N GLU A 119 -20.49 9.99 -0.22
CA GLU A 119 -20.98 9.39 -1.45
C GLU A 119 -19.91 8.49 -2.08
N GLU A 120 -18.68 8.99 -2.14
CA GLU A 120 -17.58 8.23 -2.71
C GLU A 120 -17.34 6.93 -1.92
N VAL A 121 -17.14 7.06 -0.62
CA VAL A 121 -16.89 5.92 0.23
C VAL A 121 -18.09 4.96 0.24
N ASP A 122 -19.29 5.53 0.23
CA ASP A 122 -20.51 4.72 0.21
C ASP A 122 -20.57 3.86 -1.04
N GLU A 123 -20.22 4.46 -2.18
CA GLU A 123 -20.21 3.76 -3.45
C GLU A 123 -19.05 2.78 -3.50
N MET A 124 -17.96 3.12 -2.80
CA MET A 124 -16.78 2.26 -2.76
C MET A 124 -17.05 1.00 -1.95
N ILE A 125 -17.88 1.13 -0.92
CA ILE A 125 -18.21 0.00 -0.08
C ILE A 125 -19.28 -0.87 -0.71
N ARG A 126 -20.42 -0.26 -1.06
CA ARG A 126 -21.52 -1.00 -1.66
C ARG A 126 -21.04 -1.75 -2.89
N GLU A 127 -20.07 -1.17 -3.57
CA GLU A 127 -19.52 -1.79 -4.77
C GLU A 127 -18.57 -2.92 -4.41
N ALA A 128 -18.05 -2.91 -3.17
CA ALA A 128 -17.12 -3.94 -2.73
C ALA A 128 -17.81 -4.93 -1.79
N ASP A 129 -18.98 -4.55 -1.28
CA ASP A 129 -19.72 -5.43 -0.36
C ASP A 129 -20.52 -6.46 -1.13
N ILE A 130 -19.93 -7.62 -1.32
CA ILE A 130 -20.55 -8.73 -2.03
C ILE A 130 -21.75 -9.28 -1.27
N ASP A 131 -21.68 -9.19 0.05
CA ASP A 131 -22.74 -9.69 0.89
C ASP A 131 -23.84 -8.63 1.08
N GLY A 132 -23.56 -7.41 0.63
CA GLY A 132 -24.50 -6.31 0.71
C GLY A 132 -25.11 -6.11 2.09
N ASP A 133 -24.27 -5.95 3.11
CA ASP A 133 -24.76 -5.71 4.47
C ASP A 133 -24.39 -4.31 4.96
N GLY A 134 -23.61 -3.58 4.17
CA GLY A 134 -23.20 -2.24 4.55
C GLY A 134 -21.76 -2.18 5.05
N GLN A 135 -21.04 -3.29 4.93
CA GLN A 135 -19.64 -3.35 5.36
C GLN A 135 -18.85 -4.28 4.46
N VAL A 136 -17.59 -4.50 4.81
CA VAL A 136 -16.73 -5.36 4.01
C VAL A 136 -16.08 -6.45 4.87
N ASN A 137 -16.35 -7.71 4.51
CA ASN A 137 -15.79 -8.84 5.22
C ASN A 137 -14.53 -9.34 4.52
N TYR A 138 -14.06 -10.52 4.90
CA TYR A 138 -12.85 -11.09 4.31
C TYR A 138 -13.00 -11.36 2.82
N GLU A 139 -13.74 -12.40 2.47
CA GLU A 139 -13.95 -12.74 1.06
C GLU A 139 -14.36 -11.53 0.27
N GLU A 140 -15.26 -10.75 0.83
CA GLU A 140 -15.73 -9.54 0.18
C GLU A 140 -14.55 -8.63 -0.16
N PHE A 141 -13.52 -8.64 0.70
CA PHE A 141 -12.35 -7.81 0.49
C PHE A 141 -11.41 -8.40 -0.54
N VAL A 142 -11.17 -9.70 -0.41
CA VAL A 142 -10.27 -10.40 -1.31
C VAL A 142 -10.83 -10.43 -2.73
N GLN A 143 -12.15 -10.58 -2.84
CA GLN A 143 -12.80 -10.62 -4.15
C GLN A 143 -12.80 -9.25 -4.82
N MET A 144 -12.94 -8.19 -4.03
CA MET A 144 -12.93 -6.84 -4.56
C MET A 144 -11.52 -6.44 -4.97
N MET A 145 -10.54 -7.13 -4.38
CA MET A 145 -9.13 -6.88 -4.68
C MET A 145 -8.68 -7.72 -5.88
N THR A 146 -8.99 -9.02 -5.83
CA THR A 146 -8.62 -9.94 -6.90
C THR A 146 -9.07 -11.37 -6.59
N ALA A 147 -8.95 -11.77 -5.33
CA ALA A 147 -9.35 -13.12 -4.92
C ALA A 147 -8.64 -14.18 -5.76
N LYS A 148 -7.32 -14.08 -5.85
CA LYS A 148 -6.53 -15.03 -6.63
C LYS A 148 -6.96 -15.02 -8.10
N THR B 1 5.78 -9.47 5.05
CA THR B 1 6.91 -10.40 5.34
C THR B 1 7.47 -11.01 4.07
N PRO B 2 8.32 -10.25 3.34
CA PRO B 2 8.93 -10.72 2.10
C PRO B 2 9.94 -11.83 2.33
N ARG B 3 10.04 -12.75 1.37
CA ARG B 3 10.97 -13.87 1.47
C ARG B 3 12.41 -13.37 1.58
N ARG B 4 12.68 -12.23 0.94
CA ARG B 4 14.01 -11.64 0.96
C ARG B 4 14.02 -10.30 0.23
N GLY B 5 13.51 -9.27 0.88
CA GLY B 5 13.47 -7.95 0.29
C GLY B 5 13.54 -6.85 1.33
N ARG B 6 12.66 -5.86 1.20
CA ARG B 6 12.63 -4.74 2.12
C ARG B 6 11.37 -4.79 2.99
N GLY B 7 11.55 -4.61 4.30
CA GLY B 7 10.43 -4.63 5.21
C GLY B 7 9.43 -3.52 4.95
N GLY B 8 9.88 -2.28 5.15
CA GLY B 8 9.00 -1.14 4.93
C GLY B 8 8.63 -0.96 3.48
N PHE B 9 9.65 -0.99 2.62
CA PHE B 9 9.44 -0.85 1.18
C PHE B 9 8.40 -1.84 0.66
N GLN B 10 8.76 -3.13 0.68
CA GLN B 10 7.83 -4.16 0.21
C GLN B 10 6.48 -4.02 0.90
N ARG B 11 6.50 -3.69 2.18
CA ARG B 11 5.27 -3.50 2.92
C ARG B 11 4.43 -2.45 2.21
N ILE B 12 5.07 -1.33 1.88
CA ILE B 12 4.42 -0.25 1.18
C ILE B 12 3.92 -0.73 -0.18
N VAL B 13 4.75 -1.54 -0.85
CA VAL B 13 4.42 -2.09 -2.16
C VAL B 13 3.07 -2.79 -2.16
N ARG B 14 2.90 -3.72 -1.23
CA ARG B 14 1.66 -4.50 -1.13
C ARG B 14 0.52 -3.64 -0.59
N LEU B 15 0.78 -2.93 0.51
CA LEU B 15 -0.24 -2.08 1.11
C LEU B 15 -0.78 -1.08 0.10
N VAL B 16 0.13 -0.45 -0.66
CA VAL B 16 -0.28 0.52 -1.67
C VAL B 16 -1.04 -0.15 -2.80
N GLY B 17 -0.49 -1.24 -3.31
CA GLY B 17 -1.14 -1.94 -4.40
C GLY B 17 -2.56 -2.35 -4.03
N VAL B 18 -2.78 -2.63 -2.76
CA VAL B 18 -4.09 -3.03 -2.26
C VAL B 18 -5.04 -1.85 -2.14
N ILE B 19 -4.62 -0.82 -1.40
CA ILE B 19 -5.46 0.36 -1.20
C ILE B 19 -5.77 1.09 -2.50
N ARG B 20 -4.76 1.25 -3.36
CA ARG B 20 -4.94 1.92 -4.64
C ARG B 20 -6.00 1.20 -5.45
N ASP B 21 -6.07 -0.10 -5.27
CA ASP B 21 -7.04 -0.92 -5.98
C ASP B 21 -8.47 -0.50 -5.61
N TRP B 22 -8.65 -0.14 -4.33
CA TRP B 22 -9.95 0.29 -3.85
C TRP B 22 -10.06 1.81 -3.86
N ALA B 23 -8.93 2.48 -3.99
CA ALA B 23 -8.88 3.93 -4.02
C ALA B 23 -9.00 4.46 -5.45
N ASN B 24 -8.51 3.70 -6.41
CA ASN B 24 -8.54 4.11 -7.80
C ASN B 24 -8.90 2.93 -8.71
N LYS B 25 -7.94 2.03 -8.91
CA LYS B 25 -8.15 0.86 -9.76
C LYS B 25 -9.13 -0.11 -9.12
N ASN B 26 -10.39 0.30 -9.02
CA ASN B 26 -11.43 -0.55 -8.42
C ASN B 26 -12.51 -0.88 -9.44
N PHE B 27 -13.30 0.13 -9.81
CA PHE B 27 -14.36 -0.05 -10.79
C PHE B 27 -13.80 -0.48 -12.14
N ARG B 28 -12.61 0.01 -12.46
CA ARG B 28 -11.97 -0.33 -13.73
C ARG B 28 -11.33 -1.71 -13.66
CA CA C . 12.33 13.81 0.16
CA CA D . 20.44 7.28 -4.64
CA CA E . -13.66 -0.82 12.44
CA CA F . -20.68 -7.00 3.99
N ALA A 1 11.08 -6.73 -19.32
CA ALA A 1 11.49 -5.30 -19.15
C ALA A 1 11.69 -4.97 -17.67
N ASP A 2 12.35 -3.85 -17.41
CA ASP A 2 12.62 -3.41 -16.05
C ASP A 2 11.65 -2.30 -15.64
N GLN A 3 10.38 -2.48 -15.97
CA GLN A 3 9.36 -1.50 -15.63
C GLN A 3 7.96 -2.13 -15.64
N LEU A 4 6.95 -1.33 -15.33
CA LEU A 4 5.58 -1.82 -15.30
C LEU A 4 4.67 -0.92 -16.14
N THR A 5 3.47 -1.42 -16.44
CA THR A 5 2.51 -0.67 -17.23
C THR A 5 1.92 0.49 -16.42
N GLU A 6 1.07 1.28 -17.07
CA GLU A 6 0.43 2.42 -16.42
C GLU A 6 -0.35 1.99 -15.18
N GLU A 7 -1.08 0.89 -15.29
CA GLU A 7 -1.87 0.37 -14.18
C GLU A 7 -0.98 -0.09 -13.03
N GLN A 8 -0.08 -1.02 -13.33
CA GLN A 8 0.83 -1.55 -12.33
C GLN A 8 1.68 -0.45 -11.72
N ILE A 9 2.27 0.37 -12.59
CA ILE A 9 3.12 1.47 -12.16
C ILE A 9 2.32 2.50 -11.36
N ALA A 10 1.02 2.56 -11.62
CA ALA A 10 0.13 3.52 -10.96
C ALA A 10 0.29 3.45 -9.44
N GLU A 11 0.33 2.24 -8.91
CA GLU A 11 0.47 2.05 -7.48
C GLU A 11 1.85 2.48 -6.99
N PHE A 12 2.86 2.28 -7.83
CA PHE A 12 4.23 2.65 -7.47
C PHE A 12 4.38 4.16 -7.32
N LYS A 13 3.91 4.92 -8.31
CA LYS A 13 4.01 6.38 -8.25
C LYS A 13 3.31 6.89 -7.00
N GLU A 14 2.12 6.36 -6.76
CA GLU A 14 1.32 6.75 -5.61
C GLU A 14 2.02 6.35 -4.32
N ALA A 15 2.46 5.10 -4.26
CA ALA A 15 3.15 4.56 -3.10
C ALA A 15 4.31 5.45 -2.69
N PHE A 16 5.04 5.93 -3.69
CA PHE A 16 6.20 6.79 -3.43
C PHE A 16 5.79 8.03 -2.65
N SER A 17 4.59 8.53 -2.91
CA SER A 17 4.09 9.72 -2.22
C SER A 17 3.60 9.36 -0.82
N LEU A 18 3.38 8.08 -0.57
CA LEU A 18 2.91 7.62 0.73
C LEU A 18 4.10 7.37 1.65
N PHE A 19 5.18 6.87 1.09
CA PHE A 19 6.39 6.59 1.86
C PHE A 19 7.04 7.90 2.30
N ASP A 20 7.54 8.67 1.32
CA ASP A 20 8.18 9.95 1.62
C ASP A 20 7.17 10.94 2.18
N LYS A 21 7.52 11.56 3.31
CA LYS A 21 6.65 12.53 3.96
C LYS A 21 6.45 13.77 3.08
N ASP A 22 7.52 14.20 2.41
CA ASP A 22 7.46 15.38 1.56
C ASP A 22 7.16 14.97 0.11
N GLY A 23 7.26 13.68 -0.17
CA GLY A 23 6.99 13.17 -1.51
C GLY A 23 7.86 13.83 -2.56
N ASP A 24 9.11 14.10 -2.20
CA ASP A 24 10.05 14.73 -3.13
C ASP A 24 10.54 13.73 -4.18
N GLY A 25 10.15 12.46 -4.04
CA GLY A 25 10.56 11.45 -4.98
C GLY A 25 11.66 10.54 -4.45
N THR A 26 12.03 10.72 -3.19
CA THR A 26 13.06 9.90 -2.57
C THR A 26 12.82 9.74 -1.08
N ILE A 27 12.91 8.49 -0.60
CA ILE A 27 12.70 8.19 0.81
C ILE A 27 14.01 7.80 1.48
N THR A 28 14.31 8.46 2.59
CA THR A 28 15.53 8.18 3.34
C THR A 28 15.23 7.33 4.57
N THR A 29 16.29 6.84 5.21
CA THR A 29 16.15 6.00 6.40
C THR A 29 15.33 6.69 7.49
N LYS A 30 15.44 8.02 7.55
CA LYS A 30 14.72 8.80 8.54
C LYS A 30 13.20 8.66 8.37
N GLU A 31 12.74 8.86 7.13
CA GLU A 31 11.32 8.75 6.83
C GLU A 31 10.88 7.29 6.76
N LEU A 32 11.77 6.45 6.24
CA LEU A 32 11.50 5.02 6.12
C LEU A 32 11.10 4.44 7.47
N GLY A 33 12.00 4.59 8.43
CA GLY A 33 11.76 4.07 9.77
C GLY A 33 10.56 4.72 10.44
N THR A 34 10.26 5.96 10.05
CA THR A 34 9.14 6.69 10.62
C THR A 34 7.81 6.06 10.22
N VAL A 35 7.59 5.90 8.93
CA VAL A 35 6.36 5.31 8.42
C VAL A 35 6.29 3.82 8.75
N MET A 36 7.44 3.17 8.79
CA MET A 36 7.49 1.75 9.10
C MET A 36 6.93 1.47 10.49
N ARG A 37 7.37 2.26 11.45
CA ARG A 37 6.91 2.12 12.83
C ARG A 37 5.53 2.74 13.03
N SER A 38 5.21 3.72 12.19
CA SER A 38 3.92 4.39 12.27
C SER A 38 2.77 3.39 12.11
N LEU A 39 2.98 2.39 11.26
CA LEU A 39 1.96 1.37 11.01
C LEU A 39 1.58 0.67 12.31
N GLY A 40 2.54 0.56 13.23
CA GLY A 40 2.28 -0.09 14.50
C GLY A 40 3.33 -1.12 14.84
N GLN A 41 4.60 -0.77 14.60
CA GLN A 41 5.71 -1.68 14.90
C GLN A 41 6.91 -0.92 15.43
N ASN A 42 7.86 -1.64 16.01
CA ASN A 42 9.06 -1.04 16.57
C ASN A 42 10.32 -1.61 15.90
N PRO A 43 10.46 -1.40 14.58
CA PRO A 43 11.62 -1.90 13.84
C PRO A 43 12.91 -1.17 14.19
N THR A 44 13.98 -1.47 13.46
CA THR A 44 15.27 -0.84 13.70
C THR A 44 15.77 -0.13 12.45
N GLU A 45 16.73 0.78 12.63
CA GLU A 45 17.29 1.52 11.51
C GLU A 45 18.12 0.59 10.64
N ALA A 46 18.67 -0.44 11.26
CA ALA A 46 19.49 -1.42 10.58
C ALA A 46 18.80 -1.96 9.33
N GLU A 47 17.54 -2.37 9.49
CA GLU A 47 16.77 -2.90 8.36
C GLU A 47 16.53 -1.82 7.31
N LEU A 48 16.30 -0.60 7.78
CA LEU A 48 16.06 0.54 6.89
C LEU A 48 17.22 0.73 5.92
N GLN A 49 18.43 0.78 6.47
CA GLN A 49 19.63 0.96 5.66
C GLN A 49 19.90 -0.25 4.78
N ASP A 50 19.83 -1.44 5.37
CA ASP A 50 20.06 -2.68 4.62
C ASP A 50 19.10 -2.81 3.46
N MET A 51 17.82 -2.65 3.73
CA MET A 51 16.80 -2.75 2.69
C MET A 51 17.02 -1.68 1.63
N ILE A 52 17.19 -0.45 2.07
CA ILE A 52 17.42 0.68 1.18
C ILE A 52 18.65 0.44 0.32
N ASN A 53 19.69 -0.09 0.92
CA ASN A 53 20.94 -0.36 0.20
C ASN A 53 20.66 -1.32 -0.95
N GLU A 54 19.63 -2.13 -0.77
CA GLU A 54 19.21 -3.13 -1.74
C GLU A 54 18.32 -2.51 -2.81
N VAL A 55 18.02 -1.23 -2.69
CA VAL A 55 17.14 -0.57 -3.64
C VAL A 55 17.77 0.68 -4.25
N ASP A 56 18.57 1.35 -3.45
CA ASP A 56 19.24 2.57 -3.89
C ASP A 56 20.33 2.28 -4.90
N ALA A 57 20.48 3.19 -5.85
CA ALA A 57 21.48 3.05 -6.89
C ALA A 57 22.85 3.44 -6.36
N ASP A 58 22.92 4.64 -5.80
CA ASP A 58 24.16 5.16 -5.24
C ASP A 58 24.38 4.65 -3.81
N GLY A 59 23.37 3.98 -3.26
CA GLY A 59 23.47 3.45 -1.91
C GLY A 59 23.81 4.51 -0.87
N ASN A 60 23.10 5.64 -0.92
CA ASN A 60 23.33 6.73 0.02
C ASN A 60 22.34 6.68 1.19
N GLY A 61 21.43 5.71 1.16
CA GLY A 61 20.44 5.59 2.23
C GLY A 61 19.07 6.07 1.81
N THR A 62 18.86 6.23 0.52
CA THR A 62 17.57 6.68 0.00
C THR A 62 17.32 6.09 -1.39
N ILE A 63 16.09 5.68 -1.66
CA ILE A 63 15.76 5.11 -2.96
C ILE A 63 15.18 6.16 -3.90
N ASP A 64 15.42 5.99 -5.20
CA ASP A 64 14.92 6.92 -6.19
C ASP A 64 13.71 6.34 -6.92
N PHE A 65 13.05 7.17 -7.72
CA PHE A 65 11.87 6.75 -8.47
C PHE A 65 12.16 5.51 -9.32
N PRO A 66 13.10 5.60 -10.28
CA PRO A 66 13.47 4.48 -11.14
C PRO A 66 14.08 3.32 -10.34
N GLU A 67 14.86 3.66 -9.33
CA GLU A 67 15.50 2.67 -8.48
C GLU A 67 14.45 1.82 -7.78
N PHE A 68 13.47 2.49 -7.19
CA PHE A 68 12.39 1.81 -6.50
C PHE A 68 11.59 0.95 -7.46
N LEU A 69 11.06 1.59 -8.50
CA LEU A 69 10.27 0.90 -9.52
C LEU A 69 11.05 -0.22 -10.20
N THR A 70 12.21 0.12 -10.74
CA THR A 70 13.04 -0.85 -11.45
C THR A 70 13.31 -2.09 -10.60
N MET A 71 13.62 -1.89 -9.33
CA MET A 71 13.89 -3.01 -8.42
C MET A 71 12.73 -3.99 -8.41
N MET A 72 11.52 -3.46 -8.15
CA MET A 72 10.33 -4.30 -8.10
C MET A 72 9.82 -4.63 -9.50
N ALA A 73 10.29 -3.88 -10.50
CA ALA A 73 9.87 -4.11 -11.87
C ALA A 73 10.69 -5.22 -12.52
N ARG A 74 11.94 -5.38 -12.07
CA ARG A 74 12.83 -6.41 -12.59
C ARG A 74 12.16 -7.78 -12.55
N LYS A 75 11.25 -7.95 -11.60
CA LYS A 75 10.54 -9.23 -11.45
C LYS A 75 9.33 -9.08 -10.54
N MET A 76 8.40 -10.02 -10.63
CA MET A 76 7.19 -9.99 -9.82
C MET A 76 6.34 -8.77 -10.14
N LYS A 77 5.59 -8.85 -11.24
CA LYS A 77 4.73 -7.75 -11.66
C LYS A 77 3.26 -8.16 -11.59
N ASP A 78 2.47 -7.39 -10.85
CA ASP A 78 1.05 -7.68 -10.70
C ASP A 78 0.84 -9.00 -9.96
N THR A 79 0.42 -8.91 -8.70
CA THR A 79 0.18 -10.09 -7.88
C THR A 79 -0.60 -9.74 -6.62
N ASP A 80 -1.11 -10.76 -5.94
CA ASP A 80 -1.88 -10.56 -4.72
C ASP A 80 -1.84 -11.82 -3.84
N SER A 81 -2.22 -11.65 -2.58
CA SER A 81 -2.22 -12.77 -1.65
C SER A 81 -3.24 -12.54 -0.53
N GLU A 82 -3.69 -13.62 0.09
CA GLU A 82 -4.66 -13.54 1.17
C GLU A 82 -4.14 -12.67 2.32
N GLU A 83 -2.83 -12.59 2.44
CA GLU A 83 -2.21 -11.79 3.49
C GLU A 83 -2.27 -10.30 3.16
N GLU A 84 -2.18 -9.98 1.87
CA GLU A 84 -2.23 -8.59 1.42
C GLU A 84 -3.56 -7.95 1.80
N ILE A 85 -4.63 -8.71 1.67
CA ILE A 85 -5.97 -8.22 1.99
C ILE A 85 -6.13 -8.14 3.50
N ARG A 86 -5.51 -9.09 4.20
CA ARG A 86 -5.56 -9.14 5.65
C ARG A 86 -4.76 -7.97 6.25
N GLU A 87 -3.52 -7.80 5.77
CA GLU A 87 -2.67 -6.72 6.24
C GLU A 87 -3.31 -5.38 5.91
N ALA A 88 -3.75 -5.26 4.65
CA ALA A 88 -4.41 -4.05 4.19
C ALA A 88 -5.56 -3.70 5.11
N PHE A 89 -6.34 -4.71 5.44
CA PHE A 89 -7.48 -4.52 6.31
C PHE A 89 -7.08 -3.78 7.59
N ARG A 90 -5.90 -4.11 8.09
CA ARG A 90 -5.39 -3.49 9.29
C ARG A 90 -4.86 -2.09 9.00
N VAL A 91 -4.31 -1.90 7.79
CA VAL A 91 -3.78 -0.60 7.40
C VAL A 91 -4.91 0.40 7.11
N PHE A 92 -6.00 -0.10 6.52
CA PHE A 92 -7.14 0.75 6.21
C PHE A 92 -7.87 1.16 7.49
N ASP A 93 -8.41 0.17 8.20
CA ASP A 93 -9.12 0.42 9.44
C ASP A 93 -8.15 0.50 10.62
N LYS A 94 -8.10 1.68 11.26
CA LYS A 94 -7.21 1.88 12.39
C LYS A 94 -7.49 0.89 13.51
N ASP A 95 -8.75 0.82 13.93
CA ASP A 95 -9.15 -0.09 15.00
C ASP A 95 -9.31 -1.52 14.49
N GLY A 96 -9.27 -1.70 13.17
CA GLY A 96 -9.41 -3.02 12.59
C GLY A 96 -10.53 -3.84 13.23
N ASN A 97 -11.77 -3.44 12.97
CA ASN A 97 -12.92 -4.15 13.53
C ASN A 97 -13.44 -5.21 12.56
N GLY A 98 -12.63 -5.54 11.56
CA GLY A 98 -13.05 -6.54 10.59
C GLY A 98 -14.21 -6.08 9.73
N TYR A 99 -14.46 -4.77 9.71
CA TYR A 99 -15.56 -4.22 8.93
C TYR A 99 -15.34 -2.73 8.66
N ILE A 100 -15.21 -2.38 7.39
CA ILE A 100 -14.99 -0.99 7.00
C ILE A 100 -16.16 -0.44 6.20
N SER A 101 -16.71 0.67 6.66
CA SER A 101 -17.82 1.31 5.98
C SER A 101 -17.33 2.55 5.24
N ALA A 102 -18.11 2.99 4.27
CA ALA A 102 -17.76 4.15 3.47
C ALA A 102 -17.33 5.32 4.36
N ALA A 103 -18.01 5.51 5.47
CA ALA A 103 -17.69 6.58 6.40
C ALA A 103 -16.27 6.44 6.91
N GLU A 104 -15.99 5.31 7.55
CA GLU A 104 -14.66 5.03 8.07
C GLU A 104 -13.64 5.12 6.94
N LEU A 105 -14.04 4.66 5.77
CA LEU A 105 -13.17 4.71 4.60
C LEU A 105 -12.81 6.14 4.28
N ARG A 106 -13.83 6.99 4.19
CA ARG A 106 -13.63 8.41 3.92
C ARG A 106 -12.69 9.00 4.95
N HIS A 107 -12.90 8.62 6.21
CA HIS A 107 -12.07 9.09 7.30
C HIS A 107 -10.62 8.69 7.08
N VAL A 108 -10.41 7.48 6.57
CA VAL A 108 -9.06 6.98 6.31
C VAL A 108 -8.44 7.68 5.11
N MET A 109 -9.12 7.64 3.97
CA MET A 109 -8.63 8.26 2.75
C MET A 109 -8.18 9.70 3.03
N THR A 110 -9.08 10.49 3.61
CA THR A 110 -8.78 11.88 3.94
C THR A 110 -7.69 11.94 5.02
N ASN A 111 -7.60 10.88 5.82
CA ASN A 111 -6.61 10.82 6.88
C ASN A 111 -5.20 10.64 6.31
N LEU A 112 -5.12 9.98 5.16
CA LEU A 112 -3.83 9.75 4.51
C LEU A 112 -3.49 10.88 3.54
N GLY A 113 -4.53 11.51 2.98
CA GLY A 113 -4.31 12.60 2.05
C GLY A 113 -5.20 12.49 0.82
N GLU A 114 -6.46 12.16 1.04
CA GLU A 114 -7.41 12.03 -0.06
C GLU A 114 -8.83 12.37 0.41
N LYS A 115 -9.35 13.50 -0.07
CA LYS A 115 -10.69 13.94 0.30
C LYS A 115 -11.75 13.31 -0.61
N LEU A 116 -12.43 12.28 -0.10
CA LEU A 116 -13.46 11.60 -0.88
C LEU A 116 -14.85 11.98 -0.36
N THR A 117 -15.82 11.99 -1.26
CA THR A 117 -17.19 12.33 -0.91
C THR A 117 -17.95 11.10 -0.42
N ASP A 118 -19.07 11.33 0.26
CA ASP A 118 -19.89 10.24 0.78
C ASP A 118 -20.34 9.30 -0.33
N GLU A 119 -20.59 9.87 -1.51
CA GLU A 119 -21.02 9.08 -2.66
C GLU A 119 -19.90 8.16 -3.15
N GLU A 120 -18.67 8.67 -3.13
CA GLU A 120 -17.51 7.90 -3.56
C GLU A 120 -17.28 6.71 -2.66
N VAL A 121 -17.16 6.97 -1.36
CA VAL A 121 -16.93 5.91 -0.38
C VAL A 121 -18.10 4.94 -0.34
N ASP A 122 -19.32 5.47 -0.42
CA ASP A 122 -20.51 4.64 -0.41
C ASP A 122 -20.52 3.70 -1.60
N GLU A 123 -20.11 4.23 -2.75
CA GLU A 123 -20.05 3.45 -3.98
C GLU A 123 -18.88 2.49 -3.93
N MET A 124 -17.83 2.87 -3.21
CA MET A 124 -16.64 2.04 -3.08
C MET A 124 -16.94 0.82 -2.21
N ILE A 125 -17.77 1.00 -1.20
CA ILE A 125 -18.12 -0.10 -0.31
C ILE A 125 -19.19 -0.99 -0.91
N ARG A 126 -20.31 -0.39 -1.30
CA ARG A 126 -21.41 -1.15 -1.88
C ARG A 126 -20.93 -1.97 -3.06
N GLU A 127 -19.93 -1.44 -3.76
CA GLU A 127 -19.35 -2.14 -4.90
C GLU A 127 -18.39 -3.23 -4.46
N ALA A 128 -17.87 -3.12 -3.23
CA ALA A 128 -16.95 -4.11 -2.71
C ALA A 128 -17.62 -5.01 -1.68
N ASP A 129 -18.83 -4.65 -1.28
CA ASP A 129 -19.57 -5.43 -0.30
C ASP A 129 -20.36 -6.55 -0.97
N ILE A 130 -19.79 -7.74 -0.91
CA ILE A 130 -20.40 -8.94 -1.49
C ILE A 130 -21.57 -9.45 -0.67
N ASP A 131 -21.51 -9.25 0.64
CA ASP A 131 -22.56 -9.72 1.54
C ASP A 131 -23.63 -8.64 1.76
N GLY A 132 -23.35 -7.43 1.26
CA GLY A 132 -24.29 -6.33 1.36
C GLY A 132 -24.84 -6.09 2.77
N ASP A 133 -23.95 -5.87 3.73
CA ASP A 133 -24.40 -5.60 5.10
C ASP A 133 -24.04 -4.16 5.53
N GLY A 134 -23.35 -3.43 4.67
CA GLY A 134 -22.96 -2.06 5.00
C GLY A 134 -21.50 -1.93 5.38
N GLN A 135 -20.75 -3.02 5.26
CA GLN A 135 -19.33 -3.02 5.60
C GLN A 135 -18.57 -4.02 4.74
N VAL A 136 -17.29 -4.20 5.03
CA VAL A 136 -16.47 -5.12 4.26
C VAL A 136 -15.72 -6.09 5.17
N ASN A 137 -15.90 -7.39 4.95
CA ASN A 137 -15.25 -8.42 5.75
C ASN A 137 -14.05 -9.03 4.99
N TYR A 138 -13.60 -10.20 5.45
CA TYR A 138 -12.46 -10.88 4.84
C TYR A 138 -12.70 -11.24 3.37
N GLU A 139 -13.52 -12.25 3.13
CA GLU A 139 -13.81 -12.68 1.77
C GLU A 139 -14.22 -11.49 0.92
N GLU A 140 -15.08 -10.67 1.47
CA GLU A 140 -15.54 -9.48 0.77
C GLU A 140 -14.36 -8.60 0.34
N PHE A 141 -13.31 -8.57 1.19
CA PHE A 141 -12.12 -7.77 0.90
C PHE A 141 -11.21 -8.45 -0.10
N VAL A 142 -10.96 -9.73 0.12
CA VAL A 142 -10.10 -10.50 -0.74
C VAL A 142 -10.70 -10.62 -2.14
N GLN A 143 -12.03 -10.70 -2.20
CA GLN A 143 -12.72 -10.81 -3.47
C GLN A 143 -12.67 -9.50 -4.26
N MET A 144 -12.73 -8.37 -3.54
CA MET A 144 -12.67 -7.07 -4.19
C MET A 144 -11.22 -6.64 -4.45
N MET A 145 -10.28 -7.45 -3.99
CA MET A 145 -8.86 -7.17 -4.18
C MET A 145 -8.31 -7.92 -5.40
N THR A 146 -8.82 -9.13 -5.61
CA THR A 146 -8.38 -9.94 -6.74
C THR A 146 -9.40 -11.03 -7.07
N ALA A 147 -9.88 -11.72 -6.04
CA ALA A 147 -10.86 -12.79 -6.25
C ALA A 147 -12.20 -12.23 -6.71
N LYS A 148 -12.26 -11.82 -7.97
CA LYS A 148 -13.48 -11.28 -8.55
C LYS A 148 -13.90 -10.00 -7.81
N THR B 1 6.89 -9.66 5.99
CA THR B 1 8.18 -10.40 6.07
C THR B 1 8.48 -11.11 4.75
N PRO B 2 9.00 -10.37 3.75
CA PRO B 2 9.34 -10.94 2.44
C PRO B 2 10.24 -12.17 2.55
N ARG B 3 10.67 -12.67 1.40
CA ARG B 3 11.54 -13.85 1.38
C ARG B 3 12.99 -13.45 1.15
N ARG B 4 13.21 -12.60 0.16
CA ARG B 4 14.57 -12.13 -0.16
C ARG B 4 14.53 -10.72 -0.75
N GLY B 5 13.67 -9.87 -0.19
CA GLY B 5 13.56 -8.51 -0.67
C GLY B 5 13.75 -7.48 0.43
N ARG B 6 12.88 -6.47 0.44
CA ARG B 6 12.95 -5.43 1.46
C ARG B 6 11.74 -5.48 2.38
N GLY B 7 12.00 -5.57 3.68
CA GLY B 7 10.91 -5.63 4.65
C GLY B 7 9.98 -4.43 4.57
N GLY B 8 10.50 -3.26 4.93
CA GLY B 8 9.70 -2.05 4.89
C GLY B 8 9.20 -1.73 3.50
N PHE B 9 10.11 -1.72 2.54
CA PHE B 9 9.78 -1.43 1.15
C PHE B 9 8.69 -2.37 0.65
N GLN B 10 9.00 -3.67 0.57
CA GLN B 10 8.02 -4.64 0.09
C GLN B 10 6.71 -4.51 0.87
N ARG B 11 6.82 -4.21 2.16
CA ARG B 11 5.63 -4.03 2.98
C ARG B 11 4.76 -2.95 2.36
N ILE B 12 5.40 -1.83 2.02
CA ILE B 12 4.71 -0.72 1.40
C ILE B 12 4.18 -1.15 0.02
N VAL B 13 5.00 -1.89 -0.71
CA VAL B 13 4.64 -2.38 -2.04
C VAL B 13 3.28 -3.07 -2.03
N ARG B 14 3.11 -4.00 -1.10
CA ARG B 14 1.87 -4.76 -0.99
C ARG B 14 0.74 -3.89 -0.44
N LEU B 15 1.03 -3.14 0.62
CA LEU B 15 0.02 -2.27 1.22
C LEU B 15 -0.56 -1.30 0.18
N VAL B 16 0.32 -0.67 -0.58
CA VAL B 16 -0.11 0.27 -1.61
C VAL B 16 -0.84 -0.45 -2.72
N GLY B 17 -0.26 -1.56 -3.20
CA GLY B 17 -0.88 -2.30 -4.27
C GLY B 17 -2.28 -2.76 -3.90
N VAL B 18 -2.50 -2.99 -2.61
CA VAL B 18 -3.80 -3.43 -2.12
C VAL B 18 -4.79 -2.27 -2.07
N ILE B 19 -4.42 -1.20 -1.35
CA ILE B 19 -5.28 -0.05 -1.22
C ILE B 19 -5.59 0.59 -2.57
N ARG B 20 -4.58 0.72 -3.42
CA ARG B 20 -4.75 1.30 -4.75
C ARG B 20 -5.81 0.51 -5.50
N ASP B 21 -5.84 -0.79 -5.25
CA ASP B 21 -6.80 -1.67 -5.90
C ASP B 21 -8.23 -1.20 -5.59
N TRP B 22 -8.43 -0.73 -4.37
CA TRP B 22 -9.73 -0.23 -3.95
C TRP B 22 -9.81 1.28 -4.13
N ALA B 23 -8.64 1.91 -4.27
CA ALA B 23 -8.54 3.34 -4.44
C ALA B 23 -8.87 3.77 -5.87
N ASN B 24 -8.45 2.96 -6.83
CA ASN B 24 -8.69 3.27 -8.24
C ASN B 24 -9.46 2.16 -8.94
N LYS B 25 -8.80 1.02 -9.13
CA LYS B 25 -9.41 -0.13 -9.80
C LYS B 25 -10.84 -0.37 -9.32
N ASN B 26 -10.97 -1.01 -8.16
CA ASN B 26 -12.28 -1.28 -7.58
C ASN B 26 -13.03 -2.35 -8.40
N PHE B 27 -13.33 -2.02 -9.65
CA PHE B 27 -14.06 -2.94 -10.52
C PHE B 27 -13.14 -3.51 -11.60
N ARG B 28 -11.88 -3.74 -11.23
CA ARG B 28 -10.89 -4.28 -12.17
C ARG B 28 -11.46 -5.49 -12.92
CA CA C . 12.15 13.34 1.06
CA CA D . 20.25 7.53 -3.49
CA CA E . -13.32 0.86 12.35
CA CA F . -20.66 -6.64 4.20
N ALA A 1 9.83 -4.94 -19.75
CA ALA A 1 10.73 -5.90 -19.06
C ALA A 1 11.15 -5.38 -17.69
N ASP A 2 11.75 -4.19 -17.69
CA ASP A 2 12.21 -3.57 -16.45
C ASP A 2 11.28 -2.44 -16.03
N GLN A 3 9.98 -2.66 -16.17
CA GLN A 3 8.98 -1.66 -15.80
C GLN A 3 7.60 -2.28 -15.71
N LEU A 4 6.62 -1.48 -15.28
CA LEU A 4 5.25 -1.95 -15.13
C LEU A 4 4.30 -1.09 -15.96
N THR A 5 3.09 -1.59 -16.15
CA THR A 5 2.07 -0.86 -16.93
C THR A 5 1.61 0.37 -16.17
N GLU A 6 0.74 1.15 -16.80
CA GLU A 6 0.22 2.37 -16.20
C GLU A 6 -0.52 2.07 -14.89
N GLU A 7 -1.26 0.96 -14.87
CA GLU A 7 -2.01 0.56 -13.70
C GLU A 7 -1.09 0.10 -12.57
N GLN A 8 -0.25 -0.90 -12.86
CA GLN A 8 0.67 -1.43 -11.87
C GLN A 8 1.59 -0.33 -11.34
N ILE A 9 2.12 0.48 -12.25
CA ILE A 9 3.01 1.57 -11.88
C ILE A 9 2.26 2.67 -11.13
N ALA A 10 0.96 2.78 -11.39
CA ALA A 10 0.13 3.78 -10.74
C ALA A 10 0.28 3.74 -9.22
N GLU A 11 0.29 2.54 -8.68
CA GLU A 11 0.44 2.37 -7.24
C GLU A 11 1.85 2.70 -6.77
N PHE A 12 2.82 2.57 -7.67
CA PHE A 12 4.22 2.85 -7.32
C PHE A 12 4.46 4.36 -7.20
N LYS A 13 4.02 5.12 -8.19
CA LYS A 13 4.21 6.58 -8.16
C LYS A 13 3.57 7.16 -6.91
N GLU A 14 2.36 6.70 -6.62
CA GLU A 14 1.62 7.16 -5.45
C GLU A 14 2.32 6.73 -4.17
N ALA A 15 2.67 5.46 -4.10
CA ALA A 15 3.35 4.89 -2.95
C ALA A 15 4.58 5.71 -2.58
N PHE A 16 5.32 6.12 -3.59
CA PHE A 16 6.53 6.90 -3.38
C PHE A 16 6.23 8.17 -2.58
N SER A 17 5.05 8.74 -2.81
CA SER A 17 4.65 9.95 -2.10
C SER A 17 4.17 9.62 -0.69
N LEU A 18 3.91 8.35 -0.43
CA LEU A 18 3.46 7.92 0.89
C LEU A 18 4.66 7.63 1.78
N PHE A 19 5.69 7.02 1.21
CA PHE A 19 6.89 6.70 1.95
C PHE A 19 7.61 7.98 2.37
N ASP A 20 8.11 8.73 1.39
CA ASP A 20 8.80 9.98 1.68
C ASP A 20 7.85 10.98 2.33
N LYS A 21 8.26 11.51 3.48
CA LYS A 21 7.44 12.48 4.21
C LYS A 21 7.34 13.80 3.46
N ASP A 22 8.44 14.21 2.81
CA ASP A 22 8.45 15.44 2.05
C ASP A 22 8.09 15.18 0.59
N GLY A 23 8.07 13.90 0.22
CA GLY A 23 7.73 13.53 -1.13
C GLY A 23 8.62 14.19 -2.17
N ASP A 24 9.88 14.41 -1.81
CA ASP A 24 10.82 15.04 -2.75
C ASP A 24 11.31 14.06 -3.81
N GLY A 25 10.81 12.82 -3.77
CA GLY A 25 11.21 11.84 -4.77
C GLY A 25 12.20 10.81 -4.26
N THR A 26 12.60 10.92 -3.00
CA THR A 26 13.55 9.95 -2.43
C THR A 26 13.33 9.79 -0.93
N ILE A 27 13.27 8.54 -0.49
CA ILE A 27 13.09 8.23 0.92
C ILE A 27 14.39 7.77 1.57
N THR A 28 14.85 8.53 2.56
CA THR A 28 16.08 8.20 3.26
C THR A 28 15.78 7.47 4.57
N THR A 29 16.80 6.83 5.13
CA THR A 29 16.65 6.08 6.37
C THR A 29 15.99 6.92 7.47
N LYS A 30 16.12 8.24 7.38
CA LYS A 30 15.54 9.14 8.37
C LYS A 30 14.02 9.13 8.29
N GLU A 31 13.49 9.31 7.09
CA GLU A 31 12.05 9.31 6.87
C GLU A 31 11.50 7.89 6.86
N LEU A 32 12.28 6.99 6.28
CA LEU A 32 11.90 5.58 6.19
C LEU A 32 11.57 5.03 7.56
N GLY A 33 12.41 5.34 8.55
CA GLY A 33 12.17 4.87 9.90
C GLY A 33 10.93 5.48 10.52
N THR A 34 10.60 6.70 10.08
CA THR A 34 9.43 7.40 10.59
C THR A 34 8.14 6.78 10.03
N VAL A 35 8.02 6.79 8.71
CA VAL A 35 6.85 6.24 8.05
C VAL A 35 6.71 4.74 8.31
N MET A 36 7.84 4.07 8.50
CA MET A 36 7.84 2.63 8.76
C MET A 36 7.10 2.33 10.06
N ARG A 37 7.55 2.96 11.15
CA ARG A 37 6.92 2.76 12.45
C ARG A 37 5.51 3.34 12.47
N SER A 38 5.27 4.33 11.60
CA SER A 38 3.96 4.97 11.51
C SER A 38 2.84 3.94 11.36
N LEU A 39 3.04 2.98 10.46
CA LEU A 39 2.05 1.93 10.23
C LEU A 39 1.59 1.31 11.54
N GLY A 40 2.53 0.73 12.27
CA GLY A 40 2.20 0.11 13.54
C GLY A 40 3.30 -0.79 14.05
N GLN A 41 4.56 -0.35 13.89
CA GLN A 41 5.70 -1.12 14.34
C GLN A 41 6.79 -0.22 14.89
N ASN A 42 7.80 -0.81 15.52
CA ASN A 42 8.90 -0.06 16.09
C ASN A 42 10.24 -0.75 15.80
N PRO A 43 10.58 -0.93 14.51
CA PRO A 43 11.82 -1.57 14.10
C PRO A 43 13.04 -0.68 14.32
N THR A 44 14.21 -1.20 13.95
CA THR A 44 15.46 -0.46 14.10
C THR A 44 15.88 0.18 12.79
N GLU A 45 16.94 0.98 12.85
CA GLU A 45 17.46 1.65 11.66
C GLU A 45 18.06 0.62 10.71
N ALA A 46 18.57 -0.46 11.29
CA ALA A 46 19.17 -1.54 10.53
C ALA A 46 18.24 -2.01 9.42
N GLU A 47 16.96 -2.18 9.75
CA GLU A 47 15.98 -2.61 8.78
C GLU A 47 15.86 -1.59 7.64
N LEU A 48 15.90 -0.32 8.02
CA LEU A 48 15.81 0.77 7.06
C LEU A 48 16.94 0.69 6.04
N GLN A 49 18.16 0.57 6.54
CA GLN A 49 19.34 0.48 5.68
C GLN A 49 19.29 -0.76 4.80
N ASP A 50 18.83 -1.87 5.37
CA ASP A 50 18.75 -3.12 4.63
C ASP A 50 17.68 -3.05 3.54
N MET A 51 16.47 -2.64 3.92
CA MET A 51 15.36 -2.53 2.97
C MET A 51 15.74 -1.61 1.82
N ILE A 52 16.17 -0.40 2.17
CA ILE A 52 16.59 0.58 1.17
C ILE A 52 17.73 0.04 0.34
N ASN A 53 18.71 -0.55 1.01
CA ASN A 53 19.88 -1.11 0.33
C ASN A 53 19.48 -2.06 -0.79
N GLU A 54 18.29 -2.64 -0.67
CA GLU A 54 17.78 -3.56 -1.67
C GLU A 54 17.15 -2.81 -2.83
N VAL A 55 17.11 -1.49 -2.72
CA VAL A 55 16.48 -0.68 -3.75
C VAL A 55 17.36 0.47 -4.24
N ASP A 56 18.19 1.00 -3.35
CA ASP A 56 19.07 2.10 -3.70
C ASP A 56 20.08 1.68 -4.75
N ALA A 57 20.27 2.55 -5.74
CA ALA A 57 21.22 2.28 -6.83
C ALA A 57 22.65 2.31 -6.34
N ASP A 58 23.00 3.40 -5.69
CA ASP A 58 24.36 3.58 -5.17
C ASP A 58 24.46 3.18 -3.70
N GLY A 59 23.37 2.66 -3.16
CA GLY A 59 23.36 2.22 -1.76
C GLY A 59 23.84 3.26 -0.78
N ASN A 60 23.17 4.41 -0.75
CA ASN A 60 23.55 5.48 0.18
C ASN A 60 22.51 5.64 1.29
N GLY A 61 21.44 4.84 1.23
CA GLY A 61 20.40 4.92 2.25
C GLY A 61 19.16 5.64 1.77
N THR A 62 19.02 5.78 0.45
CA THR A 62 17.86 6.45 -0.12
C THR A 62 17.51 5.87 -1.49
N ILE A 63 16.22 5.71 -1.76
CA ILE A 63 15.76 5.17 -3.03
C ILE A 63 15.19 6.25 -3.93
N ASP A 64 15.34 6.05 -5.24
CA ASP A 64 14.85 6.99 -6.23
C ASP A 64 13.62 6.42 -6.94
N PHE A 65 12.96 7.25 -7.74
CA PHE A 65 11.76 6.83 -8.47
C PHE A 65 12.04 5.61 -9.35
N PRO A 66 12.96 5.73 -10.32
CA PRO A 66 13.31 4.62 -11.21
C PRO A 66 14.00 3.47 -10.49
N GLU A 67 14.55 3.76 -9.32
CA GLU A 67 15.26 2.76 -8.53
C GLU A 67 14.28 1.89 -7.76
N PHE A 68 13.20 2.49 -7.26
CA PHE A 68 12.18 1.76 -6.52
C PHE A 68 11.32 0.94 -7.48
N LEU A 69 11.10 1.47 -8.68
CA LEU A 69 10.29 0.82 -9.69
C LEU A 69 11.06 -0.32 -10.37
N THR A 70 12.20 0.01 -10.96
CA THR A 70 13.04 -0.97 -11.65
C THR A 70 13.33 -2.16 -10.75
N MET A 71 13.70 -1.89 -9.50
CA MET A 71 14.01 -2.94 -8.55
C MET A 71 12.81 -3.85 -8.34
N MET A 72 11.61 -3.27 -8.46
CA MET A 72 10.37 -4.03 -8.29
C MET A 72 9.66 -4.23 -9.63
N ALA A 73 10.39 -4.01 -10.73
CA ALA A 73 9.81 -4.17 -12.06
C ALA A 73 10.46 -5.33 -12.79
N ARG A 74 11.78 -5.46 -12.64
CA ARG A 74 12.52 -6.53 -13.30
C ARG A 74 12.01 -7.90 -12.84
N LYS A 75 11.81 -8.05 -11.54
CA LYS A 75 11.32 -9.32 -10.99
C LYS A 75 10.48 -9.09 -9.74
N MET A 76 9.40 -8.32 -9.90
CA MET A 76 8.51 -8.03 -8.78
C MET A 76 7.16 -7.50 -9.28
N LYS A 77 6.62 -8.15 -10.30
CA LYS A 77 5.34 -7.75 -10.87
C LYS A 77 4.35 -8.90 -10.82
N ASP A 78 3.89 -9.23 -9.62
CA ASP A 78 2.94 -10.32 -9.43
C ASP A 78 1.59 -9.78 -8.96
N THR A 79 0.67 -10.69 -8.67
CA THR A 79 -0.66 -10.31 -8.20
C THR A 79 -0.70 -10.18 -6.68
N ASP A 80 -1.91 -10.09 -6.14
CA ASP A 80 -2.09 -9.96 -4.69
C ASP A 80 -2.09 -11.33 -4.02
N SER A 81 -2.26 -11.32 -2.70
CA SER A 81 -2.28 -12.57 -1.93
C SER A 81 -3.20 -12.42 -0.72
N GLU A 82 -3.69 -13.56 -0.22
CA GLU A 82 -4.59 -13.56 0.93
C GLU A 82 -4.00 -12.76 2.09
N GLU A 83 -2.68 -12.66 2.12
CA GLU A 83 -1.99 -11.93 3.19
C GLU A 83 -2.16 -10.42 3.01
N GLU A 84 -2.09 -9.96 1.76
CA GLU A 84 -2.23 -8.54 1.46
C GLU A 84 -3.62 -8.02 1.85
N ILE A 85 -4.61 -8.91 1.83
CA ILE A 85 -5.98 -8.56 2.20
C ILE A 85 -6.10 -8.37 3.71
N ARG A 86 -5.42 -9.24 4.45
CA ARG A 86 -5.44 -9.16 5.91
C ARG A 86 -4.65 -7.94 6.39
N GLU A 87 -3.44 -7.78 5.88
CA GLU A 87 -2.60 -6.65 6.24
C GLU A 87 -3.30 -5.35 5.84
N ALA A 88 -3.81 -5.34 4.62
CA ALA A 88 -4.53 -4.20 4.09
C ALA A 88 -5.65 -3.81 5.03
N PHE A 89 -6.43 -4.81 5.42
CA PHE A 89 -7.55 -4.59 6.33
C PHE A 89 -7.10 -3.82 7.57
N ARG A 90 -5.91 -4.13 8.04
CA ARG A 90 -5.35 -3.48 9.21
C ARG A 90 -4.84 -2.09 8.86
N VAL A 91 -4.39 -1.91 7.61
CA VAL A 91 -3.87 -0.62 7.18
C VAL A 91 -5.01 0.35 6.90
N PHE A 92 -6.11 -0.16 6.35
CA PHE A 92 -7.27 0.68 6.06
C PHE A 92 -7.97 1.10 7.35
N ASP A 93 -8.48 0.11 8.08
CA ASP A 93 -9.17 0.38 9.33
C ASP A 93 -8.17 0.53 10.49
N LYS A 94 -8.20 1.69 11.12
CA LYS A 94 -7.30 1.96 12.23
C LYS A 94 -7.55 1.02 13.41
N ASP A 95 -8.81 0.95 13.84
CA ASP A 95 -9.18 0.08 14.96
C ASP A 95 -9.32 -1.37 14.51
N GLY A 96 -9.29 -1.60 13.20
CA GLY A 96 -9.42 -2.95 12.67
C GLY A 96 -10.55 -3.74 13.32
N ASN A 97 -11.79 -3.37 13.00
CA ASN A 97 -12.94 -4.05 13.57
C ASN A 97 -13.43 -5.17 12.65
N GLY A 98 -12.59 -5.56 11.69
CA GLY A 98 -12.94 -6.62 10.77
C GLY A 98 -14.10 -6.24 9.86
N TYR A 99 -14.42 -4.95 9.81
CA TYR A 99 -15.50 -4.47 8.98
C TYR A 99 -15.34 -2.98 8.68
N ILE A 100 -15.15 -2.64 7.41
CA ILE A 100 -14.98 -1.25 7.00
C ILE A 100 -16.15 -0.76 6.14
N SER A 101 -16.75 0.33 6.58
CA SER A 101 -17.87 0.93 5.87
C SER A 101 -17.41 2.17 5.13
N ALA A 102 -18.21 2.59 4.15
CA ALA A 102 -17.89 3.77 3.35
C ALA A 102 -17.50 4.95 4.24
N ALA A 103 -18.26 5.19 5.30
CA ALA A 103 -17.96 6.28 6.22
C ALA A 103 -16.56 6.17 6.76
N GLU A 104 -16.27 5.05 7.42
CA GLU A 104 -14.95 4.81 7.98
C GLU A 104 -13.90 4.95 6.89
N LEU A 105 -14.26 4.51 5.69
CA LEU A 105 -13.36 4.59 4.55
C LEU A 105 -13.04 6.05 4.26
N ARG A 106 -14.10 6.87 4.18
CA ARG A 106 -13.95 8.29 3.95
C ARG A 106 -13.05 8.90 5.01
N HIS A 107 -13.27 8.45 6.25
CA HIS A 107 -12.47 8.93 7.38
C HIS A 107 -11.00 8.59 7.16
N VAL A 108 -10.74 7.40 6.61
CA VAL A 108 -9.37 6.96 6.35
C VAL A 108 -8.74 7.80 5.24
N MET A 109 -9.41 7.88 4.09
CA MET A 109 -8.91 8.65 2.96
C MET A 109 -8.52 10.06 3.40
N THR A 110 -9.47 10.75 4.04
CA THR A 110 -9.22 12.10 4.52
C THR A 110 -8.20 12.09 5.65
N ASN A 111 -8.09 10.96 6.33
CA ASN A 111 -7.15 10.81 7.44
C ASN A 111 -5.71 10.79 6.93
N LEU A 112 -5.53 10.28 5.71
CA LEU A 112 -4.20 10.20 5.11
C LEU A 112 -3.91 11.43 4.26
N GLY A 113 -4.96 12.03 3.71
CA GLY A 113 -4.80 13.21 2.89
C GLY A 113 -5.63 13.15 1.62
N GLU A 114 -6.86 12.71 1.74
CA GLU A 114 -7.75 12.60 0.59
C GLU A 114 -9.22 12.70 1.03
N LYS A 115 -9.86 13.82 0.67
CA LYS A 115 -11.25 14.04 1.03
C LYS A 115 -12.18 13.54 -0.07
N LEU A 116 -12.77 12.37 0.15
CA LEU A 116 -13.69 11.78 -0.82
C LEU A 116 -15.13 12.09 -0.46
N THR A 117 -16.04 11.84 -1.39
CA THR A 117 -17.46 12.10 -1.17
C THR A 117 -18.17 10.83 -0.69
N ASP A 118 -19.36 11.01 -0.14
CA ASP A 118 -20.14 9.88 0.35
C ASP A 118 -20.44 8.88 -0.76
N GLU A 119 -20.79 9.40 -1.93
CA GLU A 119 -21.10 8.56 -3.08
C GLU A 119 -19.89 7.70 -3.47
N GLU A 120 -18.70 8.28 -3.34
CA GLU A 120 -17.47 7.58 -3.68
C GLU A 120 -17.25 6.38 -2.76
N VAL A 121 -17.25 6.64 -1.45
CA VAL A 121 -17.05 5.59 -0.47
C VAL A 121 -18.18 4.58 -0.49
N ASP A 122 -19.41 5.08 -0.65
CA ASP A 122 -20.58 4.21 -0.70
C ASP A 122 -20.49 3.27 -1.90
N GLU A 123 -20.06 3.81 -3.03
CA GLU A 123 -19.93 3.04 -4.25
C GLU A 123 -18.72 2.10 -4.15
N MET A 124 -17.72 2.53 -3.39
CA MET A 124 -16.51 1.73 -3.21
C MET A 124 -16.80 0.51 -2.34
N ILE A 125 -17.68 0.67 -1.36
CA ILE A 125 -18.03 -0.42 -0.47
C ILE A 125 -19.04 -1.35 -1.11
N ARG A 126 -20.17 -0.80 -1.54
CA ARG A 126 -21.21 -1.60 -2.16
C ARG A 126 -20.66 -2.42 -3.31
N GLU A 127 -19.65 -1.87 -3.97
CA GLU A 127 -19.00 -2.56 -5.08
C GLU A 127 -18.03 -3.61 -4.57
N ALA A 128 -17.59 -3.47 -3.32
CA ALA A 128 -16.64 -4.42 -2.74
C ALA A 128 -17.32 -5.30 -1.70
N ASP A 129 -18.61 -5.05 -1.44
CA ASP A 129 -19.34 -5.83 -0.45
C ASP A 129 -20.11 -6.97 -1.12
N ILE A 130 -19.64 -8.17 -0.87
CA ILE A 130 -20.23 -9.39 -1.43
C ILE A 130 -21.39 -9.89 -0.58
N ASP A 131 -21.32 -9.65 0.72
CA ASP A 131 -22.35 -10.09 1.64
C ASP A 131 -23.43 -9.02 1.84
N GLY A 132 -23.17 -7.82 1.33
CA GLY A 132 -24.11 -6.72 1.42
C GLY A 132 -24.66 -6.47 2.81
N ASP A 133 -23.78 -6.21 3.77
CA ASP A 133 -24.20 -5.93 5.14
C ASP A 133 -23.88 -4.49 5.55
N GLY A 134 -23.20 -3.75 4.67
CA GLY A 134 -22.85 -2.37 4.97
C GLY A 134 -21.38 -2.20 5.35
N GLN A 135 -20.61 -3.27 5.21
CA GLN A 135 -19.19 -3.24 5.54
C GLN A 135 -18.42 -4.24 4.68
N VAL A 136 -17.13 -4.39 4.96
CA VAL A 136 -16.31 -5.31 4.19
C VAL A 136 -15.54 -6.26 5.10
N ASN A 137 -15.68 -7.57 4.85
CA ASN A 137 -15.01 -8.59 5.65
C ASN A 137 -13.82 -9.19 4.89
N TYR A 138 -13.29 -10.29 5.40
CA TYR A 138 -12.14 -10.96 4.80
C TYR A 138 -12.42 -11.39 3.36
N GLU A 139 -13.21 -12.44 3.20
CA GLU A 139 -13.53 -12.94 1.87
C GLU A 139 -13.99 -11.80 0.97
N GLU A 140 -14.85 -10.96 1.50
CA GLU A 140 -15.34 -9.82 0.76
C GLU A 140 -14.19 -8.93 0.27
N PHE A 141 -13.15 -8.81 1.09
CA PHE A 141 -12.00 -7.98 0.75
C PHE A 141 -11.06 -8.68 -0.22
N VAL A 142 -10.70 -9.91 0.12
CA VAL A 142 -9.79 -10.69 -0.71
C VAL A 142 -10.32 -10.79 -2.14
N GLN A 143 -11.64 -10.99 -2.26
CA GLN A 143 -12.28 -11.09 -3.57
C GLN A 143 -12.32 -9.75 -4.30
N MET A 144 -12.47 -8.67 -3.54
CA MET A 144 -12.53 -7.33 -4.12
C MET A 144 -11.13 -6.78 -4.38
N MET A 145 -10.12 -7.61 -4.20
CA MET A 145 -8.73 -7.21 -4.41
C MET A 145 -8.08 -8.02 -5.53
N THR A 146 -8.40 -9.31 -5.59
CA THR A 146 -7.85 -10.18 -6.62
C THR A 146 -8.82 -11.29 -6.99
N ALA A 147 -9.32 -12.01 -5.99
CA ALA A 147 -10.25 -13.11 -6.24
C ALA A 147 -11.59 -12.59 -6.76
N LYS A 148 -11.60 -12.18 -8.02
CA LYS A 148 -12.82 -11.67 -8.64
C LYS A 148 -13.31 -10.41 -7.92
N THR B 1 5.02 -8.77 4.17
CA THR B 1 6.07 -9.50 4.92
C THR B 1 6.73 -10.57 4.04
N PRO B 2 7.72 -10.18 3.22
CA PRO B 2 8.43 -11.10 2.34
C PRO B 2 9.31 -12.07 3.10
N ARG B 3 9.58 -13.23 2.50
CA ARG B 3 10.41 -14.24 3.14
C ARG B 3 11.83 -13.71 3.37
N ARG B 4 12.45 -13.21 2.31
CA ARG B 4 13.80 -12.68 2.40
C ARG B 4 13.98 -11.48 1.47
N GLY B 5 13.54 -10.30 1.93
CA GLY B 5 13.65 -9.11 1.13
C GLY B 5 13.58 -7.84 1.97
N ARG B 6 12.64 -6.97 1.63
CA ARG B 6 12.46 -5.71 2.36
C ARG B 6 11.10 -5.68 3.06
N GLY B 7 11.13 -5.88 4.38
CA GLY B 7 9.91 -5.89 5.16
C GLY B 7 9.10 -4.62 4.99
N GLY B 8 9.55 -3.53 5.63
CA GLY B 8 8.85 -2.26 5.54
C GLY B 8 8.62 -1.86 4.10
N PHE B 9 9.66 -1.96 3.29
CA PHE B 9 9.59 -1.62 1.88
C PHE B 9 8.53 -2.46 1.17
N GLN B 10 8.81 -3.75 1.00
CA GLN B 10 7.86 -4.64 0.35
C GLN B 10 6.48 -4.52 1.00
N ARG B 11 6.46 -4.32 2.31
CA ARG B 11 5.21 -4.15 3.02
C ARG B 11 4.44 -3.00 2.40
N ILE B 12 5.11 -1.85 2.31
CA ILE B 12 4.52 -0.67 1.71
C ILE B 12 4.06 -0.97 0.28
N VAL B 13 4.89 -1.72 -0.45
CA VAL B 13 4.60 -2.11 -1.82
C VAL B 13 3.22 -2.76 -1.92
N ARG B 14 2.99 -3.77 -1.10
CA ARG B 14 1.73 -4.50 -1.10
C ARG B 14 0.61 -3.66 -0.49
N LEU B 15 0.88 -2.99 0.62
CA LEU B 15 -0.11 -2.15 1.27
C LEU B 15 -0.65 -1.09 0.30
N VAL B 16 0.26 -0.40 -0.37
CA VAL B 16 -0.13 0.63 -1.33
C VAL B 16 -0.86 0.01 -2.52
N GLY B 17 -0.29 -1.05 -3.07
CA GLY B 17 -0.91 -1.70 -4.20
C GLY B 17 -2.30 -2.20 -3.90
N VAL B 18 -2.53 -2.54 -2.64
CA VAL B 18 -3.84 -3.04 -2.20
C VAL B 18 -4.84 -1.90 -2.06
N ILE B 19 -4.47 -0.87 -1.29
CA ILE B 19 -5.36 0.26 -1.07
C ILE B 19 -5.59 1.03 -2.36
N ARG B 20 -4.53 1.24 -3.13
CA ARG B 20 -4.64 1.96 -4.40
C ARG B 20 -5.65 1.27 -5.30
N ASP B 21 -5.70 -0.05 -5.19
CA ASP B 21 -6.62 -0.84 -5.98
C ASP B 21 -8.07 -0.50 -5.61
N TRP B 22 -8.29 -0.25 -4.33
CA TRP B 22 -9.63 0.09 -3.84
C TRP B 22 -9.80 1.62 -3.75
N ALA B 23 -8.69 2.34 -3.91
CA ALA B 23 -8.71 3.79 -3.84
C ALA B 23 -8.84 4.41 -5.23
N ASN B 24 -8.36 3.69 -6.24
CA ASN B 24 -8.40 4.17 -7.61
C ASN B 24 -9.20 3.24 -8.51
N LYS B 25 -8.66 2.05 -8.77
CA LYS B 25 -9.31 1.08 -9.63
C LYS B 25 -10.74 0.81 -9.17
N ASN B 26 -10.90 0.04 -8.10
CA ASN B 26 -12.21 -0.29 -7.55
C ASN B 26 -12.98 -1.22 -8.48
N PHE B 27 -13.26 -0.75 -9.69
CA PHE B 27 -14.01 -1.55 -10.65
C PHE B 27 -13.09 -2.11 -11.73
N ARG B 28 -11.85 -2.41 -11.34
CA ARG B 28 -10.86 -2.97 -12.27
C ARG B 28 -11.43 -4.16 -13.02
CA CA C . 12.89 13.04 1.31
CA CA D . 21.89 6.42 -3.22
CA CA E . -13.44 0.44 12.34
CA CA F . -20.48 -6.93 4.10
N ALA A 1 11.12 -4.33 -20.38
CA ALA A 1 11.70 -5.40 -19.53
C ALA A 1 11.66 -5.03 -18.05
N ASP A 2 12.29 -3.92 -17.71
CA ASP A 2 12.32 -3.45 -16.33
C ASP A 2 11.33 -2.30 -16.12
N GLN A 3 10.05 -2.64 -16.06
CA GLN A 3 9.01 -1.63 -15.86
C GLN A 3 7.64 -2.29 -15.74
N LEU A 4 6.63 -1.50 -15.38
CA LEU A 4 5.27 -2.01 -15.23
C LEU A 4 4.29 -1.16 -16.03
N THR A 5 3.09 -1.69 -16.22
CA THR A 5 2.05 -0.98 -16.95
C THR A 5 1.57 0.25 -16.18
N GLU A 6 0.79 1.09 -16.85
CA GLU A 6 0.27 2.30 -16.22
C GLU A 6 -0.48 1.98 -14.93
N GLU A 7 -1.20 0.86 -14.93
CA GLU A 7 -1.97 0.44 -13.77
C GLU A 7 -1.06 -0.02 -12.62
N GLN A 8 -0.22 -1.01 -12.92
CA GLN A 8 0.70 -1.55 -11.91
C GLN A 8 1.61 -0.44 -11.38
N ILE A 9 2.15 0.36 -12.29
CA ILE A 9 3.04 1.45 -11.92
C ILE A 9 2.29 2.54 -11.15
N ALA A 10 0.98 2.64 -11.40
CA ALA A 10 0.14 3.63 -10.75
C ALA A 10 0.31 3.59 -9.23
N GLU A 11 0.32 2.39 -8.68
CA GLU A 11 0.47 2.21 -7.24
C GLU A 11 1.88 2.56 -6.78
N PHE A 12 2.86 2.45 -7.68
CA PHE A 12 4.25 2.75 -7.34
C PHE A 12 4.47 4.25 -7.22
N LYS A 13 4.02 5.02 -8.21
CA LYS A 13 4.18 6.47 -8.18
C LYS A 13 3.53 7.04 -6.93
N GLU A 14 2.33 6.57 -6.64
CA GLU A 14 1.59 7.01 -5.46
C GLU A 14 2.30 6.60 -4.19
N ALA A 15 2.67 5.33 -4.11
CA ALA A 15 3.36 4.78 -2.95
C ALA A 15 4.59 5.62 -2.60
N PHE A 16 5.31 6.04 -3.63
CA PHE A 16 6.52 6.84 -3.43
C PHE A 16 6.23 8.09 -2.62
N SER A 17 5.08 8.70 -2.87
CA SER A 17 4.68 9.91 -2.16
C SER A 17 4.19 9.58 -0.75
N LEU A 18 3.91 8.29 -0.50
CA LEU A 18 3.44 7.87 0.81
C LEU A 18 4.62 7.56 1.72
N PHE A 19 5.67 6.97 1.16
CA PHE A 19 6.86 6.63 1.92
C PHE A 19 7.54 7.90 2.43
N ASP A 20 8.04 8.71 1.49
CA ASP A 20 8.71 9.96 1.88
C ASP A 20 7.72 10.91 2.54
N LYS A 21 8.10 11.43 3.71
CA LYS A 21 7.25 12.34 4.46
C LYS A 21 7.10 13.67 3.72
N ASP A 22 8.17 14.12 3.08
CA ASP A 22 8.14 15.37 2.34
C ASP A 22 7.82 15.13 0.87
N GLY A 23 7.86 13.86 0.46
CA GLY A 23 7.56 13.52 -0.91
C GLY A 23 8.44 14.23 -1.90
N ASP A 24 9.71 14.40 -1.55
CA ASP A 24 10.65 15.08 -2.44
C ASP A 24 11.11 14.17 -3.58
N GLY A 25 10.63 12.93 -3.59
CA GLY A 25 10.99 12.01 -4.65
C GLY A 25 12.01 10.96 -4.20
N THR A 26 12.46 11.06 -2.96
CA THR A 26 13.43 10.11 -2.43
C THR A 26 13.24 9.91 -0.93
N ILE A 27 13.22 8.65 -0.51
CA ILE A 27 13.05 8.32 0.91
C ILE A 27 14.37 7.90 1.53
N THR A 28 14.80 8.63 2.55
CA THR A 28 16.05 8.34 3.23
C THR A 28 15.79 7.55 4.51
N THR A 29 16.84 6.94 5.06
CA THR A 29 16.73 6.15 6.28
C THR A 29 16.04 6.91 7.40
N LYS A 30 16.12 8.24 7.34
CA LYS A 30 15.51 9.07 8.37
C LYS A 30 13.98 9.05 8.28
N GLU A 31 13.47 9.29 7.08
CA GLU A 31 12.03 9.29 6.84
C GLU A 31 11.48 7.87 6.76
N LEU A 32 12.27 6.98 6.17
CA LEU A 32 11.88 5.59 6.01
C LEU A 32 11.49 4.97 7.36
N GLY A 33 12.33 5.17 8.37
CA GLY A 33 12.04 4.64 9.68
C GLY A 33 10.83 5.29 10.32
N THR A 34 10.57 6.53 9.95
CA THR A 34 9.44 7.27 10.49
C THR A 34 8.11 6.75 9.95
N VAL A 35 8.02 6.63 8.63
CA VAL A 35 6.81 6.15 7.99
C VAL A 35 6.60 4.66 8.24
N MET A 36 7.70 3.91 8.30
CA MET A 36 7.63 2.47 8.54
C MET A 36 6.95 2.18 9.87
N ARG A 37 7.45 2.80 10.92
CA ARG A 37 6.89 2.60 12.25
C ARG A 37 5.48 3.19 12.35
N SER A 38 5.20 4.17 11.50
CA SER A 38 3.88 4.82 11.49
C SER A 38 2.76 3.78 11.38
N LEU A 39 3.00 2.74 10.59
CA LEU A 39 2.01 1.69 10.41
C LEU A 39 1.62 1.05 11.74
N GLY A 40 2.58 0.39 12.38
CA GLY A 40 2.32 -0.25 13.65
C GLY A 40 3.49 -1.08 14.14
N GLN A 41 4.70 -0.57 13.92
CA GLN A 41 5.91 -1.28 14.34
C GLN A 41 6.97 -0.28 14.82
N ASN A 42 7.99 -0.80 15.48
CA ASN A 42 9.08 0.03 16.00
C ASN A 42 10.43 -0.65 15.82
N PRO A 43 10.79 -0.98 14.56
CA PRO A 43 12.06 -1.63 14.25
C PRO A 43 13.26 -0.70 14.42
N THR A 44 14.42 -1.15 13.96
CA THR A 44 15.64 -0.36 14.05
C THR A 44 15.98 0.28 12.72
N GLU A 45 16.98 1.16 12.73
CA GLU A 45 17.41 1.83 11.52
C GLU A 45 18.08 0.84 10.57
N ALA A 46 18.68 -0.19 11.16
CA ALA A 46 19.36 -1.23 10.41
C ALA A 46 18.45 -1.78 9.32
N GLU A 47 17.19 -2.03 9.68
CA GLU A 47 16.21 -2.54 8.72
C GLU A 47 16.00 -1.53 7.61
N LEU A 48 15.99 -0.25 7.98
CA LEU A 48 15.80 0.84 7.04
C LEU A 48 16.89 0.82 5.97
N GLN A 49 18.13 0.74 6.42
CA GLN A 49 19.27 0.71 5.51
C GLN A 49 19.25 -0.55 4.65
N ASP A 50 18.86 -1.67 5.27
CA ASP A 50 18.81 -2.94 4.56
C ASP A 50 17.74 -2.92 3.47
N MET A 51 16.53 -2.52 3.83
CA MET A 51 15.43 -2.44 2.88
C MET A 51 15.79 -1.51 1.73
N ILE A 52 16.18 -0.29 2.07
CA ILE A 52 16.57 0.70 1.08
C ILE A 52 17.75 0.19 0.25
N ASN A 53 18.73 -0.39 0.92
CA ASN A 53 19.91 -0.92 0.26
C ASN A 53 19.54 -1.87 -0.87
N GLU A 54 18.36 -2.48 -0.75
CA GLU A 54 17.88 -3.41 -1.76
C GLU A 54 17.24 -2.68 -2.92
N VAL A 55 17.16 -1.36 -2.80
CA VAL A 55 16.51 -0.57 -3.83
C VAL A 55 17.37 0.58 -4.34
N ASP A 56 18.19 1.13 -3.45
CA ASP A 56 19.05 2.25 -3.80
C ASP A 56 20.07 1.84 -4.87
N ALA A 57 20.24 2.69 -5.87
CA ALA A 57 21.18 2.44 -6.95
C ALA A 57 22.61 2.46 -6.48
N ASP A 58 22.97 3.56 -5.82
CA ASP A 58 24.33 3.73 -5.31
C ASP A 58 24.44 3.32 -3.83
N GLY A 59 23.35 2.80 -3.28
CA GLY A 59 23.35 2.35 -1.89
C GLY A 59 23.83 3.41 -0.91
N ASN A 60 23.15 4.54 -0.87
CA ASN A 60 23.52 5.61 0.05
C ASN A 60 22.48 5.77 1.16
N GLY A 61 21.41 4.99 1.10
CA GLY A 61 20.38 5.07 2.12
C GLY A 61 19.13 5.79 1.63
N THR A 62 18.99 5.92 0.32
CA THR A 62 17.83 6.58 -0.26
C THR A 62 17.48 6.00 -1.63
N ILE A 63 16.19 5.84 -1.89
CA ILE A 63 15.72 5.29 -3.16
C ILE A 63 15.14 6.37 -4.06
N ASP A 64 15.27 6.16 -5.36
CA ASP A 64 14.76 7.09 -6.36
C ASP A 64 13.54 6.50 -7.07
N PHE A 65 12.87 7.31 -7.87
CA PHE A 65 11.68 6.87 -8.60
C PHE A 65 11.97 5.65 -9.45
N PRO A 66 12.89 5.75 -10.43
CA PRO A 66 13.25 4.65 -11.31
C PRO A 66 13.96 3.52 -10.57
N GLU A 67 14.52 3.83 -9.41
CA GLU A 67 15.22 2.84 -8.61
C GLU A 67 14.25 1.96 -7.84
N PHE A 68 13.18 2.56 -7.34
CA PHE A 68 12.18 1.82 -6.58
C PHE A 68 11.32 0.98 -7.52
N LEU A 69 11.10 1.51 -8.73
CA LEU A 69 10.28 0.83 -9.73
C LEU A 69 11.04 -0.33 -10.37
N THR A 70 12.20 -0.03 -10.96
CA THR A 70 13.01 -1.05 -11.61
C THR A 70 13.27 -2.23 -10.68
N MET A 71 13.57 -1.93 -9.42
CA MET A 71 13.84 -2.96 -8.44
C MET A 71 12.68 -3.95 -8.36
N MET A 72 11.46 -3.43 -8.37
CA MET A 72 10.27 -4.25 -8.32
C MET A 72 9.64 -4.44 -9.69
N ALA A 73 10.38 -4.10 -10.74
CA ALA A 73 9.88 -4.23 -12.10
C ALA A 73 10.56 -5.40 -12.82
N ARG A 74 11.84 -5.59 -12.54
CA ARG A 74 12.60 -6.66 -13.16
C ARG A 74 12.22 -8.02 -12.57
N LYS A 75 11.75 -8.02 -11.32
CA LYS A 75 11.35 -9.25 -10.66
C LYS A 75 10.40 -8.97 -9.51
N MET A 76 9.23 -8.43 -9.82
CA MET A 76 8.22 -8.12 -8.82
C MET A 76 6.98 -7.50 -9.45
N LYS A 77 6.33 -8.25 -10.33
CA LYS A 77 5.13 -7.79 -11.01
C LYS A 77 4.06 -8.88 -11.03
N ASP A 78 3.37 -9.05 -9.91
CA ASP A 78 2.32 -10.06 -9.81
C ASP A 78 1.06 -9.47 -9.18
N THR A 79 0.11 -10.35 -8.83
CA THR A 79 -1.13 -9.92 -8.22
C THR A 79 -1.02 -9.91 -6.69
N ASP A 80 -2.17 -9.77 -6.02
CA ASP A 80 -2.19 -9.75 -4.56
C ASP A 80 -2.29 -11.15 -4.00
N SER A 81 -2.36 -11.26 -2.67
CA SER A 81 -2.47 -12.54 -2.00
C SER A 81 -3.39 -12.46 -0.79
N GLU A 82 -3.90 -13.61 -0.36
CA GLU A 82 -4.79 -13.67 0.80
C GLU A 82 -4.20 -12.92 2.00
N GLU A 83 -2.88 -12.83 2.05
CA GLU A 83 -2.20 -12.15 3.14
C GLU A 83 -2.31 -10.63 3.00
N GLU A 84 -2.24 -10.15 1.77
CA GLU A 84 -2.32 -8.71 1.49
C GLU A 84 -3.70 -8.18 1.86
N ILE A 85 -4.71 -9.03 1.80
CA ILE A 85 -6.08 -8.64 2.14
C ILE A 85 -6.22 -8.47 3.65
N ARG A 86 -5.56 -9.35 4.40
CA ARG A 86 -5.60 -9.28 5.85
C ARG A 86 -4.80 -8.09 6.36
N GLU A 87 -3.58 -7.95 5.86
CA GLU A 87 -2.72 -6.83 6.24
C GLU A 87 -3.38 -5.52 5.84
N ALA A 88 -3.88 -5.49 4.62
CA ALA A 88 -4.58 -4.33 4.09
C ALA A 88 -5.70 -3.93 5.01
N PHE A 89 -6.50 -4.91 5.40
CA PHE A 89 -7.62 -4.69 6.29
C PHE A 89 -7.17 -3.93 7.54
N ARG A 90 -5.99 -4.28 8.03
CA ARG A 90 -5.44 -3.64 9.20
C ARG A 90 -4.90 -2.24 8.87
N VAL A 91 -4.43 -2.07 7.64
CA VAL A 91 -3.89 -0.79 7.21
C VAL A 91 -5.01 0.21 6.93
N PHE A 92 -6.12 -0.28 6.36
CA PHE A 92 -7.25 0.58 6.07
C PHE A 92 -7.95 1.01 7.36
N ASP A 93 -8.48 0.04 8.09
CA ASP A 93 -9.17 0.31 9.34
C ASP A 93 -8.17 0.43 10.49
N LYS A 94 -8.17 1.59 11.14
CA LYS A 94 -7.27 1.83 12.26
C LYS A 94 -7.54 0.87 13.42
N ASP A 95 -8.80 0.82 13.85
CA ASP A 95 -9.20 -0.06 14.95
C ASP A 95 -9.36 -1.50 14.49
N GLY A 96 -9.33 -1.72 13.18
CA GLY A 96 -9.48 -3.06 12.64
C GLY A 96 -10.62 -3.83 13.28
N ASN A 97 -11.85 -3.44 12.97
CA ASN A 97 -13.02 -4.10 13.53
C ASN A 97 -13.52 -5.23 12.61
N GLY A 98 -12.69 -5.61 11.64
CA GLY A 98 -13.06 -6.67 10.72
C GLY A 98 -14.21 -6.25 9.81
N TYR A 99 -14.46 -4.96 9.73
CA TYR A 99 -15.54 -4.44 8.88
C TYR A 99 -15.35 -2.96 8.60
N ILE A 100 -15.16 -2.62 7.32
CA ILE A 100 -14.97 -1.23 6.92
C ILE A 100 -16.12 -0.72 6.08
N SER A 101 -16.72 0.37 6.52
CA SER A 101 -17.83 0.98 5.81
C SER A 101 -17.35 2.23 5.09
N ALA A 102 -18.15 2.67 4.12
CA ALA A 102 -17.82 3.85 3.34
C ALA A 102 -17.41 5.02 4.23
N ALA A 103 -18.16 5.23 5.30
CA ALA A 103 -17.86 6.31 6.23
C ALA A 103 -16.44 6.17 6.78
N GLU A 104 -16.18 5.04 7.42
CA GLU A 104 -14.86 4.78 7.98
C GLU A 104 -13.81 4.91 6.89
N LEU A 105 -14.16 4.46 5.68
CA LEU A 105 -13.26 4.56 4.55
C LEU A 105 -12.93 6.01 4.27
N ARG A 106 -13.97 6.84 4.20
CA ARG A 106 -13.81 8.26 3.97
C ARG A 106 -12.91 8.85 5.04
N HIS A 107 -13.13 8.41 6.28
CA HIS A 107 -12.34 8.87 7.40
C HIS A 107 -10.87 8.53 7.19
N VAL A 108 -10.61 7.34 6.64
CA VAL A 108 -9.24 6.91 6.37
C VAL A 108 -8.60 7.76 5.28
N MET A 109 -9.26 7.83 4.13
CA MET A 109 -8.74 8.63 3.01
C MET A 109 -8.36 10.03 3.47
N THR A 110 -9.30 10.71 4.11
CA THR A 110 -9.06 12.06 4.61
C THR A 110 -8.04 12.03 5.76
N ASN A 111 -7.94 10.88 6.42
CA ASN A 111 -7.02 10.71 7.53
C ASN A 111 -5.58 10.69 7.04
N LEU A 112 -5.39 10.20 5.81
CA LEU A 112 -4.05 10.11 5.22
C LEU A 112 -3.77 11.33 4.35
N GLY A 113 -4.82 11.90 3.78
CA GLY A 113 -4.65 13.07 2.92
C GLY A 113 -5.48 13.00 1.66
N GLU A 114 -6.73 12.55 1.80
CA GLU A 114 -7.62 12.43 0.66
C GLU A 114 -9.08 12.64 1.09
N LYS A 115 -9.66 13.76 0.67
CA LYS A 115 -11.03 14.09 1.01
C LYS A 115 -12.00 13.53 -0.03
N LEU A 116 -12.64 12.42 0.29
CA LEU A 116 -13.59 11.78 -0.62
C LEU A 116 -15.02 12.15 -0.24
N THR A 117 -15.95 11.89 -1.15
CA THR A 117 -17.36 12.20 -0.92
C THR A 117 -18.11 10.96 -0.47
N ASP A 118 -19.36 11.15 -0.04
CA ASP A 118 -20.19 10.04 0.41
C ASP A 118 -20.54 9.11 -0.74
N GLU A 119 -20.69 9.68 -1.93
CA GLU A 119 -21.03 8.89 -3.12
C GLU A 119 -19.88 7.96 -3.50
N GLU A 120 -18.67 8.49 -3.54
CA GLU A 120 -17.50 7.70 -3.89
C GLU A 120 -17.30 6.55 -2.90
N VAL A 121 -17.22 6.89 -1.63
CA VAL A 121 -17.03 5.88 -0.58
C VAL A 121 -18.14 4.83 -0.61
N ASP A 122 -19.40 5.28 -0.62
CA ASP A 122 -20.53 4.37 -0.65
C ASP A 122 -20.46 3.47 -1.87
N GLU A 123 -20.03 4.03 -2.99
CA GLU A 123 -19.89 3.28 -4.23
C GLU A 123 -18.70 2.34 -4.16
N MET A 124 -17.69 2.74 -3.40
CA MET A 124 -16.49 1.94 -3.24
C MET A 124 -16.77 0.69 -2.40
N ILE A 125 -17.64 0.84 -1.40
CA ILE A 125 -17.99 -0.27 -0.54
C ILE A 125 -19.01 -1.19 -1.18
N ARG A 126 -20.14 -0.61 -1.60
CA ARG A 126 -21.20 -1.39 -2.22
C ARG A 126 -20.65 -2.20 -3.39
N GLU A 127 -19.64 -1.66 -4.05
CA GLU A 127 -19.02 -2.33 -5.18
C GLU A 127 -18.08 -3.44 -4.70
N ALA A 128 -17.63 -3.35 -3.44
CA ALA A 128 -16.72 -4.36 -2.90
C ALA A 128 -17.44 -5.26 -1.89
N ASP A 129 -18.65 -4.88 -1.49
CA ASP A 129 -19.41 -5.66 -0.53
C ASP A 129 -20.18 -6.79 -1.21
N ILE A 130 -19.73 -8.01 -0.96
CA ILE A 130 -20.33 -9.21 -1.53
C ILE A 130 -21.51 -9.69 -0.71
N ASP A 131 -21.45 -9.46 0.60
CA ASP A 131 -22.48 -9.90 1.51
C ASP A 131 -23.55 -8.81 1.72
N GLY A 132 -23.26 -7.61 1.22
CA GLY A 132 -24.20 -6.50 1.32
C GLY A 132 -24.73 -6.25 2.71
N ASP A 133 -23.85 -6.01 3.67
CA ASP A 133 -24.26 -5.73 5.04
C ASP A 133 -23.91 -4.31 5.46
N GLY A 134 -23.21 -3.58 4.58
CA GLY A 134 -22.83 -2.21 4.90
C GLY A 134 -21.37 -2.07 5.27
N GLN A 135 -20.61 -3.15 5.12
CA GLN A 135 -19.18 -3.16 5.46
C GLN A 135 -18.44 -4.17 4.58
N VAL A 136 -17.16 -4.34 4.86
CA VAL A 136 -16.34 -5.27 4.09
C VAL A 136 -15.57 -6.22 5.00
N ASN A 137 -15.74 -7.52 4.76
CA ASN A 137 -15.07 -8.55 5.55
C ASN A 137 -13.90 -9.17 4.79
N TYR A 138 -13.37 -10.28 5.30
CA TYR A 138 -12.26 -10.97 4.69
C TYR A 138 -12.56 -11.40 3.25
N GLU A 139 -13.38 -12.42 3.09
CA GLU A 139 -13.72 -12.91 1.76
C GLU A 139 -14.14 -11.75 0.87
N GLU A 140 -14.99 -10.90 1.41
CA GLU A 140 -15.46 -9.73 0.67
C GLU A 140 -14.30 -8.88 0.19
N PHE A 141 -13.24 -8.77 1.01
CA PHE A 141 -12.09 -7.96 0.67
C PHE A 141 -11.15 -8.67 -0.29
N VAL A 142 -10.81 -9.91 0.04
CA VAL A 142 -9.94 -10.71 -0.80
C VAL A 142 -10.48 -10.82 -2.22
N GLN A 143 -11.81 -10.92 -2.32
CA GLN A 143 -12.47 -11.03 -3.61
C GLN A 143 -12.42 -9.71 -4.39
N MET A 144 -12.49 -8.58 -3.66
CA MET A 144 -12.44 -7.27 -4.30
C MET A 144 -10.99 -6.81 -4.47
N MET A 145 -10.05 -7.74 -4.34
CA MET A 145 -8.64 -7.42 -4.47
C MET A 145 -7.96 -8.33 -5.49
N THR A 146 -8.16 -9.64 -5.36
CA THR A 146 -7.55 -10.60 -6.27
C THR A 146 -8.23 -11.97 -6.20
N ALA A 147 -9.52 -11.97 -5.90
CA ALA A 147 -10.27 -13.23 -5.80
C ALA A 147 -11.69 -13.06 -6.30
N LYS A 148 -11.84 -12.57 -7.53
CA LYS A 148 -13.14 -12.36 -8.13
C LYS A 148 -13.95 -11.33 -7.35
N THR B 1 4.47 -10.28 5.94
CA THR B 1 5.87 -9.81 5.80
C THR B 1 6.67 -10.72 4.87
N PRO B 2 7.58 -10.16 4.07
CA PRO B 2 8.41 -10.93 3.14
C PRO B 2 9.13 -12.09 3.82
N ARG B 3 9.97 -12.79 3.08
CA ARG B 3 10.72 -13.92 3.62
C ARG B 3 12.17 -13.54 3.89
N ARG B 4 12.78 -12.85 2.93
CA ARG B 4 14.17 -12.42 3.07
C ARG B 4 14.45 -11.18 2.22
N GLY B 5 13.42 -10.36 2.05
CA GLY B 5 13.58 -9.15 1.25
C GLY B 5 13.48 -7.89 2.09
N ARG B 6 12.73 -6.91 1.60
CA ARG B 6 12.55 -5.65 2.32
C ARG B 6 11.20 -5.61 3.03
N GLY B 7 11.24 -5.81 4.35
CA GLY B 7 10.04 -5.81 5.14
C GLY B 7 9.23 -4.53 4.98
N GLY B 8 9.68 -3.45 5.61
CA GLY B 8 8.98 -2.18 5.51
C GLY B 8 8.72 -1.78 4.08
N PHE B 9 9.75 -1.92 3.24
CA PHE B 9 9.66 -1.58 1.83
C PHE B 9 8.59 -2.43 1.15
N GLN B 10 8.88 -3.72 0.96
CA GLN B 10 7.92 -4.61 0.32
C GLN B 10 6.56 -4.52 1.00
N ARG B 11 6.56 -4.27 2.31
CA ARG B 11 5.31 -4.13 3.04
C ARG B 11 4.51 -3.00 2.43
N ILE B 12 5.16 -1.83 2.33
CA ILE B 12 4.54 -0.66 1.73
C ILE B 12 4.09 -0.98 0.30
N VAL B 13 4.93 -1.71 -0.43
CA VAL B 13 4.63 -2.11 -1.79
C VAL B 13 3.28 -2.80 -1.90
N ARG B 14 3.08 -3.79 -1.03
CA ARG B 14 1.84 -4.56 -1.02
C ARG B 14 0.68 -3.75 -0.46
N LEU B 15 0.91 -3.08 0.66
CA LEU B 15 -0.12 -2.26 1.30
C LEU B 15 -0.64 -1.21 0.33
N VAL B 16 0.28 -0.53 -0.36
CA VAL B 16 -0.09 0.49 -1.33
C VAL B 16 -0.82 -0.11 -2.51
N GLY B 17 -0.26 -1.19 -3.06
CA GLY B 17 -0.87 -1.83 -4.20
C GLY B 17 -2.27 -2.32 -3.90
N VAL B 18 -2.50 -2.68 -2.63
CA VAL B 18 -3.81 -3.18 -2.21
C VAL B 18 -4.81 -2.03 -2.06
N ILE B 19 -4.43 -1.01 -1.30
CA ILE B 19 -5.31 0.13 -1.07
C ILE B 19 -5.54 0.93 -2.37
N ARG B 20 -4.47 1.13 -3.14
CA ARG B 20 -4.58 1.87 -4.40
C ARG B 20 -5.59 1.19 -5.31
N ASP B 21 -5.65 -0.12 -5.21
CA ASP B 21 -6.57 -0.90 -6.02
C ASP B 21 -8.01 -0.55 -5.67
N TRP B 22 -8.25 -0.31 -4.38
CA TRP B 22 -9.58 0.05 -3.91
C TRP B 22 -9.75 1.57 -3.81
N ALA B 23 -8.62 2.28 -3.89
CA ALA B 23 -8.62 3.73 -3.81
C ALA B 23 -8.72 4.37 -5.19
N ASN B 24 -8.26 3.64 -6.20
CA ASN B 24 -8.29 4.14 -7.57
C ASN B 24 -9.10 3.23 -8.49
N LYS B 25 -8.55 2.05 -8.78
CA LYS B 25 -9.22 1.09 -9.65
C LYS B 25 -10.66 0.85 -9.21
N ASN B 26 -10.82 0.09 -8.12
CA ASN B 26 -12.15 -0.22 -7.59
C ASN B 26 -12.92 -1.17 -8.50
N PHE B 27 -13.17 -0.74 -9.73
CA PHE B 27 -13.89 -1.56 -10.69
C PHE B 27 -12.93 -2.28 -11.63
N ARG B 28 -11.73 -2.59 -11.13
CA ARG B 28 -10.73 -3.28 -11.92
C ARG B 28 -11.31 -4.54 -12.56
CA CA C . 12.76 13.24 1.56
CA CA D . 21.85 6.59 -3.38
CA CA E . -13.45 0.40 12.36
CA CA F . -20.56 -6.80 4.01
N ALA A 1 12.13 -6.81 -20.03
CA ALA A 1 11.16 -6.25 -19.05
C ALA A 1 11.89 -5.52 -17.91
N ASP A 2 11.41 -4.33 -17.59
CA ASP A 2 12.01 -3.53 -16.52
C ASP A 2 11.11 -2.38 -16.13
N GLN A 3 9.79 -2.61 -16.17
CA GLN A 3 8.82 -1.58 -15.82
C GLN A 3 7.43 -2.18 -15.70
N LEU A 4 6.46 -1.34 -15.32
CA LEU A 4 5.08 -1.79 -15.17
C LEU A 4 4.13 -0.90 -15.97
N THR A 5 2.91 -1.37 -16.17
CA THR A 5 1.90 -0.62 -16.91
C THR A 5 1.44 0.59 -16.13
N GLU A 6 0.66 1.45 -16.78
CA GLU A 6 0.15 2.66 -16.14
C GLU A 6 -0.60 2.33 -14.86
N GLU A 7 -1.35 1.24 -14.87
CA GLU A 7 -2.12 0.82 -13.70
C GLU A 7 -1.21 0.30 -12.59
N GLN A 8 -0.41 -0.70 -12.91
CA GLN A 8 0.52 -1.28 -11.94
C GLN A 8 1.46 -0.21 -11.39
N ILE A 9 2.00 0.60 -12.28
CA ILE A 9 2.92 1.67 -11.89
C ILE A 9 2.19 2.75 -11.08
N ALA A 10 0.89 2.87 -11.32
CA ALA A 10 0.07 3.87 -10.63
C ALA A 10 0.25 3.78 -9.12
N GLU A 11 0.28 2.56 -8.61
CA GLU A 11 0.44 2.32 -7.18
C GLU A 11 1.85 2.67 -6.72
N PHE A 12 2.82 2.59 -7.63
CA PHE A 12 4.22 2.89 -7.30
C PHE A 12 4.43 4.39 -7.12
N LYS A 13 3.97 5.18 -8.09
CA LYS A 13 4.12 6.63 -8.01
C LYS A 13 3.48 7.16 -6.74
N GLU A 14 2.29 6.66 -6.46
CA GLU A 14 1.55 7.07 -5.27
C GLU A 14 2.27 6.62 -4.01
N ALA A 15 2.66 5.35 -3.99
CA ALA A 15 3.37 4.77 -2.86
C ALA A 15 4.58 5.62 -2.48
N PHE A 16 5.29 6.08 -3.49
CA PHE A 16 6.48 6.89 -3.27
C PHE A 16 6.16 8.11 -2.43
N SER A 17 4.98 8.68 -2.64
CA SER A 17 4.57 9.86 -1.88
C SER A 17 4.09 9.48 -0.48
N LEU A 18 3.86 8.18 -0.27
CA LEU A 18 3.42 7.70 1.03
C LEU A 18 4.62 7.40 1.92
N PHE A 19 5.67 6.86 1.32
CA PHE A 19 6.88 6.54 2.06
C PHE A 19 7.55 7.81 2.56
N ASP A 20 8.04 8.64 1.63
CA ASP A 20 8.69 9.89 1.99
C ASP A 20 7.70 10.84 2.66
N LYS A 21 8.05 11.34 3.83
CA LYS A 21 7.18 12.25 4.58
C LYS A 21 7.01 13.57 3.82
N ASP A 22 8.08 14.05 3.20
CA ASP A 22 8.04 15.29 2.45
C ASP A 22 7.73 15.02 0.97
N GLY A 23 7.79 13.76 0.58
CA GLY A 23 7.49 13.39 -0.79
C GLY A 23 8.36 14.13 -1.79
N ASP A 24 9.63 14.31 -1.45
CA ASP A 24 10.56 15.01 -2.32
C ASP A 24 11.03 14.11 -3.47
N GLY A 25 10.57 12.85 -3.48
CA GLY A 25 10.96 11.94 -4.53
C GLY A 25 11.99 10.92 -4.09
N THR A 26 12.43 11.01 -2.85
CA THR A 26 13.42 10.08 -2.31
C THR A 26 13.23 9.89 -0.81
N ILE A 27 13.22 8.63 -0.38
CA ILE A 27 13.04 8.31 1.03
C ILE A 27 14.36 7.90 1.67
N THR A 28 14.77 8.64 2.69
CA THR A 28 16.01 8.35 3.40
C THR A 28 15.74 7.55 4.66
N THR A 29 16.77 6.89 5.18
CA THR A 29 16.63 6.07 6.39
C THR A 29 15.95 6.85 7.52
N LYS A 30 16.07 8.17 7.49
CA LYS A 30 15.47 9.01 8.53
C LYS A 30 13.94 8.96 8.46
N GLU A 31 13.40 9.19 7.27
CA GLU A 31 11.96 9.17 7.07
C GLU A 31 11.46 7.73 6.97
N LEU A 32 12.27 6.90 6.35
CA LEU A 32 11.95 5.49 6.16
C LEU A 32 11.64 4.83 7.50
N GLY A 33 12.52 5.01 8.48
CA GLY A 33 12.30 4.43 9.79
C GLY A 33 11.08 5.00 10.48
N THR A 34 10.73 6.23 10.13
CA THR A 34 9.57 6.89 10.71
C THR A 34 8.28 6.24 10.24
N VAL A 35 8.10 6.16 8.93
CA VAL A 35 6.90 5.57 8.35
C VAL A 35 6.84 4.07 8.63
N MET A 36 8.00 3.43 8.70
CA MET A 36 8.07 1.99 8.96
C MET A 36 7.43 1.68 10.30
N ARG A 37 7.80 2.45 11.33
CA ARG A 37 7.25 2.24 12.66
C ARG A 37 5.85 2.84 12.78
N SER A 38 5.57 3.84 11.94
CA SER A 38 4.26 4.49 11.94
C SER A 38 3.14 3.48 11.76
N LEU A 39 3.25 2.63 10.75
CA LEU A 39 2.24 1.61 10.47
C LEU A 39 1.85 0.85 11.74
N GLY A 40 2.85 0.24 12.38
CA GLY A 40 2.60 -0.51 13.60
C GLY A 40 3.78 -1.35 14.02
N GLN A 41 4.98 -0.79 13.88
CA GLN A 41 6.21 -1.50 14.25
C GLN A 41 7.21 -0.55 14.88
N ASN A 42 8.37 -1.08 15.27
CA ASN A 42 9.42 -0.27 15.88
C ASN A 42 10.78 -0.97 15.76
N PRO A 43 11.22 -1.27 14.53
CA PRO A 43 12.50 -1.94 14.29
C PRO A 43 13.69 -0.99 14.41
N THR A 44 14.86 -1.47 14.01
CA THR A 44 16.07 -0.67 14.07
C THR A 44 16.33 0.02 12.73
N GLU A 45 17.31 0.92 12.73
CA GLU A 45 17.67 1.64 11.52
C GLU A 45 18.29 0.70 10.51
N ALA A 46 18.98 -0.31 11.03
CA ALA A 46 19.64 -1.32 10.21
C ALA A 46 18.68 -1.94 9.19
N GLU A 47 17.48 -2.27 9.65
CA GLU A 47 16.47 -2.88 8.79
C GLU A 47 16.10 -1.95 7.65
N LEU A 48 15.72 -0.72 8.00
CA LEU A 48 15.34 0.28 7.00
C LEU A 48 16.44 0.43 5.96
N GLN A 49 17.67 0.62 6.43
CA GLN A 49 18.82 0.78 5.54
C GLN A 49 18.96 -0.45 4.64
N ASP A 50 18.74 -1.62 5.21
CA ASP A 50 18.84 -2.87 4.46
C ASP A 50 17.81 -2.89 3.34
N MET A 51 16.58 -2.50 3.68
CA MET A 51 15.49 -2.46 2.71
C MET A 51 15.83 -1.50 1.58
N ILE A 52 16.19 -0.28 1.95
CA ILE A 52 16.55 0.74 0.99
C ILE A 52 17.71 0.26 0.13
N ASN A 53 18.71 -0.31 0.77
CA ASN A 53 19.89 -0.84 0.09
C ASN A 53 19.52 -1.78 -1.04
N GLU A 54 18.35 -2.39 -0.92
CA GLU A 54 17.86 -3.31 -1.93
C GLU A 54 17.19 -2.57 -3.07
N VAL A 55 17.11 -1.25 -2.95
CA VAL A 55 16.44 -0.45 -3.95
C VAL A 55 17.29 0.72 -4.45
N ASP A 56 18.11 1.26 -3.56
CA ASP A 56 18.96 2.39 -3.90
C ASP A 56 19.96 2.01 -5.00
N ALA A 57 20.13 2.92 -5.96
CA ALA A 57 21.05 2.70 -7.06
C ALA A 57 22.49 2.68 -6.60
N ASP A 58 22.87 3.74 -5.90
CA ASP A 58 24.23 3.89 -5.39
C ASP A 58 24.34 3.43 -3.93
N GLY A 59 23.25 2.92 -3.39
CA GLY A 59 23.25 2.43 -2.01
C GLY A 59 23.76 3.45 -1.01
N ASN A 60 23.10 4.60 -0.93
CA ASN A 60 23.50 5.64 0.01
C ASN A 60 22.47 5.81 1.13
N GLY A 61 21.40 5.02 1.08
CA GLY A 61 20.38 5.10 2.11
C GLY A 61 19.13 5.83 1.63
N THR A 62 18.98 5.97 0.33
CA THR A 62 17.82 6.64 -0.24
C THR A 62 17.45 6.07 -1.61
N ILE A 63 16.16 5.91 -1.86
CA ILE A 63 15.68 5.38 -3.13
C ILE A 63 15.12 6.47 -4.02
N ASP A 64 15.23 6.27 -5.33
CA ASP A 64 14.74 7.22 -6.31
C ASP A 64 13.50 6.67 -7.02
N PHE A 65 12.82 7.53 -7.76
CA PHE A 65 11.61 7.13 -8.49
C PHE A 65 11.86 5.90 -9.35
N PRO A 66 12.79 5.99 -10.32
CA PRO A 66 13.11 4.88 -11.22
C PRO A 66 13.81 3.73 -10.51
N GLU A 67 14.39 4.02 -9.34
CA GLU A 67 15.09 3.01 -8.57
C GLU A 67 14.10 2.13 -7.80
N PHE A 68 13.04 2.74 -7.28
CA PHE A 68 12.02 1.99 -6.53
C PHE A 68 11.16 1.18 -7.48
N LEU A 69 10.95 1.72 -8.69
CA LEU A 69 10.13 1.06 -9.71
C LEU A 69 10.88 -0.09 -10.35
N THR A 70 12.04 0.21 -10.94
CA THR A 70 12.84 -0.81 -11.61
C THR A 70 13.09 -2.00 -10.70
N MET A 71 13.40 -1.73 -9.44
CA MET A 71 13.66 -2.78 -8.47
C MET A 71 12.49 -3.77 -8.42
N MET A 72 11.27 -3.23 -8.39
CA MET A 72 10.07 -4.06 -8.34
C MET A 72 9.42 -4.20 -9.71
N ALA A 73 10.16 -3.85 -10.77
CA ALA A 73 9.64 -3.94 -12.12
C ALA A 73 10.34 -5.05 -12.89
N ARG A 74 11.60 -5.29 -12.57
CA ARG A 74 12.38 -6.33 -13.23
C ARG A 74 11.77 -7.70 -13.01
N LYS A 75 11.28 -7.95 -11.79
CA LYS A 75 10.68 -9.24 -11.46
C LYS A 75 9.65 -9.10 -10.35
N MET A 76 8.78 -8.09 -10.48
CA MET A 76 7.74 -7.86 -9.48
C MET A 76 6.48 -7.27 -10.12
N LYS A 77 5.75 -8.10 -10.85
CA LYS A 77 4.53 -7.66 -11.51
C LYS A 77 3.41 -8.69 -11.34
N ASP A 78 3.31 -9.24 -10.13
CA ASP A 78 2.30 -10.25 -9.83
C ASP A 78 1.07 -9.60 -9.20
N THR A 79 0.16 -10.43 -8.68
CA THR A 79 -1.05 -9.95 -8.05
C THR A 79 -0.92 -9.95 -6.52
N ASP A 80 -2.04 -9.81 -5.83
CA ASP A 80 -2.04 -9.79 -4.37
C ASP A 80 -2.22 -11.20 -3.81
N SER A 81 -2.34 -11.29 -2.49
CA SER A 81 -2.52 -12.57 -1.82
C SER A 81 -3.44 -12.44 -0.61
N GLU A 82 -3.98 -13.56 -0.16
CA GLU A 82 -4.89 -13.57 0.99
C GLU A 82 -4.29 -12.81 2.18
N GLU A 83 -2.97 -12.73 2.23
CA GLU A 83 -2.29 -12.03 3.32
C GLU A 83 -2.43 -10.52 3.17
N GLU A 84 -2.20 -10.02 1.96
CA GLU A 84 -2.29 -8.58 1.69
C GLU A 84 -3.68 -8.04 2.04
N ILE A 85 -4.68 -8.92 1.99
CA ILE A 85 -6.05 -8.54 2.31
C ILE A 85 -6.21 -8.35 3.82
N ARG A 86 -5.54 -9.20 4.59
CA ARG A 86 -5.59 -9.12 6.04
C ARG A 86 -4.81 -7.92 6.53
N GLU A 87 -3.57 -7.77 6.04
CA GLU A 87 -2.74 -6.64 6.42
C GLU A 87 -3.41 -5.34 6.00
N ALA A 88 -3.90 -5.33 4.77
CA ALA A 88 -4.60 -4.19 4.21
C ALA A 88 -5.73 -3.78 5.14
N PHE A 89 -6.53 -4.77 5.52
CA PHE A 89 -7.66 -4.54 6.40
C PHE A 89 -7.23 -3.77 7.65
N ARG A 90 -6.05 -4.09 8.13
CA ARG A 90 -5.50 -3.43 9.31
C ARG A 90 -4.98 -2.04 8.96
N VAL A 91 -4.51 -1.87 7.72
CA VAL A 91 -3.98 -0.59 7.28
C VAL A 91 -5.11 0.39 6.98
N PHE A 92 -6.21 -0.13 6.42
CA PHE A 92 -7.36 0.71 6.09
C PHE A 92 -8.09 1.14 7.36
N ASP A 93 -8.62 0.15 8.08
CA ASP A 93 -9.35 0.41 9.31
C ASP A 93 -8.38 0.59 10.48
N LYS A 94 -8.34 1.81 11.02
CA LYS A 94 -7.46 2.12 12.15
C LYS A 94 -7.78 1.26 13.36
N ASP A 95 -9.06 1.21 13.73
CA ASP A 95 -9.49 0.43 14.88
C ASP A 95 -9.66 -1.05 14.53
N GLY A 96 -9.59 -1.36 13.23
CA GLY A 96 -9.73 -2.74 12.78
C GLY A 96 -10.90 -3.45 13.44
N ASN A 97 -12.12 -3.09 13.05
CA ASN A 97 -13.31 -3.71 13.62
C ASN A 97 -13.79 -4.88 12.75
N GLY A 98 -12.94 -5.32 11.84
CA GLY A 98 -13.30 -6.43 10.97
C GLY A 98 -14.43 -6.07 10.01
N TYR A 99 -14.64 -4.78 9.80
CA TYR A 99 -15.70 -4.31 8.91
C TYR A 99 -15.51 -2.83 8.58
N ILE A 100 -15.28 -2.53 7.31
CA ILE A 100 -15.10 -1.15 6.87
C ILE A 100 -16.24 -0.68 5.99
N SER A 101 -16.85 0.43 6.40
CA SER A 101 -17.95 1.02 5.65
C SER A 101 -17.46 2.26 4.92
N ALA A 102 -18.23 2.67 3.92
CA ALA A 102 -17.90 3.84 3.12
C ALA A 102 -17.51 5.03 4.01
N ALA A 103 -18.28 5.26 5.06
CA ALA A 103 -18.00 6.35 5.98
C ALA A 103 -16.60 6.25 6.55
N GLU A 104 -16.33 5.12 7.21
CA GLU A 104 -15.02 4.88 7.79
C GLU A 104 -13.95 5.02 6.72
N LEU A 105 -14.29 4.58 5.51
CA LEU A 105 -13.38 4.67 4.38
C LEU A 105 -13.06 6.14 4.10
N ARG A 106 -14.11 6.95 3.99
CA ARG A 106 -13.95 8.37 3.75
C ARG A 106 -13.07 8.98 4.83
N HIS A 107 -13.30 8.53 6.07
CA HIS A 107 -12.52 9.01 7.20
C HIS A 107 -11.04 8.66 7.01
N VAL A 108 -10.79 7.46 6.48
CA VAL A 108 -9.42 7.01 6.24
C VAL A 108 -8.77 7.84 5.13
N MET A 109 -9.42 7.91 3.98
CA MET A 109 -8.90 8.67 2.85
C MET A 109 -8.52 10.08 3.28
N THR A 110 -9.45 10.78 3.89
CA THR A 110 -9.19 12.14 4.36
C THR A 110 -8.19 12.12 5.51
N ASN A 111 -8.11 11.00 6.21
CA ASN A 111 -7.18 10.86 7.32
C ASN A 111 -5.73 10.85 6.83
N LEU A 112 -5.53 10.32 5.63
CA LEU A 112 -4.20 10.25 5.05
C LEU A 112 -3.91 11.47 4.18
N GLY A 113 -4.96 12.04 3.61
CA GLY A 113 -4.80 13.21 2.77
C GLY A 113 -5.60 13.11 1.48
N GLU A 114 -6.82 12.63 1.58
CA GLU A 114 -7.69 12.49 0.42
C GLU A 114 -9.13 12.87 0.76
N LYS A 115 -9.58 14.00 0.22
CA LYS A 115 -10.93 14.48 0.47
C LYS A 115 -11.93 13.84 -0.50
N LEU A 116 -12.33 12.61 -0.20
CA LEU A 116 -13.28 11.89 -1.04
C LEU A 116 -14.72 12.22 -0.64
N THR A 117 -15.64 11.94 -1.55
CA THR A 117 -17.06 12.21 -1.29
C THR A 117 -17.77 10.96 -0.80
N ASP A 118 -18.94 11.13 -0.21
CA ASP A 118 -19.72 10.01 0.31
C ASP A 118 -20.15 9.09 -0.82
N GLU A 119 -20.35 9.65 -2.01
CA GLU A 119 -20.76 8.88 -3.17
C GLU A 119 -19.66 7.89 -3.59
N GLU A 120 -18.42 8.36 -3.57
CA GLU A 120 -17.29 7.53 -3.95
C GLU A 120 -17.13 6.36 -2.99
N VAL A 121 -17.10 6.65 -1.70
CA VAL A 121 -16.95 5.63 -0.68
C VAL A 121 -18.11 4.64 -0.72
N ASP A 122 -19.33 5.15 -0.89
CA ASP A 122 -20.51 4.31 -0.95
C ASP A 122 -20.42 3.36 -2.14
N GLU A 123 -19.99 3.89 -3.28
CA GLU A 123 -19.84 3.10 -4.49
C GLU A 123 -18.65 2.16 -4.38
N MET A 124 -17.65 2.59 -3.63
CA MET A 124 -16.45 1.78 -3.43
C MET A 124 -16.75 0.56 -2.55
N ILE A 125 -17.65 0.74 -1.58
CA ILE A 125 -18.01 -0.35 -0.69
C ILE A 125 -19.02 -1.28 -1.33
N ARG A 126 -20.13 -0.72 -1.78
CA ARG A 126 -21.17 -1.52 -2.41
C ARG A 126 -20.61 -2.35 -3.54
N GLU A 127 -19.59 -1.82 -4.19
CA GLU A 127 -18.94 -2.51 -5.29
C GLU A 127 -17.99 -3.59 -4.77
N ALA A 128 -17.56 -3.45 -3.51
CA ALA A 128 -16.64 -4.43 -2.92
C ALA A 128 -17.35 -5.31 -1.89
N ASP A 129 -18.60 -4.97 -1.58
CA ASP A 129 -19.36 -5.74 -0.60
C ASP A 129 -20.12 -6.88 -1.26
N ILE A 130 -19.66 -8.09 -0.98
CA ILE A 130 -20.24 -9.31 -1.53
C ILE A 130 -21.43 -9.79 -0.71
N ASP A 131 -21.37 -9.53 0.59
CA ASP A 131 -22.42 -9.95 1.50
C ASP A 131 -23.50 -8.86 1.68
N GLY A 132 -23.22 -7.68 1.15
CA GLY A 132 -24.16 -6.57 1.22
C GLY A 132 -24.73 -6.30 2.61
N ASP A 133 -23.85 -6.03 3.56
CA ASP A 133 -24.30 -5.74 4.93
C ASP A 133 -23.96 -4.29 5.32
N GLY A 134 -23.26 -3.57 4.44
CA GLY A 134 -22.91 -2.19 4.73
C GLY A 134 -21.45 -2.03 5.14
N GLN A 135 -20.68 -3.11 5.01
CA GLN A 135 -19.26 -3.08 5.36
C GLN A 135 -18.49 -4.10 4.53
N VAL A 136 -17.20 -4.25 4.83
CA VAL A 136 -16.37 -5.19 4.08
C VAL A 136 -15.63 -6.14 5.03
N ASN A 137 -15.76 -7.44 4.78
CA ASN A 137 -15.11 -8.46 5.60
C ASN A 137 -13.92 -9.08 4.86
N TYR A 138 -13.39 -10.17 5.41
CA TYR A 138 -12.26 -10.86 4.82
C TYR A 138 -12.52 -11.31 3.39
N GLU A 139 -13.33 -12.34 3.22
CA GLU A 139 -13.64 -12.86 1.90
C GLU A 139 -14.06 -11.72 0.98
N GLU A 140 -14.93 -10.87 1.49
CA GLU A 140 -15.40 -9.73 0.74
C GLU A 140 -14.23 -8.86 0.27
N PHE A 141 -13.19 -8.73 1.10
CA PHE A 141 -12.04 -7.92 0.77
C PHE A 141 -11.09 -8.63 -0.18
N VAL A 142 -10.75 -9.87 0.16
CA VAL A 142 -9.84 -10.66 -0.64
C VAL A 142 -10.38 -10.78 -2.07
N GLN A 143 -11.71 -10.90 -2.19
CA GLN A 143 -12.34 -11.02 -3.50
C GLN A 143 -12.27 -9.71 -4.29
N MET A 144 -12.34 -8.58 -3.58
CA MET A 144 -12.28 -7.28 -4.23
C MET A 144 -10.83 -6.81 -4.37
N MET A 145 -9.89 -7.74 -4.23
CA MET A 145 -8.48 -7.41 -4.33
C MET A 145 -7.77 -8.34 -5.31
N THR A 146 -7.95 -9.65 -5.13
CA THR A 146 -7.31 -10.62 -6.01
C THR A 146 -8.06 -11.96 -6.00
N ALA A 147 -9.36 -11.92 -5.74
CA ALA A 147 -10.17 -13.13 -5.71
C ALA A 147 -11.56 -12.88 -6.27
N LYS A 148 -11.63 -12.35 -7.49
CA LYS A 148 -12.90 -12.06 -8.13
C LYS A 148 -13.71 -11.08 -7.31
N THR B 1 5.02 -9.47 5.17
CA THR B 1 6.20 -10.04 5.85
C THR B 1 7.03 -10.90 4.89
N PRO B 2 7.90 -10.26 4.08
CA PRO B 2 8.74 -10.98 3.12
C PRO B 2 9.54 -12.11 3.77
N ARG B 3 10.23 -12.88 2.95
CA ARG B 3 11.03 -14.00 3.44
C ARG B 3 12.48 -13.58 3.64
N ARG B 4 13.04 -12.91 2.63
CA ARG B 4 14.42 -12.46 2.69
C ARG B 4 14.62 -11.20 1.84
N GLY B 5 13.57 -10.39 1.74
CA GLY B 5 13.64 -9.17 0.97
C GLY B 5 13.59 -7.92 1.83
N ARG B 6 12.79 -6.94 1.41
CA ARG B 6 12.66 -5.70 2.16
C ARG B 6 11.34 -5.67 2.93
N GLY B 7 11.44 -5.88 4.25
CA GLY B 7 10.26 -5.89 5.09
C GLY B 7 9.45 -4.61 4.97
N GLY B 8 9.94 -3.54 5.60
CA GLY B 8 9.24 -2.27 5.54
C GLY B 8 8.91 -1.86 4.13
N PHE B 9 9.89 -1.98 3.24
CA PHE B 9 9.73 -1.63 1.84
C PHE B 9 8.62 -2.47 1.21
N GLN B 10 8.90 -3.76 1.00
CA GLN B 10 7.91 -4.65 0.40
C GLN B 10 6.58 -4.55 1.15
N ARG B 11 6.66 -4.32 2.46
CA ARG B 11 5.45 -4.18 3.26
C ARG B 11 4.61 -3.05 2.68
N ILE B 12 5.25 -1.90 2.51
CA ILE B 12 4.60 -0.74 1.94
C ILE B 12 4.11 -1.06 0.52
N VAL B 13 4.97 -1.74 -0.24
CA VAL B 13 4.65 -2.14 -1.60
C VAL B 13 3.29 -2.84 -1.68
N ARG B 14 3.09 -3.79 -0.78
CA ARG B 14 1.85 -4.56 -0.74
C ARG B 14 0.68 -3.71 -0.23
N LEU B 15 0.90 -3.02 0.89
CA LEU B 15 -0.14 -2.17 1.46
C LEU B 15 -0.64 -1.15 0.45
N VAL B 16 0.30 -0.50 -0.24
CA VAL B 16 -0.05 0.49 -1.24
C VAL B 16 -0.76 -0.17 -2.41
N GLY B 17 -0.18 -1.25 -2.92
CA GLY B 17 -0.77 -1.94 -4.04
C GLY B 17 -2.20 -2.38 -3.75
N VAL B 18 -2.46 -2.66 -2.48
CA VAL B 18 -3.79 -3.09 -2.06
C VAL B 18 -4.78 -1.92 -1.99
N ILE B 19 -4.43 -0.89 -1.22
CA ILE B 19 -5.31 0.27 -1.09
C ILE B 19 -5.54 0.98 -2.42
N ARG B 20 -4.47 1.16 -3.19
CA ARG B 20 -4.58 1.81 -4.49
C ARG B 20 -5.55 1.06 -5.38
N ASP B 21 -5.58 -0.25 -5.20
CA ASP B 21 -6.47 -1.11 -5.97
C ASP B 21 -7.92 -0.76 -5.68
N TRP B 22 -8.20 -0.42 -4.42
CA TRP B 22 -9.55 -0.06 -4.00
C TRP B 22 -9.73 1.46 -4.03
N ALA B 23 -8.62 2.19 -4.09
CA ALA B 23 -8.65 3.63 -4.10
C ALA B 23 -8.71 4.18 -5.53
N ASN B 24 -8.23 3.38 -6.48
CA ASN B 24 -8.22 3.79 -7.88
C ASN B 24 -8.99 2.81 -8.76
N LYS B 25 -8.43 1.62 -8.96
CA LYS B 25 -9.08 0.60 -9.78
C LYS B 25 -10.53 0.37 -9.36
N ASN B 26 -10.71 -0.19 -8.17
CA ASN B 26 -12.04 -0.46 -7.64
C ASN B 26 -12.73 -1.58 -8.41
N PHE B 27 -12.95 -1.37 -9.70
CA PHE B 27 -13.60 -2.37 -10.54
C PHE B 27 -12.56 -3.20 -11.30
N ARG B 28 -11.39 -3.36 -10.71
CA ARG B 28 -10.32 -4.14 -11.32
C ARG B 28 -10.81 -5.51 -11.78
CA CA C . 12.69 13.22 1.68
CA CA D . 21.80 6.70 -3.42
CA CA E . -13.66 0.73 12.09
CA CA F . -20.56 -6.77 3.96
N ALA A 1 11.92 -7.14 -19.28
CA ALA A 1 11.74 -5.68 -19.12
C ALA A 1 11.69 -5.29 -17.63
N ASP A 2 12.37 -4.20 -17.30
CA ASP A 2 12.41 -3.72 -15.92
C ASP A 2 11.46 -2.54 -15.73
N GLN A 3 10.16 -2.82 -15.69
CA GLN A 3 9.16 -1.78 -15.51
C GLN A 3 7.76 -2.38 -15.44
N LEU A 4 6.78 -1.56 -15.09
CA LEU A 4 5.40 -2.01 -14.99
C LEU A 4 4.48 -1.17 -15.87
N THR A 5 3.27 -1.67 -16.10
CA THR A 5 2.31 -0.96 -16.94
C THR A 5 1.82 0.31 -16.25
N GLU A 6 0.97 1.06 -16.94
CA GLU A 6 0.44 2.30 -16.39
C GLU A 6 -0.34 2.05 -15.11
N GLU A 7 -1.08 0.95 -15.07
CA GLU A 7 -1.88 0.60 -13.89
C GLU A 7 -0.99 0.17 -12.74
N GLN A 8 -0.16 -0.86 -12.96
CA GLN A 8 0.73 -1.36 -11.93
C GLN A 8 1.64 -0.25 -11.41
N ILE A 9 2.19 0.53 -12.32
CA ILE A 9 3.07 1.63 -11.95
C ILE A 9 2.30 2.75 -11.25
N ALA A 10 1.01 2.85 -11.56
CA ALA A 10 0.15 3.87 -10.98
C ALA A 10 0.26 3.88 -9.45
N GLU A 11 0.27 2.69 -8.88
CA GLU A 11 0.36 2.55 -7.43
C GLU A 11 1.75 2.89 -6.93
N PHE A 12 2.75 2.72 -7.79
CA PHE A 12 4.14 3.01 -7.42
C PHE A 12 4.38 4.51 -7.30
N LYS A 13 3.97 5.27 -8.30
CA LYS A 13 4.14 6.72 -8.29
C LYS A 13 3.48 7.31 -7.05
N GLU A 14 2.26 6.85 -6.79
CA GLU A 14 1.50 7.31 -5.63
C GLU A 14 2.19 6.91 -4.34
N ALA A 15 2.52 5.63 -4.23
CA ALA A 15 3.17 5.08 -3.06
C ALA A 15 4.40 5.88 -2.67
N PHE A 16 5.17 6.30 -3.66
CA PHE A 16 6.38 7.08 -3.41
C PHE A 16 6.09 8.33 -2.59
N SER A 17 5.05 9.04 -2.96
CA SER A 17 4.67 10.26 -2.25
C SER A 17 4.10 9.95 -0.87
N LEU A 18 3.74 8.69 -0.63
CA LEU A 18 3.19 8.28 0.65
C LEU A 18 4.31 7.90 1.61
N PHE A 19 5.35 7.26 1.08
CA PHE A 19 6.49 6.85 1.90
C PHE A 19 7.21 8.09 2.45
N ASP A 20 7.78 8.89 1.55
CA ASP A 20 8.48 10.11 1.95
C ASP A 20 7.50 11.11 2.57
N LYS A 21 7.88 11.65 3.72
CA LYS A 21 7.03 12.62 4.41
C LYS A 21 6.94 13.94 3.63
N ASP A 22 8.05 14.36 3.03
CA ASP A 22 8.09 15.59 2.26
C ASP A 22 7.82 15.31 0.79
N GLY A 23 7.85 14.03 0.41
CA GLY A 23 7.60 13.65 -0.96
C GLY A 23 8.54 14.31 -1.94
N ASP A 24 9.80 14.45 -1.53
CA ASP A 24 10.80 15.08 -2.39
C ASP A 24 11.23 14.14 -3.52
N GLY A 25 10.72 12.92 -3.51
CA GLY A 25 11.06 11.96 -4.55
C GLY A 25 12.05 10.91 -4.08
N THR A 26 12.46 10.98 -2.83
CA THR A 26 13.40 10.01 -2.27
C THR A 26 13.16 9.81 -0.78
N ILE A 27 13.10 8.56 -0.36
CA ILE A 27 12.87 8.22 1.03
C ILE A 27 14.15 7.76 1.71
N THR A 28 14.47 8.38 2.84
CA THR A 28 15.67 8.04 3.60
C THR A 28 15.32 7.18 4.81
N THR A 29 16.34 6.61 5.44
CA THR A 29 16.14 5.76 6.62
C THR A 29 15.32 6.46 7.70
N LYS A 30 15.58 7.75 7.90
CA LYS A 30 14.87 8.53 8.91
C LYS A 30 13.37 8.47 8.70
N GLU A 31 12.93 8.75 7.48
CA GLU A 31 11.51 8.74 7.15
C GLU A 31 11.00 7.31 7.01
N LEU A 32 11.84 6.45 6.46
CA LEU A 32 11.50 5.05 6.27
C LEU A 32 11.03 4.42 7.57
N GLY A 33 11.90 4.46 8.56
CA GLY A 33 11.59 3.91 9.86
C GLY A 33 10.40 4.57 10.50
N THR A 34 10.22 5.86 10.23
CA THR A 34 9.12 6.63 10.78
C THR A 34 7.77 6.06 10.34
N VAL A 35 7.57 5.99 9.02
CA VAL A 35 6.34 5.46 8.48
C VAL A 35 6.19 3.96 8.75
N MET A 36 7.33 3.27 8.82
CA MET A 36 7.33 1.83 9.08
C MET A 36 6.71 1.54 10.44
N ARG A 37 7.20 2.22 11.47
CA ARG A 37 6.69 2.04 12.82
C ARG A 37 5.30 2.67 12.96
N SER A 38 5.02 3.66 12.12
CA SER A 38 3.74 4.34 12.15
C SER A 38 2.60 3.37 11.87
N LEU A 39 2.78 2.54 10.85
CA LEU A 39 1.77 1.55 10.46
C LEU A 39 1.29 0.76 11.68
N GLY A 40 2.22 0.06 12.32
CA GLY A 40 1.86 -0.74 13.49
C GLY A 40 2.96 -1.71 13.88
N GLN A 41 4.20 -1.25 13.81
CA GLN A 41 5.34 -2.09 14.16
C GLN A 41 6.41 -1.28 14.88
N ASN A 42 7.43 -1.98 15.40
CA ASN A 42 8.51 -1.33 16.11
C ASN A 42 9.87 -1.93 15.71
N PRO A 43 10.20 -1.87 14.42
CA PRO A 43 11.47 -2.40 13.90
C PRO A 43 12.66 -1.54 14.28
N THR A 44 13.82 -1.84 13.70
CA THR A 44 15.04 -1.10 13.98
C THR A 44 15.54 -0.38 12.73
N GLU A 45 16.52 0.50 12.90
CA GLU A 45 17.08 1.24 11.79
C GLU A 45 17.86 0.31 10.88
N ALA A 46 18.41 -0.75 11.47
CA ALA A 46 19.18 -1.74 10.74
C ALA A 46 18.39 -2.24 9.53
N GLU A 47 17.11 -2.52 9.75
CA GLU A 47 16.24 -3.00 8.68
C GLU A 47 16.14 -1.95 7.58
N LEU A 48 16.00 -0.70 8.00
CA LEU A 48 15.89 0.42 7.07
C LEU A 48 17.12 0.51 6.17
N GLN A 49 18.29 0.48 6.78
CA GLN A 49 19.55 0.57 6.05
C GLN A 49 19.72 -0.61 5.10
N ASP A 50 19.50 -1.82 5.60
CA ASP A 50 19.64 -3.02 4.79
C ASP A 50 18.62 -3.04 3.66
N MET A 51 17.36 -2.84 4.01
CA MET A 51 16.29 -2.83 3.01
C MET A 51 16.57 -1.82 1.91
N ILE A 52 16.87 -0.59 2.32
CA ILE A 52 17.16 0.50 1.40
C ILE A 52 18.37 0.17 0.53
N ASN A 53 19.41 -0.35 1.15
CA ASN A 53 20.63 -0.70 0.43
C ASN A 53 20.31 -1.66 -0.71
N GLU A 54 19.24 -2.40 -0.53
CA GLU A 54 18.76 -3.37 -1.50
C GLU A 54 17.92 -2.71 -2.57
N VAL A 55 17.71 -1.41 -2.46
CA VAL A 55 16.86 -0.70 -3.40
C VAL A 55 17.57 0.52 -4.01
N ASP A 56 18.42 1.13 -3.21
CA ASP A 56 19.17 2.31 -3.65
C ASP A 56 20.22 1.93 -4.68
N ALA A 57 20.36 2.79 -5.68
CA ALA A 57 21.32 2.57 -6.76
C ALA A 57 22.74 2.78 -6.29
N ASP A 58 22.98 3.95 -5.70
CA ASP A 58 24.30 4.31 -5.20
C ASP A 58 24.45 3.96 -3.72
N GLY A 59 23.39 3.44 -3.11
CA GLY A 59 23.45 3.05 -1.72
C GLY A 59 23.77 4.18 -0.76
N ASN A 60 22.98 5.25 -0.81
CA ASN A 60 23.21 6.40 0.09
C ASN A 60 22.16 6.44 1.19
N GLY A 61 21.46 5.32 1.39
CA GLY A 61 20.44 5.25 2.42
C GLY A 61 19.10 5.82 1.98
N THR A 62 18.93 5.97 0.67
CA THR A 62 17.68 6.49 0.13
C THR A 62 17.40 5.91 -1.25
N ILE A 63 16.14 5.58 -1.52
CA ILE A 63 15.76 5.02 -2.81
C ILE A 63 15.20 6.09 -3.74
N ASP A 64 15.41 5.90 -5.04
CA ASP A 64 14.93 6.85 -6.04
C ASP A 64 13.70 6.30 -6.76
N PHE A 65 13.20 7.07 -7.72
CA PHE A 65 12.02 6.68 -8.49
C PHE A 65 12.29 5.42 -9.30
N PRO A 66 13.25 5.46 -10.24
CA PRO A 66 13.60 4.31 -11.08
C PRO A 66 14.11 3.13 -10.25
N GLU A 67 14.82 3.45 -9.17
CA GLU A 67 15.36 2.43 -8.28
C GLU A 67 14.25 1.71 -7.55
N PHE A 68 13.32 2.49 -7.01
CA PHE A 68 12.18 1.94 -6.29
C PHE A 68 11.34 1.07 -7.22
N LEU A 69 11.09 1.58 -8.42
CA LEU A 69 10.28 0.88 -9.41
C LEU A 69 11.05 -0.31 -9.99
N THR A 70 12.20 -0.03 -10.59
CA THR A 70 13.02 -1.07 -11.20
C THR A 70 13.25 -2.23 -10.23
N MET A 71 13.60 -1.91 -9.00
CA MET A 71 13.85 -2.92 -7.99
C MET A 71 12.61 -3.79 -7.78
N MET A 72 11.44 -3.19 -7.99
CA MET A 72 10.18 -3.91 -7.82
C MET A 72 9.52 -4.16 -9.18
N ALA A 73 10.28 -3.99 -10.26
CA ALA A 73 9.76 -4.20 -11.61
C ALA A 73 10.39 -5.43 -12.25
N ARG A 74 11.71 -5.56 -12.10
CA ARG A 74 12.43 -6.70 -12.68
C ARG A 74 11.86 -8.01 -12.16
N LYS A 75 11.63 -8.09 -10.85
CA LYS A 75 11.10 -9.30 -10.25
C LYS A 75 10.14 -8.96 -9.11
N MET A 76 8.99 -8.39 -9.46
CA MET A 76 7.99 -8.01 -8.47
C MET A 76 6.70 -7.56 -9.14
N LYS A 77 6.37 -8.19 -10.27
CA LYS A 77 5.16 -7.85 -11.01
C LYS A 77 4.09 -8.93 -10.82
N ASP A 78 3.94 -9.39 -9.59
CA ASP A 78 2.95 -10.42 -9.27
C ASP A 78 1.64 -9.79 -8.79
N THR A 79 0.70 -10.64 -8.39
CA THR A 79 -0.60 -10.17 -7.91
C THR A 79 -0.62 -10.09 -6.39
N ASP A 80 -1.81 -9.93 -5.83
CA ASP A 80 -1.97 -9.83 -4.38
C ASP A 80 -2.09 -11.22 -3.75
N SER A 81 -2.29 -11.26 -2.43
CA SER A 81 -2.42 -12.53 -1.71
C SER A 81 -3.37 -12.38 -0.53
N GLU A 82 -3.90 -13.50 -0.07
CA GLU A 82 -4.83 -13.51 1.06
C GLU A 82 -4.27 -12.72 2.25
N GLU A 83 -2.94 -12.65 2.34
CA GLU A 83 -2.28 -11.93 3.42
C GLU A 83 -2.39 -10.43 3.21
N GLU A 84 -2.22 -9.99 1.97
CA GLU A 84 -2.29 -8.57 1.64
C GLU A 84 -3.66 -7.99 2.00
N ILE A 85 -4.67 -8.85 1.99
CA ILE A 85 -6.04 -8.45 2.32
C ILE A 85 -6.16 -8.22 3.83
N ARG A 86 -5.48 -9.06 4.60
CA ARG A 86 -5.49 -8.94 6.05
C ARG A 86 -4.68 -7.72 6.49
N GLU A 87 -3.46 -7.60 5.95
CA GLU A 87 -2.60 -6.46 6.28
C GLU A 87 -3.29 -5.18 5.83
N ALA A 88 -3.81 -5.20 4.61
CA ALA A 88 -4.52 -4.07 4.05
C ALA A 88 -5.62 -3.63 4.99
N PHE A 89 -6.41 -4.60 5.42
CA PHE A 89 -7.51 -4.34 6.33
C PHE A 89 -7.04 -3.53 7.53
N ARG A 90 -5.86 -3.87 8.03
CA ARG A 90 -5.28 -3.18 9.17
C ARG A 90 -4.77 -1.80 8.77
N VAL A 91 -4.33 -1.67 7.52
CA VAL A 91 -3.81 -0.40 7.03
C VAL A 91 -4.95 0.58 6.74
N PHE A 92 -6.06 0.05 6.22
CA PHE A 92 -7.22 0.89 5.92
C PHE A 92 -7.91 1.34 7.20
N ASP A 93 -8.41 0.38 7.95
CA ASP A 93 -9.10 0.67 9.21
C ASP A 93 -8.10 0.85 10.34
N LYS A 94 -8.03 2.06 10.89
CA LYS A 94 -7.12 2.37 11.97
C LYS A 94 -7.38 1.48 13.18
N ASP A 95 -8.62 1.44 13.64
CA ASP A 95 -8.99 0.63 14.79
C ASP A 95 -9.16 -0.84 14.42
N GLY A 96 -9.13 -1.13 13.11
CA GLY A 96 -9.27 -2.51 12.65
C GLY A 96 -10.39 -3.25 13.36
N ASN A 97 -11.64 -2.89 13.05
CA ASN A 97 -12.79 -3.54 13.65
C ASN A 97 -13.30 -4.69 12.80
N GLY A 98 -12.48 -5.12 11.84
CA GLY A 98 -12.88 -6.21 10.97
C GLY A 98 -14.05 -5.86 10.07
N TYR A 99 -14.32 -4.56 9.94
CA TYR A 99 -15.42 -4.10 9.10
C TYR A 99 -15.26 -2.62 8.76
N ILE A 100 -15.09 -2.31 7.48
CA ILE A 100 -14.93 -0.93 7.03
C ILE A 100 -16.10 -0.47 6.19
N SER A 101 -16.71 0.63 6.61
CA SER A 101 -17.84 1.20 5.90
C SER A 101 -17.39 2.43 5.12
N ALA A 102 -18.20 2.83 4.15
CA ALA A 102 -17.90 3.98 3.31
C ALA A 102 -17.49 5.18 4.15
N ALA A 103 -18.23 5.45 5.23
CA ALA A 103 -17.92 6.56 6.11
C ALA A 103 -16.50 6.45 6.64
N GLU A 104 -16.21 5.35 7.32
CA GLU A 104 -14.88 5.12 7.87
C GLU A 104 -13.85 5.22 6.76
N LEU A 105 -14.23 4.75 5.58
CA LEU A 105 -13.34 4.81 4.42
C LEU A 105 -13.03 6.26 4.08
N ARG A 106 -14.09 7.07 4.00
CA ARG A 106 -13.94 8.49 3.71
C ARG A 106 -13.01 9.11 4.75
N HIS A 107 -13.20 8.71 5.99
CA HIS A 107 -12.39 9.21 7.10
C HIS A 107 -10.92 8.86 6.87
N VAL A 108 -10.69 7.65 6.35
CA VAL A 108 -9.33 7.18 6.07
C VAL A 108 -8.70 7.99 4.94
N MET A 109 -9.39 8.04 3.81
CA MET A 109 -8.90 8.79 2.65
C MET A 109 -8.51 10.21 3.05
N THR A 110 -9.43 10.92 3.67
CA THR A 110 -9.17 12.28 4.12
C THR A 110 -8.13 12.30 5.23
N ASN A 111 -8.02 11.17 5.95
CA ASN A 111 -7.06 11.06 7.04
C ASN A 111 -5.63 11.01 6.51
N LEU A 112 -5.47 10.47 5.31
CA LEU A 112 -4.16 10.37 4.68
C LEU A 112 -3.90 11.56 3.75
N GLY A 113 -4.96 12.11 3.20
CA GLY A 113 -4.84 13.24 2.30
C GLY A 113 -5.68 13.10 1.05
N GLU A 114 -6.91 12.64 1.22
CA GLU A 114 -7.83 12.46 0.10
C GLU A 114 -9.27 12.72 0.53
N LYS A 115 -9.84 13.81 0.04
CA LYS A 115 -11.21 14.17 0.38
C LYS A 115 -12.19 13.54 -0.60
N LEU A 116 -12.82 12.45 -0.18
CA LEU A 116 -13.78 11.74 -1.02
C LEU A 116 -15.21 12.12 -0.64
N THR A 117 -16.16 11.84 -1.52
CA THR A 117 -17.56 12.14 -1.28
C THR A 117 -18.31 10.91 -0.77
N ASP A 118 -19.55 11.12 -0.35
CA ASP A 118 -20.38 10.03 0.16
C ASP A 118 -20.74 9.05 -0.95
N GLU A 119 -20.89 9.56 -2.16
CA GLU A 119 -21.24 8.73 -3.31
C GLU A 119 -20.09 7.79 -3.66
N GLU A 120 -18.88 8.33 -3.75
CA GLU A 120 -17.71 7.53 -4.08
C GLU A 120 -17.48 6.44 -3.05
N VAL A 121 -17.40 6.82 -1.78
CA VAL A 121 -17.19 5.87 -0.70
C VAL A 121 -18.29 4.81 -0.68
N ASP A 122 -19.55 5.25 -0.69
CA ASP A 122 -20.68 4.32 -0.67
C ASP A 122 -20.60 3.37 -1.85
N GLU A 123 -20.19 3.89 -3.00
CA GLU A 123 -20.07 3.09 -4.22
C GLU A 123 -18.86 2.16 -4.11
N MET A 124 -17.84 2.60 -3.38
CA MET A 124 -16.63 1.81 -3.20
C MET A 124 -16.90 0.60 -2.31
N ILE A 125 -17.77 0.78 -1.31
CA ILE A 125 -18.09 -0.29 -0.40
C ILE A 125 -19.13 -1.24 -0.99
N ARG A 126 -20.26 -0.68 -1.41
CA ARG A 126 -21.32 -1.48 -1.99
C ARG A 126 -20.80 -2.34 -3.13
N GLU A 127 -19.79 -1.81 -3.83
CA GLU A 127 -19.19 -2.52 -4.94
C GLU A 127 -18.21 -3.59 -4.44
N ALA A 128 -17.74 -3.43 -3.20
CA ALA A 128 -16.80 -4.39 -2.62
C ALA A 128 -17.48 -5.25 -1.56
N ASP A 129 -18.72 -4.92 -1.21
CA ASP A 129 -19.43 -5.68 -0.21
C ASP A 129 -20.21 -6.83 -0.83
N ILE A 130 -19.74 -8.05 -0.55
CA ILE A 130 -20.34 -9.27 -1.07
C ILE A 130 -21.49 -9.74 -0.20
N ASP A 131 -21.41 -9.46 1.10
CA ASP A 131 -22.43 -9.88 2.04
C ASP A 131 -23.50 -8.80 2.23
N GLY A 132 -23.24 -7.62 1.69
CA GLY A 132 -24.19 -6.51 1.76
C GLY A 132 -24.70 -6.22 3.17
N ASP A 133 -23.80 -5.95 4.10
CA ASP A 133 -24.20 -5.63 5.47
C ASP A 133 -23.86 -4.18 5.84
N GLY A 134 -23.19 -3.47 4.93
CA GLY A 134 -22.81 -2.09 5.19
C GLY A 134 -21.35 -1.92 5.53
N GLN A 135 -20.58 -3.00 5.41
CA GLN A 135 -19.15 -2.98 5.71
C GLN A 135 -18.40 -3.99 4.86
N VAL A 136 -17.11 -4.14 5.12
CA VAL A 136 -16.29 -5.09 4.36
C VAL A 136 -15.50 -6.01 5.29
N ASN A 137 -15.65 -7.32 5.08
CA ASN A 137 -14.95 -8.31 5.90
C ASN A 137 -13.79 -8.94 5.13
N TYR A 138 -13.25 -10.03 5.67
CA TYR A 138 -12.12 -10.74 5.05
C TYR A 138 -12.44 -11.19 3.64
N GLU A 139 -13.26 -12.23 3.52
CA GLU A 139 -13.63 -12.76 2.21
C GLU A 139 -14.08 -11.64 1.29
N GLU A 140 -14.93 -10.78 1.83
CA GLU A 140 -15.43 -9.64 1.06
C GLU A 140 -14.28 -8.78 0.54
N PHE A 141 -13.21 -8.65 1.33
CA PHE A 141 -12.07 -7.83 0.96
C PHE A 141 -11.15 -8.57 -0.02
N VAL A 142 -10.80 -9.80 0.33
CA VAL A 142 -9.92 -10.60 -0.49
C VAL A 142 -10.49 -10.74 -1.91
N GLN A 143 -11.81 -10.85 -1.99
CA GLN A 143 -12.49 -10.98 -3.27
C GLN A 143 -12.45 -9.67 -4.07
N MET A 144 -12.52 -8.55 -3.37
CA MET A 144 -12.48 -7.25 -4.02
C MET A 144 -11.04 -6.76 -4.21
N MET A 145 -10.09 -7.69 -4.08
CA MET A 145 -8.68 -7.35 -4.22
C MET A 145 -8.00 -8.27 -5.23
N THR A 146 -8.18 -9.59 -5.06
CA THR A 146 -7.58 -10.55 -5.97
C THR A 146 -8.30 -11.89 -5.93
N ALA A 147 -9.59 -11.87 -5.62
CA ALA A 147 -10.38 -13.08 -5.56
C ALA A 147 -11.80 -12.85 -6.06
N LYS A 148 -11.92 -12.33 -7.26
CA LYS A 148 -13.23 -12.06 -7.86
C LYS A 148 -14.01 -11.06 -7.02
N THR B 1 6.83 -12.85 4.38
CA THR B 1 7.87 -11.80 4.42
C THR B 1 8.76 -11.86 3.19
N PRO B 2 9.26 -10.70 2.71
CA PRO B 2 10.13 -10.63 1.53
C PRO B 2 11.30 -11.60 1.63
N ARG B 3 11.16 -12.76 0.97
CA ARG B 3 12.22 -13.76 0.98
C ARG B 3 13.51 -13.20 0.39
N ARG B 4 13.37 -12.28 -0.55
CA ARG B 4 14.52 -11.66 -1.19
C ARG B 4 14.22 -10.21 -1.58
N GLY B 5 13.36 -9.57 -0.79
CA GLY B 5 13.00 -8.19 -1.06
C GLY B 5 13.33 -7.27 0.09
N ARG B 6 12.38 -6.39 0.43
CA ARG B 6 12.58 -5.44 1.53
C ARG B 6 11.43 -5.52 2.52
N GLY B 7 11.76 -5.67 3.80
CA GLY B 7 10.74 -5.76 4.83
C GLY B 7 9.78 -4.60 4.80
N GLY B 8 10.28 -3.39 5.08
CA GLY B 8 9.43 -2.21 5.08
C GLY B 8 8.99 -1.82 3.68
N PHE B 9 9.95 -1.72 2.77
CA PHE B 9 9.67 -1.36 1.39
C PHE B 9 8.59 -2.26 0.80
N GLN B 10 8.87 -3.56 0.69
CA GLN B 10 7.90 -4.49 0.14
C GLN B 10 6.56 -4.34 0.83
N ARG B 11 6.59 -4.08 2.13
CA ARG B 11 5.36 -3.88 2.89
C ARG B 11 4.56 -2.77 2.24
N ILE B 12 5.21 -1.63 2.05
CA ILE B 12 4.58 -0.49 1.42
C ILE B 12 4.11 -0.85 0.01
N VAL B 13 4.94 -1.59 -0.72
CA VAL B 13 4.64 -2.03 -2.06
C VAL B 13 3.26 -2.70 -2.15
N ARG B 14 3.06 -3.70 -1.30
CA ARG B 14 1.80 -4.44 -1.27
C ARG B 14 0.67 -3.62 -0.66
N LEU B 15 0.94 -2.94 0.44
CA LEU B 15 -0.07 -2.12 1.09
C LEU B 15 -0.63 -1.10 0.11
N VAL B 16 0.27 -0.40 -0.59
CA VAL B 16 -0.14 0.59 -1.57
C VAL B 16 -0.88 -0.08 -2.71
N GLY B 17 -0.31 -1.17 -3.22
CA GLY B 17 -0.95 -1.86 -4.31
C GLY B 17 -2.35 -2.31 -3.97
N VAL B 18 -2.59 -2.55 -2.68
CA VAL B 18 -3.91 -2.98 -2.20
C VAL B 18 -4.89 -1.82 -2.14
N ILE B 19 -4.52 -0.77 -1.41
CA ILE B 19 -5.39 0.39 -1.26
C ILE B 19 -5.69 1.06 -2.61
N ARG B 20 -4.67 1.21 -3.44
CA ARG B 20 -4.82 1.83 -4.75
C ARG B 20 -5.84 1.05 -5.56
N ASP B 21 -5.86 -0.26 -5.36
CA ASP B 21 -6.77 -1.13 -6.06
C ASP B 21 -8.22 -0.77 -5.72
N TRP B 22 -8.44 -0.41 -4.46
CA TRP B 22 -9.76 -0.03 -3.99
C TRP B 22 -9.96 1.49 -4.04
N ALA B 23 -8.84 2.21 -4.18
CA ALA B 23 -8.88 3.66 -4.24
C ALA B 23 -9.01 4.16 -5.67
N ASN B 24 -8.55 3.36 -6.62
CA ASN B 24 -8.60 3.72 -8.02
C ASN B 24 -9.41 2.72 -8.84
N LYS B 25 -8.85 1.53 -9.04
CA LYS B 25 -9.53 0.49 -9.81
C LYS B 25 -10.95 0.26 -9.32
N ASN B 26 -11.08 -0.40 -8.17
CA ASN B 26 -12.39 -0.67 -7.58
C ASN B 26 -13.14 -1.73 -8.38
N PHE B 27 -13.43 -1.41 -9.64
CA PHE B 27 -14.16 -2.34 -10.51
C PHE B 27 -13.20 -3.13 -11.39
N ARG B 28 -11.99 -3.36 -10.89
CA ARG B 28 -10.98 -4.11 -11.63
C ARG B 28 -11.54 -5.44 -12.13
CA CA C . 12.64 13.28 1.80
CA CA D . 21.43 6.97 -3.44
CA CA E . -13.30 0.97 12.22
CA CA F . -20.51 -6.67 4.39
N ALA A 1 10.19 -4.39 -20.13
CA ALA A 1 10.73 -5.57 -19.39
C ALA A 1 10.99 -5.22 -17.93
N ASP A 2 11.81 -4.21 -17.70
CA ASP A 2 12.14 -3.78 -16.35
C ASP A 2 11.22 -2.66 -15.89
N GLN A 3 9.91 -2.85 -16.08
CA GLN A 3 8.92 -1.85 -15.70
C GLN A 3 7.54 -2.49 -15.58
N LEU A 4 6.58 -1.72 -15.07
CA LEU A 4 5.22 -2.20 -14.90
C LEU A 4 4.24 -1.38 -15.73
N THR A 5 3.03 -1.90 -15.90
CA THR A 5 2.00 -1.21 -16.67
C THR A 5 1.53 0.05 -15.96
N GLU A 6 0.65 0.80 -16.60
CA GLU A 6 0.12 2.03 -16.02
C GLU A 6 -0.61 1.75 -14.70
N GLU A 7 -1.32 0.63 -14.65
CA GLU A 7 -2.07 0.26 -13.45
C GLU A 7 -1.12 -0.18 -12.34
N GLN A 8 -0.28 -1.17 -12.61
CA GLN A 8 0.66 -1.68 -11.63
C GLN A 8 1.58 -0.57 -11.14
N ILE A 9 2.08 0.23 -12.06
CA ILE A 9 2.96 1.34 -11.74
C ILE A 9 2.21 2.43 -10.98
N ALA A 10 0.91 2.52 -11.21
CA ALA A 10 0.06 3.52 -10.56
C ALA A 10 0.24 3.50 -9.05
N GLU A 11 0.30 2.30 -8.49
CA GLU A 11 0.46 2.13 -7.05
C GLU A 11 1.88 2.50 -6.61
N PHE A 12 2.84 2.39 -7.53
CA PHE A 12 4.23 2.70 -7.21
C PHE A 12 4.45 4.21 -7.10
N LYS A 13 3.98 4.96 -8.09
CA LYS A 13 4.12 6.41 -8.09
C LYS A 13 3.49 7.00 -6.83
N GLU A 14 2.29 6.51 -6.53
CA GLU A 14 1.56 6.95 -5.36
C GLU A 14 2.29 6.56 -4.08
N ALA A 15 2.67 5.30 -4.00
CA ALA A 15 3.38 4.77 -2.84
C ALA A 15 4.59 5.62 -2.50
N PHE A 16 5.30 6.05 -3.53
CA PHE A 16 6.49 6.86 -3.34
C PHE A 16 6.18 8.10 -2.52
N SER A 17 5.02 8.70 -2.76
CA SER A 17 4.61 9.89 -2.04
C SER A 17 4.14 9.55 -0.63
N LEU A 18 3.88 8.26 -0.39
CA LEU A 18 3.42 7.82 0.92
C LEU A 18 4.61 7.52 1.82
N PHE A 19 5.66 6.95 1.25
CA PHE A 19 6.86 6.62 2.00
C PHE A 19 7.54 7.89 2.49
N ASP A 20 8.02 8.71 1.56
CA ASP A 20 8.68 9.96 1.92
C ASP A 20 7.69 10.91 2.59
N LYS A 21 8.06 11.40 3.77
CA LYS A 21 7.21 12.32 4.51
C LYS A 21 7.04 13.64 3.76
N ASP A 22 8.11 14.11 3.13
CA ASP A 22 8.08 15.35 2.38
C ASP A 22 7.74 15.10 0.91
N GLY A 23 7.80 13.83 0.52
CA GLY A 23 7.48 13.48 -0.86
C GLY A 23 8.36 14.21 -1.85
N ASP A 24 9.63 14.39 -1.52
CA ASP A 24 10.56 15.08 -2.40
C ASP A 24 11.01 14.18 -3.55
N GLY A 25 10.55 12.93 -3.55
CA GLY A 25 10.92 12.01 -4.62
C GLY A 25 11.96 10.99 -4.19
N THR A 26 12.40 11.08 -2.94
CA THR A 26 13.40 10.14 -2.42
C THR A 26 13.21 9.93 -0.93
N ILE A 27 13.21 8.67 -0.50
CA ILE A 27 13.04 8.34 0.91
C ILE A 27 14.36 7.93 1.54
N THR A 28 14.77 8.66 2.57
CA THR A 28 16.01 8.38 3.27
C THR A 28 15.74 7.57 4.53
N THR A 29 16.78 6.93 5.06
CA THR A 29 16.65 6.10 6.26
C THR A 29 15.99 6.88 7.40
N LYS A 30 16.10 8.20 7.38
CA LYS A 30 15.51 9.04 8.42
C LYS A 30 13.98 8.98 8.36
N GLU A 31 13.43 9.21 7.18
CA GLU A 31 11.99 9.18 6.97
C GLU A 31 11.49 7.75 6.90
N LEU A 32 12.30 6.90 6.28
CA LEU A 32 11.97 5.49 6.11
C LEU A 32 11.64 4.85 7.47
N GLY A 33 12.42 5.20 8.48
CA GLY A 33 12.19 4.66 9.81
C GLY A 33 10.97 5.26 10.46
N THR A 34 10.63 6.48 10.07
CA THR A 34 9.47 7.18 10.61
C THR A 34 8.18 6.51 10.14
N VAL A 35 8.06 6.32 8.83
CA VAL A 35 6.88 5.69 8.26
C VAL A 35 6.86 4.19 8.53
N MET A 36 8.04 3.58 8.56
CA MET A 36 8.16 2.15 8.82
C MET A 36 7.52 1.79 10.14
N ARG A 37 7.80 2.60 11.16
CA ARG A 37 7.24 2.38 12.49
C ARG A 37 5.79 2.87 12.56
N SER A 38 5.46 3.83 11.70
CA SER A 38 4.10 4.38 11.65
C SER A 38 3.07 3.28 11.43
N LEU A 39 3.35 2.39 10.49
CA LEU A 39 2.44 1.29 10.17
C LEU A 39 1.93 0.60 11.45
N GLY A 40 2.76 0.62 12.48
CA GLY A 40 2.39 0.01 13.75
C GLY A 40 3.47 -0.87 14.32
N GLN A 41 4.72 -0.48 14.12
CA GLN A 41 5.86 -1.25 14.62
C GLN A 41 6.97 -0.33 15.10
N ASN A 42 8.00 -0.91 15.71
CA ASN A 42 9.12 -0.13 16.21
C ASN A 42 10.45 -0.86 15.96
N PRO A 43 10.80 -1.07 14.68
CA PRO A 43 12.04 -1.76 14.32
C PRO A 43 13.27 -0.87 14.49
N THR A 44 14.41 -1.35 14.02
CA THR A 44 15.66 -0.60 14.11
C THR A 44 15.98 0.10 12.80
N GLU A 45 16.99 0.95 12.82
CA GLU A 45 17.41 1.68 11.63
C GLU A 45 18.03 0.71 10.61
N ALA A 46 18.66 -0.33 11.15
CA ALA A 46 19.30 -1.35 10.34
C ALA A 46 18.36 -1.92 9.28
N GLU A 47 17.13 -2.20 9.70
CA GLU A 47 16.13 -2.76 8.79
C GLU A 47 15.83 -1.79 7.65
N LEU A 48 15.49 -0.56 8.01
CA LEU A 48 15.18 0.48 7.02
C LEU A 48 16.32 0.60 6.02
N GLN A 49 17.53 0.74 6.52
CA GLN A 49 18.72 0.86 5.68
C GLN A 49 18.87 -0.37 4.80
N ASP A 50 18.58 -1.54 5.38
CA ASP A 50 18.69 -2.79 4.65
C ASP A 50 17.68 -2.83 3.50
N MET A 51 16.46 -2.41 3.80
CA MET A 51 15.40 -2.37 2.80
C MET A 51 15.78 -1.45 1.65
N ILE A 52 16.16 -0.23 2.00
CA ILE A 52 16.57 0.77 1.01
C ILE A 52 17.75 0.25 0.21
N ASN A 53 18.72 -0.31 0.91
CA ASN A 53 19.93 -0.85 0.30
C ASN A 53 19.59 -1.82 -0.84
N GLU A 54 18.42 -2.42 -0.75
CA GLU A 54 17.96 -3.37 -1.75
C GLU A 54 17.33 -2.65 -2.93
N VAL A 55 17.23 -1.33 -2.83
CA VAL A 55 16.59 -0.56 -3.88
C VAL A 55 17.44 0.60 -4.38
N ASP A 56 18.24 1.18 -3.50
CA ASP A 56 19.09 2.30 -3.85
C ASP A 56 20.12 1.90 -4.90
N ALA A 57 20.26 2.74 -5.91
CA ALA A 57 21.20 2.51 -7.00
C ALA A 57 22.64 2.53 -6.51
N ASP A 58 23.00 3.61 -5.84
CA ASP A 58 24.35 3.78 -5.34
C ASP A 58 24.46 3.38 -3.87
N GLY A 59 23.37 2.87 -3.30
CA GLY A 59 23.37 2.43 -1.91
C GLY A 59 23.84 3.48 -0.94
N ASN A 60 23.15 4.62 -0.90
CA ASN A 60 23.51 5.70 0.02
C ASN A 60 22.46 5.85 1.14
N GLY A 61 21.40 5.05 1.07
CA GLY A 61 20.37 5.12 2.08
C GLY A 61 19.12 5.83 1.60
N THR A 62 18.97 5.96 0.28
CA THR A 62 17.81 6.62 -0.28
C THR A 62 17.46 6.04 -1.65
N ILE A 63 16.17 5.87 -1.91
CA ILE A 63 15.70 5.33 -3.19
C ILE A 63 15.11 6.41 -4.08
N ASP A 64 15.24 6.21 -5.38
CA ASP A 64 14.72 7.15 -6.37
C ASP A 64 13.50 6.55 -7.07
N PHE A 65 12.82 7.36 -7.87
CA PHE A 65 11.63 6.92 -8.60
C PHE A 65 11.93 5.69 -9.46
N PRO A 66 12.84 5.82 -10.45
CA PRO A 66 13.20 4.71 -11.34
C PRO A 66 13.92 3.57 -10.62
N GLU A 67 14.50 3.88 -9.46
CA GLU A 67 15.23 2.89 -8.69
C GLU A 67 14.28 1.99 -7.90
N PHE A 68 13.20 2.57 -7.38
CA PHE A 68 12.22 1.81 -6.62
C PHE A 68 11.36 0.96 -7.55
N LEU A 69 11.08 1.51 -8.74
CA LEU A 69 10.26 0.82 -9.73
C LEU A 69 11.03 -0.31 -10.40
N THR A 70 12.15 0.04 -11.03
CA THR A 70 12.99 -0.94 -11.71
C THR A 70 13.32 -2.12 -10.80
N MET A 71 13.73 -1.81 -9.58
CA MET A 71 14.07 -2.85 -8.62
C MET A 71 12.87 -3.74 -8.32
N MET A 72 11.69 -3.15 -8.40
CA MET A 72 10.45 -3.88 -8.15
C MET A 72 9.70 -4.19 -9.44
N ALA A 73 10.39 -4.02 -10.57
CA ALA A 73 9.78 -4.27 -11.87
C ALA A 73 10.45 -5.45 -12.57
N ARG A 74 11.77 -5.56 -12.40
CA ARG A 74 12.54 -6.63 -13.01
C ARG A 74 12.00 -8.00 -12.60
N LYS A 75 11.95 -8.25 -11.29
CA LYS A 75 11.45 -9.51 -10.77
C LYS A 75 10.43 -9.29 -9.66
N MET A 76 9.52 -8.35 -9.89
CA MET A 76 8.48 -8.04 -8.90
C MET A 76 7.21 -7.54 -9.59
N LYS A 77 6.57 -8.43 -10.33
CA LYS A 77 5.33 -8.09 -11.04
C LYS A 77 4.27 -9.15 -10.82
N ASP A 78 4.20 -9.68 -9.60
CA ASP A 78 3.23 -10.71 -9.26
C ASP A 78 1.87 -10.10 -8.93
N THR A 79 0.98 -10.92 -8.38
CA THR A 79 -0.36 -10.45 -8.01
C THR A 79 -0.50 -10.36 -6.50
N ASP A 80 -1.72 -10.05 -6.05
CA ASP A 80 -2.00 -9.93 -4.62
C ASP A 80 -2.01 -11.29 -3.95
N SER A 81 -2.24 -11.29 -2.64
CA SER A 81 -2.28 -12.53 -1.87
C SER A 81 -3.21 -12.40 -0.68
N GLU A 82 -3.72 -13.54 -0.20
CA GLU A 82 -4.63 -13.55 0.94
C GLU A 82 -4.06 -12.78 2.13
N GLU A 83 -2.73 -12.69 2.18
CA GLU A 83 -2.05 -11.98 3.26
C GLU A 83 -2.18 -10.46 3.10
N GLU A 84 -2.15 -10.00 1.86
CA GLU A 84 -2.26 -8.58 1.56
C GLU A 84 -3.64 -8.04 1.93
N ILE A 85 -4.63 -8.92 1.90
CA ILE A 85 -6.01 -8.54 2.24
C ILE A 85 -6.14 -8.34 3.75
N ARG A 86 -5.47 -9.20 4.50
CA ARG A 86 -5.49 -9.12 5.96
C ARG A 86 -4.71 -7.91 6.45
N GLU A 87 -3.49 -7.75 5.95
CA GLU A 87 -2.66 -6.61 6.32
C GLU A 87 -3.33 -5.32 5.88
N ALA A 88 -3.84 -5.34 4.65
CA ALA A 88 -4.56 -4.20 4.10
C ALA A 88 -5.67 -3.78 5.03
N PHE A 89 -6.46 -4.76 5.43
CA PHE A 89 -7.57 -4.53 6.33
C PHE A 89 -7.12 -3.76 7.56
N ARG A 90 -5.93 -4.08 8.03
CA ARG A 90 -5.36 -3.42 9.19
C ARG A 90 -4.85 -2.03 8.83
N VAL A 91 -4.40 -1.86 7.59
CA VAL A 91 -3.89 -0.58 7.14
C VAL A 91 -5.03 0.41 6.87
N PHE A 92 -6.14 -0.11 6.34
CA PHE A 92 -7.30 0.72 6.04
C PHE A 92 -8.02 1.11 7.32
N ASP A 93 -8.54 0.11 8.03
CA ASP A 93 -9.25 0.35 9.28
C ASP A 93 -8.28 0.51 10.44
N LYS A 94 -8.28 1.69 11.04
CA LYS A 94 -7.39 1.98 12.15
C LYS A 94 -7.69 1.09 13.36
N ASP A 95 -8.96 1.06 13.76
CA ASP A 95 -9.38 0.24 14.90
C ASP A 95 -9.51 -1.23 14.52
N GLY A 96 -9.42 -1.51 13.21
CA GLY A 96 -9.54 -2.89 12.75
C GLY A 96 -10.69 -3.64 13.39
N ASN A 97 -11.92 -3.28 13.04
CA ASN A 97 -13.09 -3.93 13.61
C ASN A 97 -13.58 -5.07 12.70
N GLY A 98 -12.75 -5.47 11.75
CA GLY A 98 -13.11 -6.53 10.84
C GLY A 98 -14.26 -6.15 9.92
N TYR A 99 -14.50 -4.85 9.80
CA TYR A 99 -15.59 -4.35 8.94
C TYR A 99 -15.41 -2.87 8.64
N ILE A 100 -15.22 -2.54 7.37
CA ILE A 100 -15.03 -1.15 6.96
C ILE A 100 -16.19 -0.67 6.09
N SER A 101 -16.80 0.43 6.52
CA SER A 101 -17.90 1.03 5.79
C SER A 101 -17.43 2.27 5.05
N ALA A 102 -18.21 2.70 4.07
CA ALA A 102 -17.89 3.86 3.27
C ALA A 102 -17.49 5.04 4.15
N ALA A 103 -18.26 5.30 5.20
CA ALA A 103 -17.97 6.40 6.12
C ALA A 103 -16.56 6.27 6.68
N GLU A 104 -16.30 5.15 7.34
CA GLU A 104 -14.99 4.90 7.91
C GLU A 104 -13.92 5.03 6.84
N LEU A 105 -14.27 4.59 5.64
CA LEU A 105 -13.37 4.68 4.50
C LEU A 105 -13.03 6.13 4.22
N ARG A 106 -14.07 6.95 4.12
CA ARG A 106 -13.91 8.38 3.88
C ARG A 106 -13.02 8.97 4.96
N HIS A 107 -13.25 8.54 6.20
CA HIS A 107 -12.47 9.00 7.33
C HIS A 107 -10.99 8.64 7.13
N VAL A 108 -10.74 7.46 6.60
CA VAL A 108 -9.38 7.00 6.35
C VAL A 108 -8.73 7.82 5.24
N MET A 109 -9.38 7.88 4.08
CA MET A 109 -8.86 8.62 2.95
C MET A 109 -8.47 10.05 3.36
N THR A 110 -9.41 10.75 3.97
CA THR A 110 -9.16 12.11 4.44
C THR A 110 -8.12 12.11 5.57
N ASN A 111 -8.02 10.98 6.26
CA ASN A 111 -7.07 10.84 7.37
C ASN A 111 -5.64 10.81 6.85
N LEU A 112 -5.46 10.27 5.65
CA LEU A 112 -4.14 10.17 5.04
C LEU A 112 -3.86 11.36 4.12
N GLY A 113 -4.94 11.93 3.56
CA GLY A 113 -4.78 13.06 2.67
C GLY A 113 -5.63 12.94 1.42
N GLU A 114 -6.87 12.49 1.59
CA GLU A 114 -7.78 12.33 0.45
C GLU A 114 -9.22 12.56 0.89
N LYS A 115 -9.80 13.67 0.43
CA LYS A 115 -11.17 14.00 0.77
C LYS A 115 -12.15 13.46 -0.28
N LEU A 116 -12.67 12.27 -0.02
CA LEU A 116 -13.61 11.64 -0.94
C LEU A 116 -15.05 11.97 -0.56
N THR A 117 -15.97 11.86 -1.52
CA THR A 117 -17.38 12.15 -1.28
C THR A 117 -18.10 10.91 -0.79
N ASP A 118 -19.29 11.11 -0.22
CA ASP A 118 -20.09 10.01 0.29
C ASP A 118 -20.41 9.00 -0.82
N GLU A 119 -20.71 9.52 -2.01
CA GLU A 119 -21.04 8.67 -3.14
C GLU A 119 -19.85 7.81 -3.54
N GLU A 120 -18.65 8.36 -3.42
CA GLU A 120 -17.44 7.64 -3.77
C GLU A 120 -17.22 6.45 -2.85
N VAL A 121 -17.20 6.72 -1.54
CA VAL A 121 -17.01 5.66 -0.55
C VAL A 121 -18.16 4.66 -0.58
N ASP A 122 -19.38 5.15 -0.75
CA ASP A 122 -20.55 4.29 -0.80
C ASP A 122 -20.46 3.34 -2.00
N GLU A 123 -20.02 3.88 -3.13
CA GLU A 123 -19.87 3.10 -4.34
C GLU A 123 -18.68 2.16 -4.23
N MET A 124 -17.68 2.59 -3.47
CA MET A 124 -16.48 1.79 -3.27
C MET A 124 -16.77 0.57 -2.40
N ILE A 125 -17.66 0.74 -1.41
CA ILE A 125 -18.03 -0.35 -0.53
C ILE A 125 -19.04 -1.29 -1.18
N ARG A 126 -20.15 -0.72 -1.63
CA ARG A 126 -21.20 -1.52 -2.25
C ARG A 126 -20.64 -2.35 -3.38
N GLU A 127 -19.61 -1.81 -4.04
CA GLU A 127 -18.97 -2.51 -5.14
C GLU A 127 -18.00 -3.56 -4.62
N ALA A 128 -17.57 -3.42 -3.37
CA ALA A 128 -16.64 -4.38 -2.78
C ALA A 128 -17.34 -5.25 -1.74
N ASP A 129 -18.61 -4.97 -1.47
CA ASP A 129 -19.36 -5.75 -0.50
C ASP A 129 -20.12 -6.89 -1.16
N ILE A 130 -19.65 -8.10 -0.91
CA ILE A 130 -20.24 -9.32 -1.47
C ILE A 130 -21.42 -9.81 -0.63
N ASP A 131 -21.36 -9.56 0.66
CA ASP A 131 -22.40 -9.99 1.58
C ASP A 131 -23.47 -8.92 1.77
N GLY A 132 -23.21 -7.72 1.25
CA GLY A 132 -24.15 -6.61 1.33
C GLY A 132 -24.71 -6.36 2.73
N ASP A 133 -23.83 -6.10 3.69
CA ASP A 133 -24.26 -5.81 5.06
C ASP A 133 -23.93 -4.38 5.47
N GLY A 134 -23.24 -3.65 4.59
CA GLY A 134 -22.89 -2.27 4.89
C GLY A 134 -21.43 -2.10 5.28
N GLN A 135 -20.64 -3.17 5.15
CA GLN A 135 -19.23 -3.15 5.48
C GLN A 135 -18.45 -4.15 4.63
N VAL A 136 -17.17 -4.30 4.91
CA VAL A 136 -16.34 -5.22 4.15
C VAL A 136 -15.56 -6.17 5.08
N ASN A 137 -15.70 -7.47 4.84
CA ASN A 137 -15.03 -8.48 5.65
C ASN A 137 -13.85 -9.08 4.89
N TYR A 138 -13.31 -10.19 5.41
CA TYR A 138 -12.17 -10.87 4.79
C TYR A 138 -12.46 -11.31 3.37
N GLU A 139 -13.26 -12.35 3.22
CA GLU A 139 -13.59 -12.86 1.89
C GLU A 139 -14.03 -11.73 0.99
N GLU A 140 -14.89 -10.89 1.51
CA GLU A 140 -15.39 -9.74 0.75
C GLU A 140 -14.22 -8.87 0.27
N PHE A 141 -13.18 -8.73 1.09
CA PHE A 141 -12.03 -7.90 0.73
C PHE A 141 -11.09 -8.63 -0.22
N VAL A 142 -10.73 -9.85 0.12
CA VAL A 142 -9.83 -10.64 -0.68
C VAL A 142 -10.35 -10.75 -2.13
N GLN A 143 -11.66 -10.93 -2.26
CA GLN A 143 -12.30 -11.05 -3.56
C GLN A 143 -12.33 -9.71 -4.30
N MET A 144 -12.48 -8.62 -3.55
CA MET A 144 -12.53 -7.29 -4.15
C MET A 144 -11.12 -6.74 -4.39
N MET A 145 -10.11 -7.59 -4.20
CA MET A 145 -8.73 -7.19 -4.40
C MET A 145 -8.07 -8.01 -5.51
N THR A 146 -8.40 -9.30 -5.57
CA THR A 146 -7.84 -10.18 -6.58
C THR A 146 -8.81 -11.28 -6.98
N ALA A 147 -9.33 -12.00 -5.98
CA ALA A 147 -10.28 -13.08 -6.23
C ALA A 147 -11.61 -12.54 -6.76
N LYS A 148 -11.62 -12.14 -8.03
CA LYS A 148 -12.82 -11.61 -8.65
C LYS A 148 -13.30 -10.34 -7.94
N THR B 1 4.41 -8.62 3.07
CA THR B 1 5.29 -9.36 4.00
C THR B 1 6.13 -10.41 3.25
N PRO B 2 7.32 -10.00 2.76
CA PRO B 2 8.21 -10.90 2.04
C PRO B 2 8.84 -11.95 2.94
N ARG B 3 9.84 -12.66 2.41
CA ARG B 3 10.52 -13.69 3.18
C ARG B 3 11.85 -13.19 3.73
N ARG B 4 12.78 -12.86 2.84
CA ARG B 4 14.09 -12.36 3.23
C ARG B 4 14.46 -11.12 2.42
N GLY B 5 13.45 -10.35 2.04
CA GLY B 5 13.69 -9.14 1.27
C GLY B 5 13.53 -7.88 2.10
N ARG B 6 12.83 -6.90 1.53
CA ARG B 6 12.60 -5.63 2.23
C ARG B 6 11.23 -5.63 2.91
N GLY B 7 11.24 -5.84 4.22
CA GLY B 7 10.01 -5.86 4.98
C GLY B 7 9.17 -4.60 4.80
N GLY B 8 9.58 -3.52 5.44
CA GLY B 8 8.85 -2.26 5.33
C GLY B 8 8.63 -1.87 3.88
N PHE B 9 9.69 -1.95 3.09
CA PHE B 9 9.64 -1.61 1.67
C PHE B 9 8.61 -2.48 0.96
N GLN B 10 8.91 -3.76 0.79
CA GLN B 10 7.99 -4.67 0.12
C GLN B 10 6.61 -4.58 0.75
N ARG B 11 6.57 -4.41 2.07
CA ARG B 11 5.30 -4.29 2.76
C ARG B 11 4.52 -3.11 2.18
N ILE B 12 5.23 -1.98 2.04
CA ILE B 12 4.64 -0.79 1.47
C ILE B 12 4.17 -1.07 0.05
N VAL B 13 4.97 -1.83 -0.69
CA VAL B 13 4.66 -2.20 -2.07
C VAL B 13 3.29 -2.86 -2.18
N ARG B 14 3.09 -3.90 -1.37
CA ARG B 14 1.83 -4.64 -1.39
C ARG B 14 0.72 -3.83 -0.74
N LEU B 15 0.99 -3.25 0.42
CA LEU B 15 0.00 -2.46 1.13
C LEU B 15 -0.53 -1.35 0.24
N VAL B 16 0.37 -0.63 -0.44
CA VAL B 16 -0.03 0.44 -1.33
C VAL B 16 -0.81 -0.12 -2.52
N GLY B 17 -0.27 -1.18 -3.11
CA GLY B 17 -0.93 -1.78 -4.25
C GLY B 17 -2.33 -2.26 -3.92
N VAL B 18 -2.53 -2.67 -2.67
CA VAL B 18 -3.84 -3.16 -2.24
C VAL B 18 -4.82 -2.01 -2.02
N ILE B 19 -4.41 -1.01 -1.26
CA ILE B 19 -5.27 0.13 -0.98
C ILE B 19 -5.51 0.97 -2.24
N ARG B 20 -4.46 1.19 -3.02
CA ARG B 20 -4.57 1.96 -4.26
C ARG B 20 -5.60 1.31 -5.17
N ASP B 21 -5.64 -0.01 -5.12
CA ASP B 21 -6.59 -0.76 -5.93
C ASP B 21 -8.02 -0.41 -5.56
N TRP B 22 -8.25 -0.20 -4.28
CA TRP B 22 -9.58 0.16 -3.78
C TRP B 22 -9.73 1.67 -3.65
N ALA B 23 -8.61 2.38 -3.69
CA ALA B 23 -8.59 3.83 -3.57
C ALA B 23 -8.71 4.51 -4.93
N ASN B 24 -8.25 3.82 -5.96
CA ASN B 24 -8.29 4.36 -7.32
C ASN B 24 -9.09 3.48 -8.27
N LYS B 25 -8.53 2.32 -8.60
CA LYS B 25 -9.19 1.39 -9.51
C LYS B 25 -10.64 1.13 -9.08
N ASN B 26 -10.80 0.45 -7.96
CA ASN B 26 -12.14 0.14 -7.43
C ASN B 26 -12.85 -0.89 -8.31
N PHE B 27 -13.09 -0.54 -9.57
CA PHE B 27 -13.77 -1.44 -10.50
C PHE B 27 -12.76 -2.18 -11.36
N ARG B 28 -11.58 -2.42 -10.82
CA ARG B 28 -10.53 -3.14 -11.54
C ARG B 28 -11.05 -4.45 -12.12
CA CA C . 12.71 13.27 1.59
CA CA D . 21.87 6.66 -3.43
CA CA E . -13.55 0.56 12.11
CA CA F . -20.54 -6.83 4.04
N ALA A 1 12.97 -4.57 -20.70
CA ALA A 1 11.62 -5.06 -20.29
C ALA A 1 11.46 -5.01 -18.78
N ASP A 2 12.10 -4.04 -18.15
CA ASP A 2 12.03 -3.89 -16.70
C ASP A 2 11.14 -2.71 -16.32
N GLN A 3 9.83 -2.93 -16.35
CA GLN A 3 8.87 -1.88 -16.01
C GLN A 3 7.45 -2.42 -16.03
N LEU A 4 6.49 -1.57 -15.67
CA LEU A 4 5.08 -1.95 -15.66
C LEU A 4 4.24 -0.98 -16.46
N THR A 5 3.01 -1.38 -16.77
CA THR A 5 2.10 -0.54 -17.53
C THR A 5 1.57 0.61 -16.67
N GLU A 6 0.89 1.55 -17.31
CA GLU A 6 0.32 2.71 -16.61
C GLU A 6 -0.50 2.27 -15.40
N GLU A 7 -1.29 1.22 -15.57
CA GLU A 7 -2.14 0.71 -14.50
C GLU A 7 -1.30 0.15 -13.36
N GLN A 8 -0.44 -0.82 -13.67
CA GLN A 8 0.41 -1.43 -12.66
C GLN A 8 1.33 -0.39 -12.03
N ILE A 9 2.08 0.32 -12.87
CA ILE A 9 2.99 1.35 -12.40
C ILE A 9 2.26 2.40 -11.56
N ALA A 10 0.96 2.56 -11.81
CA ALA A 10 0.14 3.53 -11.09
C ALA A 10 0.31 3.38 -9.59
N GLU A 11 0.33 2.15 -9.12
CA GLU A 11 0.47 1.87 -7.70
C GLU A 11 1.86 2.28 -7.20
N PHE A 12 2.86 2.11 -8.05
CA PHE A 12 4.24 2.45 -7.68
C PHE A 12 4.42 3.96 -7.53
N LYS A 13 3.95 4.74 -8.51
CA LYS A 13 4.07 6.19 -8.43
C LYS A 13 3.37 6.72 -7.20
N GLU A 14 2.15 6.22 -6.98
CA GLU A 14 1.35 6.61 -5.84
C GLU A 14 2.05 6.21 -4.55
N ALA A 15 2.47 4.96 -4.48
CA ALA A 15 3.15 4.43 -3.31
C ALA A 15 4.34 5.30 -2.92
N PHE A 16 5.06 5.76 -3.93
CA PHE A 16 6.22 6.60 -3.72
C PHE A 16 5.86 7.84 -2.90
N SER A 17 4.66 8.37 -3.13
CA SER A 17 4.20 9.54 -2.41
C SER A 17 3.81 9.19 -0.98
N LEU A 18 3.60 7.90 -0.72
CA LEU A 18 3.23 7.44 0.61
C LEU A 18 4.47 7.20 1.44
N PHE A 19 5.50 6.65 0.81
CA PHE A 19 6.76 6.38 1.49
C PHE A 19 7.41 7.68 1.94
N ASP A 20 7.82 8.51 0.99
CA ASP A 20 8.44 9.78 1.30
C ASP A 20 7.44 10.72 1.98
N LYS A 21 7.86 11.31 3.09
CA LYS A 21 7.01 12.23 3.84
C LYS A 21 6.78 13.52 3.05
N ASP A 22 7.81 13.98 2.35
CA ASP A 22 7.73 15.20 1.56
C ASP A 22 7.36 14.88 0.11
N GLY A 23 7.45 13.60 -0.25
CA GLY A 23 7.12 13.19 -1.60
C GLY A 23 7.95 13.90 -2.65
N ASP A 24 9.22 14.12 -2.34
CA ASP A 24 10.12 14.80 -3.27
C ASP A 24 10.59 13.86 -4.39
N GLY A 25 10.16 12.60 -4.33
CA GLY A 25 10.55 11.65 -5.35
C GLY A 25 11.62 10.68 -4.88
N THR A 26 12.09 10.86 -3.66
CA THR A 26 13.11 9.97 -3.10
C THR A 26 12.94 9.82 -1.59
N ILE A 27 12.99 8.58 -1.12
CA ILE A 27 12.83 8.29 0.30
C ILE A 27 14.16 7.88 0.93
N THR A 28 14.61 8.66 1.90
CA THR A 28 15.86 8.38 2.58
C THR A 28 15.62 7.66 3.90
N THR A 29 16.68 7.15 4.50
CA THR A 29 16.58 6.42 5.77
C THR A 29 15.88 7.24 6.84
N LYS A 30 16.01 8.56 6.75
CA LYS A 30 15.38 9.46 7.72
C LYS A 30 13.86 9.42 7.61
N GLU A 31 13.35 9.57 6.39
CA GLU A 31 11.91 9.56 6.15
C GLU A 31 11.37 8.15 6.19
N LEU A 32 12.17 7.20 5.69
CA LEU A 32 11.77 5.80 5.67
C LEU A 32 11.37 5.31 7.06
N GLY A 33 12.14 5.70 8.06
CA GLY A 33 11.83 5.31 9.42
C GLY A 33 10.59 6.01 9.95
N THR A 34 10.32 7.20 9.41
CA THR A 34 9.16 7.98 9.82
C THR A 34 7.87 7.39 9.28
N VAL A 35 7.88 7.01 8.01
CA VAL A 35 6.70 6.44 7.37
C VAL A 35 6.49 5.00 7.82
N MET A 36 7.59 4.28 8.05
CA MET A 36 7.51 2.88 8.49
C MET A 36 6.79 2.79 9.83
N ARG A 37 7.21 3.60 10.79
CA ARG A 37 6.59 3.60 12.11
C ARG A 37 5.15 4.06 12.05
N SER A 38 4.85 4.92 11.08
CA SER A 38 3.49 5.44 10.91
C SER A 38 2.51 4.30 10.66
N LEU A 39 3.03 3.15 10.21
CA LEU A 39 2.19 1.98 9.94
C LEU A 39 1.69 1.34 11.23
N GLY A 40 2.63 0.89 12.07
CA GLY A 40 2.24 0.25 13.31
C GLY A 40 3.35 0.25 14.36
N GLN A 41 4.58 0.02 13.93
CA GLN A 41 5.71 -0.01 14.85
C GLN A 41 6.93 0.67 14.25
N ASN A 42 7.73 1.29 15.11
CA ASN A 42 8.94 1.99 14.68
C ASN A 42 10.18 1.12 14.87
N PRO A 43 10.67 0.46 13.81
CA PRO A 43 11.86 -0.39 13.90
C PRO A 43 13.15 0.43 13.98
N THR A 44 14.29 -0.23 13.84
CA THR A 44 15.58 0.45 13.91
C THR A 44 15.97 1.01 12.54
N GLU A 45 17.01 1.83 12.53
CA GLU A 45 17.49 2.44 11.29
C GLU A 45 18.11 1.37 10.41
N ALA A 46 18.67 0.34 11.04
CA ALA A 46 19.29 -0.76 10.34
C ALA A 46 18.36 -1.33 9.28
N GLU A 47 17.09 -1.50 9.65
CA GLU A 47 16.09 -2.03 8.73
C GLU A 47 15.92 -1.10 7.55
N LEU A 48 15.87 0.19 7.84
CA LEU A 48 15.70 1.21 6.81
C LEU A 48 16.80 1.12 5.77
N GLN A 49 18.04 1.07 6.24
CA GLN A 49 19.20 0.98 5.35
C GLN A 49 19.18 -0.33 4.58
N ASP A 50 18.79 -1.42 5.24
CA ASP A 50 18.74 -2.73 4.60
C ASP A 50 17.68 -2.77 3.50
N MET A 51 16.47 -2.35 3.84
CA MET A 51 15.38 -2.33 2.88
C MET A 51 15.74 -1.47 1.67
N ILE A 52 16.13 -0.24 1.95
CA ILE A 52 16.52 0.70 0.91
C ILE A 52 17.72 0.17 0.12
N ASN A 53 18.68 -0.38 0.83
CA ASN A 53 19.88 -0.92 0.22
C ASN A 53 19.56 -1.91 -0.89
N GLU A 54 18.40 -2.54 -0.78
CA GLU A 54 17.96 -3.51 -1.77
C GLU A 54 17.32 -2.83 -2.97
N VAL A 55 17.18 -1.52 -2.88
CA VAL A 55 16.52 -0.77 -3.94
C VAL A 55 17.37 0.39 -4.47
N ASP A 56 18.17 0.98 -3.60
CA ASP A 56 19.01 2.10 -3.97
C ASP A 56 20.07 1.68 -5.00
N ALA A 57 20.21 2.49 -6.04
CA ALA A 57 21.18 2.22 -7.09
C ALA A 57 22.61 2.42 -6.59
N ASP A 58 22.84 3.60 -6.03
CA ASP A 58 24.15 3.94 -5.49
C ASP A 58 24.33 3.45 -4.06
N GLY A 59 23.24 2.96 -3.47
CA GLY A 59 23.29 2.46 -2.10
C GLY A 59 23.73 3.52 -1.10
N ASN A 60 23.09 4.69 -1.16
CA ASN A 60 23.41 5.77 -0.24
C ASN A 60 22.35 5.92 0.84
N GLY A 61 21.30 5.09 0.79
CA GLY A 61 20.25 5.16 1.78
C GLY A 61 18.98 5.82 1.27
N THR A 62 18.85 5.92 -0.04
CA THR A 62 17.66 6.54 -0.64
C THR A 62 17.34 5.91 -1.99
N ILE A 63 16.05 5.70 -2.26
CA ILE A 63 15.62 5.10 -3.51
C ILE A 63 15.04 6.16 -4.45
N ASP A 64 15.19 5.91 -5.75
CA ASP A 64 14.68 6.81 -6.76
C ASP A 64 13.42 6.22 -7.41
N PHE A 65 12.78 7.00 -8.28
CA PHE A 65 11.57 6.56 -8.95
C PHE A 65 11.80 5.28 -9.74
N PRO A 66 12.70 5.32 -10.74
CA PRO A 66 13.01 4.14 -11.57
C PRO A 66 13.74 3.06 -10.78
N GLU A 67 14.45 3.46 -9.74
CA GLU A 67 15.20 2.52 -8.92
C GLU A 67 14.26 1.61 -8.13
N PHE A 68 13.21 2.20 -7.57
CA PHE A 68 12.23 1.43 -6.79
C PHE A 68 11.34 0.63 -7.74
N LEU A 69 10.98 1.25 -8.86
CA LEU A 69 10.12 0.61 -9.86
C LEU A 69 10.83 -0.59 -10.50
N THR A 70 11.98 -0.34 -11.10
CA THR A 70 12.75 -1.39 -11.76
C THR A 70 12.97 -2.57 -10.82
N MET A 71 13.26 -2.28 -9.56
CA MET A 71 13.49 -3.33 -8.57
C MET A 71 12.24 -4.20 -8.43
N MET A 72 11.07 -3.58 -8.60
CA MET A 72 9.81 -4.29 -8.48
C MET A 72 9.15 -4.47 -9.85
N ALA A 73 9.92 -4.26 -10.91
CA ALA A 73 9.40 -4.40 -12.27
C ALA A 73 10.07 -5.56 -13.00
N ARG A 74 11.34 -5.80 -12.69
CA ARG A 74 12.10 -6.87 -13.32
C ARG A 74 11.43 -8.23 -13.08
N LYS A 75 10.93 -8.44 -11.87
CA LYS A 75 10.27 -9.69 -11.53
C LYS A 75 9.06 -9.45 -10.62
N MET A 76 8.30 -8.41 -10.93
CA MET A 76 7.11 -8.07 -10.16
C MET A 76 6.21 -7.11 -10.92
N LYS A 77 4.90 -7.34 -10.84
CA LYS A 77 3.93 -6.50 -11.54
C LYS A 77 2.61 -6.44 -10.76
N ASP A 78 2.70 -6.56 -9.43
CA ASP A 78 1.52 -6.52 -8.58
C ASP A 78 0.59 -7.68 -8.89
N THR A 79 0.64 -8.72 -8.06
CA THR A 79 -0.20 -9.90 -8.24
C THR A 79 -1.15 -10.08 -7.05
N ASP A 80 -0.96 -9.28 -6.01
CA ASP A 80 -1.80 -9.38 -4.81
C ASP A 80 -1.74 -10.77 -4.21
N SER A 81 -2.33 -10.92 -3.01
CA SER A 81 -2.35 -12.20 -2.32
C SER A 81 -3.29 -12.16 -1.12
N GLU A 82 -3.88 -13.30 -0.79
CA GLU A 82 -4.82 -13.39 0.32
C GLU A 82 -4.23 -12.78 1.60
N GLU A 83 -2.91 -12.78 1.70
CA GLU A 83 -2.23 -12.23 2.87
C GLU A 83 -2.19 -10.71 2.81
N GLU A 84 -2.25 -10.15 1.60
CA GLU A 84 -2.21 -8.70 1.41
C GLU A 84 -3.55 -8.07 1.81
N ILE A 85 -4.63 -8.85 1.66
CA ILE A 85 -5.96 -8.36 2.02
C ILE A 85 -6.09 -8.34 3.53
N ARG A 86 -5.42 -9.28 4.18
CA ARG A 86 -5.41 -9.38 5.63
C ARG A 86 -4.61 -8.21 6.23
N GLU A 87 -3.40 -8.00 5.72
CA GLU A 87 -2.56 -6.91 6.19
C GLU A 87 -3.24 -5.57 5.92
N ALA A 88 -3.71 -5.42 4.68
CA ALA A 88 -4.41 -4.22 4.28
C ALA A 88 -5.55 -3.93 5.24
N PHE A 89 -6.26 -4.98 5.58
CA PHE A 89 -7.38 -4.86 6.50
C PHE A 89 -6.97 -4.14 7.77
N ARG A 90 -5.77 -4.44 8.24
CA ARG A 90 -5.24 -3.82 9.44
C ARG A 90 -4.78 -2.39 9.16
N VAL A 91 -4.28 -2.16 7.94
CA VAL A 91 -3.80 -0.84 7.57
C VAL A 91 -4.97 0.13 7.34
N PHE A 92 -6.06 -0.38 6.77
CA PHE A 92 -7.24 0.44 6.52
C PHE A 92 -7.96 0.73 7.83
N ASP A 93 -8.45 -0.32 8.47
CA ASP A 93 -9.17 -0.19 9.73
C ASP A 93 -8.20 -0.18 10.91
N LYS A 94 -8.30 0.86 11.72
CA LYS A 94 -7.43 1.01 12.89
C LYS A 94 -7.87 0.09 14.02
N ASP A 95 -9.14 0.17 14.38
CA ASP A 95 -9.68 -0.65 15.45
C ASP A 95 -9.85 -2.11 15.01
N GLY A 96 -9.69 -2.36 13.70
CA GLY A 96 -9.83 -3.71 13.18
C GLY A 96 -11.05 -4.43 13.73
N ASN A 97 -12.24 -3.98 13.33
CA ASN A 97 -13.47 -4.59 13.80
C ASN A 97 -13.99 -5.63 12.80
N GLY A 98 -13.14 -6.01 11.85
CA GLY A 98 -13.53 -6.99 10.86
C GLY A 98 -14.63 -6.49 9.94
N TYR A 99 -14.83 -5.17 9.92
CA TYR A 99 -15.85 -4.56 9.08
C TYR A 99 -15.54 -3.09 8.82
N ILE A 100 -15.32 -2.75 7.56
CA ILE A 100 -15.02 -1.36 7.18
C ILE A 100 -16.17 -0.73 6.42
N SER A 101 -16.65 0.39 6.93
CA SER A 101 -17.74 1.11 6.30
C SER A 101 -17.21 2.33 5.56
N ALA A 102 -17.98 2.79 4.58
CA ALA A 102 -17.60 3.95 3.79
C ALA A 102 -17.14 5.11 4.67
N ALA A 103 -17.86 5.36 5.76
CA ALA A 103 -17.50 6.42 6.69
C ALA A 103 -16.09 6.23 7.21
N GLU A 104 -15.86 5.09 7.85
CA GLU A 104 -14.55 4.77 8.38
C GLU A 104 -13.50 4.86 7.28
N LEU A 105 -13.87 4.40 6.09
CA LEU A 105 -12.99 4.45 4.93
C LEU A 105 -12.59 5.89 4.65
N ARG A 106 -13.60 6.75 4.57
CA ARG A 106 -13.38 8.16 4.32
C ARG A 106 -12.47 8.74 5.40
N HIS A 107 -12.71 8.32 6.63
CA HIS A 107 -11.92 8.78 7.77
C HIS A 107 -10.46 8.37 7.59
N VAL A 108 -10.25 7.18 7.06
CA VAL A 108 -8.91 6.66 6.82
C VAL A 108 -8.24 7.38 5.65
N MET A 109 -8.88 7.36 4.49
CA MET A 109 -8.35 8.01 3.31
C MET A 109 -7.91 9.44 3.63
N THR A 110 -8.83 10.21 4.20
CA THR A 110 -8.53 11.58 4.57
C THR A 110 -7.47 11.62 5.68
N ASN A 111 -7.41 10.53 6.45
CA ASN A 111 -6.45 10.43 7.55
C ASN A 111 -5.04 10.26 7.01
N LEU A 112 -4.91 9.63 5.85
CA LEU A 112 -3.61 9.40 5.23
C LEU A 112 -3.24 10.54 4.29
N GLY A 113 -4.25 11.19 3.73
CA GLY A 113 -4.01 12.29 2.81
C GLY A 113 -4.89 12.25 1.58
N GLU A 114 -6.16 11.94 1.78
CA GLU A 114 -7.11 11.85 0.67
C GLU A 114 -8.53 12.11 1.15
N LYS A 115 -9.09 13.25 0.77
CA LYS A 115 -10.44 13.62 1.16
C LYS A 115 -11.45 13.17 0.13
N LEU A 116 -12.11 12.05 0.40
CA LEU A 116 -13.12 11.51 -0.51
C LEU A 116 -14.52 11.91 -0.07
N THR A 117 -15.47 11.82 -0.99
CA THR A 117 -16.86 12.18 -0.70
C THR A 117 -17.63 10.97 -0.20
N ASP A 118 -18.77 11.22 0.45
CA ASP A 118 -19.59 10.14 0.97
C ASP A 118 -20.02 9.18 -0.12
N GLU A 119 -20.35 9.72 -1.29
CA GLU A 119 -20.78 8.91 -2.42
C GLU A 119 -19.65 7.99 -2.89
N GLU A 120 -18.43 8.49 -2.82
CA GLU A 120 -17.26 7.72 -3.22
C GLU A 120 -17.05 6.51 -2.32
N VAL A 121 -16.96 6.77 -1.02
CA VAL A 121 -16.75 5.70 -0.05
C VAL A 121 -17.95 4.76 -0.01
N ASP A 122 -19.15 5.32 -0.09
CA ASP A 122 -20.38 4.52 -0.07
C ASP A 122 -20.43 3.58 -1.26
N GLU A 123 -20.07 4.10 -2.43
CA GLU A 123 -20.05 3.32 -3.65
C GLU A 123 -18.89 2.33 -3.63
N MET A 124 -17.81 2.71 -2.95
CA MET A 124 -16.64 1.86 -2.85
C MET A 124 -16.92 0.65 -1.96
N ILE A 125 -17.74 0.85 -0.93
CA ILE A 125 -18.09 -0.23 -0.02
C ILE A 125 -19.18 -1.12 -0.60
N ARG A 126 -20.29 -0.53 -0.99
CA ARG A 126 -21.40 -1.30 -1.54
C ARG A 126 -20.93 -2.14 -2.71
N GLU A 127 -19.94 -1.60 -3.44
CA GLU A 127 -19.40 -2.31 -4.59
C GLU A 127 -18.45 -3.42 -4.15
N ALA A 128 -17.94 -3.32 -2.92
CA ALA A 128 -17.02 -4.33 -2.41
C ALA A 128 -17.70 -5.24 -1.38
N ASP A 129 -18.90 -4.85 -0.94
CA ASP A 129 -19.63 -5.64 0.05
C ASP A 129 -20.44 -6.73 -0.64
N ILE A 130 -19.82 -7.88 -0.80
CA ILE A 130 -20.43 -9.04 -1.43
C ILE A 130 -21.64 -9.53 -0.64
N ASP A 131 -21.59 -9.35 0.67
CA ASP A 131 -22.66 -9.78 1.54
C ASP A 131 -23.74 -8.71 1.67
N GLY A 132 -23.45 -7.52 1.14
CA GLY A 132 -24.39 -6.41 1.16
C GLY A 132 -25.00 -6.12 2.52
N ASP A 133 -24.16 -5.91 3.54
CA ASP A 133 -24.65 -5.59 4.88
C ASP A 133 -24.27 -4.16 5.28
N GLY A 134 -23.49 -3.48 4.44
CA GLY A 134 -23.06 -2.12 4.75
C GLY A 134 -21.63 -2.04 5.24
N GLN A 135 -20.91 -3.16 5.20
CA GLN A 135 -19.51 -3.20 5.63
C GLN A 135 -18.72 -4.18 4.79
N VAL A 136 -17.46 -4.38 5.16
CA VAL A 136 -16.60 -5.29 4.40
C VAL A 136 -15.96 -6.32 5.33
N ASN A 137 -16.22 -7.60 5.03
CA ASN A 137 -15.67 -8.70 5.82
C ASN A 137 -14.41 -9.26 5.14
N TYR A 138 -13.96 -10.41 5.59
CA TYR A 138 -12.76 -11.04 5.04
C TYR A 138 -12.91 -11.39 3.57
N GLU A 139 -13.68 -12.43 3.27
CA GLU A 139 -13.88 -12.87 1.89
C GLU A 139 -14.28 -11.69 1.03
N GLU A 140 -15.17 -10.87 1.56
CA GLU A 140 -15.62 -9.69 0.83
C GLU A 140 -14.44 -8.81 0.44
N PHE A 141 -13.41 -8.79 1.29
CA PHE A 141 -12.22 -7.97 1.03
C PHE A 141 -11.29 -8.65 0.03
N VAL A 142 -11.05 -9.91 0.26
CA VAL A 142 -10.17 -10.69 -0.59
C VAL A 142 -10.75 -10.81 -2.00
N GLN A 143 -12.07 -10.94 -2.09
CA GLN A 143 -12.74 -11.07 -3.37
C GLN A 143 -12.71 -9.77 -4.16
N MET A 144 -12.82 -8.64 -3.46
CA MET A 144 -12.79 -7.34 -4.12
C MET A 144 -11.37 -6.99 -4.53
N MET A 145 -10.40 -7.72 -3.98
CA MET A 145 -9.00 -7.51 -4.29
C MET A 145 -8.55 -8.47 -5.39
N THR A 146 -8.84 -9.76 -5.20
CA THR A 146 -8.47 -10.77 -6.17
C THR A 146 -8.97 -12.16 -5.75
N ALA A 147 -8.91 -12.46 -4.46
CA ALA A 147 -9.34 -13.75 -3.95
C ALA A 147 -8.68 -14.90 -4.69
N LYS A 148 -7.35 -14.87 -4.73
CA LYS A 148 -6.58 -15.90 -5.41
C LYS A 148 -6.95 -15.98 -6.89
N THR B 1 5.04 -9.74 5.42
CA THR B 1 6.46 -9.46 5.09
C THR B 1 7.06 -10.58 4.23
N PRO B 2 8.05 -10.26 3.38
CA PRO B 2 8.71 -11.24 2.51
C PRO B 2 9.58 -12.21 3.29
N ARG B 3 9.96 -13.31 2.64
CA ARG B 3 10.80 -14.32 3.29
C ARG B 3 12.14 -13.72 3.71
N ARG B 4 12.66 -12.82 2.89
CA ARG B 4 13.94 -12.18 3.18
C ARG B 4 14.27 -11.12 2.13
N GLY B 5 13.66 -9.94 2.27
CA GLY B 5 13.90 -8.86 1.33
C GLY B 5 13.87 -7.50 1.99
N ARG B 6 12.71 -6.86 1.98
CA ARG B 6 12.54 -5.55 2.58
C ARG B 6 11.20 -5.44 3.30
N GLY B 7 11.24 -5.53 4.62
CA GLY B 7 10.03 -5.46 5.42
C GLY B 7 9.23 -4.20 5.16
N GLY B 8 9.70 -3.08 5.69
CA GLY B 8 9.00 -1.82 5.49
C GLY B 8 8.73 -1.54 4.03
N PHE B 9 9.75 -1.74 3.21
CA PHE B 9 9.64 -1.52 1.78
C PHE B 9 8.58 -2.43 1.18
N GLN B 10 8.85 -3.73 1.12
CA GLN B 10 7.88 -4.67 0.57
C GLN B 10 6.53 -4.50 1.24
N ARG B 11 6.54 -4.12 2.52
CA ARG B 11 5.31 -3.89 3.25
C ARG B 11 4.50 -2.82 2.53
N ILE B 12 5.14 -1.69 2.28
CA ILE B 12 4.53 -0.59 1.57
C ILE B 12 4.05 -1.06 0.20
N VAL B 13 4.88 -1.86 -0.46
CA VAL B 13 4.57 -2.42 -1.77
C VAL B 13 3.22 -3.13 -1.75
N ARG B 14 3.05 -4.00 -0.76
CA ARG B 14 1.83 -4.78 -0.63
C ARG B 14 0.66 -3.89 -0.18
N LEU B 15 0.87 -3.10 0.86
CA LEU B 15 -0.16 -2.22 1.38
C LEU B 15 -0.70 -1.29 0.28
N VAL B 16 0.21 -0.69 -0.48
CA VAL B 16 -0.18 0.21 -1.56
C VAL B 16 -0.90 -0.55 -2.68
N GLY B 17 -0.30 -1.66 -3.10
CA GLY B 17 -0.90 -2.44 -4.16
C GLY B 17 -2.30 -2.92 -3.81
N VAL B 18 -2.53 -3.15 -2.52
CA VAL B 18 -3.82 -3.63 -2.04
C VAL B 18 -4.84 -2.49 -2.00
N ILE B 19 -4.48 -1.39 -1.34
CA ILE B 19 -5.38 -0.26 -1.21
C ILE B 19 -5.66 0.39 -2.56
N ARG B 20 -4.63 0.53 -3.38
CA ARG B 20 -4.77 1.12 -4.71
C ARG B 20 -5.83 0.36 -5.49
N ASP B 21 -5.88 -0.94 -5.25
CA ASP B 21 -6.82 -1.81 -5.92
C ASP B 21 -8.26 -1.40 -5.60
N TRP B 22 -8.48 -1.00 -4.35
CA TRP B 22 -9.80 -0.57 -3.91
C TRP B 22 -9.94 0.95 -4.00
N ALA B 23 -8.81 1.64 -4.16
CA ALA B 23 -8.81 3.08 -4.25
C ALA B 23 -8.93 3.54 -5.70
N ASN B 24 -8.38 2.75 -6.61
CA ASN B 24 -8.42 3.08 -8.02
C ASN B 24 -8.73 1.86 -8.88
N LYS B 25 -7.74 0.97 -9.02
CA LYS B 25 -7.90 -0.24 -9.82
C LYS B 25 -8.89 -1.20 -9.17
N ASN B 26 -10.16 -0.81 -9.17
CA ASN B 26 -11.21 -1.63 -8.59
C ASN B 26 -11.75 -2.64 -9.61
N PHE B 27 -12.34 -2.13 -10.68
CA PHE B 27 -12.89 -2.98 -11.72
C PHE B 27 -11.85 -3.29 -12.78
N ARG B 28 -10.95 -2.33 -13.02
CA ARG B 28 -9.90 -2.49 -14.01
C ARG B 28 -8.99 -3.67 -13.65
CA CA C . 12.39 13.18 0.74
CA CA D . 20.61 6.75 -3.80
CA CA E . -13.57 -0.03 12.35
CA CA F . -20.57 -6.90 4.50
N ALA A 1 10.57 -4.96 -20.53
CA ALA A 1 11.04 -6.11 -19.72
C ALA A 1 10.90 -5.83 -18.23
N ASP A 2 11.74 -4.94 -17.72
CA ASP A 2 11.70 -4.58 -16.30
C ASP A 2 10.82 -3.36 -16.08
N GLN A 3 9.51 -3.58 -16.05
CA GLN A 3 8.56 -2.49 -15.84
C GLN A 3 7.14 -3.03 -15.77
N LEU A 4 6.21 -2.17 -15.35
CA LEU A 4 4.80 -2.56 -15.25
C LEU A 4 3.92 -1.64 -16.07
N THR A 5 2.68 -2.06 -16.30
CA THR A 5 1.73 -1.26 -17.07
C THR A 5 1.28 -0.04 -16.28
N GLU A 6 0.45 0.79 -16.91
CA GLU A 6 -0.06 2.00 -16.28
C GLU A 6 -0.80 1.66 -14.98
N GLU A 7 -1.62 0.63 -15.02
CA GLU A 7 -2.40 0.21 -13.86
C GLU A 7 -1.49 -0.27 -12.73
N GLN A 8 -0.66 -1.27 -13.03
CA GLN A 8 0.26 -1.81 -12.04
C GLN A 8 1.21 -0.73 -11.54
N ILE A 9 1.88 -0.06 -12.46
CA ILE A 9 2.81 1.00 -12.11
C ILE A 9 2.13 2.11 -11.33
N ALA A 10 0.82 2.27 -11.53
CA ALA A 10 0.05 3.30 -10.85
C ALA A 10 0.27 3.26 -9.35
N GLU A 11 0.28 2.06 -8.79
CA GLU A 11 0.49 1.89 -7.37
C GLU A 11 1.89 2.32 -6.95
N PHE A 12 2.87 2.06 -7.81
CA PHE A 12 4.25 2.41 -7.51
C PHE A 12 4.45 3.94 -7.48
N LYS A 13 3.98 4.63 -8.51
CA LYS A 13 4.11 6.08 -8.56
C LYS A 13 3.43 6.71 -7.34
N GLU A 14 2.23 6.24 -7.06
CA GLU A 14 1.46 6.73 -5.93
C GLU A 14 2.16 6.41 -4.61
N ALA A 15 2.56 5.15 -4.47
CA ALA A 15 3.24 4.69 -3.28
C ALA A 15 4.44 5.56 -2.96
N PHE A 16 5.17 5.94 -3.99
CA PHE A 16 6.35 6.78 -3.83
C PHE A 16 6.02 8.07 -3.10
N SER A 17 4.85 8.62 -3.38
CA SER A 17 4.41 9.84 -2.73
C SER A 17 3.94 9.58 -1.30
N LEU A 18 3.70 8.30 -0.99
CA LEU A 18 3.26 7.92 0.35
C LEU A 18 4.46 7.68 1.25
N PHE A 19 5.48 7.04 0.69
CA PHE A 19 6.69 6.75 1.44
C PHE A 19 7.41 8.04 1.81
N ASP A 20 7.86 8.79 0.81
CA ASP A 20 8.54 10.06 1.05
C ASP A 20 7.57 11.07 1.66
N LYS A 21 7.97 11.66 2.79
CA LYS A 21 7.15 12.64 3.48
C LYS A 21 7.04 13.93 2.67
N ASP A 22 8.13 14.32 2.02
CA ASP A 22 8.15 15.53 1.23
C ASP A 22 7.80 15.22 -0.23
N GLY A 23 7.80 13.93 -0.56
CA GLY A 23 7.47 13.50 -1.90
C GLY A 23 8.36 14.13 -2.95
N ASP A 24 9.61 14.39 -2.59
CA ASP A 24 10.54 15.00 -3.54
C ASP A 24 11.04 13.98 -4.57
N GLY A 25 10.56 12.74 -4.50
CA GLY A 25 10.97 11.74 -5.46
C GLY A 25 11.96 10.73 -4.92
N THR A 26 12.37 10.88 -3.67
CA THR A 26 13.33 9.95 -3.07
C THR A 26 13.10 9.82 -1.57
N ILE A 27 13.06 8.58 -1.09
CA ILE A 27 12.86 8.33 0.33
C ILE A 27 14.15 7.90 1.00
N THR A 28 14.60 8.68 1.98
CA THR A 28 15.83 8.39 2.70
C THR A 28 15.52 7.68 4.02
N THR A 29 16.55 7.11 4.63
CA THR A 29 16.38 6.39 5.89
C THR A 29 15.67 7.25 6.94
N LYS A 30 15.85 8.56 6.88
CA LYS A 30 15.22 9.47 7.83
C LYS A 30 13.71 9.44 7.70
N GLU A 31 13.21 9.60 6.47
CA GLU A 31 11.78 9.59 6.21
C GLU A 31 11.23 8.17 6.23
N LEU A 32 12.03 7.24 5.74
CA LEU A 32 11.63 5.84 5.67
C LEU A 32 11.21 5.33 7.04
N GLY A 33 11.99 5.64 8.06
CA GLY A 33 11.66 5.21 9.41
C GLY A 33 10.42 5.92 9.95
N THR A 34 10.18 7.13 9.47
CA THR A 34 9.03 7.92 9.90
C THR A 34 7.73 7.35 9.35
N VAL A 35 7.71 7.04 8.06
CA VAL A 35 6.53 6.51 7.42
C VAL A 35 6.31 5.04 7.81
N MET A 36 7.40 4.30 7.97
CA MET A 36 7.31 2.89 8.34
C MET A 36 6.61 2.72 9.67
N ARG A 37 7.03 3.49 10.67
CA ARG A 37 6.43 3.43 12.00
C ARG A 37 4.98 3.89 11.96
N SER A 38 4.67 4.80 11.04
CA SER A 38 3.32 5.31 10.90
C SER A 38 2.33 4.17 10.61
N LEU A 39 2.85 3.05 10.12
CA LEU A 39 2.01 1.90 9.80
C LEU A 39 1.50 1.22 11.06
N GLY A 40 2.43 0.74 11.89
CA GLY A 40 2.03 0.07 13.13
C GLY A 40 3.12 0.03 14.18
N GLN A 41 4.36 -0.17 13.76
CA GLN A 41 5.49 -0.23 14.69
C GLN A 41 6.72 0.45 14.12
N ASN A 42 7.51 1.04 15.00
CA ASN A 42 8.72 1.75 14.60
C ASN A 42 9.97 0.87 14.81
N PRO A 43 10.47 0.23 13.74
CA PRO A 43 11.66 -0.63 13.83
C PRO A 43 12.94 0.19 13.94
N THR A 44 14.09 -0.48 13.80
CA THR A 44 15.38 0.19 13.90
C THR A 44 15.77 0.81 12.55
N GLU A 45 16.82 1.62 12.56
CA GLU A 45 17.31 2.26 11.36
C GLU A 45 17.91 1.21 10.43
N ALA A 46 18.46 0.17 11.03
CA ALA A 46 19.08 -0.91 10.30
C ALA A 46 18.14 -1.44 9.22
N GLU A 47 16.87 -1.62 9.58
CA GLU A 47 15.87 -2.11 8.65
C GLU A 47 15.70 -1.14 7.48
N LEU A 48 15.71 0.15 7.81
CA LEU A 48 15.57 1.20 6.81
C LEU A 48 16.69 1.11 5.77
N GLN A 49 17.92 1.05 6.26
CA GLN A 49 19.08 0.97 5.39
C GLN A 49 19.07 -0.34 4.58
N ASP A 50 18.66 -1.43 5.22
CA ASP A 50 18.62 -2.73 4.57
C ASP A 50 17.55 -2.74 3.47
N MET A 51 16.34 -2.32 3.80
CA MET A 51 15.25 -2.29 2.84
C MET A 51 15.63 -1.41 1.64
N ILE A 52 16.03 -0.18 1.93
CA ILE A 52 16.44 0.76 0.90
C ILE A 52 17.63 0.21 0.12
N ASN A 53 18.59 -0.32 0.83
CA ASN A 53 19.81 -0.88 0.21
C ASN A 53 19.46 -1.88 -0.88
N GLU A 54 18.29 -2.49 -0.77
CA GLU A 54 17.84 -3.47 -1.74
C GLU A 54 17.20 -2.79 -2.94
N VAL A 55 17.11 -1.47 -2.88
CA VAL A 55 16.46 -0.73 -3.94
C VAL A 55 17.32 0.42 -4.48
N ASP A 56 18.12 1.01 -3.61
CA ASP A 56 18.97 2.13 -3.98
C ASP A 56 20.02 1.71 -5.00
N ALA A 57 20.17 2.50 -6.05
CA ALA A 57 21.14 2.22 -7.09
C ALA A 57 22.57 2.42 -6.59
N ASP A 58 22.80 3.60 -6.03
CA ASP A 58 24.11 3.95 -5.50
C ASP A 58 24.28 3.46 -4.06
N GLY A 59 23.19 2.97 -3.47
CA GLY A 59 23.24 2.47 -2.11
C GLY A 59 23.68 3.53 -1.11
N ASN A 60 23.05 4.70 -1.17
CA ASN A 60 23.37 5.79 -0.25
C ASN A 60 22.31 5.95 0.83
N GLY A 61 21.27 5.12 0.78
CA GLY A 61 20.21 5.19 1.78
C GLY A 61 18.95 5.87 1.27
N THR A 62 18.81 5.96 -0.05
CA THR A 62 17.63 6.58 -0.65
C THR A 62 17.31 5.95 -2.00
N ILE A 63 16.02 5.75 -2.26
CA ILE A 63 15.58 5.15 -3.52
C ILE A 63 15.02 6.19 -4.48
N ASP A 64 15.17 5.93 -5.76
CA ASP A 64 14.67 6.81 -6.80
C ASP A 64 13.43 6.21 -7.46
N PHE A 65 12.76 7.01 -8.29
CA PHE A 65 11.55 6.55 -8.98
C PHE A 65 11.82 5.28 -9.79
N PRO A 66 12.72 5.34 -10.78
CA PRO A 66 13.04 4.19 -11.63
C PRO A 66 13.78 3.08 -10.87
N GLU A 67 14.35 3.44 -9.72
CA GLU A 67 15.09 2.49 -8.91
C GLU A 67 14.15 1.61 -8.08
N PHE A 68 13.08 2.21 -7.58
CA PHE A 68 12.10 1.46 -6.78
C PHE A 68 11.23 0.59 -7.67
N LEU A 69 10.87 1.12 -8.84
CA LEU A 69 10.03 0.40 -9.79
C LEU A 69 10.74 -0.85 -10.31
N THR A 70 11.93 -0.66 -10.87
CA THR A 70 12.70 -1.76 -11.42
C THR A 70 12.85 -2.90 -10.41
N MET A 71 13.01 -2.54 -9.15
CA MET A 71 13.15 -3.54 -8.10
C MET A 71 11.88 -4.37 -7.97
N MET A 72 10.73 -3.75 -8.24
CA MET A 72 9.45 -4.43 -8.15
C MET A 72 8.87 -4.68 -9.55
N ALA A 73 9.69 -4.54 -10.58
CA ALA A 73 9.24 -4.75 -11.95
C ALA A 73 10.01 -5.89 -12.63
N ARG A 74 11.29 -5.99 -12.31
CA ARG A 74 12.14 -7.04 -12.88
C ARG A 74 11.54 -8.42 -12.68
N LYS A 75 11.24 -8.76 -11.43
CA LYS A 75 10.65 -10.05 -11.11
C LYS A 75 9.42 -9.90 -10.22
N MET A 76 8.61 -8.88 -10.51
CA MET A 76 7.40 -8.63 -9.75
C MET A 76 6.42 -7.75 -10.53
N LYS A 77 5.15 -8.10 -10.49
CA LYS A 77 4.12 -7.34 -11.19
C LYS A 77 2.80 -7.39 -10.43
N ASP A 78 2.88 -7.49 -9.11
CA ASP A 78 1.70 -7.54 -8.27
C ASP A 78 0.89 -8.81 -8.52
N THR A 79 1.04 -9.79 -7.63
CA THR A 79 0.33 -11.06 -7.76
C THR A 79 -0.72 -11.21 -6.66
N ASP A 80 -0.63 -10.36 -5.64
CA ASP A 80 -1.57 -10.39 -4.52
C ASP A 80 -1.57 -11.75 -3.84
N SER A 81 -2.08 -11.77 -2.61
CA SER A 81 -2.15 -13.00 -1.82
C SER A 81 -3.07 -12.82 -0.63
N GLU A 82 -3.02 -13.77 0.31
CA GLU A 82 -3.85 -13.70 1.50
C GLU A 82 -3.35 -12.64 2.46
N GLU A 83 -2.05 -12.35 2.40
CA GLU A 83 -1.43 -11.36 3.27
C GLU A 83 -1.78 -9.94 2.82
N GLU A 84 -1.91 -9.76 1.51
CA GLU A 84 -2.24 -8.45 0.94
C GLU A 84 -3.61 -7.97 1.44
N ILE A 85 -4.57 -8.88 1.42
CA ILE A 85 -5.93 -8.55 1.85
C ILE A 85 -5.99 -8.40 3.37
N ARG A 86 -5.27 -9.26 4.08
CA ARG A 86 -5.24 -9.20 5.54
C ARG A 86 -4.45 -7.97 6.02
N GLU A 87 -3.25 -7.79 5.47
CA GLU A 87 -2.43 -6.64 5.84
C GLU A 87 -3.15 -5.36 5.48
N ALA A 88 -3.72 -5.35 4.27
CA ALA A 88 -4.47 -4.21 3.79
C ALA A 88 -5.56 -3.85 4.78
N PHE A 89 -6.32 -4.86 5.17
CA PHE A 89 -7.40 -4.68 6.12
C PHE A 89 -6.91 -3.94 7.36
N ARG A 90 -5.72 -4.30 7.81
CA ARG A 90 -5.12 -3.67 8.98
C ARG A 90 -4.70 -2.24 8.65
N VAL A 91 -4.32 -2.00 7.41
CA VAL A 91 -3.90 -0.67 6.99
C VAL A 91 -5.10 0.25 6.79
N PHE A 92 -6.20 -0.31 6.28
CA PHE A 92 -7.42 0.47 6.06
C PHE A 92 -8.13 0.72 7.38
N ASP A 93 -8.22 -0.32 8.21
CA ASP A 93 -8.88 -0.20 9.51
C ASP A 93 -7.86 -0.34 10.64
N LYS A 94 -7.61 0.77 11.32
CA LYS A 94 -6.65 0.78 12.43
C LYS A 94 -7.17 -0.02 13.62
N ASP A 95 -8.45 0.13 13.92
CA ASP A 95 -9.06 -0.58 15.03
C ASP A 95 -9.27 -2.06 14.71
N GLY A 96 -9.07 -2.42 13.43
CA GLY A 96 -9.24 -3.80 13.01
C GLY A 96 -10.47 -4.46 13.60
N ASN A 97 -11.64 -4.02 13.17
CA ASN A 97 -12.90 -4.58 13.66
C ASN A 97 -13.40 -5.68 12.73
N GLY A 98 -12.58 -6.07 11.76
CA GLY A 98 -12.97 -7.11 10.82
C GLY A 98 -14.11 -6.66 9.93
N TYR A 99 -14.36 -5.35 9.88
CA TYR A 99 -15.43 -4.81 9.05
C TYR A 99 -15.26 -3.31 8.84
N ILE A 100 -15.06 -2.90 7.59
CA ILE A 100 -14.89 -1.49 7.26
C ILE A 100 -16.06 -0.95 6.47
N SER A 101 -16.62 0.15 6.96
CA SER A 101 -17.74 0.80 6.30
C SER A 101 -17.27 2.05 5.58
N ALA A 102 -18.05 2.49 4.60
CA ALA A 102 -17.71 3.67 3.82
C ALA A 102 -17.32 4.85 4.71
N ALA A 103 -18.04 5.04 5.82
CA ALA A 103 -17.74 6.12 6.74
C ALA A 103 -16.32 5.99 7.29
N GLU A 104 -16.05 4.87 7.94
CA GLU A 104 -14.73 4.62 8.49
C GLU A 104 -13.68 4.71 7.39
N LEU A 105 -14.05 4.23 6.20
CA LEU A 105 -13.17 4.27 5.05
C LEU A 105 -12.83 5.72 4.71
N ARG A 106 -13.87 6.55 4.66
CA ARG A 106 -13.70 7.97 4.38
C ARG A 106 -12.76 8.60 5.40
N HIS A 107 -12.99 8.25 6.67
CA HIS A 107 -12.17 8.75 7.76
C HIS A 107 -10.72 8.36 7.54
N VAL A 108 -10.50 7.16 7.04
CA VAL A 108 -9.14 6.67 6.78
C VAL A 108 -8.49 7.46 5.65
N MET A 109 -9.15 7.50 4.49
CA MET A 109 -8.63 8.22 3.34
C MET A 109 -8.21 9.63 3.74
N THR A 110 -9.12 10.36 4.37
CA THR A 110 -8.84 11.71 4.81
C THR A 110 -7.81 11.70 5.94
N ASN A 111 -7.73 10.58 6.66
CA ASN A 111 -6.79 10.43 7.76
C ASN A 111 -5.37 10.24 7.24
N LEU A 112 -5.26 9.61 6.07
CA LEU A 112 -3.96 9.36 5.46
C LEU A 112 -3.54 10.53 4.56
N GLY A 113 -4.52 11.24 4.02
CA GLY A 113 -4.22 12.37 3.15
C GLY A 113 -5.09 12.39 1.91
N GLU A 114 -6.37 12.12 2.07
CA GLU A 114 -7.30 12.12 0.94
C GLU A 114 -8.73 12.39 1.42
N LYS A 115 -9.24 13.57 1.07
CA LYS A 115 -10.59 13.95 1.47
C LYS A 115 -11.61 13.53 0.40
N LEU A 116 -12.28 12.42 0.64
CA LEU A 116 -13.29 11.91 -0.30
C LEU A 116 -14.69 12.25 0.17
N THR A 117 -15.68 11.98 -0.67
CA THR A 117 -17.07 12.25 -0.33
C THR A 117 -17.76 11.00 0.20
N ASP A 118 -18.92 11.17 0.81
CA ASP A 118 -19.68 10.06 1.37
C ASP A 118 -20.17 9.12 0.27
N GLU A 119 -20.49 9.69 -0.89
CA GLU A 119 -20.96 8.90 -2.03
C GLU A 119 -19.85 8.00 -2.56
N GLU A 120 -18.62 8.52 -2.53
CA GLU A 120 -17.47 7.77 -3.03
C GLU A 120 -17.21 6.53 -2.15
N VAL A 121 -17.16 6.73 -0.84
CA VAL A 121 -16.93 5.64 0.09
C VAL A 121 -18.09 4.66 0.09
N ASP A 122 -19.32 5.19 0.02
CA ASP A 122 -20.50 4.34 0.00
C ASP A 122 -20.51 3.46 -1.24
N GLU A 123 -20.14 4.05 -2.37
CA GLU A 123 -20.08 3.33 -3.64
C GLU A 123 -18.89 2.38 -3.65
N MET A 124 -17.83 2.76 -2.93
CA MET A 124 -16.63 1.94 -2.86
C MET A 124 -16.87 0.68 -2.03
N ILE A 125 -17.68 0.80 -0.99
CA ILE A 125 -17.98 -0.33 -0.13
C ILE A 125 -19.06 -1.22 -0.74
N ARG A 126 -20.20 -0.63 -1.08
CA ARG A 126 -21.29 -1.39 -1.66
C ARG A 126 -20.80 -2.17 -2.88
N GLU A 127 -19.83 -1.60 -3.58
CA GLU A 127 -19.27 -2.25 -4.74
C GLU A 127 -18.26 -3.33 -4.34
N ALA A 128 -17.73 -3.23 -3.12
CA ALA A 128 -16.77 -4.20 -2.64
C ALA A 128 -17.39 -5.11 -1.59
N ASP A 129 -18.66 -4.89 -1.27
CA ASP A 129 -19.35 -5.70 -0.28
C ASP A 129 -20.14 -6.82 -0.96
N ILE A 130 -19.59 -8.02 -0.89
CA ILE A 130 -20.19 -9.21 -1.49
C ILE A 130 -21.35 -9.74 -0.64
N ASP A 131 -21.25 -9.58 0.67
CA ASP A 131 -22.27 -10.08 1.57
C ASP A 131 -23.36 -9.02 1.83
N GLY A 132 -23.11 -7.79 1.36
CA GLY A 132 -24.06 -6.71 1.50
C GLY A 132 -24.59 -6.51 2.91
N ASP A 133 -23.69 -6.28 3.87
CA ASP A 133 -24.11 -6.05 5.24
C ASP A 133 -23.77 -4.62 5.70
N GLY A 134 -23.10 -3.86 4.83
CA GLY A 134 -22.73 -2.50 5.17
C GLY A 134 -21.24 -2.35 5.53
N GLN A 135 -20.48 -3.43 5.37
CA GLN A 135 -19.06 -3.42 5.68
C GLN A 135 -18.32 -4.41 4.78
N VAL A 136 -17.02 -4.57 5.03
CA VAL A 136 -16.22 -5.49 4.22
C VAL A 136 -15.43 -6.46 5.11
N ASN A 137 -15.59 -7.75 4.83
CA ASN A 137 -14.89 -8.79 5.60
C ASN A 137 -13.71 -9.37 4.80
N TYR A 138 -13.16 -10.48 5.28
CA TYR A 138 -12.04 -11.13 4.63
C TYR A 138 -12.32 -11.49 3.18
N GLU A 139 -13.14 -12.50 2.96
CA GLU A 139 -13.48 -12.93 1.62
C GLU A 139 -13.93 -11.75 0.78
N GLU A 140 -14.80 -10.94 1.34
CA GLU A 140 -15.29 -9.76 0.65
C GLU A 140 -14.13 -8.86 0.24
N PHE A 141 -13.07 -8.83 1.05
CA PHE A 141 -11.91 -7.99 0.77
C PHE A 141 -11.00 -8.63 -0.26
N VAL A 142 -10.68 -9.89 -0.05
CA VAL A 142 -9.81 -10.63 -0.94
C VAL A 142 -10.40 -10.69 -2.36
N GLN A 143 -11.70 -10.92 -2.45
CA GLN A 143 -12.38 -11.02 -3.74
C GLN A 143 -12.48 -9.66 -4.45
N MET A 144 -12.67 -8.60 -3.68
CA MET A 144 -12.78 -7.26 -4.26
C MET A 144 -11.45 -6.78 -4.80
N MET A 145 -10.37 -7.51 -4.46
CA MET A 145 -9.04 -7.16 -4.90
C MET A 145 -8.58 -8.10 -6.01
N THR A 146 -8.81 -9.41 -5.81
CA THR A 146 -8.41 -10.41 -6.79
C THR A 146 -8.74 -11.82 -6.30
N ALA A 147 -8.56 -12.07 -5.02
CA ALA A 147 -8.83 -13.38 -4.43
C ALA A 147 -8.06 -14.48 -5.17
N LYS A 148 -6.80 -14.20 -5.49
CA LYS A 148 -5.96 -15.16 -6.19
C LYS A 148 -6.55 -15.52 -7.55
N THR B 1 3.98 -9.78 5.08
CA THR B 1 5.36 -9.31 4.80
C THR B 1 6.18 -10.40 4.12
N PRO B 2 7.31 -10.02 3.48
CA PRO B 2 8.18 -10.97 2.78
C PRO B 2 8.93 -11.89 3.74
N ARG B 3 9.48 -12.97 3.22
CA ARG B 3 10.22 -13.92 4.04
C ARG B 3 11.67 -13.48 4.21
N ARG B 4 12.26 -12.96 3.14
CA ARG B 4 13.64 -12.50 3.17
C ARG B 4 13.86 -11.38 2.16
N GLY B 5 13.46 -10.16 2.52
CA GLY B 5 13.62 -9.03 1.63
C GLY B 5 13.48 -7.70 2.36
N ARG B 6 12.65 -6.82 1.82
CA ARG B 6 12.43 -5.51 2.42
C ARG B 6 11.07 -5.44 3.09
N GLY B 7 11.06 -5.54 4.42
CA GLY B 7 9.83 -5.50 5.17
C GLY B 7 9.02 -4.24 4.93
N GLY B 8 9.46 -3.13 5.53
CA GLY B 8 8.76 -1.88 5.35
C GLY B 8 8.54 -1.53 3.89
N PHE B 9 9.57 -1.78 3.09
CA PHE B 9 9.52 -1.51 1.66
C PHE B 9 8.49 -2.41 0.98
N GLN B 10 8.78 -3.71 0.90
CA GLN B 10 7.85 -4.64 0.27
C GLN B 10 6.47 -4.50 0.89
N ARG B 11 6.42 -4.29 2.19
CA ARG B 11 5.14 -4.11 2.86
C ARG B 11 4.39 -2.96 2.19
N ILE B 12 5.09 -1.84 2.03
CA ILE B 12 4.52 -0.68 1.37
C ILE B 12 4.04 -1.04 -0.02
N VAL B 13 4.84 -1.85 -0.73
CA VAL B 13 4.51 -2.30 -2.07
C VAL B 13 3.12 -2.95 -2.12
N ARG B 14 2.91 -3.92 -1.25
CA ARG B 14 1.65 -4.64 -1.19
C ARG B 14 0.54 -3.76 -0.61
N LEU B 15 0.85 -3.04 0.47
CA LEU B 15 -0.12 -2.17 1.10
C LEU B 15 -0.67 -1.16 0.10
N VAL B 16 0.22 -0.49 -0.61
CA VAL B 16 -0.17 0.50 -1.60
C VAL B 16 -0.93 -0.15 -2.74
N GLY B 17 -0.40 -1.26 -3.24
CA GLY B 17 -1.05 -1.95 -4.34
C GLY B 17 -2.47 -2.36 -4.02
N VAL B 18 -2.71 -2.68 -2.74
CA VAL B 18 -4.04 -3.10 -2.29
C VAL B 18 -4.98 -1.91 -2.15
N ILE B 19 -4.55 -0.90 -1.40
CA ILE B 19 -5.38 0.28 -1.18
C ILE B 19 -5.65 1.03 -2.48
N ARG B 20 -4.61 1.18 -3.31
CA ARG B 20 -4.75 1.87 -4.58
C ARG B 20 -5.81 1.17 -5.43
N ASP B 21 -5.87 -0.15 -5.29
CA ASP B 21 -6.83 -0.96 -6.02
C ASP B 21 -8.24 -0.57 -5.64
N TRP B 22 -8.43 -0.24 -4.36
CA TRP B 22 -9.73 0.16 -3.85
C TRP B 22 -9.87 1.68 -3.84
N ALA B 23 -8.75 2.38 -4.01
CA ALA B 23 -8.73 3.83 -4.02
C ALA B 23 -8.88 4.38 -5.43
N ASN B 24 -8.37 3.63 -6.40
CA ASN B 24 -8.42 4.06 -7.79
C ASN B 24 -8.76 2.88 -8.72
N LYS B 25 -7.78 2.01 -8.93
CA LYS B 25 -7.96 0.84 -9.80
C LYS B 25 -8.94 -0.14 -9.18
N ASN B 26 -10.22 0.24 -9.15
CA ASN B 26 -11.27 -0.61 -8.58
C ASN B 26 -11.83 -1.55 -9.64
N PHE B 27 -12.49 -0.97 -10.64
CA PHE B 27 -13.09 -1.76 -11.71
C PHE B 27 -12.07 -2.03 -12.81
N ARG B 28 -11.17 -1.07 -13.04
CA ARG B 28 -10.15 -1.20 -14.06
C ARG B 28 -9.14 -2.29 -13.69
CA CA C . 12.61 13.14 0.58
CA CA D . 20.59 6.78 -3.81
CA CA E . -13.32 0.10 12.10
CA CA F . -20.39 -7.03 4.20
N ALA A 1 12.43 -5.72 -20.33
CA ALA A 1 11.16 -5.15 -19.81
C ALA A 1 11.25 -4.92 -18.30
N ASP A 2 11.90 -3.83 -17.91
CA ASP A 2 12.06 -3.51 -16.50
C ASP A 2 11.14 -2.35 -16.10
N GLN A 3 9.84 -2.63 -16.03
CA GLN A 3 8.87 -1.61 -15.67
C GLN A 3 7.47 -2.22 -15.56
N LEU A 4 6.50 -1.40 -15.14
CA LEU A 4 5.13 -1.86 -14.99
C LEU A 4 4.18 -1.01 -15.84
N THR A 5 2.97 -1.50 -16.03
CA THR A 5 1.97 -0.80 -16.82
C THR A 5 1.50 0.47 -16.09
N GLU A 6 0.74 1.30 -16.79
CA GLU A 6 0.23 2.53 -16.21
C GLU A 6 -0.55 2.27 -14.93
N GLU A 7 -1.28 1.17 -14.90
CA GLU A 7 -2.07 0.80 -13.73
C GLU A 7 -1.19 0.33 -12.59
N GLN A 8 -0.37 -0.69 -12.86
CA GLN A 8 0.53 -1.23 -11.84
C GLN A 8 1.46 -0.15 -11.31
N ILE A 9 2.01 0.64 -12.22
CA ILE A 9 2.92 1.71 -11.86
C ILE A 9 2.18 2.82 -11.11
N ALA A 10 0.88 2.94 -11.38
CA ALA A 10 0.05 3.96 -10.73
C ALA A 10 0.20 3.91 -9.22
N GLU A 11 0.20 2.71 -8.67
CA GLU A 11 0.34 2.53 -7.24
C GLU A 11 1.75 2.84 -6.76
N PHE A 12 2.73 2.68 -7.66
CA PHE A 12 4.12 2.95 -7.31
C PHE A 12 4.38 4.45 -7.17
N LYS A 13 3.95 5.23 -8.15
CA LYS A 13 4.14 6.68 -8.10
C LYS A 13 3.51 7.26 -6.84
N GLU A 14 2.30 6.80 -6.55
CA GLU A 14 1.58 7.25 -5.37
C GLU A 14 2.30 6.83 -4.10
N ALA A 15 2.62 5.54 -4.02
CA ALA A 15 3.30 4.96 -2.88
C ALA A 15 4.56 5.74 -2.53
N PHE A 16 5.29 6.17 -3.55
CA PHE A 16 6.52 6.92 -3.34
C PHE A 16 6.28 8.16 -2.49
N SER A 17 5.25 8.92 -2.84
CA SER A 17 4.92 10.13 -2.11
C SER A 17 4.39 9.81 -0.71
N LEU A 18 4.04 8.55 -0.47
CA LEU A 18 3.52 8.14 0.82
C LEU A 18 4.65 7.76 1.75
N PHE A 19 5.67 7.10 1.20
CA PHE A 19 6.83 6.69 1.98
C PHE A 19 7.55 7.91 2.53
N ASP A 20 8.11 8.73 1.63
CA ASP A 20 8.81 9.94 2.06
C ASP A 20 7.85 10.89 2.76
N LYS A 21 8.24 11.33 3.96
CA LYS A 21 7.41 12.24 4.74
C LYS A 21 7.24 13.59 4.03
N ASP A 22 8.32 14.06 3.40
CA ASP A 22 8.28 15.33 2.68
C ASP A 22 7.92 15.12 1.22
N GLY A 23 7.96 13.87 0.77
CA GLY A 23 7.64 13.55 -0.60
C GLY A 23 8.51 14.30 -1.59
N ASP A 24 9.79 14.44 -1.26
CA ASP A 24 10.71 15.14 -2.14
C ASP A 24 11.15 14.27 -3.32
N GLY A 25 10.66 13.04 -3.36
CA GLY A 25 11.02 12.14 -4.44
C GLY A 25 12.03 11.08 -4.05
N THR A 26 12.48 11.13 -2.80
CA THR A 26 13.45 10.15 -2.31
C THR A 26 13.26 9.91 -0.81
N ILE A 27 13.22 8.65 -0.42
CA ILE A 27 13.05 8.28 0.98
C ILE A 27 14.36 7.81 1.60
N THR A 28 14.81 8.53 2.62
CA THR A 28 16.06 8.18 3.30
C THR A 28 15.79 7.41 4.57
N THR A 29 16.82 6.78 5.13
CA THR A 29 16.68 6.00 6.36
C THR A 29 16.00 6.79 7.47
N LYS A 30 16.23 8.10 7.49
CA LYS A 30 15.63 8.96 8.52
C LYS A 30 14.11 8.94 8.45
N GLU A 31 13.57 9.16 7.25
CA GLU A 31 12.14 9.18 7.04
C GLU A 31 11.58 7.76 6.98
N LEU A 32 12.34 6.87 6.38
CA LEU A 32 11.96 5.47 6.24
C LEU A 32 11.61 4.88 7.60
N GLY A 33 12.40 5.23 8.61
CA GLY A 33 12.16 4.72 9.95
C GLY A 33 10.91 5.33 10.56
N THR A 34 10.61 6.57 10.17
CA THR A 34 9.44 7.27 10.67
C THR A 34 8.16 6.60 10.15
N VAL A 35 8.07 6.44 8.84
CA VAL A 35 6.91 5.81 8.22
C VAL A 35 6.85 4.33 8.56
N MET A 36 8.00 3.70 8.73
CA MET A 36 8.07 2.27 9.06
C MET A 36 7.35 2.01 10.37
N ARG A 37 7.63 2.83 11.37
CA ARG A 37 7.01 2.69 12.69
C ARG A 37 5.59 3.27 12.66
N SER A 38 5.36 4.22 11.76
CA SER A 38 4.05 4.85 11.64
C SER A 38 2.93 3.82 11.47
N LEU A 39 3.13 2.90 10.53
CA LEU A 39 2.13 1.85 10.27
C LEU A 39 1.67 1.21 11.57
N GLY A 40 2.63 0.65 12.32
CA GLY A 40 2.29 0.01 13.57
C GLY A 40 3.41 -0.89 14.08
N GLN A 41 4.65 -0.43 13.94
CA GLN A 41 5.80 -1.20 14.38
C GLN A 41 6.87 -0.29 14.98
N ASN A 42 7.97 -0.90 15.44
CA ASN A 42 9.06 -0.14 16.03
C ASN A 42 10.40 -0.82 15.76
N PRO A 43 10.74 -1.00 14.47
CA PRO A 43 11.99 -1.65 14.08
C PRO A 43 13.21 -0.75 14.28
N THR A 44 14.38 -1.27 13.91
CA THR A 44 15.62 -0.51 14.05
C THR A 44 16.02 0.14 12.73
N GLU A 45 17.06 0.95 12.78
CA GLU A 45 17.56 1.63 11.59
C GLU A 45 18.17 0.61 10.63
N ALA A 46 18.70 -0.46 11.20
CA ALA A 46 19.31 -1.52 10.43
C ALA A 46 18.38 -2.01 9.33
N GLU A 47 17.12 -2.21 9.68
CA GLU A 47 16.12 -2.66 8.72
C GLU A 47 15.97 -1.65 7.59
N LEU A 48 15.98 -0.38 7.96
CA LEU A 48 15.86 0.71 7.00
C LEU A 48 16.98 0.65 5.97
N GLN A 49 18.21 0.55 6.46
CA GLN A 49 19.38 0.48 5.59
C GLN A 49 19.33 -0.76 4.71
N ASP A 50 18.88 -1.87 5.27
CA ASP A 50 18.81 -3.12 4.53
C ASP A 50 17.73 -3.07 3.44
N MET A 51 16.53 -2.67 3.82
CA MET A 51 15.42 -2.55 2.88
C MET A 51 15.79 -1.62 1.74
N ILE A 52 16.20 -0.41 2.08
CA ILE A 52 16.60 0.59 1.10
C ILE A 52 17.76 0.07 0.26
N ASN A 53 18.73 -0.51 0.92
CA ASN A 53 19.92 -1.05 0.26
C ASN A 53 19.53 -1.99 -0.88
N GLU A 54 18.36 -2.58 -0.77
CA GLU A 54 17.87 -3.51 -1.78
C GLU A 54 17.22 -2.75 -2.93
N VAL A 55 17.16 -1.43 -2.81
CA VAL A 55 16.52 -0.62 -3.83
C VAL A 55 17.39 0.53 -4.30
N ASP A 56 18.21 1.08 -3.42
CA ASP A 56 19.07 2.20 -3.76
C ASP A 56 20.09 1.79 -4.81
N ALA A 57 20.26 2.65 -5.81
CA ALA A 57 21.20 2.41 -6.89
C ALA A 57 22.64 2.42 -6.41
N ASP A 58 22.99 3.50 -5.73
CA ASP A 58 24.36 3.66 -5.22
C ASP A 58 24.45 3.25 -3.75
N GLY A 59 23.36 2.73 -3.20
CA GLY A 59 23.34 2.28 -1.82
C GLY A 59 23.83 3.32 -0.82
N ASN A 60 23.16 4.46 -0.78
CA ASN A 60 23.52 5.53 0.15
C ASN A 60 22.48 5.67 1.26
N GLY A 61 21.42 4.88 1.20
CA GLY A 61 20.38 4.94 2.22
C GLY A 61 19.14 5.66 1.75
N THR A 62 18.99 5.81 0.43
CA THR A 62 17.82 6.48 -0.13
C THR A 62 17.48 5.91 -1.51
N ILE A 63 16.18 5.75 -1.77
CA ILE A 63 15.74 5.23 -3.05
C ILE A 63 15.16 6.33 -3.94
N ASP A 64 15.31 6.13 -5.25
CA ASP A 64 14.80 7.09 -6.23
C ASP A 64 13.58 6.52 -6.94
N PHE A 65 12.92 7.35 -7.74
CA PHE A 65 11.72 6.94 -8.47
C PHE A 65 11.99 5.71 -9.34
N PRO A 66 12.91 5.84 -10.33
CA PRO A 66 13.24 4.74 -11.23
C PRO A 66 13.96 3.59 -10.53
N GLU A 67 14.53 3.87 -9.36
CA GLU A 67 15.25 2.87 -8.59
C GLU A 67 14.28 1.96 -7.83
N PHE A 68 13.22 2.54 -7.28
CA PHE A 68 12.23 1.77 -6.54
C PHE A 68 11.35 0.96 -7.49
N LEU A 69 11.05 1.54 -8.65
CA LEU A 69 10.21 0.90 -9.64
C LEU A 69 10.96 -0.26 -10.31
N THR A 70 12.08 0.06 -10.93
CA THR A 70 12.90 -0.95 -11.63
C THR A 70 13.19 -2.14 -10.71
N MET A 71 13.60 -1.84 -9.49
CA MET A 71 13.92 -2.90 -8.52
C MET A 71 12.70 -3.77 -8.25
N MET A 72 11.51 -3.18 -8.36
CA MET A 72 10.28 -3.91 -8.14
C MET A 72 9.52 -4.13 -9.45
N ALA A 73 10.22 -3.93 -10.57
CA ALA A 73 9.61 -4.11 -11.88
C ALA A 73 10.21 -5.31 -12.60
N ARG A 74 11.53 -5.45 -12.53
CA ARG A 74 12.24 -6.55 -13.18
C ARG A 74 11.69 -7.90 -12.70
N LYS A 75 11.56 -8.05 -11.39
CA LYS A 75 11.06 -9.29 -10.82
C LYS A 75 10.16 -9.00 -9.61
N MET A 76 9.05 -8.33 -9.85
CA MET A 76 8.10 -7.99 -8.79
C MET A 76 6.76 -7.57 -9.37
N LYS A 77 6.40 -8.16 -10.51
CA LYS A 77 5.14 -7.84 -11.16
C LYS A 77 4.12 -8.97 -10.95
N ASP A 78 4.03 -9.44 -9.71
CA ASP A 78 3.10 -10.52 -9.37
C ASP A 78 1.73 -9.96 -8.98
N THR A 79 0.84 -10.86 -8.55
CA THR A 79 -0.50 -10.47 -8.16
C THR A 79 -0.60 -10.30 -6.64
N ASP A 80 -1.83 -10.22 -6.14
CA ASP A 80 -2.06 -10.06 -4.71
C ASP A 80 -2.07 -11.42 -4.00
N SER A 81 -2.27 -11.39 -2.68
CA SER A 81 -2.30 -12.62 -1.89
C SER A 81 -3.21 -12.46 -0.68
N GLU A 82 -3.71 -13.58 -0.17
CA GLU A 82 -4.60 -13.57 0.99
C GLU A 82 -4.01 -12.76 2.14
N GLU A 83 -2.68 -12.65 2.17
CA GLU A 83 -1.99 -11.92 3.22
C GLU A 83 -2.15 -10.41 3.04
N GLU A 84 -2.10 -9.97 1.78
CA GLU A 84 -2.22 -8.55 1.47
C GLU A 84 -3.60 -8.02 1.87
N ILE A 85 -4.60 -8.91 1.86
CA ILE A 85 -5.96 -8.54 2.22
C ILE A 85 -6.09 -8.35 3.73
N ARG A 86 -5.41 -9.20 4.48
CA ARG A 86 -5.42 -9.11 5.94
C ARG A 86 -4.63 -7.90 6.41
N GLU A 87 -3.41 -7.75 5.89
CA GLU A 87 -2.57 -6.61 6.24
C GLU A 87 -3.27 -5.32 5.83
N ALA A 88 -3.78 -5.32 4.61
CA ALA A 88 -4.49 -4.17 4.07
C ALA A 88 -5.61 -3.77 5.01
N PHE A 89 -6.38 -4.76 5.42
CA PHE A 89 -7.50 -4.54 6.33
C PHE A 89 -7.05 -3.75 7.56
N ARG A 90 -5.86 -4.07 8.03
CA ARG A 90 -5.29 -3.40 9.19
C ARG A 90 -4.77 -2.01 8.82
N VAL A 91 -4.32 -1.85 7.58
CA VAL A 91 -3.79 -0.57 7.12
C VAL A 91 -4.93 0.41 6.83
N PHE A 92 -6.03 -0.10 6.29
CA PHE A 92 -7.18 0.74 5.98
C PHE A 92 -7.88 1.17 7.26
N ASP A 93 -8.41 0.20 8.00
CA ASP A 93 -9.11 0.48 9.26
C ASP A 93 -8.12 0.63 10.40
N LYS A 94 -8.14 1.80 11.04
CA LYS A 94 -7.24 2.08 12.15
C LYS A 94 -7.52 1.16 13.34
N ASP A 95 -8.77 1.10 13.77
CA ASP A 95 -9.16 0.26 14.90
C ASP A 95 -9.30 -1.21 14.47
N GLY A 96 -9.27 -1.46 13.17
CA GLY A 96 -9.39 -2.82 12.66
C GLY A 96 -10.51 -3.59 13.33
N ASN A 97 -11.76 -3.23 13.01
CA ASN A 97 -12.92 -3.89 13.60
C ASN A 97 -13.41 -5.03 12.69
N GLY A 98 -12.58 -5.43 11.73
CA GLY A 98 -12.95 -6.49 10.83
C GLY A 98 -14.10 -6.11 9.92
N TYR A 99 -14.38 -4.81 9.82
CA TYR A 99 -15.46 -4.33 8.98
C TYR A 99 -15.28 -2.84 8.66
N ILE A 100 -15.11 -2.53 7.38
CA ILE A 100 -14.94 -1.14 6.96
C ILE A 100 -16.11 -0.66 6.12
N SER A 101 -16.71 0.43 6.55
CA SER A 101 -17.84 1.03 5.83
C SER A 101 -17.38 2.28 5.08
N ALA A 102 -18.18 2.68 4.12
CA ALA A 102 -17.87 3.85 3.31
C ALA A 102 -17.47 5.04 4.18
N ALA A 103 -18.21 5.27 5.26
CA ALA A 103 -17.91 6.37 6.16
C ALA A 103 -16.49 6.25 6.70
N GLU A 104 -16.21 5.14 7.36
CA GLU A 104 -14.88 4.89 7.92
C GLU A 104 -13.84 5.01 6.81
N LEU A 105 -14.21 4.57 5.61
CA LEU A 105 -13.32 4.65 4.47
C LEU A 105 -13.01 6.11 4.16
N ARG A 106 -14.06 6.92 4.09
CA ARG A 106 -13.90 8.34 3.83
C ARG A 106 -13.00 8.95 4.88
N HIS A 107 -13.20 8.53 6.12
CA HIS A 107 -12.38 9.01 7.23
C HIS A 107 -10.91 8.66 7.00
N VAL A 108 -10.67 7.46 6.49
CA VAL A 108 -9.31 7.01 6.21
C VAL A 108 -8.69 7.81 5.06
N MET A 109 -9.42 7.88 3.94
CA MET A 109 -8.93 8.62 2.77
C MET A 109 -8.52 10.03 3.16
N THR A 110 -9.42 10.76 3.80
CA THR A 110 -9.13 12.11 4.24
C THR A 110 -8.06 12.12 5.33
N ASN A 111 -7.95 11.02 6.04
CA ASN A 111 -6.96 10.89 7.11
C ASN A 111 -5.55 10.79 6.54
N LEU A 112 -5.44 10.21 5.35
CA LEU A 112 -4.15 10.06 4.69
C LEU A 112 -3.86 11.23 3.77
N GLY A 113 -4.93 11.83 3.23
CA GLY A 113 -4.77 12.95 2.33
C GLY A 113 -5.65 12.83 1.09
N GLU A 114 -6.90 12.44 1.30
CA GLU A 114 -7.84 12.28 0.20
C GLU A 114 -9.27 12.49 0.67
N LYS A 115 -9.87 13.60 0.25
CA LYS A 115 -11.25 13.93 0.64
C LYS A 115 -12.24 13.39 -0.38
N LEU A 116 -12.78 12.21 -0.11
CA LEU A 116 -13.75 11.59 -1.01
C LEU A 116 -15.17 11.91 -0.59
N THR A 117 -16.10 11.83 -1.54
CA THR A 117 -17.50 12.12 -1.26
C THR A 117 -18.23 10.87 -0.76
N ASP A 118 -19.40 11.07 -0.18
CA ASP A 118 -20.20 9.96 0.34
C ASP A 118 -20.52 8.96 -0.76
N GLU A 119 -20.88 9.46 -1.94
CA GLU A 119 -21.21 8.61 -3.06
C GLU A 119 -20.00 7.76 -3.48
N GLU A 120 -18.81 8.34 -3.37
CA GLU A 120 -17.58 7.64 -3.73
C GLU A 120 -17.34 6.46 -2.81
N VAL A 121 -17.31 6.71 -1.51
CA VAL A 121 -17.07 5.66 -0.53
C VAL A 121 -18.22 4.65 -0.53
N ASP A 122 -19.45 5.13 -0.67
CA ASP A 122 -20.61 4.26 -0.69
C ASP A 122 -20.53 3.31 -1.89
N GLU A 123 -20.13 3.86 -3.02
CA GLU A 123 -19.99 3.08 -4.25
C GLU A 123 -18.79 2.16 -4.16
N MET A 124 -17.78 2.59 -3.41
CA MET A 124 -16.57 1.81 -3.24
C MET A 124 -16.83 0.58 -2.37
N ILE A 125 -17.69 0.74 -1.38
CA ILE A 125 -18.02 -0.36 -0.48
C ILE A 125 -19.05 -1.30 -1.11
N ARG A 126 -20.17 -0.75 -1.53
CA ARG A 126 -21.22 -1.56 -2.12
C ARG A 126 -20.67 -2.38 -3.27
N GLU A 127 -19.67 -1.84 -3.96
CA GLU A 127 -19.05 -2.53 -5.07
C GLU A 127 -18.09 -3.60 -4.57
N ALA A 128 -17.64 -3.49 -3.32
CA ALA A 128 -16.72 -4.45 -2.76
C ALA A 128 -17.40 -5.35 -1.73
N ASP A 129 -18.63 -4.99 -1.34
CA ASP A 129 -19.37 -5.76 -0.36
C ASP A 129 -20.12 -6.91 -1.03
N ILE A 130 -19.65 -8.12 -0.77
CA ILE A 130 -20.24 -9.34 -1.32
C ILE A 130 -21.40 -9.83 -0.48
N ASP A 131 -21.33 -9.58 0.82
CA ASP A 131 -22.36 -10.02 1.75
C ASP A 131 -23.44 -8.96 1.94
N GLY A 132 -23.18 -7.75 1.42
CA GLY A 132 -24.13 -6.66 1.49
C GLY A 132 -24.67 -6.39 2.89
N ASP A 133 -23.77 -6.12 3.84
CA ASP A 133 -24.19 -5.82 5.21
C ASP A 133 -23.86 -4.37 5.60
N GLY A 134 -23.18 -3.65 4.70
CA GLY A 134 -22.82 -2.28 4.99
C GLY A 134 -21.36 -2.12 5.36
N GLN A 135 -20.58 -3.19 5.23
CA GLN A 135 -19.16 -3.15 5.55
C GLN A 135 -18.39 -4.16 4.70
N VAL A 136 -17.10 -4.31 4.97
CA VAL A 136 -16.27 -5.24 4.21
C VAL A 136 -15.50 -6.17 5.15
N ASN A 137 -15.63 -7.47 4.91
CA ASN A 137 -14.95 -8.48 5.72
C ASN A 137 -13.78 -9.10 4.96
N TYR A 138 -13.24 -10.20 5.50
CA TYR A 138 -12.12 -10.89 4.87
C TYR A 138 -12.41 -11.33 3.45
N GLU A 139 -13.22 -12.38 3.31
CA GLU A 139 -13.56 -12.89 1.99
C GLU A 139 -14.00 -11.76 1.08
N GLU A 140 -14.86 -10.91 1.61
CA GLU A 140 -15.35 -9.76 0.86
C GLU A 140 -14.19 -8.90 0.35
N PHE A 141 -13.14 -8.76 1.17
CA PHE A 141 -11.99 -7.94 0.80
C PHE A 141 -11.06 -8.66 -0.16
N VAL A 142 -10.70 -9.89 0.19
CA VAL A 142 -9.81 -10.69 -0.62
C VAL A 142 -10.35 -10.82 -2.05
N GLN A 143 -11.67 -11.00 -2.16
CA GLN A 143 -12.32 -11.13 -3.46
C GLN A 143 -12.35 -9.80 -4.22
N MET A 144 -12.49 -8.70 -3.49
CA MET A 144 -12.54 -7.38 -4.09
C MET A 144 -11.13 -6.83 -4.36
N MET A 145 -10.12 -7.69 -4.17
CA MET A 145 -8.74 -7.29 -4.39
C MET A 145 -8.09 -8.13 -5.49
N THR A 146 -8.45 -9.41 -5.55
CA THR A 146 -7.90 -10.31 -6.56
C THR A 146 -8.89 -11.41 -6.92
N ALA A 147 -9.39 -12.11 -5.91
CA ALA A 147 -10.35 -13.19 -6.14
C ALA A 147 -11.68 -12.66 -6.65
N LYS A 148 -11.72 -12.28 -7.92
CA LYS A 148 -12.93 -11.75 -8.53
C LYS A 148 -13.39 -10.48 -7.84
N THR B 1 4.18 -8.63 3.03
CA THR B 1 5.03 -9.44 3.94
C THR B 1 5.87 -10.45 3.18
N PRO B 2 7.09 -10.04 2.75
CA PRO B 2 7.99 -10.92 2.01
C PRO B 2 8.57 -12.04 2.87
N ARG B 3 9.51 -12.78 2.31
CA ARG B 3 10.14 -13.88 3.04
C ARG B 3 11.50 -13.46 3.60
N ARG B 4 12.38 -13.00 2.72
CA ARG B 4 13.71 -12.56 3.13
C ARG B 4 14.14 -11.32 2.35
N GLY B 5 13.18 -10.45 2.05
CA GLY B 5 13.48 -9.24 1.30
C GLY B 5 13.36 -7.99 2.15
N ARG B 6 12.72 -6.97 1.60
CA ARG B 6 12.54 -5.71 2.32
C ARG B 6 11.19 -5.69 3.03
N GLY B 7 11.22 -5.89 4.34
CA GLY B 7 10.00 -5.89 5.12
C GLY B 7 9.18 -4.63 4.96
N GLY B 8 9.63 -3.55 5.59
CA GLY B 8 8.91 -2.29 5.49
C GLY B 8 8.67 -1.88 4.05
N PHE B 9 9.72 -1.97 3.25
CA PHE B 9 9.64 -1.64 1.83
C PHE B 9 8.61 -2.49 1.13
N GLN B 10 8.88 -3.79 0.97
CA GLN B 10 7.93 -4.68 0.32
C GLN B 10 6.56 -4.55 0.97
N ARG B 11 6.54 -4.33 2.28
CA ARG B 11 5.29 -4.15 2.98
C ARG B 11 4.52 -3.00 2.36
N ILE B 12 5.21 -1.86 2.24
CA ILE B 12 4.64 -0.68 1.63
C ILE B 12 4.16 -1.00 0.20
N VAL B 13 4.97 -1.78 -0.51
CA VAL B 13 4.66 -2.19 -1.87
C VAL B 13 3.27 -2.84 -1.95
N ARG B 14 3.07 -3.85 -1.11
CA ARG B 14 1.81 -4.58 -1.09
C ARG B 14 0.68 -3.73 -0.51
N LEU B 15 0.96 -3.04 0.60
CA LEU B 15 -0.04 -2.21 1.24
C LEU B 15 -0.58 -1.17 0.24
N VAL B 16 0.32 -0.48 -0.43
CA VAL B 16 -0.07 0.52 -1.41
C VAL B 16 -0.81 -0.12 -2.58
N GLY B 17 -0.23 -1.18 -3.12
CA GLY B 17 -0.84 -1.86 -4.24
C GLY B 17 -2.25 -2.31 -3.92
N VAL B 18 -2.50 -2.62 -2.66
CA VAL B 18 -3.81 -3.07 -2.21
C VAL B 18 -4.80 -1.92 -2.11
N ILE B 19 -4.44 -0.89 -1.34
CA ILE B 19 -5.32 0.26 -1.15
C ILE B 19 -5.60 0.99 -2.47
N ARG B 20 -4.56 1.19 -3.27
CA ARG B 20 -4.71 1.86 -4.56
C ARG B 20 -5.71 1.11 -5.42
N ASP B 21 -5.70 -0.21 -5.28
CA ASP B 21 -6.61 -1.06 -6.03
C ASP B 21 -8.05 -0.74 -5.70
N TRP B 22 -8.30 -0.43 -4.44
CA TRP B 22 -9.64 -0.08 -3.98
C TRP B 22 -9.85 1.43 -3.96
N ALA B 23 -8.75 2.17 -4.05
CA ALA B 23 -8.80 3.63 -4.04
C ALA B 23 -8.91 4.20 -5.45
N ASN B 24 -8.41 3.43 -6.42
CA ASN B 24 -8.44 3.87 -7.81
C ASN B 24 -9.20 2.89 -8.70
N LYS B 25 -8.61 1.73 -8.95
CA LYS B 25 -9.25 0.71 -9.79
C LYS B 25 -10.69 0.45 -9.36
N ASN B 26 -10.85 -0.16 -8.18
CA ASN B 26 -12.18 -0.47 -7.66
C ASN B 26 -12.86 -1.57 -8.46
N PHE B 27 -13.11 -1.30 -9.74
CA PHE B 27 -13.76 -2.27 -10.62
C PHE B 27 -12.73 -3.02 -11.44
N ARG B 28 -11.53 -3.20 -10.89
CA ARG B 28 -10.47 -3.91 -11.59
C ARG B 28 -10.96 -5.24 -12.16
CA CA C . 12.88 13.22 1.79
CA CA D . 21.87 6.53 -3.28
CA CA E . -13.40 0.56 12.24
CA CA F . -20.48 -6.84 4.19
N ALA A 1 11.78 -6.48 -19.56
CA ALA A 1 11.12 -5.15 -19.45
C ALA A 1 11.13 -4.65 -18.01
N ASP A 2 12.19 -3.96 -17.64
CA ASP A 2 12.33 -3.43 -16.29
C ASP A 2 11.33 -2.29 -16.05
N GLN A 3 10.05 -2.63 -15.98
CA GLN A 3 9.00 -1.65 -15.77
C GLN A 3 7.64 -2.32 -15.64
N LEU A 4 6.63 -1.55 -15.26
CA LEU A 4 5.28 -2.07 -15.11
C LEU A 4 4.30 -1.27 -15.95
N THR A 5 3.10 -1.82 -16.14
CA THR A 5 2.06 -1.16 -16.92
C THR A 5 1.57 0.09 -16.22
N GLU A 6 0.84 0.93 -16.95
CA GLU A 6 0.31 2.17 -16.39
C GLU A 6 -0.51 1.91 -15.12
N GLU A 7 -1.08 0.71 -15.02
CA GLU A 7 -1.89 0.34 -13.86
C GLU A 7 -1.01 -0.06 -12.68
N GLN A 8 -0.14 -1.05 -12.89
CA GLN A 8 0.75 -1.53 -11.84
C GLN A 8 1.62 -0.39 -11.33
N ILE A 9 2.20 0.37 -12.25
CA ILE A 9 3.06 1.50 -11.89
C ILE A 9 2.26 2.58 -11.19
N ALA A 10 0.97 2.64 -11.48
CA ALA A 10 0.09 3.65 -10.88
C ALA A 10 0.22 3.66 -9.37
N GLU A 11 0.25 2.48 -8.77
CA GLU A 11 0.37 2.35 -7.33
C GLU A 11 1.77 2.71 -6.86
N PHE A 12 2.76 2.55 -7.74
CA PHE A 12 4.15 2.85 -7.40
C PHE A 12 4.38 4.35 -7.27
N LYS A 13 3.93 5.12 -8.26
CA LYS A 13 4.09 6.56 -8.24
C LYS A 13 3.47 7.14 -6.98
N GLU A 14 2.27 6.67 -6.66
CA GLU A 14 1.55 7.13 -5.49
C GLU A 14 2.29 6.72 -4.21
N ALA A 15 2.62 5.44 -4.13
CA ALA A 15 3.31 4.88 -2.98
C ALA A 15 4.56 5.67 -2.63
N PHE A 16 5.28 6.10 -3.65
CA PHE A 16 6.51 6.86 -3.45
C PHE A 16 6.25 8.12 -2.63
N SER A 17 5.20 8.84 -2.98
CA SER A 17 4.84 10.07 -2.26
C SER A 17 4.30 9.76 -0.87
N LEU A 18 3.97 8.50 -0.61
CA LEU A 18 3.45 8.10 0.68
C LEU A 18 4.59 7.74 1.62
N PHE A 19 5.61 7.09 1.08
CA PHE A 19 6.77 6.70 1.88
C PHE A 19 7.47 7.94 2.41
N ASP A 20 8.03 8.74 1.50
CA ASP A 20 8.72 9.97 1.90
C ASP A 20 7.75 10.93 2.59
N LYS A 21 8.12 11.39 3.77
CA LYS A 21 7.27 12.30 4.54
C LYS A 21 7.12 13.63 3.81
N ASP A 22 8.19 14.10 3.17
CA ASP A 22 8.16 15.36 2.44
C ASP A 22 7.83 15.13 0.97
N GLY A 23 7.88 13.86 0.56
CA GLY A 23 7.57 13.53 -0.83
C GLY A 23 8.45 14.25 -1.81
N ASP A 24 9.73 14.41 -1.46
CA ASP A 24 10.67 15.10 -2.35
C ASP A 24 11.12 14.22 -3.50
N GLY A 25 10.63 12.97 -3.53
CA GLY A 25 11.01 12.06 -4.60
C GLY A 25 12.01 11.01 -4.16
N THR A 26 12.46 11.08 -2.92
CA THR A 26 13.41 10.11 -2.40
C THR A 26 13.21 9.90 -0.90
N ILE A 27 13.17 8.64 -0.48
CA ILE A 27 12.98 8.31 0.92
C ILE A 27 14.29 7.86 1.56
N THR A 28 14.73 8.59 2.58
CA THR A 28 15.96 8.27 3.28
C THR A 28 15.67 7.50 4.57
N THR A 29 16.71 6.88 5.13
CA THR A 29 16.56 6.11 6.36
C THR A 29 15.88 6.92 7.47
N LYS A 30 16.08 8.22 7.45
CA LYS A 30 15.49 9.10 8.46
C LYS A 30 13.96 9.06 8.39
N GLU A 31 13.43 9.27 7.20
CA GLU A 31 11.98 9.26 6.99
C GLU A 31 11.45 7.83 6.96
N LEU A 32 12.22 6.95 6.35
CA LEU A 32 11.85 5.55 6.23
C LEU A 32 11.52 4.97 7.61
N GLY A 33 12.33 5.32 8.60
CA GLY A 33 12.09 4.83 9.95
C GLY A 33 10.83 5.41 10.54
N THR A 34 10.49 6.63 10.12
CA THR A 34 9.30 7.31 10.61
C THR A 34 8.04 6.63 10.10
N VAL A 35 7.97 6.42 8.78
CA VAL A 35 6.83 5.76 8.18
C VAL A 35 6.76 4.29 8.57
N MET A 36 7.92 3.68 8.78
CA MET A 36 7.98 2.27 9.15
C MET A 36 7.24 2.05 10.46
N ARG A 37 7.52 2.91 11.44
CA ARG A 37 6.88 2.82 12.75
C ARG A 37 5.47 3.40 12.70
N SER A 38 5.24 4.31 11.76
CA SER A 38 3.95 4.96 11.60
C SER A 38 2.83 3.91 11.44
N LEU A 39 3.03 2.98 10.52
CA LEU A 39 2.05 1.93 10.26
C LEU A 39 1.58 1.29 11.56
N GLY A 40 2.51 0.74 12.31
CA GLY A 40 2.18 0.11 13.58
C GLY A 40 3.28 -0.80 14.09
N GLN A 41 4.52 -0.34 13.96
CA GLN A 41 5.67 -1.11 14.42
C GLN A 41 6.73 -0.20 15.02
N ASN A 42 7.85 -0.80 15.43
CA ASN A 42 8.96 -0.04 16.02
C ASN A 42 10.29 -0.72 15.76
N PRO A 43 10.63 -0.94 14.47
CA PRO A 43 11.89 -1.60 14.09
C PRO A 43 13.10 -0.70 14.31
N THR A 44 14.27 -1.20 13.92
CA THR A 44 15.51 -0.45 14.07
C THR A 44 15.91 0.20 12.75
N GLU A 45 16.96 1.01 12.80
CA GLU A 45 17.46 1.69 11.61
C GLU A 45 18.07 0.68 10.66
N ALA A 46 18.62 -0.40 11.23
CA ALA A 46 19.23 -1.46 10.47
C ALA A 46 18.31 -1.94 9.36
N GLU A 47 17.03 -2.15 9.70
CA GLU A 47 16.04 -2.61 8.74
C GLU A 47 15.91 -1.59 7.62
N LEU A 48 15.89 -0.32 7.99
CA LEU A 48 15.77 0.77 7.02
C LEU A 48 16.88 0.72 5.99
N GLN A 49 18.11 0.63 6.49
CA GLN A 49 19.28 0.57 5.62
C GLN A 49 19.26 -0.68 4.74
N ASP A 50 18.83 -1.80 5.31
CA ASP A 50 18.77 -3.06 4.58
C ASP A 50 17.70 -3.01 3.48
N MET A 51 16.49 -2.62 3.85
CA MET A 51 15.40 -2.52 2.89
C MET A 51 15.77 -1.58 1.75
N ILE A 52 16.16 -0.37 2.11
CA ILE A 52 16.56 0.64 1.14
C ILE A 52 17.73 0.13 0.30
N ASN A 53 18.71 -0.45 0.97
CA ASN A 53 19.90 -0.98 0.31
C ASN A 53 19.54 -1.92 -0.83
N GLU A 54 18.36 -2.52 -0.73
CA GLU A 54 17.88 -3.44 -1.75
C GLU A 54 17.25 -2.70 -2.91
N VAL A 55 17.18 -1.38 -2.78
CA VAL A 55 16.54 -0.57 -3.80
C VAL A 55 17.40 0.60 -4.27
N ASP A 56 18.20 1.15 -3.36
CA ASP A 56 19.06 2.27 -3.69
C ASP A 56 20.09 1.89 -4.75
N ALA A 57 20.28 2.78 -5.72
CA ALA A 57 21.23 2.56 -6.81
C ALA A 57 22.66 2.59 -6.30
N ASP A 58 23.00 3.67 -5.62
CA ASP A 58 24.35 3.85 -5.08
C ASP A 58 24.44 3.41 -3.62
N GLY A 59 23.34 2.86 -3.10
CA GLY A 59 23.33 2.39 -1.72
C GLY A 59 23.80 3.42 -0.71
N ASN A 60 23.11 4.56 -0.67
CA ASN A 60 23.47 5.62 0.28
C ASN A 60 22.41 5.76 1.38
N GLY A 61 21.35 4.97 1.29
CA GLY A 61 20.30 5.03 2.28
C GLY A 61 19.05 5.74 1.78
N THR A 62 18.93 5.88 0.46
CA THR A 62 17.77 6.53 -0.13
C THR A 62 17.46 5.95 -1.50
N ILE A 63 16.17 5.79 -1.78
CA ILE A 63 15.73 5.24 -3.06
C ILE A 63 15.19 6.33 -3.98
N ASP A 64 15.34 6.12 -5.28
CA ASP A 64 14.86 7.07 -6.28
C ASP A 64 13.62 6.52 -7.00
N PHE A 65 12.96 7.37 -7.76
CA PHE A 65 11.77 6.97 -8.50
C PHE A 65 12.03 5.73 -9.36
N PRO A 66 12.96 5.83 -10.32
CA PRO A 66 13.30 4.71 -11.22
C PRO A 66 14.01 3.57 -10.49
N GLU A 67 14.55 3.87 -9.31
CA GLU A 67 15.26 2.87 -8.52
C GLU A 67 14.30 1.97 -7.77
N PHE A 68 13.22 2.55 -7.25
CA PHE A 68 12.22 1.78 -6.52
C PHE A 68 11.36 0.97 -7.49
N LEU A 69 11.11 1.53 -8.66
CA LEU A 69 10.30 0.87 -9.68
C LEU A 69 11.07 -0.28 -10.33
N THR A 70 12.21 0.05 -10.93
CA THR A 70 13.04 -0.95 -11.59
C THR A 70 13.32 -2.14 -10.67
N MET A 71 13.72 -1.84 -9.44
CA MET A 71 14.02 -2.88 -8.47
C MET A 71 12.81 -3.75 -8.21
N MET A 72 11.63 -3.17 -8.38
CA MET A 72 10.38 -3.88 -8.17
C MET A 72 9.67 -4.15 -9.50
N ALA A 73 10.39 -3.96 -10.61
CA ALA A 73 9.82 -4.19 -11.93
C ALA A 73 10.46 -5.41 -12.60
N ARG A 74 11.78 -5.52 -12.49
CA ARG A 74 12.50 -6.64 -13.07
C ARG A 74 11.95 -7.97 -12.58
N LYS A 75 11.70 -8.06 -11.28
CA LYS A 75 11.17 -9.29 -10.69
C LYS A 75 10.25 -8.96 -9.51
N MET A 76 9.14 -8.31 -9.80
CA MET A 76 8.18 -7.95 -8.76
C MET A 76 6.83 -7.57 -9.38
N LYS A 77 6.50 -8.19 -10.51
CA LYS A 77 5.24 -7.92 -11.20
C LYS A 77 4.24 -9.03 -10.93
N ASP A 78 4.19 -9.50 -9.68
CA ASP A 78 3.27 -10.57 -9.30
C ASP A 78 1.89 -10.01 -8.98
N THR A 79 1.00 -10.88 -8.53
CA THR A 79 -0.37 -10.48 -8.19
C THR A 79 -0.53 -10.32 -6.68
N ASP A 80 -1.77 -10.22 -6.22
CA ASP A 80 -2.06 -10.06 -4.80
C ASP A 80 -2.04 -11.41 -4.08
N SER A 81 -2.32 -11.38 -2.78
CA SER A 81 -2.33 -12.60 -1.98
C SER A 81 -3.25 -12.45 -0.78
N GLU A 82 -3.73 -13.57 -0.26
CA GLU A 82 -4.62 -13.56 0.90
C GLU A 82 -4.02 -12.76 2.05
N GLU A 83 -2.70 -12.65 2.08
CA GLU A 83 -2.01 -11.92 3.14
C GLU A 83 -2.17 -10.42 2.96
N GLU A 84 -2.15 -9.97 1.70
CA GLU A 84 -2.28 -8.54 1.40
C GLU A 84 -3.65 -8.01 1.81
N ILE A 85 -4.64 -8.90 1.80
CA ILE A 85 -6.01 -8.53 2.18
C ILE A 85 -6.12 -8.36 3.69
N ARG A 86 -5.43 -9.23 4.43
CA ARG A 86 -5.43 -9.16 5.88
C ARG A 86 -4.63 -7.94 6.36
N GLU A 87 -3.42 -7.79 5.83
CA GLU A 87 -2.58 -6.65 6.19
C GLU A 87 -3.27 -5.36 5.80
N ALA A 88 -3.80 -5.34 4.58
CA ALA A 88 -4.52 -4.18 4.07
C ALA A 88 -5.63 -3.80 5.02
N PHE A 89 -6.41 -4.79 5.42
CA PHE A 89 -7.51 -4.58 6.34
C PHE A 89 -7.06 -3.80 7.57
N ARG A 90 -5.86 -4.14 8.04
CA ARG A 90 -5.29 -3.49 9.21
C ARG A 90 -4.76 -2.09 8.86
N VAL A 91 -4.31 -1.92 7.61
CA VAL A 91 -3.79 -0.64 7.17
C VAL A 91 -4.92 0.36 6.90
N PHE A 92 -6.03 -0.14 6.36
CA PHE A 92 -7.18 0.70 6.07
C PHE A 92 -7.87 1.12 7.36
N ASP A 93 -8.40 0.14 8.09
CA ASP A 93 -9.08 0.41 9.34
C ASP A 93 -8.08 0.55 10.50
N LYS A 94 -8.05 1.73 11.11
CA LYS A 94 -7.14 2.00 12.21
C LYS A 94 -7.40 1.05 13.38
N ASP A 95 -8.65 0.99 13.83
CA ASP A 95 -9.03 0.13 14.94
C ASP A 95 -9.18 -1.32 14.50
N GLY A 96 -9.16 -1.56 13.18
CA GLY A 96 -9.29 -2.91 12.66
C GLY A 96 -10.42 -3.69 13.34
N ASN A 97 -11.66 -3.32 13.03
CA ASN A 97 -12.82 -3.98 13.60
C ASN A 97 -13.32 -5.11 12.69
N GLY A 98 -12.49 -5.50 11.72
CA GLY A 98 -12.87 -6.55 10.80
C GLY A 98 -14.03 -6.16 9.91
N TYR A 99 -14.35 -4.87 9.87
CA TYR A 99 -15.44 -4.38 9.05
C TYR A 99 -15.27 -2.89 8.74
N ILE A 100 -15.11 -2.56 7.47
CA ILE A 100 -14.94 -1.17 7.05
C ILE A 100 -16.10 -0.68 6.21
N SER A 101 -16.70 0.42 6.65
CA SER A 101 -17.82 1.02 5.93
C SER A 101 -17.36 2.26 5.18
N ALA A 102 -18.15 2.68 4.22
CA ALA A 102 -17.84 3.85 3.42
C ALA A 102 -17.43 5.04 4.27
N ALA A 103 -18.19 5.30 5.34
CA ALA A 103 -17.88 6.40 6.24
C ALA A 103 -16.47 6.27 6.79
N GLU A 104 -16.20 5.16 7.45
CA GLU A 104 -14.88 4.91 8.01
C GLU A 104 -13.83 5.02 6.92
N LEU A 105 -14.20 4.57 5.72
CA LEU A 105 -13.30 4.64 4.58
C LEU A 105 -12.97 6.09 4.28
N ARG A 106 -14.00 6.92 4.19
CA ARG A 106 -13.83 8.34 3.93
C ARG A 106 -12.93 8.94 5.00
N HIS A 107 -13.15 8.52 6.24
CA HIS A 107 -12.35 9.00 7.36
C HIS A 107 -10.88 8.64 7.16
N VAL A 108 -10.64 7.45 6.63
CA VAL A 108 -9.27 6.98 6.37
C VAL A 108 -8.63 7.82 5.26
N MET A 109 -9.28 7.88 4.10
CA MET A 109 -8.77 8.64 2.97
C MET A 109 -8.38 10.05 3.40
N THR A 110 -9.31 10.76 4.02
CA THR A 110 -9.07 12.11 4.50
C THR A 110 -8.05 12.10 5.63
N ASN A 111 -7.96 10.98 6.33
CA ASN A 111 -7.03 10.84 7.45
C ASN A 111 -5.59 10.81 6.95
N LEU A 112 -5.39 10.27 5.75
CA LEU A 112 -4.07 10.20 5.16
C LEU A 112 -3.79 11.39 4.26
N GLY A 113 -4.84 11.97 3.68
CA GLY A 113 -4.68 13.12 2.82
C GLY A 113 -5.48 12.99 1.54
N GLU A 114 -6.72 12.52 1.67
CA GLU A 114 -7.60 12.35 0.51
C GLU A 114 -9.06 12.53 0.90
N LYS A 115 -9.66 13.63 0.45
CA LYS A 115 -11.05 13.92 0.76
C LYS A 115 -11.98 13.34 -0.29
N LEU A 116 -12.55 12.17 0.00
CA LEU A 116 -13.46 11.51 -0.94
C LEU A 116 -14.89 11.99 -0.73
N THR A 117 -15.78 11.59 -1.63
CA THR A 117 -17.19 11.97 -1.54
C THR A 117 -18.01 10.85 -0.92
N ASP A 118 -19.18 11.21 -0.38
CA ASP A 118 -20.07 10.24 0.24
C ASP A 118 -20.41 9.12 -0.72
N GLU A 119 -20.82 9.50 -1.94
CA GLU A 119 -21.17 8.52 -2.96
C GLU A 119 -19.97 7.69 -3.36
N GLU A 120 -18.79 8.29 -3.30
CA GLU A 120 -17.56 7.60 -3.66
C GLU A 120 -17.30 6.42 -2.73
N VAL A 121 -17.28 6.69 -1.43
CA VAL A 121 -17.05 5.65 -0.44
C VAL A 121 -18.20 4.63 -0.43
N ASP A 122 -19.42 5.13 -0.55
CA ASP A 122 -20.59 4.26 -0.58
C ASP A 122 -20.54 3.31 -1.77
N GLU A 123 -20.11 3.87 -2.91
CA GLU A 123 -19.99 3.08 -4.14
C GLU A 123 -18.79 2.15 -4.06
N MET A 124 -17.77 2.57 -3.31
CA MET A 124 -16.57 1.77 -3.14
C MET A 124 -16.85 0.54 -2.27
N ILE A 125 -17.71 0.72 -1.27
CA ILE A 125 -18.05 -0.38 -0.38
C ILE A 125 -19.08 -1.31 -1.00
N ARG A 126 -20.21 -0.74 -1.42
CA ARG A 126 -21.26 -1.55 -2.02
C ARG A 126 -20.72 -2.37 -3.17
N GLU A 127 -19.73 -1.83 -3.85
CA GLU A 127 -19.10 -2.52 -4.96
C GLU A 127 -18.12 -3.59 -4.46
N ALA A 128 -17.66 -3.44 -3.23
CA ALA A 128 -16.73 -4.40 -2.65
C ALA A 128 -17.40 -5.28 -1.60
N ASP A 129 -18.66 -5.00 -1.30
CA ASP A 129 -19.40 -5.78 -0.32
C ASP A 129 -20.17 -6.92 -0.97
N ILE A 130 -19.70 -8.12 -0.73
CA ILE A 130 -20.31 -9.33 -1.27
C ILE A 130 -21.47 -9.83 -0.41
N ASP A 131 -21.38 -9.58 0.89
CA ASP A 131 -22.40 -10.02 1.82
C ASP A 131 -23.47 -8.93 2.04
N GLY A 132 -23.20 -7.74 1.50
CA GLY A 132 -24.15 -6.63 1.61
C GLY A 132 -24.68 -6.38 3.00
N ASP A 133 -23.79 -6.11 3.95
CA ASP A 133 -24.19 -5.82 5.32
C ASP A 133 -23.86 -4.39 5.72
N GLY A 134 -23.19 -3.65 4.83
CA GLY A 134 -22.82 -2.28 5.12
C GLY A 134 -21.37 -2.11 5.49
N GLN A 135 -20.59 -3.19 5.34
CA GLN A 135 -19.16 -3.16 5.66
C GLN A 135 -18.41 -4.16 4.79
N VAL A 136 -17.12 -4.32 5.06
CA VAL A 136 -16.30 -5.24 4.29
C VAL A 136 -15.53 -6.20 5.20
N ASN A 137 -15.68 -7.49 4.94
CA ASN A 137 -15.00 -8.53 5.73
C ASN A 137 -13.82 -9.12 4.96
N TYR A 138 -13.28 -10.23 5.48
CA TYR A 138 -12.15 -10.91 4.86
C TYR A 138 -12.45 -11.35 3.43
N GLU A 139 -13.25 -12.39 3.28
CA GLU A 139 -13.60 -12.90 1.96
C GLU A 139 -14.05 -11.76 1.06
N GLU A 140 -14.90 -10.92 1.60
CA GLU A 140 -15.41 -9.78 0.86
C GLU A 140 -14.26 -8.91 0.36
N PHE A 141 -13.20 -8.78 1.16
CA PHE A 141 -12.06 -7.95 0.79
C PHE A 141 -11.13 -8.66 -0.18
N VAL A 142 -10.77 -9.88 0.16
CA VAL A 142 -9.88 -10.66 -0.67
C VAL A 142 -10.42 -10.78 -2.09
N GLN A 143 -11.73 -10.96 -2.21
CA GLN A 143 -12.40 -11.08 -3.51
C GLN A 143 -12.43 -9.74 -4.24
N MET A 144 -12.57 -8.64 -3.48
CA MET A 144 -12.63 -7.32 -4.07
C MET A 144 -11.23 -6.77 -4.34
N MET A 145 -10.21 -7.62 -4.18
CA MET A 145 -8.83 -7.21 -4.40
C MET A 145 -8.19 -8.04 -5.52
N THR A 146 -8.53 -9.32 -5.58
CA THR A 146 -7.98 -10.21 -6.60
C THR A 146 -8.97 -11.31 -6.97
N ALA A 147 -9.46 -12.02 -5.97
CA ALA A 147 -10.40 -13.11 -6.19
C ALA A 147 -11.74 -12.58 -6.70
N LYS A 148 -11.77 -12.18 -7.96
CA LYS A 148 -12.99 -11.66 -8.58
C LYS A 148 -13.47 -10.40 -7.86
N THR B 1 4.51 -8.89 3.35
CA THR B 1 5.46 -9.68 4.17
C THR B 1 6.28 -10.64 3.31
N PRO B 2 7.40 -10.17 2.74
CA PRO B 2 8.27 -10.98 1.89
C PRO B 2 9.00 -12.06 2.68
N ARG B 3 9.27 -13.19 2.03
CA ARG B 3 9.98 -14.29 2.68
C ARG B 3 11.36 -13.85 3.15
N ARG B 4 12.12 -13.24 2.24
CA ARG B 4 13.47 -12.78 2.56
C ARG B 4 13.84 -11.57 1.71
N GLY B 5 13.25 -10.42 2.02
CA GLY B 5 13.54 -9.22 1.26
C GLY B 5 13.42 -7.97 2.12
N ARG B 6 12.73 -6.96 1.59
CA ARG B 6 12.55 -5.70 2.31
C ARG B 6 11.20 -5.68 3.02
N GLY B 7 11.23 -5.88 4.33
CA GLY B 7 10.02 -5.89 5.13
C GLY B 7 9.19 -4.62 4.97
N GLY B 8 9.64 -3.54 5.59
CA GLY B 8 8.93 -2.28 5.49
C GLY B 8 8.67 -1.88 4.05
N PHE B 9 9.72 -1.97 3.24
CA PHE B 9 9.64 -1.64 1.82
C PHE B 9 8.59 -2.50 1.13
N GLN B 10 8.87 -3.80 0.98
CA GLN B 10 7.93 -4.69 0.33
C GLN B 10 6.56 -4.58 0.98
N ARG B 11 6.55 -4.33 2.29
CA ARG B 11 5.29 -4.16 3.00
C ARG B 11 4.53 -3.01 2.37
N ILE B 12 5.21 -1.87 2.23
CA ILE B 12 4.63 -0.70 1.61
C ILE B 12 4.15 -1.03 0.20
N VAL B 13 4.96 -1.81 -0.52
CA VAL B 13 4.65 -2.23 -1.87
C VAL B 13 3.27 -2.88 -1.94
N ARG B 14 3.07 -3.88 -1.10
CA ARG B 14 1.82 -4.62 -1.06
C ARG B 14 0.68 -3.75 -0.50
N LEU B 15 0.94 -3.06 0.60
CA LEU B 15 -0.06 -2.21 1.22
C LEU B 15 -0.59 -1.19 0.22
N VAL B 16 0.33 -0.51 -0.46
CA VAL B 16 -0.06 0.48 -1.45
C VAL B 16 -0.80 -0.18 -2.61
N GLY B 17 -0.24 -1.26 -3.12
CA GLY B 17 -0.85 -1.95 -4.23
C GLY B 17 -2.28 -2.38 -3.90
N VAL B 18 -2.53 -2.65 -2.62
CA VAL B 18 -3.85 -3.07 -2.17
C VAL B 18 -4.83 -1.89 -2.09
N ILE B 19 -4.45 -0.86 -1.34
CA ILE B 19 -5.31 0.31 -1.18
C ILE B 19 -5.59 1.00 -2.50
N ARG B 20 -4.55 1.16 -3.32
CA ARG B 20 -4.70 1.80 -4.62
C ARG B 20 -5.72 1.05 -5.46
N ASP B 21 -5.76 -0.25 -5.27
CA ASP B 21 -6.69 -1.10 -6.00
C ASP B 21 -8.13 -0.74 -5.64
N TRP B 22 -8.35 -0.41 -4.38
CA TRP B 22 -9.67 -0.03 -3.90
C TRP B 22 -9.85 1.49 -3.89
N ALA B 23 -8.74 2.21 -4.07
CA ALA B 23 -8.76 3.66 -4.08
C ALA B 23 -8.91 4.21 -5.50
N ASN B 24 -8.38 3.47 -6.47
CA ASN B 24 -8.44 3.89 -7.86
C ASN B 24 -9.20 2.88 -8.72
N LYS B 25 -8.58 1.73 -8.95
CA LYS B 25 -9.19 0.68 -9.76
C LYS B 25 -10.64 0.44 -9.35
N ASN B 26 -10.83 -0.33 -8.27
CA ASN B 26 -12.17 -0.63 -7.77
C ASN B 26 -12.93 -1.55 -8.73
N PHE B 27 -13.25 -1.03 -9.90
CA PHE B 27 -13.98 -1.79 -10.91
C PHE B 27 -13.14 -1.96 -12.18
N ARG B 28 -11.85 -2.20 -12.00
CA ARG B 28 -10.94 -2.37 -13.13
C ARG B 28 -11.37 -3.57 -13.99
CA CA C . 12.79 13.25 1.64
CA CA D . 21.81 6.61 -3.16
CA CA E . -13.32 0.50 12.38
CA CA F . -20.49 -6.86 4.26
#